data_8Z3S
#
_entry.id   8Z3S
#
_cell.length_a   1.00
_cell.length_b   1.00
_cell.length_c   1.00
_cell.angle_alpha   90.00
_cell.angle_beta   90.00
_cell.angle_gamma   90.00
#
_symmetry.space_group_name_H-M   'P 1'
#
loop_
_entity.id
_entity.type
_entity.pdbx_description
1 polymer 'Calcium-activated potassium channel subunit alpha-1'
2 non-polymer 4-[4-(4-chlorophenyl)-3-(trifluoromethyl)-1,2-oxazol-5-yl]benzene-1,3-diol
3 non-polymer 'CHOLESTEROL HEMISUCCINATE'
4 non-polymer 'MAGNESIUM ION'
5 non-polymer 'CALCIUM ION'
#
_entity_poly.entity_id   1
_entity_poly.type   'polypeptide(L)'
_entity_poly.pdbx_seq_one_letter_code
;MDALIIPVTMEVPCDSRGQRMWWAFLASSMVTFFGGLFIILLWRTLKYLWTVCCHCGGKTKEAQKINNGSSQADGTLKPV
DEKEEAVAAEVGWMTSVKDWAGVMISAQTLTGRVLVVLVFALSIGALVIYFIDSSNPIESCQNFYKDFTLQIDMAFNVFF
LLYFGLRFIAANDKLWFWLEVNSVVDFFTVPPVFVSVYLNRSWLGLRFLRALRLIQFSEILQFLNILKTSNSIKLVNLLS
IFISTWLTAAGFIHLVENSGDPWENFQNNQALTYWECVYLLMVTMSTVGYGDVYAKTTLGRLFMVFFILGGLAMFASYVP
EIIELIGNRKKYGGSYSAVSGRKHIVVCGHITLESVSNFLKDFLHKDRDDVNVEIVFLHNISPNLELEALFKRHFTQVEF
YQGSVLNPHDLARVKIESADACLILANKYCADPDAEDASNIMRVISIKNYHPKIRIITQMLQYHNKAHLLNIPSWNWKEG
DDAICLAELKLGFIAQSCLAQGLSTMLANLFSMRSFIKIEEDTWQKYYLEGVSNEMYTEYLSSAFVGLSFPTVCELCFVK
LKLLMIAIEYKSANRESRILINPGNHLKIQEGTLGFFIASDAKEVKRAFFYCKACHDDITDPKRIKKCGCKRPKMSIYKR
MRRACCFDCGRSERDCSCMSGRVRGNVDTLERAFPLSSVSVNDCSTSFRAFEDEQPSTLSPKKKQRNGGMRNSPNTSPKL
MRHDPLLIPGNDQIDNMDSNVKKYDSTGMFHWCAPKEIEKVILTRSEAAMTVLSGHVVVCIFGDVSSALIGLRNLVMPLR
ASNFHYHELKHIVFVGSIEYLKREWETLHNFPKVSILPGTPLSRADLRAVNINLCDMCVILSANQNNIDDTSLQDKECIL
ASLNIKSMQFDDSIGVLQANSQGFTPPGMDRSSPDNSPVHGMLRQPSITTGVNIPIITELVNDTNVQFLDQDDDDDPDTE
LYLTQPFACGTAFAVSVLDSLMSATYFNDNILTLIRTLVTGGATPELEALIAEENALRGGYSTPQTLANRDRCRVAQLAL
LDGPFADLGDGGCYGDLFCKALKTYNMLCFGIYRLRDAHLSTPSQCTKRYVITNPPYEFELVPTDLIFCLMQFD
;
_entity_poly.pdbx_strand_id   A,B,C,D
#
# COMPACT_ATOMS: atom_id res chain seq x y z
N GLY A 18 41.56 8.72 64.31
CA GLY A 18 42.35 7.49 64.11
C GLY A 18 42.76 7.30 62.65
N GLN A 19 43.16 6.09 62.28
CA GLN A 19 43.55 5.78 60.88
C GLN A 19 42.31 5.70 59.99
N ARG A 20 42.48 5.79 58.67
CA ARG A 20 41.31 5.80 57.76
C ARG A 20 40.52 4.50 57.97
N MET A 21 39.19 4.61 58.04
CA MET A 21 38.34 3.41 58.19
C MET A 21 37.43 3.26 56.96
N TRP A 22 37.82 3.85 55.82
CA TRP A 22 36.94 3.83 54.62
C TRP A 22 36.62 2.41 54.22
N TRP A 23 37.58 1.50 54.35
CA TRP A 23 37.40 0.12 53.86
C TRP A 23 36.24 -0.59 54.55
N ALA A 24 36.10 -0.40 55.85
CA ALA A 24 35.10 -1.22 56.54
C ALA A 24 33.69 -0.98 56.02
N PHE A 25 33.31 0.27 55.76
CA PHE A 25 31.89 0.47 55.41
C PHE A 25 31.51 -0.28 54.14
N LEU A 26 32.32 -0.20 53.10
CA LEU A 26 31.89 -0.83 51.83
C LEU A 26 31.78 -2.31 52.10
N ALA A 27 32.72 -2.83 52.86
CA ALA A 27 32.75 -4.28 53.03
C ALA A 27 31.47 -4.76 53.69
N SER A 28 31.01 -4.04 54.70
CA SER A 28 29.85 -4.62 55.40
C SER A 28 28.79 -4.81 54.34
N SER A 29 28.68 -3.85 53.45
CA SER A 29 27.60 -3.97 52.45
C SER A 29 27.91 -5.12 51.52
N MET A 30 29.12 -5.12 50.96
CA MET A 30 29.40 -6.16 49.96
C MET A 30 28.99 -7.50 50.56
N VAL A 31 29.18 -7.67 51.86
CA VAL A 31 28.90 -9.01 52.44
C VAL A 31 27.43 -9.33 52.20
N THR A 32 26.53 -8.39 52.43
CA THR A 32 25.12 -8.81 52.31
C THR A 32 24.77 -9.23 50.88
N PHE A 33 25.08 -8.43 49.85
CA PHE A 33 24.59 -8.83 48.50
C PHE A 33 25.28 -10.10 48.05
N PHE A 34 26.60 -10.17 48.15
CA PHE A 34 27.27 -11.38 47.61
C PHE A 34 26.88 -12.59 48.48
N GLY A 35 26.86 -12.38 49.80
CA GLY A 35 26.56 -13.51 50.70
C GLY A 35 25.18 -14.02 50.42
N GLY A 36 24.26 -13.08 50.15
CA GLY A 36 22.86 -13.48 49.92
C GLY A 36 22.76 -14.38 48.71
N LEU A 37 23.49 -14.05 47.65
CA LEU A 37 23.31 -14.86 46.42
C LEU A 37 23.67 -16.29 46.84
N PHE A 38 24.70 -16.43 47.67
CA PHE A 38 25.16 -17.77 48.07
C PHE A 38 24.02 -18.54 48.74
N ILE A 39 23.54 -18.06 49.88
CA ILE A 39 22.54 -18.83 50.60
C ILE A 39 21.39 -19.20 49.68
N ILE A 40 20.97 -18.28 48.80
CA ILE A 40 19.86 -18.57 47.90
C ILE A 40 20.23 -19.71 46.96
N LEU A 41 21.45 -19.66 46.40
CA LEU A 41 21.85 -20.76 45.51
C LEU A 41 21.91 -22.07 46.29
N LEU A 42 22.49 -22.06 47.49
CA LEU A 42 22.64 -23.30 48.24
C LEU A 42 21.30 -23.91 48.58
N TRP A 43 20.34 -23.10 49.02
CA TRP A 43 19.04 -23.65 49.42
C TRP A 43 18.35 -24.33 48.24
N ARG A 44 18.46 -23.75 47.04
CA ARG A 44 17.95 -24.43 45.85
C ARG A 44 18.71 -25.72 45.60
N THR A 45 20.01 -25.74 45.89
CA THR A 45 20.83 -26.92 45.63
C THR A 45 21.09 -27.76 46.87
N LEU A 46 20.36 -27.54 47.97
CA LEU A 46 20.60 -28.27 49.20
C LEU A 46 19.66 -29.46 49.39
N LYS A 47 18.90 -29.82 48.37
CA LYS A 47 17.96 -30.92 48.49
C LYS A 47 18.70 -32.25 48.66
N TYR A 48 18.03 -33.21 49.29
CA TYR A 48 18.63 -34.51 49.54
C TYR A 48 19.00 -35.21 48.24
N LEU A 49 18.22 -34.98 47.17
CA LEU A 49 18.45 -35.69 45.92
C LEU A 49 19.73 -35.22 45.24
N TRP A 50 20.33 -34.15 45.75
CA TRP A 50 21.57 -33.56 45.25
C TRP A 50 21.42 -32.98 43.84
N THR A 51 20.20 -32.61 43.45
CA THR A 51 19.97 -32.07 42.11
C THR A 51 20.56 -30.67 41.96
N VAL A 91 -5.22 -24.79 53.20
CA VAL A 91 -4.17 -24.00 52.58
C VAL A 91 -3.11 -23.63 53.60
N GLY A 92 -1.84 -23.67 53.19
CA GLY A 92 -0.76 -23.40 54.11
C GLY A 92 -0.79 -21.98 54.64
N TRP A 93 -0.48 -21.85 55.93
CA TRP A 93 -0.44 -20.54 56.56
C TRP A 93 0.68 -19.68 55.98
N MET A 94 1.76 -20.32 55.53
CA MET A 94 2.80 -19.59 54.80
C MET A 94 2.22 -18.86 53.61
N THR A 95 1.35 -19.53 52.86
CA THR A 95 0.73 -18.88 51.70
C THR A 95 -0.21 -17.76 52.14
N SER A 96 -0.85 -17.91 53.30
CA SER A 96 -1.68 -16.83 53.81
C SER A 96 -0.83 -15.60 54.11
N VAL A 97 0.34 -15.81 54.72
CA VAL A 97 1.26 -14.70 54.94
C VAL A 97 1.67 -14.07 53.62
N LYS A 98 1.95 -14.93 52.62
CA LYS A 98 2.30 -14.43 51.30
C LYS A 98 1.22 -13.52 50.75
N ASP A 99 -0.04 -13.96 50.80
CA ASP A 99 -1.12 -13.17 50.26
C ASP A 99 -1.31 -11.87 51.03
N TRP A 100 -1.19 -11.93 52.36
CA TRP A 100 -1.34 -10.72 53.17
C TRP A 100 -0.28 -9.70 52.81
N ALA A 101 0.97 -10.13 52.70
CA ALA A 101 2.02 -9.22 52.28
C ALA A 101 1.74 -8.68 50.88
N GLY A 102 1.30 -9.54 49.97
CA GLY A 102 1.05 -9.09 48.62
C GLY A 102 0.01 -8.00 48.55
N VAL A 103 -1.12 -8.18 49.25
CA VAL A 103 -2.15 -7.15 49.22
C VAL A 103 -1.65 -5.90 49.93
N MET A 104 -0.84 -6.06 50.97
CA MET A 104 -0.31 -4.89 51.66
C MET A 104 0.62 -4.09 50.77
N ILE A 105 1.29 -4.75 49.83
CA ILE A 105 2.32 -4.07 49.04
C ILE A 105 1.70 -3.00 48.15
N SER A 106 0.65 -3.34 47.42
CA SER A 106 0.04 -2.40 46.50
C SER A 106 -1.30 -1.93 47.05
N ALA A 107 -2.01 -1.12 46.28
CA ALA A 107 -3.25 -0.50 46.72
C ALA A 107 -4.35 -1.56 46.75
N GLN A 108 -4.52 -2.19 47.90
CA GLN A 108 -5.63 -3.10 48.11
C GLN A 108 -6.49 -2.75 49.30
N THR A 109 -6.01 -1.90 50.22
CA THR A 109 -6.79 -1.47 51.36
C THR A 109 -6.16 -0.20 51.92
N LEU A 110 -6.87 0.41 52.86
CA LEU A 110 -6.44 1.69 53.42
C LEU A 110 -5.02 1.61 53.96
N THR A 111 -4.73 0.57 54.73
CA THR A 111 -3.41 0.44 55.33
C THR A 111 -2.32 0.40 54.27
N GLY A 112 -2.54 -0.35 53.19
CA GLY A 112 -1.56 -0.36 52.13
C GLY A 112 -1.43 0.99 51.44
N ARG A 113 -2.55 1.70 51.31
CA ARG A 113 -2.51 2.99 50.64
C ARG A 113 -1.63 3.96 51.40
N VAL A 114 -1.80 4.04 52.72
CA VAL A 114 -0.97 4.96 53.50
C VAL A 114 0.48 4.53 53.44
N LEU A 115 0.74 3.21 53.41
CA LEU A 115 2.12 2.73 53.32
C LEU A 115 2.77 3.19 52.03
N VAL A 116 2.07 3.07 50.91
CA VAL A 116 2.65 3.48 49.64
C VAL A 116 2.90 4.97 49.62
N VAL A 117 1.94 5.76 50.13
CA VAL A 117 2.15 7.21 50.16
C VAL A 117 3.36 7.55 51.03
N LEU A 118 3.50 6.87 52.16
CA LEU A 118 4.61 7.16 53.06
C LEU A 118 5.94 6.82 52.42
N VAL A 119 6.00 5.72 51.65
CA VAL A 119 7.23 5.42 50.91
C VAL A 119 7.51 6.51 49.90
N PHE A 120 6.48 6.94 49.15
CA PHE A 120 6.64 8.00 48.18
C PHE A 120 7.24 9.25 48.80
N ALA A 121 6.85 9.56 50.04
CA ALA A 121 7.39 10.72 50.74
C ALA A 121 8.81 10.49 51.26
N LEU A 122 9.03 9.37 51.94
CA LEU A 122 10.31 9.17 52.60
C LEU A 122 11.45 9.00 51.62
N SER A 123 11.16 8.51 50.41
CA SER A 123 12.22 8.46 49.40
C SER A 123 12.77 9.86 49.12
N ILE A 124 11.87 10.80 48.84
CA ILE A 124 12.28 12.18 48.63
C ILE A 124 12.98 12.72 49.87
N GLY A 125 12.49 12.34 51.05
CA GLY A 125 13.12 12.82 52.27
C GLY A 125 14.58 12.40 52.37
N ALA A 126 14.86 11.13 52.10
CA ALA A 126 16.24 10.67 52.14
C ALA A 126 17.07 11.38 51.08
N LEU A 127 16.50 11.57 49.89
CA LEU A 127 17.23 12.31 48.87
C LEU A 127 17.58 13.71 49.34
N VAL A 128 16.69 14.33 50.12
CA VAL A 128 16.98 15.66 50.65
C VAL A 128 18.11 15.60 51.66
N ILE A 129 18.09 14.60 52.54
CA ILE A 129 19.16 14.47 53.53
C ILE A 129 20.50 14.36 52.84
N TYR A 130 20.54 13.65 51.71
CA TYR A 130 21.80 13.46 51.00
C TYR A 130 22.43 14.79 50.60
N PHE A 131 21.63 15.73 50.10
CA PHE A 131 22.18 17.01 49.68
C PHE A 131 22.80 17.75 50.85
N ILE A 132 22.12 17.75 52.00
CA ILE A 132 22.66 18.42 53.17
C ILE A 132 23.99 17.80 53.56
N ASP A 133 24.10 16.47 53.44
CA ASP A 133 25.36 15.85 53.84
C ASP A 133 26.52 16.15 52.89
N SER A 134 26.27 16.80 51.77
CA SER A 134 27.29 16.92 50.73
C SER A 134 28.51 17.71 51.22
N SER A 135 28.28 18.91 51.75
CA SER A 135 29.39 19.83 51.95
C SER A 135 30.32 19.43 53.09
N ASN A 136 29.97 18.42 53.87
CA ASN A 136 30.82 18.01 54.97
C ASN A 136 32.11 17.41 54.43
N PRO A 137 33.15 17.35 55.25
CA PRO A 137 34.39 16.67 54.83
C PRO A 137 34.13 15.21 54.48
N ILE A 138 35.13 14.59 53.87
CA ILE A 138 34.94 13.26 53.32
C ILE A 138 34.67 12.24 54.41
N GLU A 139 35.37 12.35 55.53
CA GLU A 139 35.29 11.30 56.54
C GLU A 139 35.64 11.88 57.90
N SER A 140 34.64 12.03 58.77
CA SER A 140 34.84 12.56 60.10
C SER A 140 33.85 11.90 61.05
N CYS A 141 33.68 12.49 62.24
CA CYS A 141 32.90 11.89 63.31
C CYS A 141 31.73 12.78 63.70
N GLN A 142 30.60 12.16 64.01
CA GLN A 142 29.43 12.85 64.54
C GLN A 142 28.83 12.01 65.64
N ASN A 143 28.84 12.53 66.87
CA ASN A 143 28.32 11.79 68.00
C ASN A 143 26.83 11.53 67.83
N PHE A 144 26.41 10.30 68.12
CA PHE A 144 25.03 9.88 67.85
C PHE A 144 24.04 10.32 68.91
N TYR A 145 24.50 10.59 70.13
CA TYR A 145 23.60 10.91 71.23
C TYR A 145 23.41 12.40 71.41
N LYS A 146 23.81 13.21 70.43
CA LYS A 146 23.76 14.65 70.61
C LYS A 146 22.93 15.37 69.54
N ASP A 147 23.03 14.98 68.28
CA ASP A 147 22.47 15.75 67.19
C ASP A 147 21.08 15.22 66.80
N PHE A 148 20.46 15.90 65.84
CA PHE A 148 19.21 15.47 65.24
C PHE A 148 19.40 14.81 63.88
N THR A 149 20.26 15.33 63.03
CA THR A 149 20.56 14.59 61.82
C THR A 149 21.37 13.35 62.18
N LEU A 150 21.38 12.39 61.26
CA LEU A 150 21.90 11.05 61.47
C LEU A 150 20.99 10.26 62.40
N GLN A 151 19.93 10.90 62.89
CA GLN A 151 18.79 10.18 63.43
C GLN A 151 17.64 10.08 62.44
N ILE A 152 17.37 11.17 61.71
CA ILE A 152 16.37 11.13 60.66
C ILE A 152 16.74 10.08 59.62
N ASP A 153 18.04 9.99 59.30
CA ASP A 153 18.49 8.92 58.43
C ASP A 153 18.27 7.57 59.08
N MET A 154 18.51 7.47 60.38
CA MET A 154 18.28 6.21 61.08
C MET A 154 16.83 5.79 61.00
N ALA A 155 15.91 6.72 61.26
CA ALA A 155 14.49 6.41 61.19
C ALA A 155 14.09 6.07 59.76
N PHE A 156 14.63 6.78 58.79
CA PHE A 156 14.30 6.49 57.40
C PHE A 156 14.75 5.08 57.02
N ASN A 157 15.95 4.70 57.44
CA ASN A 157 16.49 3.41 57.02
C ASN A 157 15.82 2.26 57.74
N VAL A 158 15.46 2.45 59.02
CA VAL A 158 14.75 1.36 59.69
C VAL A 158 13.41 1.12 59.03
N PHE A 159 12.80 2.17 58.48
CA PHE A 159 11.56 2.02 57.74
C PHE A 159 11.80 1.31 56.41
N PHE A 160 12.82 1.74 55.67
CA PHE A 160 13.12 1.10 54.41
C PHE A 160 13.45 -0.37 54.57
N LEU A 161 14.01 -0.76 55.72
CA LEU A 161 14.31 -2.17 55.95
C LEU A 161 13.02 -3.00 55.97
N LEU A 162 12.01 -2.53 56.70
CA LEU A 162 10.75 -3.26 56.75
C LEU A 162 10.06 -3.26 55.39
N TYR A 163 10.14 -2.13 54.68
CA TYR A 163 9.52 -2.10 53.35
C TYR A 163 10.21 -3.07 52.40
N PHE A 164 11.51 -3.28 52.58
CA PHE A 164 12.23 -4.27 51.78
C PHE A 164 11.83 -5.68 52.17
N GLY A 165 11.70 -5.94 53.46
CA GLY A 165 11.32 -7.28 53.91
C GLY A 165 9.95 -7.67 53.39
N LEU A 166 8.98 -6.76 53.48
CA LEU A 166 7.64 -7.08 52.99
C LEU A 166 7.67 -7.42 51.52
N ARG A 167 8.43 -6.65 50.73
CA ARG A 167 8.55 -6.98 49.32
C ARG A 167 9.17 -8.36 49.14
N PHE A 168 10.20 -8.67 49.91
CA PHE A 168 10.87 -9.97 49.75
C PHE A 168 9.94 -11.13 50.08
N ILE A 169 9.00 -10.93 50.99
CA ILE A 169 8.06 -12.01 51.29
C ILE A 169 7.20 -12.34 50.08
N ALA A 170 6.60 -11.32 49.47
CA ALA A 170 5.57 -11.55 48.45
C ALA A 170 6.18 -11.52 47.04
N ALA A 171 7.13 -12.42 46.80
CA ALA A 171 7.72 -12.55 45.48
C ALA A 171 7.69 -14.02 45.08
N ASN A 172 7.20 -14.28 43.87
CA ASN A 172 7.03 -15.66 43.43
C ASN A 172 8.36 -16.38 43.30
N ASP A 173 9.36 -15.73 42.73
CA ASP A 173 10.65 -16.35 42.45
C ASP A 173 11.75 -15.55 43.14
N LYS A 174 12.41 -16.16 44.12
CA LYS A 174 13.33 -15.43 44.96
C LYS A 174 14.51 -14.87 44.18
N LEU A 175 15.11 -15.70 43.33
CA LEU A 175 16.41 -15.37 42.76
C LEU A 175 16.37 -14.07 41.97
N TRP A 176 15.62 -14.05 40.86
CA TRP A 176 15.58 -12.84 40.06
C TRP A 176 15.02 -11.64 40.81
N PHE A 177 14.23 -11.85 41.85
CA PHE A 177 13.86 -10.70 42.67
C PHE A 177 15.08 -10.13 43.38
N TRP A 178 15.96 -11.00 43.85
CA TRP A 178 17.11 -10.54 44.62
C TRP A 178 18.03 -9.66 43.78
N LEU A 179 18.22 -9.99 42.51
CA LEU A 179 19.03 -9.16 41.62
C LEU A 179 18.13 -8.27 40.77
N GLU A 180 17.39 -7.38 41.44
CA GLU A 180 16.52 -6.45 40.77
C GLU A 180 16.95 -5.03 41.11
N VAL A 181 16.68 -4.11 40.19
CA VAL A 181 17.25 -2.77 40.25
C VAL A 181 16.93 -2.10 41.59
N ASN A 182 15.67 -2.21 42.02
CA ASN A 182 15.27 -1.56 43.27
C ASN A 182 15.98 -2.19 44.46
N SER A 183 16.44 -3.43 44.33
CA SER A 183 16.93 -4.16 45.49
C SER A 183 18.34 -3.74 45.88
N VAL A 184 19.28 -3.78 44.92
CA VAL A 184 20.66 -3.47 45.25
C VAL A 184 20.78 -2.08 45.82
N VAL A 185 19.82 -1.20 45.53
CA VAL A 185 19.82 0.13 46.14
C VAL A 185 19.73 0.01 47.65
N ASP A 186 18.77 -0.76 48.14
CA ASP A 186 18.65 -0.94 49.58
C ASP A 186 19.85 -1.71 50.12
N PHE A 187 20.33 -2.70 49.36
CA PHE A 187 21.51 -3.43 49.81
C PHE A 187 22.70 -2.52 50.05
N PHE A 188 22.93 -1.56 49.16
CA PHE A 188 24.07 -0.67 49.31
C PHE A 188 23.76 0.56 50.15
N THR A 189 22.52 0.77 50.59
CA THR A 189 22.26 1.93 51.43
C THR A 189 21.94 1.62 52.88
N VAL A 190 21.41 0.45 53.22
CA VAL A 190 21.01 0.21 54.61
C VAL A 190 22.16 -0.14 55.54
N PRO A 191 23.20 -0.89 55.15
CA PRO A 191 24.26 -1.24 56.12
C PRO A 191 24.97 -0.03 56.69
N PRO A 192 25.47 0.91 55.86
CA PRO A 192 26.42 1.88 56.39
C PRO A 192 25.87 2.73 57.52
N VAL A 193 24.57 3.02 57.52
CA VAL A 193 24.03 3.82 58.62
C VAL A 193 24.13 3.07 59.94
N PHE A 194 23.74 1.79 59.94
CA PHE A 194 23.89 0.98 61.14
C PHE A 194 25.35 0.89 61.56
N VAL A 195 26.24 0.64 60.60
CA VAL A 195 27.66 0.52 60.93
C VAL A 195 28.17 1.83 61.51
N SER A 196 27.70 2.96 60.98
CA SER A 196 28.07 4.26 61.51
C SER A 196 27.62 4.42 62.95
N VAL A 197 26.36 4.10 63.23
CA VAL A 197 25.89 4.21 64.61
C VAL A 197 26.70 3.31 65.51
N TYR A 198 27.20 2.20 64.97
CA TYR A 198 28.10 1.35 65.75
C TYR A 198 29.41 2.08 66.05
N LEU A 199 30.04 2.64 65.03
CA LEU A 199 31.37 3.21 65.16
C LEU A 199 31.39 4.71 65.45
N ASN A 200 30.24 5.38 65.35
CA ASN A 200 30.14 6.81 65.62
C ASN A 200 30.92 7.65 64.62
N ARG A 201 31.46 7.03 63.57
CA ARG A 201 32.20 7.73 62.52
C ARG A 201 31.66 7.28 61.17
N SER A 202 30.97 8.18 60.48
CA SER A 202 30.30 7.89 59.22
C SER A 202 31.23 8.14 58.05
N TRP A 203 30.69 7.98 56.84
CA TRP A 203 31.46 8.22 55.62
C TRP A 203 30.54 8.51 54.45
N LEU A 204 30.98 9.40 53.58
CA LEU A 204 30.17 9.82 52.44
C LEU A 204 30.02 8.72 51.41
N GLY A 205 31.02 7.85 51.28
CA GLY A 205 31.09 6.94 50.15
C GLY A 205 29.86 6.10 49.90
N LEU A 206 29.46 6.02 48.62
CA LEU A 206 28.36 5.17 48.19
C LEU A 206 27.05 5.52 48.88
N ARG A 207 26.82 6.82 49.07
CA ARG A 207 25.49 7.28 49.48
C ARG A 207 24.73 7.96 48.35
N PHE A 208 25.40 8.23 47.23
CA PHE A 208 24.72 8.82 46.09
C PHE A 208 23.69 7.89 45.47
N LEU A 209 23.91 6.57 45.56
CA LEU A 209 22.90 5.63 45.09
C LEU A 209 21.53 5.92 45.66
N ARG A 210 21.46 6.60 46.80
CA ARG A 210 20.17 6.89 47.41
C ARG A 210 19.27 7.72 46.51
N ALA A 211 19.77 8.22 45.39
CA ALA A 211 18.94 8.96 44.47
C ALA A 211 18.20 8.07 43.46
N LEU A 212 18.64 6.83 43.29
CA LEU A 212 18.06 5.95 42.29
C LEU A 212 16.59 5.65 42.57
N ARG A 213 16.17 5.71 43.83
CA ARG A 213 14.84 5.29 44.25
C ARG A 213 13.73 5.90 43.43
N LEU A 214 13.95 7.05 42.80
CA LEU A 214 12.90 7.70 42.01
C LEU A 214 12.37 6.80 40.91
N ILE A 215 13.13 5.80 40.47
CA ILE A 215 12.64 4.90 39.43
C ILE A 215 11.31 4.30 39.83
N GLN A 216 11.08 4.12 41.13
CA GLN A 216 9.84 3.49 41.56
C GLN A 216 8.59 4.34 41.31
N PHE A 217 8.73 5.64 41.05
CA PHE A 217 7.57 6.52 41.09
C PHE A 217 6.42 6.00 40.24
N SER A 218 6.70 5.70 38.97
CA SER A 218 5.67 5.17 38.09
C SER A 218 4.83 4.11 38.80
N GLU A 219 5.49 3.07 39.30
CA GLU A 219 4.75 1.99 39.96
C GLU A 219 3.94 2.51 41.13
N ILE A 220 4.55 3.29 42.00
CA ILE A 220 3.87 3.68 43.23
C ILE A 220 2.86 4.78 42.91
N LEU A 221 2.73 5.11 41.63
CA LEU A 221 1.58 5.91 41.22
C LEU A 221 0.47 5.06 40.62
N GLN A 222 0.81 4.02 39.88
CA GLN A 222 -0.22 3.27 39.17
C GLN A 222 -1.17 2.58 40.14
N PHE A 223 -0.64 2.01 41.23
CA PHE A 223 -1.52 1.38 42.20
C PHE A 223 -2.56 2.35 42.73
N LEU A 224 -2.17 3.61 42.95
CA LEU A 224 -3.08 4.59 43.52
C LEU A 224 -4.23 4.95 42.59
N ASN A 225 -4.30 4.36 41.40
CA ASN A 225 -5.33 4.65 40.41
C ASN A 225 -5.32 6.15 40.11
N ILE A 226 -4.21 6.59 39.55
CA ILE A 226 -4.04 8.00 39.18
C ILE A 226 -3.66 8.19 37.72
N LEU A 227 -3.04 7.21 37.08
CA LEU A 227 -2.58 7.35 35.70
C LEU A 227 -3.14 6.20 34.89
N LYS A 228 -4.20 6.46 34.13
CA LYS A 228 -4.75 5.46 33.21
C LYS A 228 -4.90 6.12 31.84
N THR A 229 -3.80 6.20 31.11
CA THR A 229 -3.70 6.77 29.76
C THR A 229 -2.31 6.47 29.24
N SER A 230 -2.19 6.35 27.92
CA SER A 230 -0.88 6.04 27.34
C SER A 230 0.11 7.18 27.54
N ASN A 231 -0.29 8.39 27.16
CA ASN A 231 0.64 9.51 27.13
C ASN A 231 1.18 9.81 28.51
N SER A 232 0.30 9.82 29.52
CA SER A 232 0.74 10.17 30.87
C SER A 232 1.77 9.17 31.38
N ILE A 233 1.52 7.87 31.18
CA ILE A 233 2.46 6.87 31.63
C ILE A 233 3.80 7.05 30.94
N LYS A 234 3.77 7.25 29.61
CA LYS A 234 5.02 7.42 28.89
C LYS A 234 5.82 8.60 29.43
N LEU A 235 5.14 9.73 29.63
CA LEU A 235 5.84 10.94 30.04
C LEU A 235 6.43 10.78 31.43
N VAL A 236 5.65 10.26 32.39
CA VAL A 236 6.16 10.12 33.74
C VAL A 236 7.35 9.17 33.77
N ASN A 237 7.25 8.05 33.05
CA ASN A 237 8.33 7.08 33.06
C ASN A 237 9.62 7.70 32.50
N LEU A 238 9.51 8.41 31.39
CA LEU A 238 10.71 9.02 30.81
C LEU A 238 11.34 10.04 31.74
N LEU A 239 10.53 10.94 32.30
CA LEU A 239 11.11 11.95 33.19
C LEU A 239 11.76 11.31 34.40
N SER A 240 11.16 10.25 34.94
CA SER A 240 11.77 9.58 36.08
C SER A 240 13.14 9.04 35.72
N ILE A 241 13.22 8.28 34.62
CA ILE A 241 14.51 7.71 34.22
C ILE A 241 15.55 8.82 34.08
N PHE A 242 15.17 9.90 33.40
CA PHE A 242 16.12 10.95 33.09
C PHE A 242 16.66 11.61 34.35
N ILE A 243 15.77 12.06 35.23
CA ILE A 243 16.23 12.74 36.44
C ILE A 243 17.09 11.82 37.27
N SER A 244 16.71 10.55 37.36
CA SER A 244 17.48 9.62 38.17
C SER A 244 18.89 9.47 37.63
N THR A 245 19.02 9.21 36.32
CA THR A 245 20.35 9.02 35.75
C THR A 245 21.21 10.25 35.96
N TRP A 246 20.64 11.43 35.74
CA TRP A 246 21.43 12.65 35.87
C TRP A 246 21.95 12.80 37.28
N LEU A 247 21.08 12.70 38.29
CA LEU A 247 21.53 12.92 39.65
C LEU A 247 22.55 11.86 40.08
N THR A 248 22.34 10.60 39.70
CA THR A 248 23.28 9.58 40.14
C THR A 248 24.65 9.75 39.49
N ALA A 249 24.68 10.15 38.23
CA ALA A 249 25.97 10.42 37.60
C ALA A 249 26.68 11.54 38.33
N ALA A 250 25.95 12.60 38.67
CA ALA A 250 26.54 13.68 39.44
C ALA A 250 27.14 13.15 40.72
N GLY A 251 26.39 12.30 41.42
CA GLY A 251 26.88 11.77 42.68
C GLY A 251 28.18 11.02 42.51
N PHE A 252 28.25 10.15 41.50
CA PHE A 252 29.48 9.38 41.31
C PHE A 252 30.66 10.28 41.01
N ILE A 253 30.46 11.29 40.15
CA ILE A 253 31.57 12.21 39.87
C ILE A 253 32.02 12.88 41.16
N HIS A 254 31.09 13.12 42.08
CA HIS A 254 31.53 13.85 43.30
C HIS A 254 32.43 12.98 44.15
N LEU A 255 32.04 11.76 44.47
CA LEU A 255 32.85 10.95 45.43
C LEU A 255 34.22 10.64 44.88
N VAL A 256 34.32 10.22 43.63
CA VAL A 256 35.67 9.80 43.18
C VAL A 256 36.61 10.99 43.14
N GLU A 257 36.19 12.12 42.59
CA GLU A 257 37.12 13.26 42.41
C GLU A 257 37.49 13.97 43.71
N ASN A 258 36.53 14.29 44.57
CA ASN A 258 36.88 15.09 45.77
C ASN A 258 37.92 14.28 46.53
N SER A 259 37.70 12.99 46.61
CA SER A 259 38.73 12.15 47.26
C SER A 259 39.78 11.83 46.23
N GLY A 260 40.99 11.54 46.68
CA GLY A 260 42.08 11.24 45.74
C GLY A 260 42.02 9.81 45.24
N ASP A 261 42.36 9.57 43.99
CA ASP A 261 42.44 8.18 43.53
C ASP A 261 43.51 7.51 44.39
N PRO A 262 43.31 6.26 44.86
CA PRO A 262 44.26 5.65 45.77
C PRO A 262 45.58 5.27 45.14
N TRP A 263 45.66 5.29 43.81
CA TRP A 263 46.92 4.78 43.19
C TRP A 263 48.09 5.55 43.74
N GLU A 264 47.93 6.85 44.01
CA GLU A 264 49.08 7.68 44.43
C GLU A 264 48.93 8.21 45.86
N ASN A 265 48.43 7.38 46.79
CA ASN A 265 48.36 7.80 48.21
C ASN A 265 47.49 9.03 48.42
N PHE A 266 46.36 9.11 47.71
CA PHE A 266 45.38 10.19 47.98
C PHE A 266 46.01 11.60 47.94
N GLN A 267 46.77 11.98 46.91
CA GLN A 267 47.27 13.38 46.86
C GLN A 267 46.86 14.10 45.57
N ASN A 268 45.80 13.68 44.89
CA ASN A 268 45.44 14.29 43.58
C ASN A 268 44.10 15.02 43.67
N ASN A 269 43.68 15.47 44.85
CA ASN A 269 42.32 16.04 45.02
C ASN A 269 42.06 17.34 44.26
N GLN A 270 40.88 17.46 43.64
CA GLN A 270 40.47 18.74 43.00
C GLN A 270 39.14 19.12 43.64
N ALA A 271 39.04 20.29 44.28
CA ALA A 271 37.80 20.63 45.03
C ALA A 271 36.61 20.78 44.10
N LEU A 272 35.42 20.33 44.52
CA LEU A 272 34.19 20.48 43.72
C LEU A 272 32.98 20.20 44.62
N THR A 273 31.92 20.99 44.57
CA THR A 273 30.69 20.81 45.32
C THR A 273 29.62 20.26 44.38
N TYR A 274 28.65 19.57 44.97
CA TYR A 274 27.75 18.71 44.20
C TYR A 274 27.14 19.44 43.01
N TRP A 275 26.74 20.70 43.21
CA TRP A 275 26.18 21.47 42.12
C TRP A 275 27.15 21.61 40.95
N GLU A 276 28.44 21.78 41.24
CA GLU A 276 29.40 21.89 40.16
C GLU A 276 29.40 20.63 39.31
N CYS A 277 29.34 19.47 39.96
CA CYS A 277 29.33 18.23 39.20
C CYS A 277 28.05 18.11 38.38
N VAL A 278 26.96 18.64 38.92
CA VAL A 278 25.74 18.59 38.08
C VAL A 278 26.09 19.32 36.79
N TYR A 279 26.73 20.47 36.90
CA TYR A 279 27.00 21.25 35.68
C TYR A 279 27.91 20.45 34.77
N LEU A 280 28.92 19.79 35.32
CA LEU A 280 29.88 19.13 34.39
C LEU A 280 29.08 18.09 33.64
N LEU A 281 28.26 17.34 34.35
CA LEU A 281 27.58 16.27 33.61
C LEU A 281 26.65 16.87 32.55
N MET A 282 25.89 17.91 32.87
CA MET A 282 24.92 18.40 31.86
C MET A 282 25.69 18.91 30.65
N VAL A 283 26.78 19.62 30.89
CA VAL A 283 27.46 20.18 29.70
C VAL A 283 27.88 18.99 28.87
N THR A 284 28.45 17.96 29.48
CA THR A 284 28.97 16.88 28.62
C THR A 284 27.85 16.14 27.91
N MET A 285 26.75 15.88 28.58
CA MET A 285 25.76 15.02 27.91
C MET A 285 25.26 15.68 26.64
N SER A 286 25.04 16.97 26.65
CA SER A 286 24.39 17.59 25.48
C SER A 286 25.35 17.90 24.36
N THR A 287 26.63 17.63 24.57
CA THR A 287 27.66 17.83 23.52
C THR A 287 28.05 19.30 23.45
N VAL A 288 27.54 20.12 24.36
CA VAL A 288 27.84 21.56 24.20
C VAL A 288 29.33 21.74 24.35
N GLY A 289 29.86 21.23 25.44
CA GLY A 289 31.28 21.39 25.70
C GLY A 289 31.60 22.73 26.31
N TYR A 290 32.67 22.81 27.09
CA TYR A 290 33.12 24.10 27.64
C TYR A 290 34.46 23.76 28.26
N GLY A 291 35.21 24.75 28.72
CA GLY A 291 36.47 24.42 29.40
C GLY A 291 36.36 24.72 30.86
N ASP A 292 35.17 25.02 31.34
CA ASP A 292 35.07 25.46 32.75
C ASP A 292 35.43 24.35 33.74
N VAL A 293 34.90 23.15 33.56
CA VAL A 293 35.27 22.13 34.58
C VAL A 293 35.60 20.83 33.89
N TYR A 294 36.79 20.30 34.10
CA TYR A 294 37.15 18.99 33.50
C TYR A 294 37.71 18.10 34.61
N ALA A 295 37.22 16.88 34.73
CA ALA A 295 37.66 16.03 35.85
C ALA A 295 39.16 15.78 35.66
N LYS A 296 39.94 15.68 36.73
CA LYS A 296 41.41 15.57 36.53
C LYS A 296 41.98 14.19 36.85
N THR A 297 41.44 13.45 37.81
CA THR A 297 42.05 12.20 38.22
C THR A 297 41.69 11.08 37.25
N THR A 298 42.45 9.99 37.35
CA THR A 298 42.32 8.91 36.38
C THR A 298 40.94 8.29 36.42
N LEU A 299 40.47 7.91 37.60
CA LEU A 299 39.18 7.25 37.72
C LEU A 299 38.09 8.10 37.12
N GLY A 300 38.12 9.41 37.40
CA GLY A 300 37.11 10.28 36.86
C GLY A 300 37.09 10.26 35.34
N ARG A 301 38.27 10.35 34.73
CA ARG A 301 38.34 10.35 33.27
C ARG A 301 37.82 9.03 32.71
N LEU A 302 38.19 7.91 33.34
CA LEU A 302 37.73 6.62 32.83
C LEU A 302 36.21 6.54 32.88
N PHE A 303 35.62 6.96 34.01
CA PHE A 303 34.18 6.95 34.11
C PHE A 303 33.56 7.88 33.08
N MET A 304 34.18 9.03 32.85
CA MET A 304 33.64 9.96 31.87
C MET A 304 33.65 9.35 30.48
N VAL A 305 34.73 8.64 30.13
CA VAL A 305 34.79 7.98 28.84
C VAL A 305 33.65 6.99 28.69
N PHE A 306 33.51 6.10 29.69
CA PHE A 306 32.46 5.09 29.56
C PHE A 306 31.08 5.72 29.52
N PHE A 307 30.85 6.73 30.34
CA PHE A 307 29.54 7.40 30.36
C PHE A 307 29.22 8.02 29.01
N ILE A 308 30.21 8.66 28.39
CA ILE A 308 29.96 9.23 27.07
C ILE A 308 29.69 8.13 26.06
N LEU A 309 30.36 6.99 26.22
CA LEU A 309 30.19 5.91 25.25
C LEU A 309 28.74 5.50 25.11
N GLY A 310 28.04 5.37 26.22
CA GLY A 310 26.63 5.06 26.18
C GLY A 310 25.83 5.92 27.13
N GLY A 311 24.88 6.67 26.60
CA GLY A 311 24.12 7.58 27.42
C GLY A 311 23.98 8.92 26.74
N LEU A 312 24.99 9.30 25.97
CA LEU A 312 24.81 10.42 25.06
C LEU A 312 23.62 10.18 24.16
N ALA A 313 23.43 8.93 23.75
CA ALA A 313 22.22 8.58 23.01
C ALA A 313 20.97 8.86 23.83
N MET A 314 21.06 8.70 25.15
CA MET A 314 19.88 8.96 25.97
C MET A 314 19.44 10.41 25.86
N PHE A 315 20.40 11.34 25.93
CA PHE A 315 20.02 12.74 25.80
C PHE A 315 19.69 13.09 24.36
N ALA A 316 20.24 12.36 23.40
CA ALA A 316 19.91 12.65 22.01
C ALA A 316 18.57 12.06 21.60
N SER A 317 17.98 11.19 22.41
CA SER A 317 16.72 10.58 22.07
C SER A 317 15.56 11.01 22.96
N TYR A 318 15.73 10.96 24.28
CA TYR A 318 14.60 11.20 25.18
C TYR A 318 14.06 12.61 25.05
N VAL A 319 14.95 13.61 25.08
CA VAL A 319 14.50 15.00 25.12
C VAL A 319 13.53 15.35 24.00
N PRO A 320 13.79 14.98 22.74
CA PRO A 320 12.77 15.26 21.71
C PRO A 320 11.42 14.65 22.02
N GLU A 321 11.39 13.43 22.57
CA GLU A 321 10.10 12.81 22.86
C GLU A 321 9.40 13.53 24.01
N ILE A 322 10.13 13.87 25.06
CA ILE A 322 9.51 14.60 26.17
C ILE A 322 8.97 15.92 25.68
N ILE A 323 9.70 16.61 24.81
CA ILE A 323 9.21 17.86 24.27
C ILE A 323 7.96 17.63 23.43
N GLU A 324 7.91 16.52 22.69
CA GLU A 324 6.76 16.27 21.84
C GLU A 324 5.49 15.98 22.66
N LEU A 325 5.62 15.17 23.71
CA LEU A 325 4.43 14.80 24.49
C LEU A 325 3.80 16.01 25.15
N ILE A 326 4.59 16.79 25.89
CA ILE A 326 4.10 18.08 26.33
C ILE A 326 3.86 18.95 25.11
N GLY A 327 2.94 19.91 25.22
CA GLY A 327 2.72 20.86 24.16
C GLY A 327 1.78 20.44 23.07
N ASN A 328 1.22 19.23 23.15
CA ASN A 328 0.16 18.84 22.23
C ASN A 328 -1.13 19.52 22.68
N ARG A 329 -1.12 20.85 22.66
CA ARG A 329 -2.23 21.65 23.19
C ARG A 329 -3.27 21.85 22.10
N LYS A 330 -4.52 21.52 22.42
CA LYS A 330 -5.62 21.72 21.47
C LYS A 330 -5.94 23.21 21.43
N LYS A 331 -5.49 23.89 20.37
CA LYS A 331 -5.55 25.34 20.34
C LYS A 331 -6.96 25.88 20.19
N TYR A 332 -7.85 25.13 19.52
CA TYR A 332 -9.20 25.61 19.23
C TYR A 332 -10.25 24.87 20.05
N GLY A 333 -9.95 24.60 21.31
CA GLY A 333 -10.95 24.10 22.23
C GLY A 333 -11.89 25.20 22.66
N GLY A 334 -12.49 25.00 23.82
CA GLY A 334 -13.35 26.02 24.40
C GLY A 334 -14.76 25.97 23.85
N SER A 335 -15.48 27.06 24.08
CA SER A 335 -16.89 27.15 23.71
C SER A 335 -17.18 28.56 23.21
N TYR A 336 -18.46 28.84 23.04
CA TYR A 336 -18.95 30.08 22.47
C TYR A 336 -19.92 30.73 23.43
N SER A 337 -20.16 32.03 23.25
CA SER A 337 -21.06 32.76 24.11
C SER A 337 -22.10 33.46 23.25
N ALA A 338 -23.36 33.38 23.69
CA ALA A 338 -24.47 34.00 23.01
C ALA A 338 -24.66 35.41 23.54
N VAL A 339 -24.78 36.37 22.63
CA VAL A 339 -24.96 37.77 22.98
C VAL A 339 -26.37 38.19 22.58
N SER A 340 -27.02 38.93 23.47
CA SER A 340 -28.39 39.34 23.21
C SER A 340 -28.46 40.30 22.03
N GLY A 341 -29.60 40.30 21.35
CA GLY A 341 -29.86 41.23 20.27
C GLY A 341 -29.29 40.84 18.93
N ARG A 342 -28.63 39.70 18.81
CA ARG A 342 -28.08 39.24 17.55
C ARG A 342 -28.53 37.80 17.32
N LYS A 343 -28.11 37.24 16.19
CA LYS A 343 -28.42 35.86 15.85
C LYS A 343 -27.21 35.24 15.19
N HIS A 344 -27.06 33.93 15.35
CA HIS A 344 -25.94 33.19 14.80
C HIS A 344 -26.43 31.87 14.23
N ILE A 345 -25.73 31.37 13.21
CA ILE A 345 -26.11 30.14 12.52
C ILE A 345 -24.91 29.21 12.54
N VAL A 346 -25.14 27.95 12.90
CA VAL A 346 -24.07 26.96 12.86
C VAL A 346 -24.01 26.33 11.47
N VAL A 347 -22.82 25.92 11.07
CA VAL A 347 -22.59 25.26 9.79
C VAL A 347 -21.77 24.00 10.04
N CYS A 348 -22.21 22.89 9.48
CA CYS A 348 -21.52 21.62 9.64
C CYS A 348 -21.40 20.90 8.32
N GLY A 349 -20.32 20.17 8.15
CA GLY A 349 -20.16 19.33 6.99
C GLY A 349 -18.78 19.46 6.41
N HIS A 350 -18.70 19.26 5.10
CA HIS A 350 -17.43 19.26 4.37
C HIS A 350 -16.87 20.67 4.34
N ILE A 351 -15.85 20.92 5.16
CA ILE A 351 -15.21 22.23 5.26
C ILE A 351 -13.84 22.15 4.63
N THR A 352 -13.63 22.95 3.58
CA THR A 352 -12.33 23.07 2.96
C THR A 352 -12.26 24.42 2.28
N LEU A 353 -11.03 24.85 1.99
CA LEU A 353 -10.80 26.21 1.51
C LEU A 353 -11.66 26.52 0.30
N GLU A 354 -11.73 25.61 -0.66
CA GLU A 354 -12.45 25.88 -1.90
C GLU A 354 -13.90 26.23 -1.63
N SER A 355 -14.57 25.43 -0.80
CA SER A 355 -15.98 25.68 -0.52
C SER A 355 -16.20 26.86 0.40
N VAL A 356 -15.37 26.99 1.43
CA VAL A 356 -15.57 28.06 2.40
C VAL A 356 -15.39 29.41 1.75
N SER A 357 -14.42 29.53 0.84
CA SER A 357 -14.22 30.79 0.15
C SER A 357 -15.48 31.22 -0.59
N ASN A 358 -16.06 30.30 -1.37
CA ASN A 358 -17.25 30.64 -2.13
C ASN A 358 -18.41 30.99 -1.22
N PHE A 359 -18.67 30.15 -0.22
CA PHE A 359 -19.80 30.39 0.68
C PHE A 359 -19.65 31.74 1.35
N LEU A 360 -18.50 31.99 1.97
CA LEU A 360 -18.34 33.22 2.74
C LEU A 360 -18.29 34.44 1.83
N LYS A 361 -17.83 34.27 0.58
CA LYS A 361 -17.94 35.35 -0.38
C LYS A 361 -19.38 35.72 -0.63
N ASP A 362 -20.24 34.72 -0.80
CA ASP A 362 -21.63 35.02 -1.12
C ASP A 362 -22.41 35.51 0.08
N PHE A 363 -22.02 35.11 1.29
CA PHE A 363 -22.89 35.38 2.44
C PHE A 363 -22.80 36.84 2.86
N LEU A 364 -21.61 37.42 2.87
CA LEU A 364 -21.38 38.74 3.43
C LEU A 364 -21.30 39.85 2.39
N HIS A 365 -21.61 39.55 1.13
CA HIS A 365 -21.35 40.50 0.06
C HIS A 365 -22.15 41.78 0.25
N LYS A 366 -21.49 42.91 0.00
CA LYS A 366 -22.04 44.21 0.36
C LYS A 366 -23.30 44.57 -0.40
N ASP A 367 -23.59 43.89 -1.52
CA ASP A 367 -24.75 44.26 -2.32
C ASP A 367 -26.04 44.06 -1.53
N ARG A 368 -26.11 43.01 -0.73
CA ARG A 368 -27.33 42.65 -0.03
C ARG A 368 -27.66 43.70 1.03
N ASP A 369 -28.87 43.64 1.57
CA ASP A 369 -29.28 44.43 2.72
C ASP A 369 -28.30 44.24 3.88
N ASP A 370 -28.36 45.17 4.83
CA ASP A 370 -27.40 45.18 5.93
C ASP A 370 -27.43 43.86 6.70
N VAL A 371 -26.34 43.12 6.59
CA VAL A 371 -26.19 41.84 7.26
C VAL A 371 -26.09 42.08 8.75
N ASN A 372 -26.55 41.12 9.54
CA ASN A 372 -26.49 41.22 10.98
C ASN A 372 -25.98 39.96 11.66
N VAL A 373 -26.04 38.81 11.00
CA VAL A 373 -25.81 37.53 11.66
C VAL A 373 -24.33 37.27 11.82
N GLU A 374 -24.00 36.26 12.62
CA GLU A 374 -22.63 35.88 12.94
C GLU A 374 -22.45 34.41 12.60
N ILE A 375 -21.24 34.04 12.21
CA ILE A 375 -20.98 32.72 11.62
C ILE A 375 -20.12 31.90 12.56
N VAL A 376 -20.52 30.64 12.77
CA VAL A 376 -19.75 29.70 13.57
C VAL A 376 -19.61 28.40 12.79
N PHE A 377 -18.38 27.89 12.72
CA PHE A 377 -18.10 26.64 12.03
C PHE A 377 -17.73 25.56 13.03
N LEU A 378 -18.21 24.35 12.76
CA LEU A 378 -17.86 23.15 13.51
C LEU A 378 -17.38 22.10 12.52
N HIS A 379 -16.32 21.39 12.88
CA HIS A 379 -15.72 20.42 11.97
C HIS A 379 -14.96 19.40 12.82
N ASN A 380 -14.26 18.49 12.15
CA ASN A 380 -13.55 17.42 12.84
C ASN A 380 -12.05 17.41 12.62
N ILE A 381 -11.56 17.92 11.49
CA ILE A 381 -10.13 17.97 11.23
C ILE A 381 -9.64 19.36 11.59
N SER A 382 -8.58 19.42 12.38
CA SER A 382 -8.01 20.71 12.75
C SER A 382 -7.59 21.43 11.48
N PRO A 383 -8.09 22.64 11.25
CA PRO A 383 -7.83 23.32 9.99
C PRO A 383 -6.36 23.66 9.83
N ASN A 384 -5.94 23.78 8.58
CA ASN A 384 -4.55 24.05 8.24
C ASN A 384 -4.34 25.54 7.98
N LEU A 385 -3.08 25.89 7.68
CA LEU A 385 -2.68 27.29 7.64
C LEU A 385 -3.43 28.07 6.56
N GLU A 386 -3.56 27.48 5.38
CA GLU A 386 -4.12 28.22 4.25
C GLU A 386 -5.53 28.69 4.56
N LEU A 387 -6.34 27.83 5.17
CA LEU A 387 -7.68 28.23 5.59
C LEU A 387 -7.65 29.08 6.85
N GLU A 388 -6.61 28.91 7.69
CA GLU A 388 -6.43 29.80 8.82
C GLU A 388 -6.33 31.25 8.34
N ALA A 389 -5.76 31.44 7.15
CA ALA A 389 -5.70 32.79 6.57
C ALA A 389 -7.09 33.39 6.46
N LEU A 390 -8.04 32.66 5.87
CA LEU A 390 -9.40 33.18 5.78
C LEU A 390 -10.02 33.37 7.15
N PHE A 391 -9.88 32.38 8.04
CA PHE A 391 -10.50 32.55 9.35
C PHE A 391 -9.92 33.71 10.14
N LYS A 392 -8.75 34.21 9.78
CA LYS A 392 -8.27 35.41 10.46
C LYS A 392 -8.55 36.69 9.70
N ARG A 393 -8.55 36.65 8.36
CA ARG A 393 -8.76 37.88 7.59
C ARG A 393 -10.08 38.52 7.96
N HIS A 394 -11.05 37.72 8.37
CA HIS A 394 -12.19 38.20 9.12
C HIS A 394 -11.96 37.87 10.58
N PHE A 395 -12.31 38.81 11.47
CA PHE A 395 -12.14 38.61 12.89
C PHE A 395 -13.39 38.96 13.68
N THR A 396 -14.37 39.58 13.06
CA THR A 396 -15.63 39.88 13.71
C THR A 396 -16.81 39.26 12.99
N GLN A 397 -16.57 38.35 12.05
CA GLN A 397 -17.64 37.68 11.34
C GLN A 397 -17.61 36.17 11.46
N VAL A 398 -16.50 35.59 11.92
CA VAL A 398 -16.33 34.15 11.93
C VAL A 398 -15.71 33.73 13.26
N GLU A 399 -16.30 32.71 13.87
CA GLU A 399 -15.67 32.11 15.03
C GLU A 399 -15.79 30.60 14.90
N PHE A 400 -14.66 29.93 15.05
CA PHE A 400 -14.51 28.53 14.65
C PHE A 400 -14.33 27.66 15.88
N TYR A 401 -14.70 26.39 15.77
CA TYR A 401 -14.44 25.47 16.87
C TYR A 401 -14.06 24.12 16.30
N GLN A 402 -13.74 23.19 17.19
CA GLN A 402 -13.29 21.87 16.78
C GLN A 402 -14.03 20.80 17.56
N GLY A 403 -14.28 19.68 16.91
CA GLY A 403 -14.93 18.56 17.58
C GLY A 403 -15.58 17.64 16.57
N SER A 404 -16.84 17.32 16.84
CA SER A 404 -17.66 16.57 15.91
C SER A 404 -19.10 17.05 16.04
N VAL A 405 -19.95 16.49 15.18
CA VAL A 405 -21.37 16.81 15.24
C VAL A 405 -22.19 15.62 15.71
N LEU A 406 -21.63 14.41 15.67
CA LEU A 406 -22.36 13.25 16.14
C LEU A 406 -22.60 13.29 17.64
N ASN A 407 -21.55 13.60 18.41
CA ASN A 407 -21.60 13.60 19.87
C ASN A 407 -22.56 14.67 20.39
N PRO A 408 -23.65 14.27 21.08
CA PRO A 408 -24.56 15.27 21.64
C PRO A 408 -23.92 16.14 22.69
N HIS A 409 -22.86 15.68 23.34
CA HIS A 409 -22.21 16.49 24.36
C HIS A 409 -21.30 17.52 23.73
N ASP A 410 -20.60 17.14 22.65
CA ASP A 410 -19.81 18.11 21.90
C ASP A 410 -20.70 19.23 21.35
N LEU A 411 -21.81 18.87 20.73
CA LEU A 411 -22.67 19.84 20.09
C LEU A 411 -23.23 20.86 21.07
N ALA A 412 -23.27 20.51 22.36
CA ALA A 412 -23.77 21.45 23.35
C ALA A 412 -22.91 22.70 23.45
N ARG A 413 -21.67 22.65 22.96
CA ARG A 413 -20.80 23.82 23.05
C ARG A 413 -21.31 24.95 22.18
N VAL A 414 -21.70 24.64 20.95
CA VAL A 414 -22.09 25.68 20.00
C VAL A 414 -23.34 26.44 20.42
N LYS A 415 -24.07 25.92 21.40
CA LYS A 415 -25.32 26.52 21.87
C LYS A 415 -26.33 26.62 20.72
N ILE A 416 -26.60 25.46 20.12
CA ILE A 416 -27.56 25.39 19.02
C ILE A 416 -28.97 25.62 19.53
N GLU A 417 -29.19 25.44 20.84
CA GLU A 417 -30.53 25.54 21.39
C GLU A 417 -31.13 26.93 21.23
N SER A 418 -30.30 27.94 20.97
CA SER A 418 -30.79 29.28 20.63
C SER A 418 -30.07 29.69 19.35
N ALA A 419 -30.63 29.28 18.21
CA ALA A 419 -30.03 29.55 16.93
C ALA A 419 -31.14 29.78 15.91
N ASP A 420 -30.79 29.80 14.64
CA ASP A 420 -31.76 29.99 13.57
C ASP A 420 -31.69 28.93 12.49
N ALA A 421 -30.54 28.33 12.25
CA ALA A 421 -30.42 27.38 11.16
C ALA A 421 -29.20 26.50 11.39
N CYS A 422 -29.19 25.37 10.69
CA CYS A 422 -28.02 24.50 10.69
C CYS A 422 -27.73 24.11 9.25
N LEU A 423 -26.96 24.95 8.56
CA LEU A 423 -26.62 24.65 7.19
C LEU A 423 -25.71 23.43 7.12
N ILE A 424 -25.73 22.76 5.97
CA ILE A 424 -24.88 21.62 5.74
C ILE A 424 -24.26 21.76 4.35
N LEU A 425 -22.97 21.46 4.24
CA LEU A 425 -22.28 21.49 2.97
C LEU A 425 -21.91 20.06 2.59
N ALA A 426 -22.37 19.62 1.43
CA ALA A 426 -22.09 18.29 0.94
C ALA A 426 -21.01 18.35 -0.14
N ASN A 427 -20.09 17.40 -0.09
CA ASN A 427 -18.96 17.39 -1.03
C ASN A 427 -19.48 16.97 -2.40
N LYS A 428 -19.75 17.97 -3.25
CA LYS A 428 -20.34 17.73 -4.55
C LYS A 428 -19.51 16.79 -5.40
N TYR A 429 -18.25 16.56 -5.03
CA TYR A 429 -17.37 15.64 -5.72
C TYR A 429 -17.09 14.48 -4.78
N CYS A 430 -17.03 13.27 -5.33
CA CYS A 430 -16.75 12.09 -4.53
C CYS A 430 -16.52 10.91 -5.46
N ALA A 431 -16.22 9.75 -4.87
CA ALA A 431 -16.14 8.50 -5.62
C ALA A 431 -17.47 7.77 -5.58
N ASP A 432 -17.93 7.41 -4.37
CA ASP A 432 -19.27 6.85 -4.21
C ASP A 432 -20.23 7.98 -3.86
N PRO A 433 -21.16 8.33 -4.74
CA PRO A 433 -22.16 9.33 -4.36
C PRO A 433 -22.99 8.92 -3.17
N ASP A 434 -23.31 7.63 -3.04
CA ASP A 434 -24.29 7.19 -2.06
C ASP A 434 -23.80 7.39 -0.63
N ALA A 435 -22.51 7.12 -0.40
CA ALA A 435 -21.99 7.12 0.97
C ALA A 435 -22.11 8.49 1.61
N GLU A 436 -21.76 9.55 0.87
CA GLU A 436 -21.79 10.87 1.46
C GLU A 436 -23.21 11.30 1.83
N ASP A 437 -24.17 11.04 0.94
CA ASP A 437 -25.53 11.43 1.29
C ASP A 437 -26.03 10.61 2.47
N ALA A 438 -25.60 9.35 2.59
CA ALA A 438 -25.95 8.60 3.78
C ALA A 438 -25.39 9.26 5.03
N SER A 439 -24.13 9.70 4.96
CA SER A 439 -23.52 10.38 6.11
C SER A 439 -24.27 11.66 6.44
N ASN A 440 -24.72 12.39 5.42
CA ASN A 440 -25.52 13.58 5.66
C ASN A 440 -26.84 13.22 6.30
N ILE A 441 -27.42 12.08 5.92
CA ILE A 441 -28.61 11.58 6.60
C ILE A 441 -28.34 11.42 8.08
N MET A 442 -27.20 10.81 8.41
CA MET A 442 -26.84 10.66 9.82
C MET A 442 -26.71 12.01 10.50
N ARG A 443 -26.06 12.96 9.84
CA ARG A 443 -25.87 14.28 10.45
C ARG A 443 -27.21 14.95 10.72
N VAL A 444 -28.11 14.90 9.75
CA VAL A 444 -29.39 15.58 9.91
C VAL A 444 -30.23 14.90 10.98
N ILE A 445 -30.18 13.57 11.05
CA ILE A 445 -30.97 12.90 12.08
C ILE A 445 -30.41 13.23 13.46
N SER A 446 -29.09 13.36 13.59
CA SER A 446 -28.52 13.74 14.88
C SER A 446 -28.96 15.14 15.28
N ILE A 447 -28.81 16.09 14.35
CA ILE A 447 -29.24 17.47 14.64
C ILE A 447 -30.70 17.48 15.07
N LYS A 448 -31.53 16.70 14.37
CA LYS A 448 -32.93 16.64 14.75
C LYS A 448 -33.10 16.05 16.14
N ASN A 449 -32.33 15.01 16.47
CA ASN A 449 -32.53 14.33 17.75
C ASN A 449 -32.23 15.27 18.90
N TYR A 450 -31.19 16.10 18.76
CA TYR A 450 -30.91 17.01 19.88
C TYR A 450 -32.04 18.01 20.09
N HIS A 451 -32.75 18.39 19.02
CA HIS A 451 -33.79 19.39 19.16
C HIS A 451 -34.72 19.36 17.97
N PRO A 452 -36.03 19.26 18.18
CA PRO A 452 -36.98 19.27 17.06
C PRO A 452 -37.11 20.61 16.35
N LYS A 453 -37.40 21.69 17.10
CA LYS A 453 -37.80 22.96 16.52
C LYS A 453 -36.56 23.71 16.03
N ILE A 454 -36.22 23.49 14.77
CA ILE A 454 -34.98 24.01 14.21
C ILE A 454 -35.07 23.91 12.70
N ARG A 455 -34.34 24.79 12.02
CA ARG A 455 -34.30 24.76 10.56
C ARG A 455 -33.01 24.12 10.08
N ILE A 456 -33.14 23.32 9.02
CA ILE A 456 -31.99 22.64 8.42
C ILE A 456 -32.02 22.87 6.92
N ILE A 457 -30.85 23.16 6.36
CA ILE A 457 -30.68 23.30 4.91
C ILE A 457 -29.55 22.36 4.53
N THR A 458 -29.77 21.53 3.51
CA THR A 458 -28.83 20.46 3.24
C THR A 458 -28.90 20.02 1.79
N GLN A 459 -27.74 19.70 1.23
CA GLN A 459 -27.65 19.12 -0.11
C GLN A 459 -27.70 17.60 -0.05
N MET A 460 -28.16 17.00 -1.15
CA MET A 460 -28.06 15.57 -1.35
C MET A 460 -27.83 15.33 -2.83
N LEU A 461 -27.14 14.24 -3.16
CA LEU A 461 -26.73 14.05 -4.55
C LEU A 461 -27.84 13.43 -5.41
N GLN A 462 -28.25 12.21 -5.10
CA GLN A 462 -29.25 11.55 -5.91
C GLN A 462 -30.65 12.01 -5.52
N TYR A 463 -31.59 11.85 -6.45
CA TYR A 463 -32.95 12.29 -6.15
C TYR A 463 -33.65 11.34 -5.19
N HIS A 464 -33.52 10.03 -5.40
CA HIS A 464 -34.32 9.08 -4.63
C HIS A 464 -33.99 9.13 -3.15
N ASN A 465 -32.71 9.24 -2.79
CA ASN A 465 -32.33 9.27 -1.39
C ASN A 465 -33.01 10.41 -0.64
N LYS A 466 -33.34 11.51 -1.32
CA LYS A 466 -34.04 12.61 -0.68
C LYS A 466 -35.31 12.14 0.02
N ALA A 467 -35.98 11.15 -0.55
CA ALA A 467 -37.22 10.66 0.04
C ALA A 467 -37.02 10.25 1.50
N HIS A 468 -35.85 9.69 1.83
CA HIS A 468 -35.60 9.24 3.19
C HIS A 468 -35.75 10.39 4.19
N LEU A 469 -35.37 11.59 3.80
CA LEU A 469 -35.46 12.75 4.68
C LEU A 469 -36.87 13.32 4.73
N LEU A 470 -37.87 12.58 4.28
CA LEU A 470 -39.26 12.94 4.44
C LEU A 470 -39.90 12.25 5.64
N ASN A 471 -39.12 11.52 6.43
CA ASN A 471 -39.66 10.62 7.43
C ASN A 471 -39.30 10.99 8.86
N ILE A 472 -38.30 11.84 9.08
CA ILE A 472 -37.92 12.22 10.45
C ILE A 472 -39.12 12.88 11.12
N PRO A 473 -39.52 12.46 12.32
CA PRO A 473 -40.81 12.88 12.87
C PRO A 473 -40.92 14.36 13.16
N SER A 474 -39.90 15.15 12.87
CA SER A 474 -40.01 16.59 13.09
C SER A 474 -39.45 17.37 11.91
N TRP A 475 -39.67 16.88 10.70
CA TRP A 475 -39.33 17.64 9.49
C TRP A 475 -40.46 18.60 9.15
N ASN A 476 -40.73 19.48 10.12
CA ASN A 476 -41.87 20.40 10.03
C ASN A 476 -41.54 21.50 9.03
N TRP A 477 -41.67 21.17 7.75
CA TRP A 477 -41.27 22.12 6.71
C TRP A 477 -42.27 23.25 6.53
N LYS A 478 -43.50 23.10 7.03
CA LYS A 478 -44.45 24.21 6.95
C LYS A 478 -43.90 25.45 7.62
N GLU A 479 -43.03 25.28 8.61
CA GLU A 479 -42.28 26.38 9.19
C GLU A 479 -40.88 26.50 8.62
N GLY A 480 -40.58 25.73 7.58
CA GLY A 480 -39.33 25.84 6.87
C GLY A 480 -38.33 24.76 7.23
N ASP A 481 -38.27 23.72 6.40
CA ASP A 481 -37.27 22.67 6.54
C ASP A 481 -36.81 22.23 5.16
N ASP A 482 -36.55 23.20 4.31
CA ASP A 482 -36.36 22.96 2.89
C ASP A 482 -35.11 22.12 2.65
N ALA A 483 -35.06 21.48 1.47
CA ALA A 483 -33.90 20.71 1.04
C ALA A 483 -33.61 21.04 -0.41
N ILE A 484 -32.33 20.99 -0.78
CA ILE A 484 -31.88 21.29 -2.12
C ILE A 484 -31.15 20.09 -2.68
N CYS A 485 -31.56 19.62 -3.85
CA CYS A 485 -30.98 18.45 -4.50
C CYS A 485 -30.21 18.90 -5.72
N LEU A 486 -28.92 18.56 -5.76
CA LEU A 486 -28.10 18.95 -6.90
C LEU A 486 -28.57 18.28 -8.19
N ALA A 487 -28.87 16.99 -8.14
CA ALA A 487 -29.28 16.30 -9.36
C ALA A 487 -30.59 16.85 -9.90
N GLU A 488 -31.57 17.06 -9.01
CA GLU A 488 -32.86 17.56 -9.45
C GLU A 488 -32.71 18.87 -10.20
N LEU A 489 -32.16 19.89 -9.54
CA LEU A 489 -32.01 21.19 -10.19
C LEU A 489 -31.08 21.10 -11.39
N LYS A 490 -30.05 20.24 -11.32
CA LYS A 490 -29.10 20.15 -12.42
C LYS A 490 -29.79 19.72 -13.70
N LEU A 491 -30.54 18.62 -13.64
CA LEU A 491 -31.27 18.23 -14.83
C LEU A 491 -32.39 19.20 -15.15
N GLY A 492 -32.96 19.84 -14.12
CA GLY A 492 -34.10 20.70 -14.34
C GLY A 492 -33.78 21.93 -15.14
N PHE A 493 -32.67 22.59 -14.82
CA PHE A 493 -32.28 23.76 -15.62
C PHE A 493 -32.11 23.38 -17.07
N ILE A 494 -31.38 22.30 -17.35
CA ILE A 494 -31.17 21.88 -18.73
C ILE A 494 -32.51 21.63 -19.41
N ALA A 495 -33.39 20.91 -18.73
CA ALA A 495 -34.68 20.58 -19.33
C ALA A 495 -35.47 21.84 -19.64
N GLN A 496 -35.62 22.72 -18.64
CA GLN A 496 -36.44 23.91 -18.83
C GLN A 496 -35.89 24.80 -19.92
N SER A 497 -34.64 24.61 -20.31
CA SER A 497 -34.08 25.33 -21.44
C SER A 497 -34.32 24.64 -22.77
N CYS A 498 -35.04 23.52 -22.79
CA CYS A 498 -35.30 22.85 -24.05
C CYS A 498 -36.07 23.77 -24.99
N LEU A 499 -37.28 24.14 -24.62
CA LEU A 499 -38.13 24.90 -25.53
C LEU A 499 -37.56 26.28 -25.79
N ALA A 500 -36.79 26.82 -24.86
CA ALA A 500 -36.21 28.15 -25.01
C ALA A 500 -34.71 28.09 -24.73
N GLN A 501 -33.92 28.43 -25.73
CA GLN A 501 -32.47 28.34 -25.59
C GLN A 501 -31.95 29.37 -24.61
N GLY A 502 -30.94 28.98 -23.84
CA GLY A 502 -30.20 29.90 -23.01
C GLY A 502 -30.81 30.18 -21.66
N LEU A 503 -32.02 29.71 -21.38
CA LEU A 503 -32.65 30.00 -20.10
C LEU A 503 -31.79 29.49 -18.95
N SER A 504 -30.95 28.48 -19.20
CA SER A 504 -30.11 27.92 -18.16
C SER A 504 -29.26 28.99 -17.51
N THR A 505 -28.37 29.60 -18.30
CA THR A 505 -27.51 30.63 -17.73
C THR A 505 -28.30 31.84 -17.26
N MET A 506 -29.43 32.12 -17.93
CA MET A 506 -30.31 33.20 -17.49
C MET A 506 -30.65 33.04 -16.02
N LEU A 507 -31.30 31.93 -15.67
CA LEU A 507 -31.64 31.71 -14.28
C LEU A 507 -30.40 31.62 -13.41
N ALA A 508 -29.37 30.91 -13.87
CA ALA A 508 -28.23 30.64 -13.00
C ALA A 508 -27.51 31.91 -12.59
N ASN A 509 -27.57 32.97 -13.40
CA ASN A 509 -26.91 34.20 -13.01
C ASN A 509 -27.73 35.02 -12.03
N LEU A 510 -29.02 34.73 -11.87
CA LEU A 510 -29.83 35.53 -10.96
C LEU A 510 -29.47 35.28 -9.50
N PHE A 511 -28.93 34.11 -9.18
CA PHE A 511 -28.73 33.71 -7.79
C PHE A 511 -27.27 33.74 -7.38
N SER A 512 -26.51 34.71 -7.89
CA SER A 512 -25.13 34.91 -7.48
C SER A 512 -24.88 36.41 -7.44
N MET A 513 -24.73 36.95 -6.23
CA MET A 513 -24.64 38.40 -6.07
C MET A 513 -23.39 38.93 -6.76
N ARG A 514 -23.56 40.02 -7.51
CA ARG A 514 -22.46 40.64 -8.23
C ARG A 514 -22.67 42.14 -8.27
N SER A 515 -21.58 42.86 -8.48
CA SER A 515 -21.58 44.31 -8.52
C SER A 515 -21.42 44.77 -9.95
N PHE A 516 -22.21 45.76 -10.34
CA PHE A 516 -22.17 46.28 -11.71
C PHE A 516 -20.80 46.85 -12.01
N ILE A 517 -20.32 46.63 -13.23
CA ILE A 517 -18.96 46.97 -13.63
C ILE A 517 -19.00 47.82 -14.88
N LYS A 518 -17.89 48.51 -15.16
CA LYS A 518 -17.69 49.31 -16.36
C LYS A 518 -16.52 48.79 -17.16
N ILE A 519 -16.70 48.68 -18.48
CA ILE A 519 -15.62 48.49 -19.44
C ILE A 519 -15.89 49.39 -20.64
N GLU A 520 -14.94 49.43 -21.56
CA GLU A 520 -15.00 50.43 -22.63
C GLU A 520 -15.08 49.85 -24.03
N GLU A 521 -14.31 48.82 -24.35
CA GLU A 521 -14.23 48.34 -25.72
C GLU A 521 -15.53 47.65 -26.13
N ASP A 522 -16.03 48.00 -27.30
CA ASP A 522 -17.36 47.56 -27.71
C ASP A 522 -17.37 46.10 -28.12
N THR A 523 -17.27 45.20 -27.15
CA THR A 523 -17.44 43.77 -27.39
C THR A 523 -18.78 43.35 -26.82
N TRP A 524 -19.08 42.05 -26.83
CA TRP A 524 -20.31 41.62 -26.16
C TRP A 524 -20.17 41.71 -24.65
N GLN A 525 -18.94 41.78 -24.15
CA GLN A 525 -18.71 41.78 -22.71
C GLN A 525 -19.41 42.94 -22.03
N LYS A 526 -19.34 44.13 -22.63
CA LYS A 526 -20.00 45.30 -22.06
C LYS A 526 -21.46 45.03 -21.78
N TYR A 527 -22.22 44.74 -22.83
CA TYR A 527 -23.65 44.60 -22.65
C TYR A 527 -24.00 43.39 -21.80
N TYR A 528 -23.29 42.26 -21.99
CA TYR A 528 -23.61 41.07 -21.21
C TYR A 528 -23.38 41.30 -19.72
N LEU A 529 -22.26 41.93 -19.37
CA LEU A 529 -22.00 42.21 -17.96
C LEU A 529 -22.89 43.32 -17.43
N GLU A 530 -23.48 44.13 -18.32
CA GLU A 530 -24.32 45.23 -17.89
C GLU A 530 -25.52 44.76 -17.08
N GLY A 531 -25.96 43.53 -17.24
CA GLY A 531 -27.17 43.08 -16.57
C GLY A 531 -26.97 41.92 -15.62
N VAL A 532 -25.77 41.32 -15.65
CA VAL A 532 -25.55 40.14 -14.83
C VAL A 532 -25.69 40.46 -13.35
N SER A 533 -25.35 41.69 -12.95
CA SER A 533 -25.44 42.03 -11.54
C SER A 533 -26.88 42.15 -11.05
N ASN A 534 -27.86 42.17 -11.95
CA ASN A 534 -29.24 42.14 -11.52
C ASN A 534 -29.53 40.83 -10.81
N GLU A 535 -30.30 40.90 -9.74
CA GLU A 535 -30.59 39.74 -8.91
C GLU A 535 -32.05 39.78 -8.50
N MET A 536 -32.46 38.79 -7.71
CA MET A 536 -33.84 38.56 -7.32
C MET A 536 -34.02 38.86 -5.84
N TYR A 537 -34.99 39.68 -5.51
CA TYR A 537 -35.20 40.13 -4.14
C TYR A 537 -36.68 40.05 -3.79
N THR A 538 -36.96 40.30 -2.52
CA THR A 538 -38.26 40.05 -1.90
C THR A 538 -38.71 41.27 -1.14
N GLU A 539 -40.03 41.46 -1.04
CA GLU A 539 -40.59 42.61 -0.34
C GLU A 539 -42.09 42.44 -0.19
N TYR A 540 -42.62 42.87 0.94
CA TYR A 540 -44.06 42.99 1.09
C TYR A 540 -44.60 44.05 0.14
N LEU A 541 -45.69 43.73 -0.54
CA LEU A 541 -46.29 44.67 -1.48
C LEU A 541 -47.06 45.74 -0.72
N SER A 542 -46.84 46.99 -1.11
CA SER A 542 -47.42 48.12 -0.39
C SER A 542 -48.95 48.11 -0.48
N SER A 543 -49.58 48.40 0.65
CA SER A 543 -51.04 48.52 0.68
C SER A 543 -51.54 49.74 -0.07
N ALA A 544 -50.65 50.67 -0.44
CA ALA A 544 -51.07 51.82 -1.24
C ALA A 544 -51.70 51.36 -2.54
N PHE A 545 -51.19 50.30 -3.13
CA PHE A 545 -51.78 49.69 -4.32
C PHE A 545 -52.84 48.67 -3.92
N VAL A 546 -53.79 49.12 -3.11
CA VAL A 546 -54.76 48.20 -2.51
C VAL A 546 -55.63 47.54 -3.58
N GLY A 547 -56.20 48.34 -4.48
CA GLY A 547 -57.04 47.77 -5.52
C GLY A 547 -56.81 48.39 -6.88
N LEU A 548 -56.36 47.57 -7.83
CA LEU A 548 -56.16 47.96 -9.21
C LEU A 548 -55.76 46.70 -9.98
N SER A 549 -55.61 46.85 -11.29
CA SER A 549 -55.18 45.76 -12.15
C SER A 549 -53.67 45.59 -12.06
N PHE A 550 -53.24 44.34 -11.97
CA PHE A 550 -51.80 44.08 -11.92
C PHE A 550 -51.01 44.62 -13.11
N PRO A 551 -51.49 44.57 -14.37
CA PRO A 551 -50.66 45.13 -15.45
C PRO A 551 -50.37 46.60 -15.25
N THR A 552 -51.34 47.35 -14.69
CA THR A 552 -51.07 48.73 -14.33
C THR A 552 -49.99 48.81 -13.26
N VAL A 553 -49.95 47.84 -12.34
CA VAL A 553 -48.87 47.79 -11.36
C VAL A 553 -47.54 47.59 -12.05
N CYS A 554 -47.49 46.68 -13.02
CA CYS A 554 -46.26 46.44 -13.75
C CYS A 554 -45.80 47.70 -14.47
N GLU A 555 -46.73 48.38 -15.14
CA GLU A 555 -46.39 49.59 -15.85
C GLU A 555 -45.91 50.67 -14.91
N LEU A 556 -46.56 50.81 -13.76
CA LEU A 556 -46.13 51.78 -12.76
C LEU A 556 -44.72 51.46 -12.28
N CYS A 557 -44.44 50.19 -12.02
CA CYS A 557 -43.11 49.78 -11.55
C CYS A 557 -42.05 50.06 -12.61
N PHE A 558 -42.38 49.80 -13.87
CA PHE A 558 -41.36 50.00 -14.90
C PHE A 558 -41.25 51.44 -15.36
N VAL A 559 -42.22 52.30 -15.03
CA VAL A 559 -42.14 53.70 -15.40
C VAL A 559 -41.54 54.54 -14.29
N LYS A 560 -42.11 54.47 -13.08
CA LYS A 560 -41.62 55.27 -11.96
C LYS A 560 -40.72 54.49 -11.02
N LEU A 561 -41.04 53.22 -10.75
CA LEU A 561 -40.22 52.45 -9.82
C LEU A 561 -38.94 51.93 -10.47
N LYS A 562 -38.89 51.89 -11.81
CA LYS A 562 -37.80 51.26 -12.53
C LYS A 562 -37.57 49.83 -12.02
N LEU A 563 -38.67 49.11 -11.83
CA LEU A 563 -38.66 47.82 -11.17
C LEU A 563 -39.49 46.82 -11.95
N LEU A 564 -39.08 45.56 -11.93
CA LEU A 564 -39.76 44.48 -12.61
C LEU A 564 -40.14 43.39 -11.62
N MET A 565 -41.26 42.72 -11.88
CA MET A 565 -41.72 41.62 -11.03
C MET A 565 -42.06 40.40 -11.88
N ILE A 566 -41.83 39.23 -11.30
CA ILE A 566 -42.13 37.97 -11.97
C ILE A 566 -43.46 37.40 -11.49
N ALA A 567 -43.60 37.23 -10.17
CA ALA A 567 -44.66 36.39 -9.63
C ALA A 567 -45.04 36.89 -8.26
N ILE A 568 -46.17 36.40 -7.75
CA ILE A 568 -46.65 36.71 -6.42
C ILE A 568 -47.04 35.42 -5.70
N GLU A 569 -46.77 35.38 -4.41
CA GLU A 569 -47.24 34.32 -3.53
C GLU A 569 -48.67 34.58 -3.09
N TYR A 570 -49.40 33.50 -2.84
CA TYR A 570 -50.80 33.57 -2.47
C TYR A 570 -51.04 32.73 -1.22
N LYS A 571 -51.78 33.30 -0.27
CA LYS A 571 -52.01 32.69 1.03
C LYS A 571 -53.47 32.24 1.14
N SER A 572 -53.66 31.04 1.65
CA SER A 572 -54.97 30.46 1.86
C SER A 572 -54.87 29.52 3.07
N ALA A 573 -55.83 28.59 3.19
CA ALA A 573 -55.66 27.52 4.17
C ALA A 573 -54.35 26.78 3.95
N ASN A 574 -53.88 26.72 2.72
CA ASN A 574 -52.53 26.27 2.40
C ASN A 574 -51.93 27.23 1.38
N ARG A 575 -50.60 27.34 1.40
CA ARG A 575 -49.90 28.35 0.62
C ARG A 575 -49.76 27.93 -0.84
N GLU A 576 -49.47 28.92 -1.68
CA GLU A 576 -49.14 28.65 -3.08
C GLU A 576 -48.44 29.87 -3.65
N SER A 577 -48.04 29.77 -4.92
CA SER A 577 -47.40 30.87 -5.63
C SER A 577 -47.78 30.81 -7.09
N ARG A 578 -48.13 31.95 -7.67
CA ARG A 578 -48.59 32.01 -9.05
C ARG A 578 -47.48 32.58 -9.93
N ILE A 579 -47.14 31.85 -10.99
CA ILE A 579 -45.99 32.23 -11.82
C ILE A 579 -46.21 33.59 -12.46
N LEU A 580 -47.39 33.81 -13.03
CA LEU A 580 -47.71 35.10 -13.64
C LEU A 580 -49.19 35.37 -13.44
N ILE A 581 -49.51 36.63 -13.18
CA ILE A 581 -50.85 36.99 -12.78
C ILE A 581 -51.73 37.06 -14.02
N ASN A 582 -53.02 36.76 -13.86
CA ASN A 582 -53.96 36.83 -14.96
C ASN A 582 -55.26 37.49 -14.50
N PRO A 583 -55.87 38.33 -15.34
CA PRO A 583 -57.10 39.02 -14.95
C PRO A 583 -58.25 38.02 -14.81
N GLY A 584 -59.39 38.53 -14.38
CA GLY A 584 -60.58 37.71 -14.21
C GLY A 584 -60.52 36.71 -13.07
N ASN A 585 -59.34 36.48 -12.51
CA ASN A 585 -59.18 35.54 -11.39
C ASN A 585 -58.74 36.23 -10.11
N HIS A 586 -57.67 37.03 -10.17
CA HIS A 586 -57.20 37.81 -9.02
C HIS A 586 -56.82 39.21 -9.52
N LEU A 587 -57.80 40.11 -9.56
CA LEU A 587 -57.54 41.47 -9.96
C LEU A 587 -56.63 42.17 -8.95
N LYS A 588 -56.93 42.04 -7.67
CA LYS A 588 -56.13 42.61 -6.59
C LYS A 588 -56.37 41.78 -5.34
N ILE A 589 -55.33 41.64 -4.53
CA ILE A 589 -55.41 40.79 -3.36
C ILE A 589 -55.50 41.65 -2.10
N GLN A 590 -54.92 42.85 -2.15
CA GLN A 590 -55.07 43.93 -1.17
C GLN A 590 -54.62 43.53 0.23
N GLU A 591 -54.13 42.29 0.39
CA GLU A 591 -53.67 41.83 1.69
C GLU A 591 -52.30 42.39 2.03
N GLY A 592 -51.58 42.90 1.04
CA GLY A 592 -50.17 43.18 1.20
C GLY A 592 -49.27 42.00 0.93
N THR A 593 -49.76 41.01 0.18
CA THR A 593 -49.00 39.79 -0.05
C THR A 593 -47.65 40.10 -0.68
N LEU A 594 -46.64 39.40 -0.20
CA LEU A 594 -45.28 39.61 -0.67
C LEU A 594 -45.15 39.25 -2.14
N GLY A 595 -44.29 39.98 -2.84
CA GLY A 595 -44.06 39.74 -4.25
C GLY A 595 -42.59 39.85 -4.57
N PHE A 596 -42.17 39.03 -5.54
CA PHE A 596 -40.76 38.96 -5.90
C PHE A 596 -40.43 40.03 -6.92
N PHE A 597 -39.15 40.37 -7.03
CA PHE A 597 -38.72 41.42 -7.94
C PHE A 597 -37.29 41.15 -8.41
N ILE A 598 -36.91 41.81 -9.49
CA ILE A 598 -35.56 41.73 -10.03
C ILE A 598 -35.02 43.15 -10.16
N ALA A 599 -33.82 43.38 -9.62
CA ALA A 599 -33.19 44.69 -9.73
C ALA A 599 -31.73 44.55 -9.28
N SER A 600 -31.02 45.67 -9.32
CA SER A 600 -29.59 45.64 -9.03
C SER A 600 -29.32 45.52 -7.54
N ASP A 601 -30.22 46.05 -6.71
CA ASP A 601 -29.92 46.19 -5.28
C ASP A 601 -31.21 46.15 -4.47
N ALA A 602 -31.09 45.61 -3.26
CA ALA A 602 -32.25 45.51 -2.37
C ALA A 602 -32.69 46.88 -1.85
N LYS A 603 -31.73 47.73 -1.48
CA LYS A 603 -32.09 49.06 -0.99
C LYS A 603 -32.89 49.81 -2.04
N GLU A 604 -32.62 49.55 -3.32
CA GLU A 604 -33.41 50.16 -4.38
C GLU A 604 -34.79 49.54 -4.45
N VAL A 605 -34.90 48.20 -4.42
CA VAL A 605 -36.21 47.59 -4.60
C VAL A 605 -37.13 47.95 -3.44
N LYS A 606 -36.58 48.27 -2.27
CA LYS A 606 -37.42 48.61 -1.12
C LYS A 606 -38.40 49.74 -1.40
N ARG A 607 -38.26 50.44 -2.52
CA ARG A 607 -39.22 51.48 -2.86
C ARG A 607 -40.63 50.90 -2.86
N ALA A 608 -41.45 51.38 -1.93
CA ALA A 608 -42.84 51.00 -1.83
C ALA A 608 -43.56 52.09 -1.05
N PHE A 609 -44.79 51.82 -0.65
CA PHE A 609 -45.55 52.71 0.22
C PHE A 609 -45.76 54.05 -0.49
N PHE A 610 -46.27 53.97 -1.71
CA PHE A 610 -46.12 55.04 -2.70
C PHE A 610 -47.42 55.84 -2.82
N TYR A 611 -47.30 57.15 -2.64
CA TYR A 611 -48.39 58.09 -2.92
C TYR A 611 -47.86 59.50 -2.82
N CYS A 612 -48.47 60.41 -3.60
CA CYS A 612 -48.12 61.83 -3.60
C CYS A 612 -46.63 62.04 -3.88
N LYS A 613 -46.09 61.24 -4.80
CA LYS A 613 -44.71 61.38 -5.25
C LYS A 613 -44.72 61.41 -6.79
N ALA A 614 -44.92 62.60 -7.35
CA ALA A 614 -44.99 62.72 -8.81
C ALA A 614 -43.64 62.46 -9.45
N CYS A 615 -42.58 63.08 -8.92
CA CYS A 615 -41.22 62.92 -9.43
C CYS A 615 -41.14 63.19 -10.94
N ASN A 740 -64.24 9.34 -19.74
CA ASN A 740 -63.68 9.05 -21.09
C ASN A 740 -62.53 8.05 -20.94
N VAL A 741 -61.31 8.50 -21.18
CA VAL A 741 -60.11 7.61 -21.08
C VAL A 741 -58.96 8.41 -20.45
N LYS A 742 -57.86 7.74 -20.12
CA LYS A 742 -56.75 8.42 -19.39
C LYS A 742 -56.24 9.62 -20.17
N LYS A 743 -56.17 10.77 -19.51
CA LYS A 743 -55.63 12.00 -20.13
C LYS A 743 -54.96 12.76 -18.99
N TYR A 744 -53.90 13.49 -19.28
CA TYR A 744 -53.28 14.31 -18.21
C TYR A 744 -52.94 13.36 -17.05
N ASP A 745 -53.20 13.76 -15.80
CA ASP A 745 -52.91 12.91 -14.60
C ASP A 745 -53.76 13.32 -13.40
N SER A 746 -53.81 12.47 -12.38
CA SER A 746 -54.65 12.76 -11.19
C SER A 746 -54.14 14.06 -10.59
N THR A 747 -52.83 14.18 -10.52
CA THR A 747 -52.27 15.43 -9.99
C THR A 747 -52.60 16.58 -10.93
N GLY A 748 -52.58 16.35 -12.24
CA GLY A 748 -52.78 17.46 -13.18
C GLY A 748 -51.49 18.22 -13.52
N MET A 749 -50.33 17.60 -13.27
CA MET A 749 -49.04 18.26 -13.63
C MET A 749 -48.33 17.51 -14.76
N PHE A 750 -48.72 16.27 -15.03
CA PHE A 750 -48.01 15.46 -16.05
C PHE A 750 -49.03 14.71 -16.92
N HIS A 751 -48.71 14.35 -18.18
CA HIS A 751 -49.62 13.52 -19.01
C HIS A 751 -49.45 12.04 -18.62
N TRP A 752 -50.46 11.19 -18.83
CA TRP A 752 -50.32 9.79 -18.33
C TRP A 752 -50.74 8.76 -19.37
N CYS A 753 -50.19 7.54 -19.27
CA CYS A 753 -50.55 6.44 -20.19
C CYS A 753 -50.22 5.10 -19.52
N ALA A 754 -50.62 3.98 -20.14
CA ALA A 754 -50.37 2.64 -19.56
C ALA A 754 -48.91 2.24 -19.71
N PRO A 755 -48.37 1.41 -18.81
CA PRO A 755 -46.98 0.96 -18.88
C PRO A 755 -46.70 0.09 -20.10
N LYS A 756 -45.47 0.15 -20.61
CA LYS A 756 -45.12 -0.59 -21.84
C LYS A 756 -43.88 -1.43 -21.60
N GLU A 757 -43.72 -2.52 -22.36
CA GLU A 757 -42.52 -3.33 -22.26
C GLU A 757 -41.35 -2.62 -22.94
N ILE A 758 -40.19 -3.28 -22.93
CA ILE A 758 -39.00 -2.64 -23.47
C ILE A 758 -38.78 -3.00 -24.94
N GLU A 759 -39.17 -4.21 -25.36
CA GLU A 759 -38.98 -4.57 -26.76
C GLU A 759 -39.81 -3.68 -27.69
N LYS A 760 -41.05 -3.40 -27.30
CA LYS A 760 -41.98 -2.73 -28.21
C LYS A 760 -41.59 -1.29 -28.50
N VAL A 761 -40.53 -0.79 -27.89
CA VAL A 761 -40.07 0.57 -28.14
C VAL A 761 -38.65 0.61 -28.68
N ILE A 762 -37.81 -0.40 -28.38
CA ILE A 762 -36.45 -0.41 -28.90
C ILE A 762 -36.47 -0.34 -30.42
N LEU A 763 -35.89 0.73 -30.97
CA LEU A 763 -35.79 0.92 -32.39
C LEU A 763 -34.47 0.39 -32.89
N THR A 764 -34.45 -0.14 -34.14
CA THR A 764 -33.18 -0.60 -34.76
C THR A 764 -32.71 0.47 -35.77
N ARG A 765 -31.44 0.45 -36.16
CA ARG A 765 -30.91 1.55 -37.01
C ARG A 765 -31.66 1.61 -38.33
N SER A 766 -31.95 0.46 -38.91
CA SER A 766 -32.58 0.51 -40.25
C SER A 766 -33.92 1.22 -40.16
N GLU A 767 -34.73 0.89 -39.14
CA GLU A 767 -36.09 1.47 -39.09
C GLU A 767 -36.00 2.95 -38.75
N ALA A 768 -34.85 3.38 -38.26
CA ALA A 768 -34.70 4.82 -38.00
C ALA A 768 -34.89 5.52 -39.34
N ALA A 769 -34.40 4.89 -40.40
CA ALA A 769 -34.48 5.55 -41.71
C ALA A 769 -35.95 5.79 -42.04
N MET A 770 -36.78 4.77 -41.81
CA MET A 770 -38.20 4.92 -42.20
C MET A 770 -38.84 6.04 -41.39
N THR A 771 -38.56 6.11 -40.08
CA THR A 771 -39.28 7.10 -39.23
C THR A 771 -38.81 8.52 -39.56
N VAL A 772 -39.70 9.49 -39.37
CA VAL A 772 -39.32 10.90 -39.60
C VAL A 772 -39.46 11.65 -38.28
N LEU A 773 -38.43 12.39 -37.90
CA LEU A 773 -38.44 13.12 -36.61
C LEU A 773 -38.20 14.58 -36.91
N SER A 774 -38.87 15.49 -36.21
CA SER A 774 -38.59 16.94 -36.42
C SER A 774 -38.50 17.66 -35.07
N GLY A 775 -37.56 18.59 -34.96
CA GLY A 775 -37.43 19.38 -33.71
C GLY A 775 -37.26 18.44 -32.54
N HIS A 776 -36.56 17.34 -32.73
CA HIS A 776 -36.47 16.35 -31.64
C HIS A 776 -35.36 16.72 -30.68
N VAL A 777 -35.41 16.19 -29.45
CA VAL A 777 -34.29 16.40 -28.49
C VAL A 777 -33.61 15.05 -28.30
N VAL A 778 -32.31 15.00 -28.49
CA VAL A 778 -31.60 13.69 -28.43
C VAL A 778 -30.64 13.72 -27.24
N VAL A 779 -30.71 12.71 -26.39
CA VAL A 779 -29.83 12.63 -25.20
C VAL A 779 -28.82 11.53 -25.48
N CYS A 780 -27.54 11.81 -25.33
CA CYS A 780 -26.52 10.78 -25.67
C CYS A 780 -25.96 10.21 -24.38
N ILE A 781 -26.73 9.39 -23.68
CA ILE A 781 -26.31 8.93 -22.36
C ILE A 781 -25.04 8.10 -22.57
N PHE A 782 -23.90 8.66 -22.19
CA PHE A 782 -22.64 8.05 -22.58
C PHE A 782 -22.25 6.86 -21.72
N GLY A 783 -22.77 6.77 -20.49
CA GLY A 783 -22.27 5.80 -19.54
C GLY A 783 -22.57 4.37 -19.93
N ASP A 784 -22.38 3.48 -18.96
CA ASP A 784 -22.62 2.06 -19.17
C ASP A 784 -22.86 1.39 -17.82
N VAL A 785 -22.91 0.06 -17.82
CA VAL A 785 -23.24 -0.73 -16.65
C VAL A 785 -22.06 -0.66 -15.67
N SER A 786 -22.29 -1.10 -14.44
CA SER A 786 -21.29 -1.03 -13.37
C SER A 786 -20.83 0.41 -13.14
N SER A 787 -21.81 1.30 -12.98
CA SER A 787 -21.54 2.71 -12.77
C SER A 787 -22.67 3.31 -11.93
N ALA A 788 -22.66 4.63 -11.80
CA ALA A 788 -23.63 5.32 -10.97
C ALA A 788 -25.01 5.27 -11.63
N LEU A 789 -25.96 5.92 -10.99
CA LEU A 789 -27.35 5.95 -11.44
C LEU A 789 -27.83 7.40 -11.44
N ILE A 790 -28.06 7.96 -12.63
CA ILE A 790 -28.53 9.33 -12.72
C ILE A 790 -30.05 9.36 -12.81
N GLY A 791 -30.64 10.39 -12.23
CA GLY A 791 -32.08 10.48 -12.11
C GLY A 791 -32.78 10.98 -13.35
N LEU A 792 -32.93 10.10 -14.35
CA LEU A 792 -33.45 10.55 -15.64
C LEU A 792 -34.87 11.06 -15.53
N ARG A 793 -35.57 10.78 -14.43
CA ARG A 793 -36.96 11.22 -14.34
C ARG A 793 -37.06 12.73 -14.46
N ASN A 794 -36.21 13.46 -13.71
CA ASN A 794 -36.34 14.90 -13.65
C ASN A 794 -36.16 15.54 -15.02
N LEU A 795 -35.27 14.99 -15.85
CA LEU A 795 -35.06 15.55 -17.18
C LEU A 795 -36.35 15.55 -17.99
N VAL A 796 -37.07 14.42 -17.99
CA VAL A 796 -38.26 14.33 -18.82
C VAL A 796 -39.50 14.91 -18.16
N MET A 797 -39.48 15.13 -16.85
CA MET A 797 -40.69 15.64 -16.20
C MET A 797 -41.18 16.95 -16.82
N PRO A 798 -40.42 18.06 -16.80
CA PRO A 798 -40.97 19.30 -17.37
C PRO A 798 -41.28 19.18 -18.85
N LEU A 799 -40.60 18.28 -19.56
CA LEU A 799 -40.90 18.10 -20.98
C LEU A 799 -42.35 17.70 -21.19
N ARG A 800 -42.84 16.74 -20.40
CA ARG A 800 -44.20 16.24 -20.52
C ARG A 800 -45.17 17.00 -19.65
N ALA A 801 -44.86 18.28 -19.36
CA ALA A 801 -45.74 19.08 -18.53
C ALA A 801 -47.15 19.11 -19.09
N SER A 802 -48.13 18.89 -18.22
CA SER A 802 -49.52 18.88 -18.66
C SER A 802 -49.96 20.23 -19.18
N ASN A 803 -49.21 21.29 -18.88
CA ASN A 803 -49.58 22.62 -19.36
C ASN A 803 -49.34 22.76 -20.86
N PHE A 804 -48.46 21.95 -21.42
CA PHE A 804 -48.22 21.98 -22.86
C PHE A 804 -49.37 21.33 -23.61
N HIS A 805 -49.83 22.01 -24.65
CA HIS A 805 -50.86 21.45 -25.52
C HIS A 805 -50.31 20.22 -26.22
N TYR A 806 -51.19 19.24 -26.46
CA TYR A 806 -50.73 17.95 -26.96
C TYR A 806 -50.16 18.05 -28.37
N HIS A 807 -50.89 18.70 -29.28
CA HIS A 807 -50.50 18.64 -30.68
C HIS A 807 -49.16 19.33 -30.93
N GLU A 808 -48.68 20.10 -29.95
CA GLU A 808 -47.36 20.71 -30.04
C GLU A 808 -46.38 20.16 -29.00
N LEU A 809 -46.60 18.95 -28.49
CA LEU A 809 -45.64 18.36 -27.57
C LEU A 809 -44.33 18.09 -28.31
N LYS A 810 -43.23 18.10 -27.57
CA LYS A 810 -41.95 17.75 -28.16
C LYS A 810 -41.65 16.26 -27.97
N HIS A 811 -40.88 15.72 -28.91
CA HIS A 811 -40.49 14.32 -28.89
C HIS A 811 -39.06 14.18 -28.38
N ILE A 812 -38.75 13.01 -27.84
CA ILE A 812 -37.47 12.73 -27.22
C ILE A 812 -36.91 11.44 -27.80
N VAL A 813 -35.60 11.39 -27.99
CA VAL A 813 -34.94 10.14 -28.35
C VAL A 813 -33.68 9.96 -27.51
N PHE A 814 -33.54 8.80 -26.87
CA PHE A 814 -32.34 8.46 -26.12
C PHE A 814 -31.41 7.62 -26.98
N VAL A 815 -30.11 7.84 -26.82
CA VAL A 815 -29.10 7.09 -27.56
C VAL A 815 -28.03 6.63 -26.58
N GLY A 816 -27.68 5.36 -26.66
CA GLY A 816 -26.61 4.86 -25.79
C GLY A 816 -26.46 3.35 -25.91
N SER A 817 -25.97 2.75 -24.83
CA SER A 817 -25.83 1.30 -24.76
C SER A 817 -26.97 0.73 -23.93
N ILE A 818 -27.63 -0.29 -24.47
CA ILE A 818 -28.88 -0.77 -23.89
C ILE A 818 -28.69 -1.26 -22.46
N GLU A 819 -27.51 -1.81 -22.16
CA GLU A 819 -27.27 -2.39 -20.84
C GLU A 819 -27.46 -1.34 -19.75
N TYR A 820 -26.91 -0.15 -19.94
CA TYR A 820 -27.00 0.87 -18.90
C TYR A 820 -28.45 1.27 -18.66
N LEU A 821 -29.10 1.84 -19.68
CA LEU A 821 -30.42 2.38 -19.43
C LEU A 821 -31.47 1.31 -19.21
N LYS A 822 -31.13 0.03 -19.42
CA LYS A 822 -32.03 -1.01 -18.96
C LYS A 822 -32.26 -0.93 -17.46
N ARG A 823 -31.20 -0.62 -16.71
CA ARG A 823 -31.31 -0.54 -15.25
C ARG A 823 -32.23 0.57 -14.80
N GLU A 824 -32.56 1.51 -15.68
CA GLU A 824 -33.41 2.63 -15.32
C GLU A 824 -34.69 2.70 -16.13
N TRP A 825 -34.86 1.81 -17.11
CA TRP A 825 -36.02 1.90 -18.00
C TRP A 825 -37.32 1.90 -17.22
N GLU A 826 -37.41 1.10 -16.16
CA GLU A 826 -38.64 1.06 -15.37
C GLU A 826 -38.92 2.40 -14.69
N THR A 827 -37.88 3.19 -14.44
CA THR A 827 -38.07 4.44 -13.71
C THR A 827 -38.99 5.39 -14.47
N LEU A 828 -38.81 5.50 -15.80
CA LEU A 828 -39.58 6.41 -16.61
C LEU A 828 -40.41 5.68 -17.68
N HIS A 829 -40.57 4.36 -17.53
CA HIS A 829 -41.22 3.58 -18.57
C HIS A 829 -42.61 4.10 -18.90
N ASN A 830 -43.29 4.70 -17.92
CA ASN A 830 -44.70 5.00 -18.05
C ASN A 830 -44.96 6.36 -18.70
N PHE A 831 -43.92 7.08 -19.07
CA PHE A 831 -44.09 8.35 -19.76
C PHE A 831 -44.49 8.14 -21.21
N PRO A 832 -45.06 9.16 -21.86
CA PRO A 832 -45.47 9.02 -23.26
C PRO A 832 -44.38 9.35 -24.26
N LYS A 833 -44.36 8.59 -25.35
CA LYS A 833 -43.60 8.91 -26.56
C LYS A 833 -42.11 9.04 -26.27
N VAL A 834 -41.51 7.90 -25.92
CA VAL A 834 -40.07 7.80 -25.75
C VAL A 834 -39.54 6.71 -26.68
N SER A 835 -38.21 6.66 -26.79
CA SER A 835 -37.57 5.69 -27.67
C SER A 835 -36.13 5.50 -27.24
N ILE A 836 -35.54 4.40 -27.68
CA ILE A 836 -34.18 4.03 -27.33
C ILE A 836 -33.43 3.59 -28.56
N LEU A 837 -32.18 4.05 -28.71
CA LEU A 837 -31.34 3.62 -29.81
C LEU A 837 -30.01 3.08 -29.30
N PRO A 838 -29.76 1.79 -29.48
CA PRO A 838 -28.46 1.22 -29.10
C PRO A 838 -27.34 1.80 -29.94
N GLY A 839 -26.15 1.80 -29.35
CA GLY A 839 -24.98 2.30 -30.03
C GLY A 839 -24.09 3.15 -29.14
N THR A 840 -23.40 4.13 -29.74
CA THR A 840 -22.49 4.98 -29.02
C THR A 840 -22.49 6.33 -29.73
N PRO A 841 -22.60 7.44 -29.00
CA PRO A 841 -22.72 8.75 -29.67
C PRO A 841 -21.52 9.10 -30.52
N LEU A 842 -20.43 8.36 -30.41
CA LEU A 842 -19.26 8.64 -31.24
C LEU A 842 -19.49 8.23 -32.69
N SER A 843 -20.32 7.21 -32.91
CA SER A 843 -20.51 6.68 -34.26
C SER A 843 -21.17 7.73 -35.14
N ARG A 844 -20.44 8.21 -36.13
CA ARG A 844 -20.97 9.24 -37.01
C ARG A 844 -22.24 8.77 -37.71
N ALA A 845 -22.21 7.56 -38.29
CA ALA A 845 -23.36 7.06 -39.01
C ALA A 845 -24.55 6.83 -38.09
N ASP A 846 -24.31 6.23 -36.93
CA ASP A 846 -25.43 5.90 -36.05
C ASP A 846 -26.16 7.16 -35.62
N LEU A 847 -25.41 8.20 -35.26
CA LEU A 847 -26.05 9.47 -34.93
C LEU A 847 -26.71 10.07 -36.16
N ARG A 848 -26.15 9.83 -37.36
CA ARG A 848 -26.77 10.35 -38.56
C ARG A 848 -28.17 9.77 -38.76
N ALA A 849 -28.45 8.61 -38.17
CA ALA A 849 -29.75 7.98 -38.36
C ALA A 849 -30.87 8.90 -37.88
N VAL A 850 -30.77 9.39 -36.65
CA VAL A 850 -31.70 10.42 -36.19
C VAL A 850 -31.38 11.71 -36.92
N ASN A 851 -32.40 12.32 -37.51
CA ASN A 851 -32.19 13.46 -38.39
C ASN A 851 -31.83 14.67 -37.53
N ILE A 852 -30.60 14.65 -37.01
CA ILE A 852 -30.12 15.72 -36.14
C ILE A 852 -30.03 17.04 -36.89
N ASN A 853 -30.13 17.03 -38.22
CA ASN A 853 -30.24 18.28 -38.96
C ASN A 853 -31.43 19.10 -38.48
N LEU A 854 -32.62 18.58 -38.69
CA LEU A 854 -33.83 19.27 -38.27
C LEU A 854 -34.14 18.99 -36.80
N CYS A 855 -33.13 19.17 -35.95
CA CYS A 855 -33.27 18.94 -34.53
C CYS A 855 -33.73 20.21 -33.83
N ASP A 856 -33.85 20.12 -32.51
CA ASP A 856 -34.05 21.31 -31.69
C ASP A 856 -33.15 21.37 -30.47
N MET A 857 -32.56 20.25 -30.04
CA MET A 857 -31.64 20.29 -28.91
C MET A 857 -30.95 18.94 -28.77
N CYS A 858 -29.68 18.99 -28.40
CA CYS A 858 -28.89 17.82 -28.03
C CYS A 858 -28.36 18.01 -26.62
N VAL A 859 -28.35 16.93 -25.84
CA VAL A 859 -27.76 16.98 -24.50
C VAL A 859 -26.77 15.84 -24.35
N ILE A 860 -25.66 16.14 -23.67
CA ILE A 860 -24.53 15.23 -23.54
C ILE A 860 -24.27 15.12 -22.04
N LEU A 861 -24.81 14.10 -21.40
CA LEU A 861 -24.57 13.89 -19.98
C LEU A 861 -23.40 12.94 -19.80
N SER A 862 -23.16 12.51 -18.57
CA SER A 862 -22.07 11.59 -18.28
C SER A 862 -22.34 10.91 -16.95
N ALA A 863 -21.73 9.77 -16.77
CA ALA A 863 -21.92 9.04 -15.51
C ALA A 863 -20.61 8.63 -14.85
N ASN A 864 -19.62 8.23 -15.63
CA ASN A 864 -18.41 7.63 -15.08
C ASN A 864 -17.40 8.65 -14.58
N GLN A 865 -17.71 9.95 -14.68
CA GLN A 865 -16.78 11.00 -14.29
C GLN A 865 -16.38 10.90 -12.82
N ASN A 866 -17.23 10.31 -11.99
CA ASN A 866 -17.00 10.26 -10.56
C ASN A 866 -16.21 9.03 -10.11
N ASN A 867 -15.40 8.46 -11.00
CA ASN A 867 -14.62 7.27 -10.68
C ASN A 867 -13.13 7.38 -10.98
N ILE A 868 -12.75 8.20 -11.95
CA ILE A 868 -11.34 8.29 -12.33
C ILE A 868 -10.58 9.13 -11.33
N ASP A 869 -9.39 8.66 -10.94
CA ASP A 869 -8.55 9.39 -10.00
C ASP A 869 -8.08 10.72 -10.60
N ASP A 870 -7.70 10.72 -11.88
CA ASP A 870 -7.19 11.90 -12.55
C ASP A 870 -8.36 12.68 -13.13
N THR A 871 -8.55 13.91 -12.64
CA THR A 871 -9.70 14.71 -13.06
C THR A 871 -9.58 15.11 -14.53
N SER A 872 -8.36 15.37 -15.01
CA SER A 872 -8.18 15.78 -16.40
C SER A 872 -8.58 14.68 -17.36
N LEU A 873 -8.70 13.45 -16.88
CA LEU A 873 -9.08 12.34 -17.76
C LEU A 873 -10.54 12.45 -18.17
N GLN A 874 -11.46 12.42 -17.21
CA GLN A 874 -12.88 12.44 -17.57
C GLN A 874 -13.24 13.76 -18.22
N ASP A 875 -14.43 13.79 -18.83
CA ASP A 875 -14.94 14.81 -19.74
C ASP A 875 -14.33 14.64 -21.12
N LYS A 876 -13.45 13.65 -21.31
CA LYS A 876 -12.91 13.37 -22.65
C LYS A 876 -14.03 13.02 -23.63
N GLU A 877 -14.97 12.19 -23.19
CA GLU A 877 -16.05 11.75 -24.06
C GLU A 877 -16.96 12.90 -24.43
N CYS A 878 -17.32 13.74 -23.45
CA CYS A 878 -18.26 14.81 -23.71
C CYS A 878 -17.68 15.80 -24.71
N ILE A 879 -16.42 16.20 -24.49
CA ILE A 879 -15.76 17.13 -25.40
C ILE A 879 -15.64 16.51 -26.78
N LEU A 880 -15.17 15.26 -26.84
CA LEU A 880 -14.94 14.62 -28.13
C LEU A 880 -16.23 14.53 -28.93
N ALA A 881 -17.31 14.09 -28.28
CA ALA A 881 -18.60 14.03 -28.95
C ALA A 881 -19.06 15.41 -29.38
N SER A 882 -18.80 16.42 -28.55
CA SER A 882 -19.24 17.76 -28.88
C SER A 882 -18.61 18.23 -30.20
N LEU A 883 -17.29 18.14 -30.32
CA LEU A 883 -16.71 18.55 -31.60
C LEU A 883 -17.09 17.60 -32.72
N ASN A 884 -17.30 16.31 -32.42
CA ASN A 884 -17.67 15.38 -33.48
C ASN A 884 -18.98 15.81 -34.12
N ILE A 885 -19.97 16.17 -33.30
CA ILE A 885 -21.20 16.72 -33.87
C ILE A 885 -20.92 18.07 -34.51
N LYS A 886 -20.03 18.85 -33.91
CA LYS A 886 -19.80 20.23 -34.38
C LYS A 886 -19.25 20.26 -35.79
N SER A 887 -18.46 19.27 -36.18
CA SER A 887 -17.76 19.30 -37.46
C SER A 887 -18.33 18.32 -38.47
N MET A 888 -19.46 17.70 -38.17
CA MET A 888 -20.04 16.67 -39.02
C MET A 888 -20.72 17.30 -40.22
N GLN A 889 -20.10 17.20 -41.39
CA GLN A 889 -20.67 17.75 -42.61
C GLN A 889 -21.95 17.01 -42.99
N PHE A 890 -22.84 17.70 -43.71
CA PHE A 890 -24.17 17.20 -44.04
C PHE A 890 -24.46 17.35 -45.51
N ASP A 891 -25.25 16.42 -46.05
CA ASP A 891 -25.85 16.62 -47.36
C ASP A 891 -26.97 17.65 -47.25
N ASP A 892 -27.28 18.31 -48.36
CA ASP A 892 -28.33 19.32 -48.36
C ASP A 892 -29.69 18.68 -48.50
N SER A 927 -32.75 23.17 -43.76
CA SER A 927 -31.81 23.70 -44.75
C SER A 927 -30.58 24.25 -44.06
N ILE A 928 -30.02 23.48 -43.14
CA ILE A 928 -28.82 23.86 -42.41
C ILE A 928 -27.70 22.90 -42.81
N THR A 929 -26.58 23.45 -43.28
CA THR A 929 -25.50 22.65 -43.83
C THR A 929 -24.28 22.56 -42.93
N THR A 930 -23.79 23.69 -42.40
CA THR A 930 -22.60 23.67 -41.59
C THR A 930 -22.90 23.07 -40.21
N GLY A 931 -21.89 22.47 -39.61
CA GLY A 931 -22.03 21.84 -38.33
C GLY A 931 -22.03 22.75 -37.14
N VAL A 932 -22.05 24.07 -37.35
CA VAL A 932 -22.05 24.99 -36.22
C VAL A 932 -23.47 25.37 -35.82
N ASN A 933 -24.40 25.36 -36.78
CA ASN A 933 -25.75 25.82 -36.49
C ASN A 933 -26.50 24.84 -35.60
N ILE A 934 -25.97 23.63 -35.44
CA ILE A 934 -26.66 22.68 -34.56
C ILE A 934 -26.48 23.13 -33.12
N PRO A 935 -27.55 23.41 -32.39
CA PRO A 935 -27.40 23.83 -30.99
C PRO A 935 -27.10 22.62 -30.12
N ILE A 936 -26.13 22.79 -29.22
CA ILE A 936 -25.69 21.73 -28.33
C ILE A 936 -25.47 22.31 -26.94
N ILE A 937 -25.97 21.62 -25.92
CA ILE A 937 -25.76 21.99 -24.53
C ILE A 937 -25.20 20.78 -23.81
N THR A 938 -24.02 20.93 -23.22
CA THR A 938 -23.31 19.83 -22.60
C THR A 938 -23.21 20.04 -21.10
N GLU A 939 -22.51 19.11 -20.46
CA GLU A 939 -22.25 19.16 -19.03
C GLU A 939 -20.76 18.90 -18.79
N LEU A 940 -20.23 19.52 -17.74
CA LEU A 940 -18.83 19.36 -17.39
C LEU A 940 -18.71 19.26 -15.89
N VAL A 941 -17.66 18.59 -15.42
CA VAL A 941 -17.46 18.39 -14.00
C VAL A 941 -16.25 19.14 -13.46
N ASN A 942 -15.19 19.28 -14.23
CA ASN A 942 -14.06 20.13 -13.86
C ASN A 942 -14.17 21.38 -14.73
N ASP A 943 -14.74 22.43 -14.14
CA ASP A 943 -15.15 23.60 -14.92
C ASP A 943 -14.03 24.19 -15.74
N THR A 944 -12.78 24.09 -15.25
CA THR A 944 -11.67 24.67 -15.98
C THR A 944 -11.55 24.07 -17.37
N ASN A 945 -12.07 22.87 -17.58
CA ASN A 945 -12.00 22.23 -18.89
C ASN A 945 -12.87 22.92 -19.93
N VAL A 946 -13.57 24.00 -19.58
CA VAL A 946 -14.47 24.63 -20.52
C VAL A 946 -13.74 25.20 -21.73
N GLN A 947 -12.49 25.63 -21.56
CA GLN A 947 -11.78 26.35 -22.61
C GLN A 947 -11.66 25.54 -23.89
N PHE A 948 -11.65 24.22 -23.78
CA PHE A 948 -11.45 23.38 -24.96
C PHE A 948 -12.66 23.38 -25.88
N LEU A 949 -13.81 23.87 -25.43
CA LEU A 949 -15.05 23.48 -26.08
C LEU A 949 -15.27 24.24 -27.39
N ASP A 950 -14.72 25.44 -27.54
CA ASP A 950 -14.90 26.21 -28.77
C ASP A 950 -13.58 26.77 -29.26
N GLN A 951 -13.57 27.11 -30.55
CA GLN A 951 -12.33 27.41 -31.26
C GLN A 951 -12.00 28.90 -31.27
N ASP A 952 -12.88 29.72 -31.81
CA ASP A 952 -12.60 31.13 -31.99
C ASP A 952 -12.72 31.95 -30.72
N ASP A 953 -12.76 31.28 -29.57
CA ASP A 953 -12.82 31.94 -28.27
C ASP A 953 -11.43 32.49 -27.93
N ASP A 954 -11.29 33.01 -26.71
CA ASP A 954 -10.03 33.54 -26.20
C ASP A 954 -9.80 32.89 -24.84
N ASP A 955 -9.16 31.72 -24.84
CA ASP A 955 -9.08 30.92 -23.63
C ASP A 955 -8.20 31.57 -22.59
N ASP A 956 -8.36 31.12 -21.35
CA ASP A 956 -7.61 31.57 -20.19
C ASP A 956 -7.95 30.66 -19.01
N PRO A 957 -7.01 30.40 -18.10
CA PRO A 957 -7.31 29.57 -16.92
C PRO A 957 -7.65 30.34 -15.65
N ASP A 958 -7.75 31.66 -15.71
CA ASP A 958 -7.94 32.46 -14.49
C ASP A 958 -9.35 33.01 -14.34
N THR A 959 -9.94 33.52 -15.42
CA THR A 959 -11.28 34.10 -15.31
C THR A 959 -12.27 33.06 -14.83
N GLU A 960 -13.14 33.48 -13.90
CA GLU A 960 -14.17 32.58 -13.39
C GLU A 960 -15.17 32.25 -14.49
N LEU A 961 -15.97 31.21 -14.23
CA LEU A 961 -16.76 30.61 -15.30
C LEU A 961 -17.78 31.58 -15.89
N TYR A 962 -18.25 32.54 -15.11
CA TYR A 962 -19.39 33.34 -15.58
C TYR A 962 -18.97 34.40 -16.59
N LEU A 963 -17.78 34.31 -17.15
CA LEU A 963 -17.29 35.30 -18.09
C LEU A 963 -16.82 34.71 -19.41
N THR A 964 -16.50 33.43 -19.48
CA THR A 964 -16.04 32.85 -20.72
C THR A 964 -17.18 32.77 -21.74
N GLN A 965 -16.81 32.66 -23.00
CA GLN A 965 -17.79 32.76 -24.08
C GLN A 965 -18.90 31.71 -24.00
N PRO A 966 -18.62 30.41 -23.85
CA PRO A 966 -19.70 29.43 -24.00
C PRO A 966 -20.82 29.59 -22.99
N PHE A 967 -20.49 29.75 -21.71
CA PHE A 967 -21.53 29.77 -20.69
C PHE A 967 -22.48 30.93 -20.89
N ALA A 968 -21.95 32.11 -21.21
CA ALA A 968 -22.82 33.23 -21.54
C ALA A 968 -23.51 33.03 -22.88
N CYS A 969 -22.98 32.16 -23.73
CA CYS A 969 -23.68 31.82 -24.95
C CYS A 969 -24.78 30.81 -24.70
N GLY A 970 -24.89 30.28 -23.50
CA GLY A 970 -25.91 29.30 -23.22
C GLY A 970 -25.70 27.97 -23.88
N THR A 971 -24.47 27.46 -23.86
CA THR A 971 -24.18 26.12 -24.36
C THR A 971 -23.47 25.23 -23.37
N ALA A 972 -22.85 25.79 -22.33
CA ALA A 972 -22.18 25.00 -21.32
C ALA A 972 -22.97 25.04 -20.03
N PHE A 973 -22.51 24.27 -19.05
CA PHE A 973 -23.14 24.22 -17.75
C PHE A 973 -22.30 23.34 -16.84
N ALA A 974 -22.49 23.51 -15.54
CA ALA A 974 -21.80 22.70 -14.55
C ALA A 974 -22.55 22.83 -13.24
N VAL A 975 -22.04 22.16 -12.21
CA VAL A 975 -22.69 22.20 -10.91
C VAL A 975 -22.16 23.33 -10.03
N SER A 976 -20.96 23.82 -10.29
CA SER A 976 -20.34 24.78 -9.38
C SER A 976 -21.16 26.06 -9.28
N VAL A 977 -21.64 26.57 -10.42
CA VAL A 977 -22.37 27.83 -10.42
C VAL A 977 -23.62 27.72 -9.55
N LEU A 978 -24.15 26.51 -9.40
CA LEU A 978 -25.35 26.31 -8.59
C LEU A 978 -25.06 26.41 -7.10
N ASP A 979 -23.83 26.15 -6.68
CA ASP A 979 -23.53 25.96 -5.26
C ASP A 979 -23.89 27.15 -4.41
N SER A 980 -24.01 28.33 -5.00
CA SER A 980 -24.30 29.53 -4.23
C SER A 980 -25.71 29.55 -3.69
N LEU A 981 -26.58 28.63 -4.10
CA LEU A 981 -28.00 28.74 -3.76
C LEU A 981 -28.22 28.93 -2.26
N MET A 982 -27.52 28.13 -1.43
CA MET A 982 -27.75 28.21 0.00
C MET A 982 -27.67 29.63 0.49
N SER A 983 -26.70 30.38 -0.02
CA SER A 983 -26.57 31.79 0.34
C SER A 983 -27.91 32.51 0.18
N ALA A 984 -28.44 32.52 -1.04
CA ALA A 984 -29.70 33.21 -1.25
C ALA A 984 -30.89 32.43 -0.69
N THR A 985 -30.64 31.28 -0.08
CA THR A 985 -31.74 30.49 0.46
C THR A 985 -32.13 30.97 1.86
N TYR A 986 -31.16 31.05 2.76
CA TYR A 986 -31.46 31.32 4.17
C TYR A 986 -32.09 32.69 4.36
N PHE A 987 -31.57 33.72 3.70
CA PHE A 987 -32.09 35.07 3.93
C PHE A 987 -33.54 35.19 3.50
N ASN A 988 -33.93 34.49 2.45
CA ASN A 988 -35.27 34.63 1.91
C ASN A 988 -36.14 33.44 2.30
N ASP A 989 -37.44 33.59 2.05
CA ASP A 989 -38.41 32.63 2.55
C ASP A 989 -38.62 31.48 1.59
N ASN A 990 -38.95 31.77 0.33
CA ASN A 990 -39.51 30.78 -0.57
C ASN A 990 -38.84 30.78 -1.94
N ILE A 991 -37.65 31.36 -2.00
CA ILE A 991 -36.92 31.39 -3.29
C ILE A 991 -36.90 29.95 -3.76
N LEU A 992 -36.58 29.02 -2.88
CA LEU A 992 -36.49 27.63 -3.38
C LEU A 992 -37.86 27.27 -3.91
N THR A 993 -38.93 27.74 -3.25
CA THR A 993 -40.31 27.48 -3.76
C THR A 993 -40.62 28.19 -5.09
N LEU A 994 -40.20 29.43 -5.32
CA LEU A 994 -40.48 30.06 -6.65
C LEU A 994 -39.73 29.23 -7.69
N ILE A 995 -38.50 28.85 -7.40
CA ILE A 995 -37.80 27.91 -8.31
C ILE A 995 -38.43 26.56 -7.96
N ARG A 996 -38.13 25.52 -8.73
CA ARG A 996 -38.82 24.22 -8.50
C ARG A 996 -40.22 24.41 -9.05
N THR A 997 -40.49 25.55 -9.67
CA THR A 997 -41.79 25.70 -10.37
C THR A 997 -41.47 26.02 -11.84
N LEU A 998 -40.65 27.03 -12.09
CA LEU A 998 -40.26 27.27 -13.48
C LEU A 998 -39.45 26.07 -13.94
N VAL A 999 -38.50 25.62 -13.13
CA VAL A 999 -37.62 24.52 -13.61
C VAL A 999 -38.37 23.19 -13.71
N THR A 1000 -39.16 22.84 -12.71
CA THR A 1000 -39.95 21.59 -12.74
C THR A 1000 -41.41 21.98 -12.57
N GLY A 1001 -42.30 21.46 -13.39
CA GLY A 1001 -43.69 21.95 -13.36
C GLY A 1001 -44.41 21.78 -12.04
N GLY A 1002 -44.33 20.62 -11.41
CA GLY A 1002 -45.17 20.47 -10.21
C GLY A 1002 -44.44 20.06 -8.96
N ALA A 1003 -44.54 20.85 -7.92
CA ALA A 1003 -43.97 20.43 -6.63
C ALA A 1003 -45.03 20.75 -5.59
N THR A 1004 -46.24 20.91 -6.07
CA THR A 1004 -47.35 21.17 -5.13
C THR A 1004 -47.28 20.01 -4.15
N PRO A 1005 -47.49 20.23 -2.84
CA PRO A 1005 -47.27 19.16 -1.87
C PRO A 1005 -48.08 17.91 -2.18
N GLU A 1006 -49.24 18.07 -2.79
CA GLU A 1006 -50.09 16.88 -2.96
C GLU A 1006 -49.27 15.84 -3.73
N LEU A 1007 -48.58 16.27 -4.79
CA LEU A 1007 -47.81 15.31 -5.62
C LEU A 1007 -46.69 14.74 -4.76
N GLU A 1008 -46.09 15.57 -3.91
CA GLU A 1008 -44.91 15.08 -3.18
C GLU A 1008 -45.32 13.86 -2.37
N ALA A 1009 -46.49 13.91 -1.77
CA ALA A 1009 -46.87 12.78 -0.91
C ALA A 1009 -46.95 11.52 -1.77
N LEU A 1010 -47.60 11.63 -2.93
CA LEU A 1010 -47.79 10.42 -3.75
C LEU A 1010 -46.40 9.96 -4.17
N ILE A 1011 -45.51 10.92 -4.43
CA ILE A 1011 -44.16 10.55 -4.95
C ILE A 1011 -43.52 9.68 -3.89
N ALA A 1012 -43.68 10.06 -2.65
CA ALA A 1012 -43.01 9.31 -1.58
C ALA A 1012 -43.55 7.89 -1.51
N GLU A 1013 -44.84 7.70 -1.73
CA GLU A 1013 -45.40 6.35 -1.48
C GLU A 1013 -45.42 5.43 -2.70
N GLU A 1014 -46.33 5.62 -3.64
CA GLU A 1014 -46.49 4.64 -4.75
C GLU A 1014 -45.25 4.53 -5.64
N ASN A 1015 -44.59 5.65 -5.94
CA ASN A 1015 -43.41 5.67 -6.84
C ASN A 1015 -43.86 5.48 -8.29
N ALA A 1016 -45.14 5.73 -8.59
CA ALA A 1016 -45.66 5.53 -9.95
C ALA A 1016 -46.18 6.83 -10.59
N LEU A 1017 -46.42 7.86 -9.78
CA LEU A 1017 -47.00 9.12 -10.30
C LEU A 1017 -48.26 8.81 -11.09
N ARG A 1018 -48.90 7.66 -10.86
CA ARG A 1018 -50.04 7.30 -11.69
C ARG A 1018 -51.22 8.24 -11.47
N GLY A 1019 -51.97 8.47 -12.55
CA GLY A 1019 -53.26 9.13 -12.45
C GLY A 1019 -54.34 8.34 -13.18
N GLY A 1020 -55.41 8.00 -12.48
CA GLY A 1020 -56.42 7.13 -13.07
C GLY A 1020 -57.39 7.82 -14.02
N TYR A 1021 -58.20 8.74 -13.51
CA TYR A 1021 -59.25 9.38 -14.31
C TYR A 1021 -59.12 10.88 -14.26
N SER A 1022 -60.13 11.59 -14.77
CA SER A 1022 -60.14 13.04 -14.80
C SER A 1022 -61.44 13.56 -14.20
N THR A 1023 -61.35 14.74 -13.61
CA THR A 1023 -62.47 15.41 -12.96
C THR A 1023 -62.46 16.89 -13.35
N PRO A 1024 -63.58 17.59 -13.18
CA PRO A 1024 -63.58 19.03 -13.48
C PRO A 1024 -62.53 19.81 -12.72
N GLN A 1025 -62.16 19.39 -11.52
CA GLN A 1025 -61.07 20.03 -10.81
C GLN A 1025 -59.73 19.78 -11.50
N THR A 1026 -59.51 18.55 -11.99
CA THR A 1026 -58.28 18.24 -12.69
C THR A 1026 -58.15 19.05 -13.97
N LEU A 1027 -59.26 19.25 -14.68
CA LEU A 1027 -59.23 20.02 -15.91
C LEU A 1027 -58.86 21.47 -15.69
N ALA A 1028 -58.98 21.98 -14.46
CA ALA A 1028 -58.56 23.34 -14.17
C ALA A 1028 -57.09 23.45 -13.80
N ASN A 1029 -56.40 22.32 -13.62
CA ASN A 1029 -55.00 22.33 -13.24
C ASN A 1029 -54.09 22.91 -14.32
N ARG A 1030 -54.56 23.00 -15.56
CA ARG A 1030 -53.70 23.33 -16.70
C ARG A 1030 -53.60 24.83 -16.96
N ASP A 1031 -53.81 25.67 -15.94
CA ASP A 1031 -53.71 27.10 -16.13
C ASP A 1031 -52.33 27.66 -15.79
N ARG A 1032 -51.38 26.80 -15.44
CA ARG A 1032 -50.03 27.24 -15.20
C ARG A 1032 -49.40 27.79 -16.47
N CYS A 1033 -48.59 28.83 -16.32
CA CYS A 1033 -48.06 29.55 -17.47
C CYS A 1033 -46.87 28.80 -18.08
N ARG A 1034 -46.36 29.36 -19.18
CA ARG A 1034 -45.37 28.70 -20.02
C ARG A 1034 -44.23 29.65 -20.34
N VAL A 1035 -43.03 29.08 -20.49
CA VAL A 1035 -41.85 29.79 -20.95
C VAL A 1035 -41.75 29.62 -22.46
N ALA A 1036 -41.49 30.72 -23.18
CA ALA A 1036 -41.43 30.62 -24.64
C ALA A 1036 -40.51 31.69 -25.19
N GLN A 1037 -40.22 31.56 -26.49
CA GLN A 1037 -39.45 32.55 -27.24
C GLN A 1037 -40.31 33.14 -28.34
N LEU A 1038 -39.90 34.30 -28.82
CA LEU A 1038 -40.60 35.01 -29.89
C LEU A 1038 -39.62 35.36 -31.00
N ALA A 1039 -40.15 35.50 -32.20
CA ALA A 1039 -39.36 35.86 -33.38
C ALA A 1039 -39.73 37.27 -33.80
N LEU A 1040 -38.73 38.14 -33.89
CA LEU A 1040 -38.98 39.52 -34.28
C LEU A 1040 -39.44 39.62 -35.73
N LEU A 1041 -38.83 38.81 -36.62
CA LEU A 1041 -38.96 39.04 -38.06
C LEU A 1041 -40.38 38.91 -38.56
N ASP A 1042 -41.26 38.21 -37.83
CA ASP A 1042 -42.64 38.08 -38.27
C ASP A 1042 -43.61 38.48 -37.16
N GLY A 1043 -44.89 38.25 -37.36
CA GLY A 1043 -45.89 38.52 -36.35
C GLY A 1043 -46.23 39.99 -36.25
N PRO A 1044 -47.32 40.30 -35.53
CA PRO A 1044 -47.69 41.71 -35.36
C PRO A 1044 -46.61 42.54 -34.69
N PHE A 1045 -45.88 41.97 -33.73
CA PHE A 1045 -44.88 42.73 -33.00
C PHE A 1045 -43.80 43.28 -33.92
N ALA A 1046 -43.63 42.68 -35.11
CA ALA A 1046 -42.64 43.16 -36.04
C ALA A 1046 -42.89 44.61 -36.43
N ASP A 1047 -44.14 45.08 -36.32
CA ASP A 1047 -44.43 46.47 -36.62
C ASP A 1047 -43.60 47.40 -35.73
N LEU A 1048 -43.35 47.00 -34.50
CA LEU A 1048 -42.49 47.74 -33.58
C LEU A 1048 -41.09 47.15 -33.50
N GLY A 1049 -40.76 46.17 -34.34
CA GLY A 1049 -39.42 45.63 -34.34
C GLY A 1049 -38.38 46.68 -34.69
N ASP A 1050 -38.69 47.51 -35.68
CA ASP A 1050 -37.84 48.64 -36.01
C ASP A 1050 -37.79 49.68 -34.91
N GLY A 1051 -38.73 49.65 -33.96
CA GLY A 1051 -38.82 50.70 -32.96
C GLY A 1051 -37.57 50.79 -32.10
N GLY A 1052 -36.95 49.66 -31.79
CA GLY A 1052 -35.73 49.67 -31.00
C GLY A 1052 -35.91 50.20 -29.60
N CYS A 1053 -37.14 50.19 -29.08
CA CYS A 1053 -37.43 50.61 -27.71
C CYS A 1053 -38.05 49.42 -26.99
N TYR A 1054 -37.25 48.75 -26.16
CA TYR A 1054 -37.77 47.62 -25.39
C TYR A 1054 -38.97 48.03 -24.57
N GLY A 1055 -39.02 49.30 -24.16
CA GLY A 1055 -40.17 49.78 -23.40
C GLY A 1055 -41.46 49.74 -24.22
N ASP A 1056 -41.38 50.08 -25.50
CA ASP A 1056 -42.55 50.00 -26.35
C ASP A 1056 -43.08 48.59 -26.43
N LEU A 1057 -42.18 47.61 -26.61
CA LEU A 1057 -42.59 46.21 -26.64
C LEU A 1057 -43.16 45.79 -25.30
N PHE A 1058 -42.55 46.25 -24.21
CA PHE A 1058 -43.03 45.90 -22.88
C PHE A 1058 -44.45 46.40 -22.67
N CYS A 1059 -44.72 47.62 -23.12
CA CYS A 1059 -46.07 48.17 -23.02
C CYS A 1059 -47.04 47.39 -23.89
N LYS A 1060 -46.70 47.19 -25.16
CA LYS A 1060 -47.63 46.59 -26.10
C LYS A 1060 -47.95 45.15 -25.75
N ALA A 1061 -46.96 44.38 -25.31
CA ALA A 1061 -47.20 42.97 -25.01
C ALA A 1061 -48.20 42.81 -23.88
N LEU A 1062 -48.08 43.60 -22.82
CA LEU A 1062 -48.99 43.47 -21.70
C LEU A 1062 -50.33 44.13 -21.94
N LYS A 1063 -50.36 45.27 -22.64
CA LYS A 1063 -51.61 46.02 -22.74
C LYS A 1063 -52.69 45.22 -23.45
N THR A 1064 -52.31 44.36 -24.39
CA THR A 1064 -53.29 43.54 -25.11
C THR A 1064 -53.12 42.06 -24.85
N TYR A 1065 -51.92 41.51 -25.07
CA TYR A 1065 -51.72 40.08 -24.93
C TYR A 1065 -51.40 39.66 -23.51
N ASN A 1066 -51.13 40.61 -22.60
CA ASN A 1066 -50.75 40.31 -21.22
C ASN A 1066 -49.52 39.41 -21.17
N MET A 1067 -48.67 39.50 -22.19
CA MET A 1067 -47.47 38.70 -22.27
C MET A 1067 -46.31 39.43 -21.61
N LEU A 1068 -45.62 38.74 -20.71
CA LEU A 1068 -44.52 39.32 -19.96
C LEU A 1068 -43.19 38.93 -20.59
N CYS A 1069 -42.32 39.91 -20.76
CA CYS A 1069 -41.01 39.71 -21.39
C CYS A 1069 -39.93 40.16 -20.43
N PHE A 1070 -38.87 39.35 -20.31
CA PHE A 1070 -37.78 39.73 -19.43
C PHE A 1070 -36.39 39.38 -19.97
N GLY A 1071 -36.25 39.13 -21.27
CA GLY A 1071 -34.94 38.77 -21.78
C GLY A 1071 -34.72 38.97 -23.27
N ILE A 1072 -33.55 39.48 -23.64
CA ILE A 1072 -33.15 39.68 -25.02
C ILE A 1072 -32.05 38.67 -25.34
N TYR A 1073 -32.15 38.01 -26.49
CA TYR A 1073 -31.21 36.98 -26.85
C TYR A 1073 -30.66 37.39 -28.21
N ARG A 1074 -29.36 37.71 -28.25
CA ARG A 1074 -28.82 38.57 -29.30
C ARG A 1074 -27.55 37.98 -29.90
N LEU A 1075 -27.42 38.15 -31.22
CA LEU A 1075 -26.29 37.60 -31.97
C LEU A 1075 -24.97 38.19 -31.48
N ARG A 1076 -23.93 37.35 -31.47
CA ARG A 1076 -22.67 37.74 -30.87
C ARG A 1076 -22.02 38.88 -31.63
N ASP A 1077 -22.05 38.83 -32.96
CA ASP A 1077 -21.40 39.83 -33.80
C ASP A 1077 -22.37 40.87 -34.33
N ALA A 1078 -23.56 40.98 -33.74
CA ALA A 1078 -24.58 41.84 -34.30
C ALA A 1078 -24.25 43.32 -34.18
N HIS A 1079 -23.22 43.69 -33.41
CA HIS A 1079 -22.93 45.09 -33.18
C HIS A 1079 -21.80 45.63 -34.05
N LEU A 1080 -20.80 44.81 -34.38
CA LEU A 1080 -19.67 45.29 -35.15
C LEU A 1080 -20.12 45.70 -36.55
N SER A 1081 -19.43 46.71 -37.11
CA SER A 1081 -19.76 47.17 -38.46
C SER A 1081 -19.39 46.14 -39.51
N THR A 1082 -18.28 45.42 -39.33
CA THR A 1082 -17.82 44.47 -40.32
C THR A 1082 -18.84 43.34 -40.47
N PRO A 1083 -19.34 43.09 -41.67
CA PRO A 1083 -20.30 41.99 -41.86
C PRO A 1083 -19.64 40.63 -41.67
N SER A 1084 -20.44 39.68 -41.20
CA SER A 1084 -19.96 38.32 -40.99
C SER A 1084 -21.18 37.40 -40.93
N GLN A 1085 -20.96 36.15 -40.56
CA GLN A 1085 -22.04 35.15 -40.62
C GLN A 1085 -22.11 34.24 -39.40
N CYS A 1086 -21.20 34.37 -38.43
CA CYS A 1086 -21.25 33.48 -37.28
C CYS A 1086 -22.56 33.64 -36.53
N THR A 1087 -23.09 32.53 -36.03
CA THR A 1087 -24.38 32.51 -35.36
C THR A 1087 -24.23 31.88 -33.99
N LYS A 1088 -23.82 32.69 -33.02
CA LYS A 1088 -23.92 32.36 -31.60
C LYS A 1088 -24.52 33.57 -30.90
N ARG A 1089 -25.26 33.32 -29.82
CA ARG A 1089 -26.05 34.37 -29.21
C ARG A 1089 -25.86 34.38 -27.71
N TYR A 1090 -25.85 35.57 -27.14
CA TYR A 1090 -25.73 35.79 -25.70
C TYR A 1090 -27.02 36.38 -25.15
N VAL A 1091 -27.06 36.51 -23.82
CA VAL A 1091 -28.28 36.81 -23.09
C VAL A 1091 -28.17 38.14 -22.38
N ILE A 1092 -29.23 38.95 -22.47
CA ILE A 1092 -29.34 40.24 -21.82
C ILE A 1092 -30.59 40.21 -20.96
N THR A 1093 -30.45 40.54 -19.69
CA THR A 1093 -31.51 40.39 -18.72
C THR A 1093 -31.99 41.75 -18.22
N ASN A 1094 -33.31 41.95 -18.23
CA ASN A 1094 -33.97 43.13 -17.70
C ASN A 1094 -33.32 44.42 -18.21
N PRO A 1095 -33.49 44.74 -19.48
CA PRO A 1095 -32.84 45.93 -20.02
C PRO A 1095 -33.47 47.19 -19.50
N PRO A 1096 -32.76 48.31 -19.51
CA PRO A 1096 -33.39 49.61 -19.23
C PRO A 1096 -34.48 49.92 -20.24
N TYR A 1097 -35.25 50.98 -19.93
CA TYR A 1097 -36.41 51.29 -20.75
C TYR A 1097 -36.03 51.67 -22.17
N GLU A 1098 -34.84 52.24 -22.36
CA GLU A 1098 -34.35 52.62 -23.68
C GLU A 1098 -33.13 51.75 -24.00
N PHE A 1099 -33.22 51.00 -25.10
CA PHE A 1099 -32.11 50.16 -25.53
C PHE A 1099 -32.38 49.75 -26.97
N GLU A 1100 -31.41 50.01 -27.85
CA GLU A 1100 -31.63 49.80 -29.27
C GLU A 1100 -31.81 48.31 -29.60
N LEU A 1101 -32.67 48.02 -30.57
CA LEU A 1101 -32.90 46.67 -31.04
C LEU A 1101 -32.49 46.55 -32.51
N VAL A 1102 -31.64 45.57 -32.81
CA VAL A 1102 -31.41 45.16 -34.19
C VAL A 1102 -32.44 44.09 -34.51
N PRO A 1103 -33.05 44.12 -35.70
CA PRO A 1103 -34.20 43.22 -35.95
C PRO A 1103 -33.88 41.75 -35.82
N THR A 1104 -32.63 41.35 -36.00
CA THR A 1104 -32.27 39.93 -36.01
C THR A 1104 -31.86 39.47 -34.62
N ASP A 1105 -32.86 39.37 -33.74
CA ASP A 1105 -32.66 38.89 -32.38
C ASP A 1105 -34.00 38.46 -31.82
N LEU A 1106 -33.97 37.74 -30.69
CA LEU A 1106 -35.17 37.17 -30.10
C LEU A 1106 -35.36 37.69 -28.68
N ILE A 1107 -36.54 37.42 -28.12
CA ILE A 1107 -36.87 37.80 -26.75
C ILE A 1107 -37.60 36.66 -26.07
N PHE A 1108 -37.26 36.43 -24.80
CA PHE A 1108 -38.00 35.49 -23.97
C PHE A 1108 -39.38 36.05 -23.65
N CYS A 1109 -40.29 35.18 -23.22
CA CYS A 1109 -41.60 35.64 -22.81
C CYS A 1109 -42.31 34.55 -22.02
N LEU A 1110 -43.41 34.96 -21.38
CA LEU A 1110 -44.32 34.06 -20.68
C LEU A 1110 -45.65 34.03 -21.40
N MET A 1111 -46.26 32.85 -21.42
CA MET A 1111 -47.53 32.67 -22.11
C MET A 1111 -48.55 32.07 -21.15
N GLN A 1112 -49.81 32.48 -21.34
CA GLN A 1112 -50.93 31.98 -20.55
C GLN A 1112 -51.82 31.15 -21.45
N PHE A 1113 -52.05 29.90 -21.04
CA PHE A 1113 -52.79 28.95 -21.86
C PHE A 1113 -54.24 29.39 -22.01
N ASP A 1114 -54.74 29.29 -23.23
CA ASP A 1114 -56.17 29.44 -23.50
C ASP A 1114 -56.89 28.11 -23.36
N GLY B 18 74.24 5.51 18.53
CA GLY B 18 74.76 6.74 17.95
C GLY B 18 73.75 7.46 17.06
N GLN B 19 73.99 7.40 15.75
CA GLN B 19 73.09 8.05 14.81
C GLN B 19 71.74 7.34 14.78
N ARG B 20 70.68 8.12 14.59
CA ARG B 20 69.34 7.56 14.48
C ARG B 20 69.26 6.64 13.28
N MET B 21 68.50 5.55 13.41
CA MET B 21 68.22 4.67 12.29
C MET B 21 66.75 4.25 12.25
N TRP B 22 65.86 5.20 12.57
CA TRP B 22 64.43 4.97 12.43
C TRP B 22 64.08 4.48 11.03
N TRP B 23 64.78 5.02 10.02
CA TRP B 23 64.45 4.74 8.63
C TRP B 23 64.61 3.27 8.28
N ALA B 24 65.54 2.58 8.95
CA ALA B 24 65.85 1.22 8.55
C ALA B 24 64.64 0.32 8.66
N PHE B 25 63.91 0.39 9.78
CA PHE B 25 62.78 -0.51 9.99
C PHE B 25 61.71 -0.30 8.93
N LEU B 26 61.32 0.96 8.72
CA LEU B 26 60.24 1.24 7.78
C LEU B 26 60.65 0.85 6.37
N ALA B 27 61.89 1.13 5.99
CA ALA B 27 62.34 0.77 4.66
C ALA B 27 62.33 -0.74 4.47
N SER B 28 62.83 -1.48 5.46
CA SER B 28 62.86 -2.93 5.34
C SER B 28 61.45 -3.49 5.25
N SER B 29 60.51 -2.88 5.94
CA SER B 29 59.13 -3.36 5.84
C SER B 29 58.56 -3.05 4.46
N MET B 30 58.72 -1.82 3.99
CA MET B 30 58.08 -1.39 2.75
C MET B 30 58.65 -2.15 1.55
N VAL B 31 59.93 -2.48 1.60
CA VAL B 31 60.54 -3.14 0.46
C VAL B 31 59.94 -4.51 0.23
N THR B 32 59.60 -5.22 1.32
CA THR B 32 58.96 -6.52 1.16
C THR B 32 57.66 -6.41 0.40
N PHE B 33 56.80 -5.47 0.81
CA PHE B 33 55.49 -5.32 0.21
C PHE B 33 55.60 -4.95 -1.26
N PHE B 34 56.40 -3.93 -1.58
CA PHE B 34 56.51 -3.52 -2.97
C PHE B 34 57.20 -4.57 -3.82
N GLY B 35 58.23 -5.23 -3.31
CA GLY B 35 58.87 -6.29 -4.07
C GLY B 35 57.92 -7.43 -4.36
N GLY B 36 57.08 -7.79 -3.39
CA GLY B 36 56.08 -8.82 -3.64
C GLY B 36 55.11 -8.42 -4.72
N LEU B 37 54.60 -7.19 -4.65
CA LEU B 37 53.68 -6.74 -5.70
C LEU B 37 54.35 -6.79 -7.07
N PHE B 38 55.59 -6.30 -7.14
CA PHE B 38 56.29 -6.24 -8.42
C PHE B 38 56.52 -7.64 -8.99
N ILE B 39 56.97 -8.56 -8.14
CA ILE B 39 57.29 -9.90 -8.64
C ILE B 39 56.02 -10.62 -9.07
N ILE B 40 54.91 -10.44 -8.34
CA ILE B 40 53.67 -11.10 -8.72
C ILE B 40 53.16 -10.55 -10.05
N LEU B 41 53.17 -9.23 -10.20
CA LEU B 41 52.71 -8.65 -11.46
C LEU B 41 53.57 -9.14 -12.63
N LEU B 42 54.90 -9.13 -12.46
CA LEU B 42 55.75 -9.58 -13.54
C LEU B 42 55.49 -11.05 -13.88
N TRP B 43 55.46 -11.91 -12.87
CA TRP B 43 55.32 -13.34 -13.11
C TRP B 43 53.98 -13.65 -13.76
N ARG B 44 52.93 -12.88 -13.42
CA ARG B 44 51.66 -13.02 -14.14
C ARG B 44 51.82 -12.59 -15.59
N THR B 45 52.55 -11.49 -15.83
CA THR B 45 52.79 -11.07 -17.20
C THR B 45 53.85 -11.92 -17.87
N LEU B 46 54.84 -12.39 -17.11
CA LEU B 46 55.93 -13.16 -17.68
C LEU B 46 55.41 -14.45 -18.32
N LYS B 47 55.51 -14.53 -19.64
CA LYS B 47 55.03 -15.68 -20.38
C LYS B 47 55.94 -15.88 -21.58
N TYR B 48 55.85 -17.06 -22.19
CA TYR B 48 56.58 -17.30 -23.43
C TYR B 48 56.12 -16.35 -24.53
N LEU B 49 54.88 -15.91 -24.46
CA LEU B 49 54.33 -14.94 -25.40
C LEU B 49 53.91 -13.70 -24.63
N TRP B 50 54.23 -12.52 -25.17
CA TRP B 50 53.88 -11.27 -24.52
C TRP B 50 52.36 -11.16 -24.39
N THR B 51 51.91 -10.79 -23.19
CA THR B 51 50.48 -10.69 -22.92
C THR B 51 50.17 -9.47 -22.04
N VAL B 91 43.65 -34.05 -10.01
CA VAL B 91 44.62 -34.94 -9.40
C VAL B 91 46.02 -34.35 -9.57
N GLY B 92 46.43 -33.54 -8.60
CA GLY B 92 47.74 -32.95 -8.62
C GLY B 92 48.25 -32.70 -7.22
N TRP B 93 49.53 -32.95 -7.02
CA TRP B 93 50.11 -32.82 -5.69
C TRP B 93 50.05 -31.37 -5.21
N MET B 94 50.24 -30.42 -6.12
CA MET B 94 50.02 -29.03 -5.77
C MET B 94 48.59 -28.79 -5.31
N THR B 95 47.62 -29.35 -6.03
CA THR B 95 46.23 -29.23 -5.60
C THR B 95 46.02 -29.94 -4.27
N SER B 96 46.73 -31.04 -4.04
CA SER B 96 46.58 -31.75 -2.77
C SER B 96 47.02 -30.89 -1.60
N VAL B 97 48.20 -30.29 -1.70
CA VAL B 97 48.66 -29.43 -0.60
C VAL B 97 47.76 -28.21 -0.49
N LYS B 98 47.24 -27.72 -1.62
CA LYS B 98 46.28 -26.62 -1.55
C LYS B 98 45.09 -27.00 -0.70
N ASP B 99 44.49 -28.16 -0.97
CA ASP B 99 43.34 -28.59 -0.19
C ASP B 99 43.70 -28.82 1.27
N TRP B 100 44.88 -29.38 1.52
CA TRP B 100 45.31 -29.63 2.90
C TRP B 100 45.42 -28.32 3.68
N ALA B 101 46.06 -27.32 3.09
CA ALA B 101 46.14 -26.02 3.73
C ALA B 101 44.76 -25.42 3.92
N GLY B 102 43.89 -25.56 2.92
CA GLY B 102 42.55 -25.01 3.05
C GLY B 102 41.79 -25.60 4.22
N VAL B 103 41.79 -26.92 4.34
CA VAL B 103 41.07 -27.54 5.44
C VAL B 103 41.71 -27.19 6.77
N MET B 104 43.04 -27.06 6.80
CA MET B 104 43.70 -26.66 8.04
C MET B 104 43.26 -25.27 8.47
N ILE B 105 43.18 -24.34 7.52
CA ILE B 105 42.77 -22.98 7.89
C ILE B 105 41.30 -22.94 8.27
N SER B 106 40.46 -23.72 7.60
CA SER B 106 39.02 -23.64 7.77
C SER B 106 38.53 -24.13 9.11
N ALA B 107 39.40 -24.74 9.92
CA ALA B 107 38.98 -25.48 11.11
C ALA B 107 38.03 -26.61 10.75
N GLN B 108 38.38 -27.37 9.71
CA GLN B 108 37.54 -28.49 9.31
C GLN B 108 37.70 -29.67 10.26
N THR B 109 38.92 -29.93 10.72
CA THR B 109 39.20 -31.06 11.59
C THR B 109 39.82 -30.59 12.89
N LEU B 110 40.28 -31.57 13.68
CA LEU B 110 40.73 -31.30 15.04
C LEU B 110 41.93 -30.34 15.06
N THR B 111 42.95 -30.65 14.25
CA THR B 111 44.17 -29.86 14.28
C THR B 111 43.88 -28.39 13.97
N GLY B 112 43.10 -28.15 12.92
CA GLY B 112 42.74 -26.79 12.60
C GLY B 112 41.91 -26.14 13.70
N ARG B 113 41.07 -26.93 14.36
CA ARG B 113 40.30 -26.38 15.46
C ARG B 113 41.20 -25.89 16.57
N VAL B 114 42.30 -26.60 16.83
CA VAL B 114 43.28 -26.09 17.79
C VAL B 114 43.97 -24.85 17.25
N LEU B 115 44.35 -24.89 15.97
CA LEU B 115 45.17 -23.82 15.41
C LEU B 115 44.42 -22.48 15.40
N VAL B 116 43.12 -22.51 15.13
CA VAL B 116 42.37 -21.26 15.13
C VAL B 116 42.32 -20.65 16.52
N VAL B 117 42.09 -21.47 17.53
CA VAL B 117 42.06 -20.97 18.91
C VAL B 117 43.41 -20.38 19.28
N LEU B 118 44.49 -21.00 18.81
CA LEU B 118 45.81 -20.45 19.10
C LEU B 118 45.96 -19.03 18.55
N VAL B 119 45.49 -18.79 17.31
CA VAL B 119 45.52 -17.44 16.76
C VAL B 119 44.65 -16.51 17.59
N PHE B 120 43.46 -17.00 17.98
CA PHE B 120 42.56 -16.18 18.78
C PHE B 120 43.25 -15.68 20.04
N ALA B 121 44.01 -16.55 20.71
CA ALA B 121 44.70 -16.14 21.93
C ALA B 121 45.92 -15.26 21.63
N LEU B 122 46.67 -15.62 20.58
CA LEU B 122 47.91 -14.93 20.32
C LEU B 122 47.69 -13.51 19.84
N SER B 123 46.54 -13.21 19.25
CA SER B 123 46.23 -11.82 18.92
C SER B 123 46.17 -10.96 20.17
N ILE B 124 45.44 -11.43 21.19
CA ILE B 124 45.38 -10.71 22.44
C ILE B 124 46.76 -10.61 23.07
N GLY B 125 47.55 -11.68 22.97
CA GLY B 125 48.91 -11.62 23.47
C GLY B 125 49.74 -10.54 22.81
N ALA B 126 49.61 -10.42 21.48
CA ALA B 126 50.32 -9.38 20.76
C ALA B 126 49.86 -8.00 21.18
N LEU B 127 48.56 -7.85 21.44
CA LEU B 127 48.12 -6.56 21.98
C LEU B 127 48.74 -6.25 23.33
N VAL B 128 48.80 -7.25 24.23
CA VAL B 128 49.29 -6.99 25.58
C VAL B 128 50.77 -6.60 25.54
N ILE B 129 51.57 -7.34 24.77
CA ILE B 129 53.00 -7.02 24.71
C ILE B 129 53.20 -5.61 24.18
N TYR B 130 52.30 -5.15 23.32
CA TYR B 130 52.38 -3.78 22.82
C TYR B 130 52.15 -2.77 23.94
N PHE B 131 51.07 -2.94 24.71
CA PHE B 131 50.79 -2.00 25.77
C PHE B 131 51.93 -1.94 26.77
N ILE B 132 52.60 -3.06 27.02
CA ILE B 132 53.73 -3.03 27.94
C ILE B 132 54.83 -2.11 27.41
N ASP B 133 54.94 -2.00 26.10
CA ASP B 133 56.06 -1.26 25.52
C ASP B 133 55.81 0.24 25.41
N SER B 134 54.63 0.73 25.78
CA SER B 134 54.28 2.12 25.52
C SER B 134 55.21 3.08 26.24
N SER B 135 55.38 2.90 27.56
CA SER B 135 56.10 3.90 28.33
C SER B 135 57.59 3.88 28.04
N ASN B 136 58.08 2.87 27.35
CA ASN B 136 59.49 2.79 27.04
C ASN B 136 59.88 3.97 26.15
N PRO B 137 61.07 4.55 26.35
CA PRO B 137 61.53 5.61 25.43
C PRO B 137 61.56 5.13 23.99
N ILE B 138 61.74 6.10 23.09
CA ILE B 138 61.54 5.84 21.67
C ILE B 138 62.57 4.84 21.14
N GLU B 139 63.85 5.07 21.42
CA GLU B 139 64.90 4.21 20.87
C GLU B 139 66.00 4.04 21.91
N SER B 140 66.18 2.81 22.37
CA SER B 140 67.32 2.46 23.20
C SER B 140 67.65 1.00 22.97
N CYS B 141 68.89 0.63 23.29
CA CYS B 141 69.37 -0.71 23.03
C CYS B 141 68.76 -1.72 23.99
N GLN B 142 68.68 -2.96 23.54
CA GLN B 142 68.30 -4.10 24.34
C GLN B 142 69.37 -5.18 24.18
N ASN B 143 69.08 -6.37 24.70
CA ASN B 143 70.01 -7.49 24.58
C ASN B 143 69.19 -8.77 24.46
N PHE B 144 69.22 -9.38 23.28
CA PHE B 144 68.41 -10.55 22.98
C PHE B 144 68.77 -11.77 23.81
N TYR B 145 69.93 -11.75 24.48
CA TYR B 145 70.35 -12.87 25.31
C TYR B 145 70.15 -12.59 26.79
N LYS B 146 69.42 -11.55 27.15
CA LYS B 146 69.28 -11.18 28.55
C LYS B 146 67.85 -11.23 29.05
N ASP B 147 66.90 -10.62 28.33
CA ASP B 147 65.53 -10.46 28.82
C ASP B 147 64.58 -11.29 27.96
N PHE B 148 63.58 -11.89 28.60
CA PHE B 148 62.61 -12.69 27.86
C PHE B 148 61.52 -11.84 27.23
N THR B 149 61.37 -10.58 27.63
CA THR B 149 60.65 -9.67 26.77
C THR B 149 61.51 -9.40 25.53
N LEU B 150 60.84 -8.98 24.46
CA LEU B 150 61.41 -8.96 23.11
C LEU B 150 61.84 -10.35 22.67
N GLN B 151 61.50 -11.38 23.43
CA GLN B 151 61.59 -12.77 22.99
C GLN B 151 60.22 -13.39 22.80
N ILE B 152 59.28 -13.07 23.68
CA ILE B 152 57.90 -13.50 23.47
C ILE B 152 57.37 -12.96 22.16
N ASP B 153 57.71 -11.72 21.83
CA ASP B 153 57.36 -11.18 20.53
C ASP B 153 58.04 -11.97 19.42
N MET B 154 59.29 -12.38 19.64
CA MET B 154 59.98 -13.18 18.64
C MET B 154 59.21 -14.45 18.32
N ALA B 155 58.85 -15.22 19.35
CA ALA B 155 58.10 -16.45 19.11
C ALA B 155 56.74 -16.15 18.49
N PHE B 156 56.05 -15.13 19.01
CA PHE B 156 54.72 -14.80 18.49
C PHE B 156 54.78 -14.52 17.00
N ASN B 157 55.76 -13.74 16.57
CA ASN B 157 55.85 -13.41 15.16
C ASN B 157 56.33 -14.58 14.33
N VAL B 158 57.14 -15.48 14.90
CA VAL B 158 57.45 -16.71 14.17
C VAL B 158 56.16 -17.47 13.87
N PHE B 159 55.28 -17.58 14.85
CA PHE B 159 54.01 -18.26 14.64
C PHE B 159 53.16 -17.54 13.60
N PHE B 160 53.07 -16.22 13.69
CA PHE B 160 52.26 -15.49 12.73
C PHE B 160 52.80 -15.61 11.32
N LEU B 161 54.12 -15.77 11.15
CA LEU B 161 54.66 -15.97 9.81
C LEU B 161 54.11 -17.24 9.18
N LEU B 162 54.11 -18.34 9.93
CA LEU B 162 53.58 -19.58 9.39
C LEU B 162 52.09 -19.49 9.14
N TYR B 163 51.36 -18.83 10.04
CA TYR B 163 49.93 -18.69 9.82
C TYR B 163 49.63 -17.82 8.61
N PHE B 164 50.51 -16.89 8.27
CA PHE B 164 50.35 -16.13 7.04
C PHE B 164 50.69 -16.96 5.81
N GLY B 165 51.75 -17.76 5.89
CA GLY B 165 52.12 -18.59 4.76
C GLY B 165 51.03 -19.59 4.41
N LEU B 166 50.47 -20.25 5.43
CA LEU B 166 49.42 -21.22 5.16
C LEU B 166 48.23 -20.58 4.47
N ARG B 167 47.84 -19.38 4.91
CA ARG B 167 46.76 -18.67 4.23
C ARG B 167 47.14 -18.37 2.79
N PHE B 168 48.37 -17.94 2.56
CA PHE B 168 48.77 -17.58 1.20
C PHE B 168 48.75 -18.79 0.28
N ILE B 169 49.01 -19.99 0.81
CA ILE B 169 48.93 -21.18 -0.03
C ILE B 169 47.52 -21.39 -0.54
N ALA B 170 46.52 -21.23 0.33
CA ALA B 170 45.17 -21.68 0.05
C ALA B 170 44.25 -20.57 -0.45
N ALA B 171 44.77 -19.66 -1.27
CA ALA B 171 43.96 -18.62 -1.87
C ALA B 171 43.80 -18.88 -3.36
N ASN B 172 42.58 -18.67 -3.86
CA ASN B 172 42.28 -19.01 -5.25
C ASN B 172 43.13 -18.19 -6.22
N ASP B 173 43.14 -16.86 -6.08
CA ASP B 173 43.94 -15.99 -6.94
C ASP B 173 44.78 -15.07 -6.06
N LYS B 174 46.07 -14.99 -6.38
CA LYS B 174 47.04 -14.40 -5.45
C LYS B 174 46.83 -12.89 -5.30
N LEU B 175 46.58 -12.20 -6.41
CA LEU B 175 46.71 -10.75 -6.41
C LEU B 175 45.79 -10.10 -5.38
N TRP B 176 44.49 -10.24 -5.55
CA TRP B 176 43.57 -9.60 -4.62
C TRP B 176 43.73 -10.12 -3.19
N PHE B 177 44.29 -11.31 -3.00
CA PHE B 177 44.62 -11.73 -1.65
C PHE B 177 45.73 -10.88 -1.06
N TRP B 178 46.72 -10.54 -1.88
CA TRP B 178 47.88 -9.80 -1.38
C TRP B 178 47.47 -8.42 -0.86
N LEU B 179 46.55 -7.75 -1.55
CA LEU B 179 46.06 -6.44 -1.11
C LEU B 179 44.89 -6.65 -0.15
N GLU B 180 45.21 -7.06 1.06
CA GLU B 180 44.20 -7.36 2.06
C GLU B 180 44.62 -6.84 3.43
N VAL B 181 43.62 -6.47 4.23
CA VAL B 181 43.84 -5.84 5.52
C VAL B 181 44.73 -6.70 6.41
N ASN B 182 44.28 -7.92 6.71
CA ASN B 182 45.09 -8.81 7.54
C ASN B 182 46.46 -9.03 6.92
N SER B 183 46.51 -9.17 5.60
CA SER B 183 47.80 -9.39 4.95
C SER B 183 48.73 -8.19 5.14
N VAL B 184 48.22 -6.98 4.89
CA VAL B 184 49.11 -5.82 4.96
C VAL B 184 49.54 -5.57 6.40
N VAL B 185 48.68 -5.85 7.38
CA VAL B 185 49.13 -5.66 8.75
C VAL B 185 50.20 -6.68 9.11
N ASP B 186 50.09 -7.91 8.60
CA ASP B 186 51.20 -8.83 8.80
C ASP B 186 52.47 -8.32 8.15
N PHE B 187 52.35 -7.71 6.96
CA PHE B 187 53.53 -7.14 6.32
C PHE B 187 54.18 -6.06 7.16
N PHE B 188 53.39 -5.17 7.73
CA PHE B 188 53.97 -4.09 8.52
C PHE B 188 54.28 -4.48 9.96
N THR B 189 53.99 -5.71 10.38
CA THR B 189 54.38 -6.12 11.72
C THR B 189 55.39 -7.25 11.78
N VAL B 190 55.66 -7.96 10.69
CA VAL B 190 56.61 -9.07 10.77
C VAL B 190 58.07 -8.63 10.72
N PRO B 191 58.51 -7.86 9.73
CA PRO B 191 59.96 -7.60 9.58
C PRO B 191 60.60 -6.94 10.78
N PRO B 192 59.97 -5.92 11.41
CA PRO B 192 60.73 -5.10 12.35
C PRO B 192 61.37 -5.89 13.48
N VAL B 193 60.72 -6.94 13.99
CA VAL B 193 61.31 -7.67 15.11
C VAL B 193 62.54 -8.43 14.64
N PHE B 194 62.51 -9.01 13.44
CA PHE B 194 63.70 -9.67 12.92
C PHE B 194 64.83 -8.67 12.71
N VAL B 195 64.51 -7.51 12.14
CA VAL B 195 65.57 -6.51 11.95
C VAL B 195 66.11 -6.08 13.30
N SER B 196 65.24 -5.99 14.30
CA SER B 196 65.67 -5.63 15.64
C SER B 196 66.64 -6.64 16.21
N VAL B 197 66.27 -7.92 16.19
CA VAL B 197 67.16 -8.92 16.75
C VAL B 197 68.44 -8.99 15.93
N TYR B 198 68.41 -8.56 14.67
CA TYR B 198 69.65 -8.39 13.94
C TYR B 198 70.51 -7.28 14.55
N LEU B 199 69.92 -6.11 14.79
CA LEU B 199 70.67 -4.97 15.25
C LEU B 199 70.76 -4.86 16.77
N ASN B 200 69.91 -5.59 17.51
CA ASN B 200 69.83 -5.45 18.96
C ASN B 200 69.56 -4.00 19.35
N ARG B 201 68.70 -3.34 18.58
CA ARG B 201 68.30 -1.97 18.86
C ARG B 201 66.95 -1.74 18.21
N SER B 202 65.88 -1.79 18.99
CA SER B 202 64.53 -1.78 18.46
C SER B 202 63.99 -0.36 18.36
N TRP B 203 62.75 -0.25 17.92
CA TRP B 203 62.05 1.03 17.85
C TRP B 203 60.57 0.77 17.97
N LEU B 204 59.87 1.66 18.69
CA LEU B 204 58.41 1.70 18.63
C LEU B 204 58.07 2.30 17.28
N GLY B 205 58.19 1.48 16.25
CA GLY B 205 57.84 1.91 14.91
C GLY B 205 56.35 1.82 14.72
N LEU B 206 55.90 1.27 13.60
CA LEU B 206 54.47 1.17 13.38
C LEU B 206 53.92 -0.08 14.03
N ARG B 207 54.22 -0.30 15.31
CA ARG B 207 53.70 -1.46 16.00
C ARG B 207 52.24 -1.30 16.40
N PHE B 208 51.75 -0.06 16.44
CA PHE B 208 50.37 0.19 16.81
C PHE B 208 49.37 -0.48 15.86
N LEU B 209 49.81 -0.90 14.67
CA LEU B 209 48.90 -1.63 13.79
C LEU B 209 48.42 -2.93 14.40
N ARG B 210 49.14 -3.47 15.39
CA ARG B 210 48.84 -4.83 15.84
C ARG B 210 47.39 -4.99 16.28
N ALA B 211 46.83 -3.97 16.93
CA ALA B 211 45.45 -4.06 17.41
C ALA B 211 44.47 -4.39 16.29
N LEU B 212 44.77 -3.96 15.06
CA LEU B 212 43.87 -4.20 13.94
C LEU B 212 43.55 -5.67 13.78
N ARG B 213 44.44 -6.56 14.21
CA ARG B 213 44.18 -7.99 14.15
C ARG B 213 42.78 -8.36 14.64
N LEU B 214 42.21 -7.56 15.54
CA LEU B 214 40.91 -7.91 16.10
C LEU B 214 39.83 -8.07 15.04
N ILE B 215 39.96 -7.44 13.87
CA ILE B 215 38.96 -7.60 12.83
C ILE B 215 38.71 -9.07 12.51
N GLN B 216 39.72 -9.91 12.67
CA GLN B 216 39.53 -11.32 12.30
C GLN B 216 38.53 -12.04 13.20
N PHE B 217 38.22 -11.51 14.39
CA PHE B 217 37.53 -12.31 15.40
C PHE B 217 36.28 -12.98 14.85
N SER B 218 35.38 -12.21 14.23
CA SER B 218 34.13 -12.78 13.75
C SER B 218 34.39 -14.02 12.93
N GLU B 219 35.29 -13.92 11.94
CA GLU B 219 35.58 -15.07 11.10
C GLU B 219 36.10 -16.24 11.94
N ILE B 220 37.09 -15.99 12.79
CA ILE B 220 37.66 -17.12 13.54
C ILE B 220 36.73 -17.61 14.63
N LEU B 221 35.54 -17.02 14.74
CA LEU B 221 34.48 -17.63 15.53
C LEU B 221 33.52 -18.46 14.68
N GLN B 222 33.20 -18.00 13.48
CA GLN B 222 32.17 -18.69 12.70
C GLN B 222 32.59 -20.11 12.35
N PHE B 223 33.87 -20.34 12.08
CA PHE B 223 34.32 -21.71 11.80
C PHE B 223 34.00 -22.62 12.98
N LEU B 224 34.17 -22.13 14.20
CA LEU B 224 33.99 -22.94 15.38
C LEU B 224 32.53 -23.31 15.65
N ASN B 225 31.61 -22.90 14.77
CA ASN B 225 30.18 -23.18 14.95
C ASN B 225 29.70 -22.67 16.31
N ILE B 226 29.91 -21.38 16.53
CA ILE B 226 29.50 -20.75 17.78
C ILE B 226 28.47 -19.65 17.58
N LEU B 227 28.45 -18.98 16.43
CA LEU B 227 27.46 -17.97 16.13
C LEU B 227 26.61 -18.45 14.97
N LYS B 228 25.46 -19.03 15.28
CA LYS B 228 24.57 -19.54 14.24
C LYS B 228 23.48 -18.58 13.85
N THR B 229 22.97 -17.78 14.77
CA THR B 229 21.80 -16.96 14.53
C THR B 229 22.18 -15.72 13.73
N SER B 230 21.24 -14.78 13.62
CA SER B 230 21.43 -13.57 12.83
C SER B 230 21.97 -12.39 13.64
N ASN B 231 21.27 -12.00 14.71
CA ASN B 231 21.63 -10.78 15.41
C ASN B 231 23.04 -10.86 15.98
N SER B 232 23.42 -12.02 16.51
CA SER B 232 24.72 -12.14 17.17
C SER B 232 25.86 -11.78 16.22
N ILE B 233 25.76 -12.19 14.96
CA ILE B 233 26.79 -11.85 13.99
C ILE B 233 26.90 -10.34 13.86
N LYS B 234 25.77 -9.66 13.74
CA LYS B 234 25.77 -8.20 13.62
C LYS B 234 26.47 -7.57 14.82
N LEU B 235 26.09 -8.00 16.02
CA LEU B 235 26.63 -7.37 17.22
C LEU B 235 28.13 -7.58 17.33
N VAL B 236 28.59 -8.81 17.11
CA VAL B 236 30.02 -9.07 17.23
C VAL B 236 30.79 -8.28 16.19
N ASN B 237 30.30 -8.24 14.95
CA ASN B 237 31.02 -7.53 13.90
C ASN B 237 31.16 -6.05 14.24
N LEU B 238 30.06 -5.43 14.67
CA LEU B 238 30.12 -4.01 15.01
C LEU B 238 31.10 -3.75 16.16
N LEU B 239 30.96 -4.49 17.26
CA LEU B 239 31.84 -4.22 18.39
C LEU B 239 33.30 -4.40 18.00
N SER B 240 33.59 -5.42 17.20
CA SER B 240 34.97 -5.67 16.82
C SER B 240 35.53 -4.52 16.01
N ILE B 241 34.83 -4.10 14.96
CA ILE B 241 35.35 -3.01 14.14
C ILE B 241 35.55 -1.76 14.99
N PHE B 242 34.60 -1.48 15.88
CA PHE B 242 34.68 -0.27 16.69
C PHE B 242 35.91 -0.27 17.57
N ILE B 243 36.10 -1.32 18.35
CA ILE B 243 37.25 -1.36 19.25
C ILE B 243 38.54 -1.30 18.46
N SER B 244 38.59 -1.99 17.33
CA SER B 244 39.79 -1.99 16.50
C SER B 244 40.18 -0.58 16.09
N THR B 245 39.27 0.11 15.41
CA THR B 245 39.62 1.43 14.88
C THR B 245 39.95 2.40 16.01
N TRP B 246 39.24 2.30 17.13
CA TRP B 246 39.53 3.19 18.25
C TRP B 246 40.95 3.01 18.74
N LEU B 247 41.35 1.77 19.03
CA LEU B 247 42.70 1.55 19.51
C LEU B 247 43.73 1.99 18.48
N THR B 248 43.48 1.72 17.20
CA THR B 248 44.48 2.04 16.20
C THR B 248 44.69 3.54 16.08
N ALA B 249 43.60 4.31 16.10
CA ALA B 249 43.74 5.76 16.05
C ALA B 249 44.52 6.25 17.26
N ALA B 250 44.21 5.71 18.43
CA ALA B 250 44.99 6.09 19.62
C ALA B 250 46.47 5.85 19.37
N GLY B 251 46.81 4.68 18.85
CA GLY B 251 48.21 4.36 18.62
C GLY B 251 48.88 5.35 17.69
N PHE B 252 48.20 5.70 16.60
CA PHE B 252 48.82 6.63 15.65
C PHE B 252 49.06 7.98 16.29
N ILE B 253 48.10 8.48 17.06
CA ILE B 253 48.30 9.77 17.72
C ILE B 253 49.50 9.69 18.65
N HIS B 254 49.60 8.60 19.42
CA HIS B 254 50.71 8.48 20.36
C HIS B 254 52.04 8.50 19.62
N LEU B 255 52.14 7.74 18.54
CA LEU B 255 53.40 7.68 17.80
C LEU B 255 53.77 9.03 17.22
N VAL B 256 52.83 9.71 16.60
CA VAL B 256 53.17 10.97 15.95
C VAL B 256 53.53 12.03 16.99
N GLU B 257 52.78 12.08 18.09
CA GLU B 257 52.97 13.17 19.03
C GLU B 257 54.24 13.00 19.87
N ASN B 258 54.50 11.78 20.38
CA ASN B 258 55.69 11.62 21.20
C ASN B 258 56.94 11.94 20.40
N SER B 259 57.01 11.46 19.17
CA SER B 259 58.06 11.89 18.27
C SER B 259 57.81 13.34 17.86
N GLY B 260 58.87 13.98 17.39
CA GLY B 260 58.73 15.34 16.92
C GLY B 260 58.25 15.40 15.48
N ASP B 261 58.87 16.27 14.69
CA ASP B 261 58.66 16.36 13.27
C ASP B 261 60.00 16.52 12.58
N PRO B 262 60.18 15.95 11.39
CA PRO B 262 61.45 16.11 10.69
C PRO B 262 61.83 17.54 10.41
N TRP B 263 60.99 18.31 9.74
CA TRP B 263 61.42 19.60 9.24
C TRP B 263 61.52 20.66 10.32
N GLU B 264 61.46 20.27 11.59
CA GLU B 264 61.88 21.16 12.68
C GLU B 264 63.03 20.55 13.48
N ASN B 265 63.67 19.51 12.94
CA ASN B 265 64.80 18.85 13.59
C ASN B 265 64.41 18.34 14.99
N PHE B 266 63.20 17.81 15.10
CA PHE B 266 62.74 17.12 16.30
C PHE B 266 62.82 18.01 17.53
N GLN B 267 62.03 19.10 17.52
CA GLN B 267 62.14 20.05 18.62
C GLN B 267 60.80 20.58 19.12
N ASN B 268 59.69 19.87 18.89
CA ASN B 268 58.43 20.30 19.47
C ASN B 268 57.65 19.09 19.98
N ASN B 269 58.33 18.19 20.67
CA ASN B 269 57.66 17.01 21.22
C ASN B 269 56.80 17.38 22.41
N GLN B 270 55.64 16.75 22.51
CA GLN B 270 54.71 16.94 23.63
C GLN B 270 54.59 15.62 24.38
N ALA B 271 54.87 15.64 25.67
CA ALA B 271 54.93 14.40 26.44
C ALA B 271 53.53 13.86 26.68
N LEU B 272 53.25 12.66 26.18
CA LEU B 272 51.98 11.98 26.37
C LEU B 272 52.23 10.53 26.73
N THR B 273 51.18 9.86 27.19
CA THR B 273 51.15 8.41 27.33
C THR B 273 49.86 7.88 26.74
N TYR B 274 49.88 6.60 26.38
CA TYR B 274 48.78 5.99 25.64
C TYR B 274 47.43 6.36 26.22
N TRP B 275 47.34 6.43 27.55
CA TRP B 275 46.06 6.69 28.21
C TRP B 275 45.49 8.03 27.78
N GLU B 276 46.30 9.09 27.85
CA GLU B 276 45.79 10.39 27.41
C GLU B 276 45.34 10.33 25.97
N CYS B 277 46.07 9.61 25.12
CA CYS B 277 45.72 9.59 23.70
C CYS B 277 44.36 8.97 23.48
N VAL B 278 44.11 7.82 24.11
CA VAL B 278 42.79 7.20 23.91
C VAL B 278 41.71 8.08 24.50
N TYR B 279 42.00 8.75 25.61
CA TYR B 279 41.04 9.69 26.18
C TYR B 279 40.70 10.78 25.18
N LEU B 280 41.72 11.30 24.52
CA LEU B 280 41.51 12.40 23.58
C LEU B 280 40.70 11.94 22.38
N LEU B 281 40.98 10.75 21.86
CA LEU B 281 40.18 10.25 20.75
C LEU B 281 38.72 10.08 21.14
N MET B 282 38.44 9.47 22.29
CA MET B 282 37.02 9.31 22.65
C MET B 282 36.36 10.63 22.97
N VAL B 283 37.12 11.62 23.44
CA VAL B 283 36.55 12.95 23.58
C VAL B 283 36.17 13.51 22.22
N THR B 284 37.05 13.35 21.24
CA THR B 284 36.81 14.00 19.96
C THR B 284 35.69 13.32 19.18
N MET B 285 35.68 11.99 19.13
CA MET B 285 34.73 11.31 18.24
C MET B 285 33.29 11.67 18.58
N SER B 286 32.93 11.65 19.85
CA SER B 286 31.54 11.84 20.22
C SER B 286 31.13 13.30 20.26
N THR B 287 31.91 14.20 19.65
CA THR B 287 31.60 15.62 19.50
C THR B 287 31.59 16.36 20.83
N VAL B 288 32.07 15.77 21.91
CA VAL B 288 32.06 16.47 23.19
C VAL B 288 33.03 17.64 23.16
N GLY B 289 34.31 17.34 22.99
CA GLY B 289 35.32 18.38 23.03
C GLY B 289 35.63 18.81 24.45
N TYR B 290 36.84 19.31 24.65
CA TYR B 290 37.29 19.80 25.95
C TYR B 290 38.55 20.60 25.71
N GLY B 291 38.82 21.53 26.62
CA GLY B 291 40.02 22.34 26.54
C GLY B 291 41.23 21.76 27.22
N ASP B 292 41.23 20.47 27.55
CA ASP B 292 42.28 19.92 28.39
C ASP B 292 43.52 19.56 27.59
N VAL B 293 43.36 18.74 26.55
CA VAL B 293 44.49 18.22 25.79
C VAL B 293 44.14 18.27 24.31
N TYR B 294 45.10 18.69 23.49
CA TYR B 294 44.91 18.81 22.06
C TYR B 294 46.25 18.61 21.37
N ALA B 295 46.25 17.87 20.27
CA ALA B 295 47.48 17.66 19.54
C ALA B 295 48.07 18.99 19.08
N LYS B 296 49.39 19.10 19.17
CA LYS B 296 50.04 20.39 18.97
C LYS B 296 50.93 20.48 17.74
N THR B 297 51.41 19.37 17.20
CA THR B 297 52.28 19.42 16.04
C THR B 297 51.49 19.30 14.75
N THR B 298 52.15 19.65 13.64
CA THR B 298 51.47 19.75 12.36
C THR B 298 50.85 18.42 11.96
N LEU B 299 51.63 17.35 12.01
CA LEU B 299 51.14 16.05 11.55
C LEU B 299 49.91 15.63 12.34
N GLY B 300 49.93 15.83 13.65
CA GLY B 300 48.78 15.45 14.46
C GLY B 300 47.53 16.21 14.07
N ARG B 301 47.67 17.52 13.87
CA ARG B 301 46.50 18.31 13.49
C ARG B 301 45.97 17.87 12.14
N LEU B 302 46.86 17.59 11.19
CA LEU B 302 46.39 17.13 9.89
C LEU B 302 45.65 15.81 10.03
N PHE B 303 46.18 14.91 10.85
CA PHE B 303 45.50 13.63 11.04
C PHE B 303 44.14 13.83 11.66
N MET B 304 44.03 14.72 12.64
CA MET B 304 42.72 15.00 13.23
C MET B 304 41.76 15.55 12.19
N VAL B 305 42.25 16.48 11.36
CA VAL B 305 41.40 17.09 10.34
C VAL B 305 40.81 16.02 9.45
N PHE B 306 41.64 15.10 8.97
CA PHE B 306 41.09 14.05 8.13
C PHE B 306 40.20 13.09 8.91
N PHE B 307 40.67 12.64 10.08
CA PHE B 307 39.98 11.58 10.80
C PHE B 307 38.60 12.00 11.25
N ILE B 308 38.37 13.30 11.44
CA ILE B 308 37.04 13.76 11.83
C ILE B 308 36.01 13.29 10.81
N LEU B 309 36.33 13.46 9.52
CA LEU B 309 35.36 13.25 8.45
C LEU B 309 34.77 11.86 8.46
N GLY B 310 35.55 10.86 8.88
CA GLY B 310 35.04 9.52 8.94
C GLY B 310 34.51 9.19 10.32
N GLY B 311 35.26 9.59 11.34
CA GLY B 311 34.94 9.17 12.69
C GLY B 311 33.57 9.63 13.14
N LEU B 312 33.21 10.87 12.80
CA LEU B 312 31.91 11.36 13.28
C LEU B 312 30.78 10.50 12.74
N ALA B 313 30.77 10.25 11.44
CA ALA B 313 29.74 9.40 10.86
C ALA B 313 29.79 8.01 11.47
N MET B 314 30.99 7.47 11.64
CA MET B 314 31.14 6.13 12.21
C MET B 314 30.46 6.04 13.56
N PHE B 315 30.80 6.96 14.46
CA PHE B 315 30.25 6.90 15.81
C PHE B 315 28.75 7.10 15.79
N ALA B 316 28.29 8.16 15.13
CA ALA B 316 26.88 8.50 15.18
C ALA B 316 26.01 7.50 14.43
N SER B 317 26.59 6.63 13.61
CA SER B 317 25.81 5.59 12.97
C SER B 317 26.06 4.20 13.52
N TYR B 318 27.01 4.04 14.45
CA TYR B 318 27.21 2.74 15.05
C TYR B 318 26.68 2.63 16.47
N VAL B 319 26.91 3.63 17.32
CA VAL B 319 26.54 3.50 18.73
C VAL B 319 25.06 3.20 18.91
N PRO B 320 24.12 3.93 18.29
CA PRO B 320 22.71 3.57 18.47
C PRO B 320 22.38 2.17 18.01
N GLU B 321 23.03 1.69 16.95
CA GLU B 321 22.78 0.34 16.48
C GLU B 321 23.15 -0.68 17.56
N ILE B 322 24.33 -0.53 18.15
CA ILE B 322 24.76 -1.47 19.19
C ILE B 322 23.83 -1.40 20.38
N ILE B 323 23.42 -0.18 20.77
CA ILE B 323 22.50 -0.08 21.89
C ILE B 323 21.18 -0.78 21.58
N GLU B 324 20.68 -0.63 20.34
CA GLU B 324 19.40 -1.25 20.01
C GLU B 324 19.49 -2.76 19.98
N LEU B 325 20.55 -3.32 19.39
CA LEU B 325 20.63 -4.77 19.26
C LEU B 325 20.67 -5.45 20.63
N ILE B 326 21.57 -5.00 21.50
CA ILE B 326 21.57 -5.54 22.85
C ILE B 326 20.36 -5.00 23.61
N GLY B 327 19.95 -5.73 24.62
CA GLY B 327 18.87 -5.27 25.48
C GLY B 327 17.47 -5.50 24.95
N ASN B 328 17.32 -6.07 23.76
CA ASN B 328 16.00 -6.46 23.26
C ASN B 328 15.59 -7.76 23.95
N ARG B 329 15.30 -7.62 25.24
CA ARG B 329 15.04 -8.75 26.11
C ARG B 329 13.54 -8.91 26.37
N LYS B 330 13.05 -10.14 26.26
CA LYS B 330 11.65 -10.42 26.55
C LYS B 330 11.42 -10.26 28.05
N LYS B 331 10.64 -9.25 28.44
CA LYS B 331 10.45 -8.95 29.84
C LYS B 331 9.53 -9.95 30.53
N TYR B 332 8.60 -10.56 29.81
CA TYR B 332 7.57 -11.41 30.39
C TYR B 332 7.79 -12.88 30.07
N GLY B 333 9.05 -13.33 30.10
CA GLY B 333 9.35 -14.74 30.03
C GLY B 333 8.99 -15.44 31.32
N GLY B 334 9.63 -16.58 31.53
CA GLY B 334 9.47 -17.32 32.77
C GLY B 334 8.28 -18.26 32.72
N SER B 335 7.90 -18.72 33.90
CA SER B 335 6.84 -19.71 34.03
C SER B 335 6.12 -19.54 35.35
N TYR B 336 4.89 -20.03 35.40
CA TYR B 336 4.07 -19.99 36.60
C TYR B 336 4.49 -21.09 37.57
N SER B 337 3.92 -21.05 38.76
CA SER B 337 4.15 -22.07 39.77
C SER B 337 2.81 -22.52 40.32
N ALA B 338 2.77 -23.76 40.79
CA ALA B 338 1.57 -24.35 41.35
C ALA B 338 1.65 -24.29 42.87
N VAL B 339 0.60 -23.79 43.49
CA VAL B 339 0.51 -23.67 44.94
C VAL B 339 -0.60 -24.57 45.44
N SER B 340 -0.32 -25.34 46.47
CA SER B 340 -1.30 -26.27 46.99
C SER B 340 -2.46 -25.52 47.63
N GLY B 341 -3.63 -26.15 47.63
CA GLY B 341 -4.79 -25.62 48.31
C GLY B 341 -5.60 -24.61 47.55
N ARG B 342 -5.16 -24.21 46.35
CA ARG B 342 -5.90 -23.25 45.54
C ARG B 342 -6.09 -23.83 44.15
N LYS B 343 -6.65 -23.01 43.26
CA LYS B 343 -6.95 -23.43 41.91
C LYS B 343 -6.70 -22.27 40.96
N HIS B 344 -6.18 -22.59 39.78
CA HIS B 344 -5.83 -21.60 38.78
C HIS B 344 -6.44 -21.99 37.44
N ILE B 345 -6.86 -20.99 36.66
CA ILE B 345 -7.42 -21.26 35.34
C ILE B 345 -6.59 -20.54 34.29
N VAL B 346 -6.96 -20.72 33.02
CA VAL B 346 -6.23 -20.16 31.90
C VAL B 346 -7.22 -19.52 30.94
N VAL B 347 -6.73 -18.55 30.17
CA VAL B 347 -7.49 -17.96 29.07
C VAL B 347 -6.58 -17.87 27.86
N CYS B 348 -7.19 -17.68 26.69
CA CYS B 348 -6.42 -17.54 25.47
C CYS B 348 -7.32 -17.01 24.37
N GLY B 349 -6.78 -16.11 23.56
CA GLY B 349 -7.55 -15.58 22.45
C GLY B 349 -7.45 -14.09 22.28
N HIS B 350 -8.57 -13.45 21.93
CA HIS B 350 -8.59 -12.03 21.59
C HIS B 350 -8.48 -11.22 22.87
N ILE B 351 -7.24 -10.98 23.29
CA ILE B 351 -6.95 -10.23 24.51
C ILE B 351 -6.78 -8.75 24.14
N THR B 352 -7.68 -7.91 24.62
CA THR B 352 -7.59 -6.48 24.42
C THR B 352 -8.29 -5.77 25.56
N LEU B 353 -8.05 -4.46 25.64
CA LEU B 353 -8.42 -3.70 26.84
C LEU B 353 -9.90 -3.86 27.17
N GLU B 354 -10.77 -3.68 26.18
CA GLU B 354 -12.21 -3.76 26.44
C GLU B 354 -12.58 -5.13 26.99
N SER B 355 -12.17 -6.19 26.31
CA SER B 355 -12.56 -7.53 26.71
C SER B 355 -12.01 -7.87 28.08
N VAL B 356 -10.74 -7.55 28.34
CA VAL B 356 -10.14 -7.89 29.63
C VAL B 356 -10.86 -7.14 30.73
N SER B 357 -11.14 -5.86 30.53
CA SER B 357 -11.85 -5.10 31.55
C SER B 357 -13.20 -5.72 31.85
N ASN B 358 -13.99 -6.00 30.82
CA ASN B 358 -15.33 -6.56 31.05
C ASN B 358 -15.25 -7.90 31.77
N PHE B 359 -14.41 -8.80 31.26
CA PHE B 359 -14.30 -10.12 31.86
C PHE B 359 -13.86 -10.04 33.31
N LEU B 360 -12.84 -9.24 33.59
CA LEU B 360 -12.32 -9.18 34.95
C LEU B 360 -13.33 -8.56 35.90
N LYS B 361 -14.01 -7.51 35.43
CA LYS B 361 -15.08 -6.90 36.23
C LYS B 361 -16.13 -7.93 36.60
N ASP B 362 -16.57 -8.73 35.64
CA ASP B 362 -17.61 -9.70 35.95
C ASP B 362 -17.08 -10.83 36.82
N PHE B 363 -15.80 -11.16 36.69
CA PHE B 363 -15.27 -12.31 37.42
C PHE B 363 -15.08 -11.99 38.89
N LEU B 364 -14.48 -10.85 39.21
CA LEU B 364 -14.06 -10.58 40.59
C LEU B 364 -15.05 -9.73 41.36
N HIS B 365 -16.26 -9.55 40.86
CA HIS B 365 -17.19 -8.63 41.52
C HIS B 365 -17.57 -9.13 42.91
N LYS B 366 -17.66 -8.19 43.85
CA LYS B 366 -17.76 -8.55 45.26
C LYS B 366 -19.06 -9.24 45.60
N ASP B 367 -20.12 -8.99 44.82
CA ASP B 367 -21.42 -9.56 45.18
C ASP B 367 -21.40 -11.08 45.14
N ARG B 368 -20.48 -11.66 44.38
CA ARG B 368 -20.45 -13.11 44.23
C ARG B 368 -20.01 -13.75 45.55
N ASP B 369 -20.23 -15.06 45.65
CA ASP B 369 -19.71 -15.84 46.78
C ASP B 369 -18.20 -15.64 46.89
N ASP B 370 -17.68 -15.90 48.08
CA ASP B 370 -16.26 -15.68 48.36
C ASP B 370 -15.40 -16.39 47.33
N VAL B 371 -14.70 -15.60 46.52
CA VAL B 371 -13.94 -16.13 45.40
C VAL B 371 -12.54 -16.48 45.86
N ASN B 372 -12.06 -17.63 45.43
CA ASN B 372 -10.68 -18.06 45.69
C ASN B 372 -10.11 -18.76 44.45
N VAL B 373 -9.56 -17.96 43.54
CA VAL B 373 -8.93 -18.44 42.32
C VAL B 373 -7.85 -17.45 41.92
N GLU B 374 -7.05 -17.84 40.93
CA GLU B 374 -6.12 -16.94 40.27
C GLU B 374 -6.38 -17.01 38.77
N ILE B 375 -5.93 -15.99 38.05
CA ILE B 375 -6.19 -15.87 36.63
C ILE B 375 -4.86 -15.76 35.90
N VAL B 376 -4.72 -16.52 34.82
CA VAL B 376 -3.48 -16.60 34.05
C VAL B 376 -3.80 -16.35 32.58
N PHE B 377 -3.06 -15.44 31.96
CA PHE B 377 -3.31 -15.09 30.57
C PHE B 377 -2.20 -15.62 29.67
N LEU B 378 -2.52 -15.81 28.39
CA LEU B 378 -1.54 -16.09 27.35
C LEU B 378 -1.86 -15.29 26.09
N HIS B 379 -0.82 -14.98 25.32
CA HIS B 379 -0.96 -14.18 24.12
C HIS B 379 0.40 -14.11 23.45
N ASN B 380 0.41 -13.80 22.15
CA ASN B 380 1.66 -13.73 21.42
C ASN B 380 1.99 -12.32 20.95
N ILE B 381 1.34 -11.30 21.50
CA ILE B 381 1.71 -9.92 21.30
C ILE B 381 1.96 -9.29 22.66
N SER B 382 3.12 -8.69 22.83
CA SER B 382 3.44 -8.08 24.11
C SER B 382 2.41 -7.00 24.43
N PRO B 383 1.75 -7.08 25.58
CA PRO B 383 0.70 -6.11 25.90
C PRO B 383 1.27 -4.70 25.96
N ASN B 384 0.46 -3.74 25.54
CA ASN B 384 0.90 -2.35 25.47
C ASN B 384 0.73 -1.68 26.83
N LEU B 385 1.14 -0.41 26.88
CA LEU B 385 1.23 0.30 28.16
C LEU B 385 -0.12 0.40 28.84
N GLU B 386 -1.17 0.71 28.08
CA GLU B 386 -2.48 0.96 28.68
C GLU B 386 -2.97 -0.26 29.45
N LEU B 387 -2.81 -1.45 28.87
CA LEU B 387 -3.27 -2.66 29.51
C LEU B 387 -2.42 -3.01 30.73
N GLU B 388 -1.19 -2.51 30.75
CA GLU B 388 -0.28 -2.79 31.86
C GLU B 388 -0.91 -2.26 33.14
N ALA B 389 -1.68 -1.19 33.03
CA ALA B 389 -2.36 -0.64 34.19
C ALA B 389 -3.25 -1.67 34.85
N LEU B 390 -4.13 -2.30 34.06
CA LEU B 390 -5.01 -3.31 34.65
C LEU B 390 -4.22 -4.51 35.14
N PHE B 391 -3.24 -4.98 34.36
CA PHE B 391 -2.51 -6.16 34.81
C PHE B 391 -1.71 -5.89 36.06
N LYS B 392 -1.41 -4.63 36.35
CA LYS B 392 -0.72 -4.34 37.60
C LYS B 392 -1.69 -4.11 38.74
N ARG B 393 -2.81 -3.44 38.47
CA ARG B 393 -3.68 -2.98 39.55
C ARG B 393 -4.20 -4.15 40.38
N HIS B 394 -4.43 -5.29 39.75
CA HIS B 394 -4.73 -6.51 40.50
C HIS B 394 -3.45 -7.35 40.64
N PHE B 395 -2.50 -6.78 41.37
CA PHE B 395 -1.19 -7.42 41.49
C PHE B 395 -1.26 -8.78 42.17
N THR B 396 -2.35 -9.06 42.87
CA THR B 396 -2.46 -10.30 43.62
C THR B 396 -3.38 -11.33 42.98
N GLN B 397 -3.96 -11.04 41.82
CA GLN B 397 -4.95 -11.93 41.25
C GLN B 397 -4.80 -12.17 39.76
N VAL B 398 -3.82 -11.58 39.10
CA VAL B 398 -3.67 -11.70 37.66
C VAL B 398 -2.21 -11.91 37.33
N GLU B 399 -1.92 -12.89 36.48
CA GLU B 399 -0.55 -13.07 36.04
C GLU B 399 -0.51 -13.38 34.55
N PHE B 400 0.60 -13.01 33.93
CA PHE B 400 0.75 -12.97 32.49
C PHE B 400 1.98 -13.74 32.09
N TYR B 401 1.96 -14.35 30.91
CA TYR B 401 3.11 -15.06 30.37
C TYR B 401 3.05 -15.03 28.85
N GLN B 402 4.00 -14.33 28.25
CA GLN B 402 4.05 -14.29 26.79
C GLN B 402 4.33 -15.67 26.22
N GLY B 403 3.77 -15.93 25.05
CA GLY B 403 3.97 -17.19 24.38
C GLY B 403 2.92 -17.38 23.31
N SER B 404 2.69 -18.64 22.97
CA SER B 404 1.60 -19.00 22.08
C SER B 404 0.71 -20.03 22.76
N VAL B 405 -0.27 -20.52 22.03
CA VAL B 405 -1.07 -21.66 22.46
C VAL B 405 -0.90 -22.85 21.55
N LEU B 406 -0.33 -22.68 20.36
CA LEU B 406 -0.09 -23.76 19.42
C LEU B 406 1.24 -24.47 19.66
N ASN B 407 2.08 -23.95 20.54
CA ASN B 407 3.39 -24.55 20.78
C ASN B 407 3.35 -25.38 22.04
N PRO B 408 3.40 -26.71 21.94
CA PRO B 408 3.25 -27.56 23.12
C PRO B 408 4.34 -27.38 24.16
N HIS B 409 5.29 -26.48 23.95
CA HIS B 409 6.13 -26.06 25.06
C HIS B 409 5.49 -24.98 25.90
N ASP B 410 4.87 -23.99 25.25
CA ASP B 410 4.18 -22.94 26.01
C ASP B 410 3.12 -23.53 26.91
N LEU B 411 2.24 -24.36 26.35
CA LEU B 411 1.19 -24.97 27.15
C LEU B 411 1.72 -25.92 28.22
N ALA B 412 3.04 -26.09 28.29
CA ALA B 412 3.66 -26.75 29.44
C ALA B 412 4.11 -25.75 30.48
N ARG B 413 4.42 -24.52 30.06
CA ARG B 413 4.80 -23.49 31.02
C ARG B 413 3.63 -23.16 31.94
N VAL B 414 2.45 -22.97 31.35
CA VAL B 414 1.29 -22.52 32.11
C VAL B 414 0.76 -23.58 33.05
N LYS B 415 1.23 -24.81 32.92
CA LYS B 415 0.83 -25.92 33.77
C LYS B 415 -0.68 -26.18 33.66
N ILE B 416 -1.10 -26.49 32.43
CA ILE B 416 -2.49 -26.88 32.21
C ILE B 416 -2.78 -28.20 32.91
N GLU B 417 -1.80 -29.09 32.97
CA GLU B 417 -2.00 -30.44 33.49
C GLU B 417 -2.52 -30.46 34.92
N SER B 418 -2.55 -29.32 35.60
CA SER B 418 -3.14 -29.23 36.94
C SER B 418 -4.16 -28.11 37.03
N ALA B 419 -4.70 -27.66 35.91
CA ALA B 419 -5.63 -26.55 35.88
C ALA B 419 -7.05 -27.04 36.14
N ASP B 420 -8.04 -26.19 35.90
CA ASP B 420 -9.44 -26.55 36.04
C ASP B 420 -10.29 -26.21 34.84
N ALA B 421 -9.86 -25.32 33.97
CA ALA B 421 -10.64 -24.91 32.81
C ALA B 421 -9.74 -24.05 31.93
N CYS B 422 -10.22 -23.75 30.73
CA CYS B 422 -9.50 -22.83 29.86
C CYS B 422 -10.52 -22.13 28.97
N LEU B 423 -10.94 -20.94 29.38
CA LEU B 423 -11.87 -20.18 28.58
C LEU B 423 -11.19 -19.68 27.31
N ILE B 424 -12.01 -19.29 26.33
CA ILE B 424 -11.48 -18.78 25.08
C ILE B 424 -12.29 -17.57 24.63
N LEU B 425 -11.75 -16.38 24.84
CA LEU B 425 -12.37 -15.19 24.28
C LEU B 425 -12.23 -15.19 22.76
N ALA B 426 -13.31 -14.88 22.07
CA ALA B 426 -13.33 -14.86 20.61
C ALA B 426 -13.76 -13.49 20.12
N ASN B 427 -13.16 -13.05 19.02
CA ASN B 427 -13.39 -11.70 18.53
C ASN B 427 -14.77 -11.61 17.90
N LYS B 428 -15.66 -10.84 18.53
CA LYS B 428 -17.03 -10.73 18.02
C LYS B 428 -17.09 -9.86 16.78
N TYR B 429 -16.37 -8.73 16.78
CA TYR B 429 -16.48 -7.77 15.69
C TYR B 429 -15.44 -8.02 14.60
N CYS B 430 -15.35 -9.25 14.11
CA CYS B 430 -14.36 -9.54 13.09
C CYS B 430 -14.87 -9.08 11.72
N ALA B 431 -13.95 -9.06 10.75
CA ALA B 431 -14.32 -8.72 9.38
C ALA B 431 -14.89 -9.93 8.65
N ASP B 432 -14.07 -10.96 8.48
CA ASP B 432 -14.53 -12.21 7.91
C ASP B 432 -14.81 -13.17 9.05
N PRO B 433 -16.06 -13.56 9.28
CA PRO B 433 -16.33 -14.48 10.40
C PRO B 433 -15.57 -15.78 10.32
N ASP B 434 -15.40 -16.34 9.12
CA ASP B 434 -14.95 -17.72 8.98
C ASP B 434 -13.55 -17.93 9.58
N ALA B 435 -12.63 -17.01 9.31
CA ALA B 435 -11.27 -17.19 9.81
C ALA B 435 -11.22 -17.23 11.32
N GLU B 436 -12.03 -16.38 11.97
CA GLU B 436 -12.01 -16.30 13.42
C GLU B 436 -12.39 -17.63 14.05
N ASP B 437 -13.53 -18.19 13.64
CA ASP B 437 -13.93 -19.45 14.25
C ASP B 437 -13.02 -20.59 13.81
N ALA B 438 -12.46 -20.53 12.61
CA ALA B 438 -11.50 -21.56 12.22
C ALA B 438 -10.31 -21.57 13.18
N SER B 439 -9.77 -20.39 13.47
CA SER B 439 -8.66 -20.31 14.40
C SER B 439 -9.05 -20.80 15.79
N ASN B 440 -10.27 -20.45 16.23
CA ASN B 440 -10.72 -20.96 17.52
C ASN B 440 -10.81 -22.48 17.51
N ILE B 441 -11.29 -23.05 16.41
CA ILE B 441 -11.37 -24.51 16.29
C ILE B 441 -9.99 -25.12 16.47
N MET B 442 -9.00 -24.59 15.75
CA MET B 442 -7.66 -25.16 15.87
C MET B 442 -7.11 -24.99 17.28
N ARG B 443 -7.44 -23.87 17.94
CA ARG B 443 -7.00 -23.68 19.32
C ARG B 443 -7.56 -24.78 20.22
N VAL B 444 -8.86 -25.07 20.07
CA VAL B 444 -9.45 -26.17 20.84
C VAL B 444 -8.76 -27.48 20.50
N ILE B 445 -8.44 -27.68 19.21
CA ILE B 445 -7.80 -28.92 18.79
C ILE B 445 -6.47 -29.10 19.51
N SER B 446 -5.65 -28.06 19.52
CA SER B 446 -4.33 -28.15 20.14
C SER B 446 -4.46 -28.39 21.64
N ILE B 447 -5.32 -27.62 22.31
CA ILE B 447 -5.45 -27.79 23.75
C ILE B 447 -5.91 -29.20 24.08
N LYS B 448 -6.83 -29.74 23.27
CA LYS B 448 -7.22 -31.13 23.45
C LYS B 448 -6.04 -32.06 23.20
N ASN B 449 -5.19 -31.71 22.22
CA ASN B 449 -4.05 -32.57 21.90
C ASN B 449 -3.14 -32.71 23.11
N TYR B 450 -2.89 -31.63 23.83
CA TYR B 450 -1.99 -31.75 24.97
C TYR B 450 -2.63 -32.54 26.11
N HIS B 451 -3.97 -32.59 26.19
CA HIS B 451 -4.58 -33.31 27.30
C HIS B 451 -6.04 -33.58 26.98
N PRO B 452 -6.52 -34.80 27.22
CA PRO B 452 -7.93 -35.12 26.93
C PRO B 452 -8.92 -34.75 28.03
N LYS B 453 -8.48 -34.79 29.29
CA LYS B 453 -9.39 -34.68 30.42
C LYS B 453 -9.60 -33.24 30.87
N ILE B 454 -9.42 -32.28 29.97
CA ILE B 454 -9.49 -30.88 30.33
C ILE B 454 -10.92 -30.39 30.16
N ARG B 455 -11.23 -29.30 30.84
CA ARG B 455 -12.50 -28.60 30.65
C ARG B 455 -12.28 -27.43 29.71
N ILE B 456 -13.28 -27.16 28.87
CA ILE B 456 -13.19 -26.10 27.89
C ILE B 456 -14.51 -25.35 27.85
N ILE B 457 -14.43 -24.03 27.77
CA ILE B 457 -15.59 -23.16 27.55
C ILE B 457 -15.17 -22.10 26.56
N THR B 458 -15.87 -22.02 25.43
CA THR B 458 -15.41 -21.16 24.35
C THR B 458 -16.60 -20.43 23.74
N GLN B 459 -16.31 -19.69 22.66
CA GLN B 459 -17.30 -18.94 21.92
C GLN B 459 -17.31 -19.45 20.49
N MET B 460 -18.32 -19.03 19.73
CA MET B 460 -18.49 -19.49 18.37
C MET B 460 -19.30 -18.41 17.66
N LEU B 461 -19.38 -18.44 16.34
CA LEU B 461 -20.04 -17.27 15.71
C LEU B 461 -21.22 -17.63 14.80
N GLN B 462 -21.25 -18.80 14.17
CA GLN B 462 -22.45 -19.17 13.38
C GLN B 462 -22.83 -20.61 13.73
N TYR B 463 -24.11 -20.94 13.75
CA TYR B 463 -24.50 -22.30 14.18
C TYR B 463 -23.88 -23.31 13.21
N HIS B 464 -23.72 -22.92 11.95
CA HIS B 464 -23.26 -23.91 10.95
C HIS B 464 -21.89 -24.45 11.34
N ASN B 465 -20.98 -23.63 11.86
CA ASN B 465 -19.63 -24.18 12.15
C ASN B 465 -19.56 -24.77 13.56
N LYS B 466 -20.58 -24.55 14.38
CA LYS B 466 -20.52 -25.00 15.79
C LYS B 466 -20.42 -26.50 15.80
N ALA B 467 -21.10 -27.13 14.88
CA ALA B 467 -21.17 -28.61 14.93
C ALA B 467 -19.79 -29.25 14.83
N HIS B 468 -18.86 -28.70 14.07
CA HIS B 468 -17.58 -29.43 13.87
C HIS B 468 -16.98 -29.76 15.23
N LEU B 469 -17.13 -28.85 16.21
CA LEU B 469 -16.55 -29.04 17.56
C LEU B 469 -17.20 -30.24 18.24
N LEU B 470 -18.38 -30.65 17.80
CA LEU B 470 -18.96 -31.88 18.37
C LEU B 470 -18.06 -33.06 18.00
N ASN B 471 -17.46 -33.04 16.81
CA ASN B 471 -16.64 -34.17 16.30
C ASN B 471 -15.34 -34.49 17.06
N ILE B 472 -14.56 -33.51 17.52
CA ILE B 472 -13.20 -33.80 18.10
C ILE B 472 -13.35 -34.85 19.18
N PRO B 473 -12.43 -35.81 19.29
CA PRO B 473 -12.64 -36.96 20.16
C PRO B 473 -12.96 -36.87 21.65
N SER B 474 -12.47 -35.87 22.37
CA SER B 474 -12.74 -35.95 23.82
C SER B 474 -13.74 -34.94 24.41
N TRP B 475 -14.43 -34.12 23.62
CA TRP B 475 -15.45 -33.23 24.22
C TRP B 475 -16.44 -34.13 24.95
N ASN B 476 -16.80 -33.80 26.18
CA ASN B 476 -17.86 -34.63 26.83
C ASN B 476 -19.06 -33.75 27.21
N TRP B 477 -20.06 -33.62 26.33
CA TRP B 477 -21.21 -32.71 26.61
C TRP B 477 -21.89 -33.22 27.88
N LYS B 478 -21.95 -34.53 28.03
CA LYS B 478 -22.55 -35.11 29.25
C LYS B 478 -21.71 -34.73 30.47
N GLU B 479 -20.39 -34.75 30.37
CA GLU B 479 -19.64 -34.48 31.61
C GLU B 479 -18.61 -33.38 31.48
N GLY B 480 -18.73 -32.34 32.31
CA GLY B 480 -17.69 -31.29 32.37
C GLY B 480 -17.34 -30.65 31.03
N ASP B 481 -18.30 -30.31 30.19
CA ASP B 481 -17.91 -29.59 28.96
C ASP B 481 -19.08 -28.72 28.52
N ASP B 482 -18.85 -27.80 27.59
CA ASP B 482 -19.97 -26.98 27.07
C ASP B 482 -19.49 -26.09 25.94
N ALA B 483 -20.43 -25.39 25.32
CA ALA B 483 -20.06 -24.43 24.29
C ALA B 483 -21.14 -23.37 24.22
N ILE B 484 -20.73 -22.11 24.11
CA ILE B 484 -21.67 -20.98 24.08
C ILE B 484 -21.52 -20.27 22.75
N CYS B 485 -22.55 -20.37 21.92
CA CYS B 485 -22.58 -19.62 20.68
C CYS B 485 -23.00 -18.19 20.95
N LEU B 486 -23.08 -17.39 19.89
CA LEU B 486 -23.69 -16.06 19.97
C LEU B 486 -24.93 -15.96 19.09
N ALA B 487 -24.82 -16.33 17.81
CA ALA B 487 -25.96 -16.19 16.92
C ALA B 487 -27.16 -16.96 17.45
N GLU B 488 -26.95 -18.19 17.89
CA GLU B 488 -28.05 -18.98 18.43
C GLU B 488 -28.71 -18.26 19.59
N LEU B 489 -27.92 -17.84 20.58
CA LEU B 489 -28.49 -17.16 21.73
C LEU B 489 -29.12 -15.83 21.35
N LYS B 490 -28.51 -15.12 20.40
CA LYS B 490 -29.06 -13.84 19.96
C LYS B 490 -30.47 -14.01 19.41
N LEU B 491 -30.61 -14.80 18.35
CA LEU B 491 -31.93 -14.99 17.77
C LEU B 491 -32.86 -15.67 18.76
N GLY B 492 -32.33 -16.48 19.67
CA GLY B 492 -33.18 -17.12 20.66
C GLY B 492 -33.81 -16.11 21.60
N PHE B 493 -33.01 -15.18 22.12
CA PHE B 493 -33.58 -14.11 22.93
C PHE B 493 -34.63 -13.35 22.14
N ILE B 494 -34.32 -12.94 20.91
CA ILE B 494 -35.28 -12.13 20.17
C ILE B 494 -36.58 -12.89 19.99
N ALA B 495 -36.49 -14.14 19.54
CA ALA B 495 -37.70 -14.92 19.28
C ALA B 495 -38.49 -15.13 20.55
N GLN B 496 -37.83 -15.64 21.60
CA GLN B 496 -38.55 -15.91 22.83
C GLN B 496 -39.16 -14.64 23.40
N SER B 497 -38.62 -13.48 23.02
CA SER B 497 -39.29 -12.23 23.37
C SER B 497 -40.39 -11.85 22.40
N CYS B 498 -40.46 -12.47 21.22
CA CYS B 498 -41.54 -12.14 20.30
C CYS B 498 -42.90 -12.41 20.91
N LEU B 499 -43.01 -13.39 21.81
CA LEU B 499 -44.29 -13.68 22.41
C LEU B 499 -44.68 -12.71 23.51
N ALA B 500 -43.72 -11.99 24.08
CA ALA B 500 -44.02 -11.04 25.14
C ALA B 500 -42.92 -9.99 25.19
N GLN B 501 -43.33 -8.73 25.14
CA GLN B 501 -42.37 -7.64 25.01
C GLN B 501 -41.41 -7.60 26.19
N GLY B 502 -40.16 -7.26 25.90
CA GLY B 502 -39.19 -6.94 26.93
C GLY B 502 -38.53 -8.13 27.59
N LEU B 503 -38.99 -9.35 27.31
CA LEU B 503 -38.41 -10.52 27.97
C LEU B 503 -36.90 -10.58 27.73
N SER B 504 -36.46 -10.07 26.58
CA SER B 504 -35.04 -10.03 26.27
C SER B 504 -34.26 -9.31 27.38
N THR B 505 -34.70 -8.11 27.74
CA THR B 505 -34.00 -7.36 28.77
C THR B 505 -34.04 -8.09 30.11
N MET B 506 -35.20 -8.66 30.45
CA MET B 506 -35.31 -9.30 31.75
C MET B 506 -34.32 -10.45 31.86
N LEU B 507 -34.20 -11.26 30.81
CA LEU B 507 -33.17 -12.29 30.81
C LEU B 507 -31.77 -11.68 30.89
N ALA B 508 -31.47 -10.75 29.98
CA ALA B 508 -30.09 -10.30 29.83
C ALA B 508 -29.58 -9.58 31.07
N ASN B 509 -30.46 -9.03 31.88
CA ASN B 509 -29.99 -8.38 33.10
C ASN B 509 -29.73 -9.37 34.23
N LEU B 510 -30.21 -10.59 34.11
CA LEU B 510 -29.98 -11.58 35.17
C LEU B 510 -28.56 -12.11 35.19
N PHE B 511 -27.75 -11.83 34.18
CA PHE B 511 -26.43 -12.44 34.05
C PHE B 511 -25.31 -11.41 34.05
N SER B 512 -25.54 -10.25 34.65
CA SER B 512 -24.50 -9.27 34.87
C SER B 512 -24.50 -8.90 36.34
N MET B 513 -23.36 -9.07 37.00
CA MET B 513 -23.29 -8.81 38.43
C MET B 513 -23.45 -7.33 38.70
N ARG B 514 -24.41 -6.98 39.55
CA ARG B 514 -24.68 -5.58 39.84
C ARG B 514 -25.08 -5.44 41.30
N SER B 515 -24.87 -4.23 41.83
CA SER B 515 -25.17 -3.91 43.21
C SER B 515 -26.32 -2.92 43.27
N PHE B 516 -27.08 -2.99 44.35
CA PHE B 516 -28.24 -2.13 44.52
C PHE B 516 -27.81 -0.67 44.68
N ILE B 517 -28.68 0.24 44.27
CA ILE B 517 -28.34 1.65 44.18
C ILE B 517 -29.40 2.49 44.89
N LYS B 518 -29.03 3.74 45.21
CA LYS B 518 -29.93 4.75 45.76
C LYS B 518 -30.26 5.79 44.70
N ILE B 519 -31.55 5.95 44.42
CA ILE B 519 -32.07 7.06 43.63
C ILE B 519 -33.31 7.59 44.35
N GLU B 520 -33.43 8.92 44.43
CA GLU B 520 -34.55 9.53 45.15
C GLU B 520 -35.54 10.24 44.25
N GLU B 521 -35.11 10.76 43.09
CA GLU B 521 -36.02 11.42 42.17
C GLU B 521 -37.09 10.44 41.70
N ASP B 522 -38.33 10.91 41.61
CA ASP B 522 -39.46 10.04 41.30
C ASP B 522 -39.57 9.86 39.78
N THR B 523 -38.49 9.38 39.19
CA THR B 523 -38.45 8.96 37.80
C THR B 523 -38.69 7.46 37.75
N TRP B 524 -38.52 6.86 36.57
CA TRP B 524 -38.57 5.42 36.48
C TRP B 524 -37.26 4.76 36.86
N GLN B 525 -36.17 5.54 36.89
CA GLN B 525 -34.85 4.96 37.10
C GLN B 525 -34.75 4.26 38.45
N LYS B 526 -35.33 4.85 39.49
CA LYS B 526 -35.24 4.23 40.81
C LYS B 526 -35.98 2.90 40.82
N TYR B 527 -37.22 2.89 40.35
CA TYR B 527 -37.99 1.66 40.35
C TYR B 527 -37.37 0.60 39.47
N TYR B 528 -36.58 1.00 38.47
CA TYR B 528 -35.96 0.03 37.58
C TYR B 528 -34.69 -0.55 38.19
N LEU B 529 -33.83 0.32 38.71
CA LEU B 529 -32.65 -0.17 39.41
C LEU B 529 -33.02 -0.97 40.65
N GLU B 530 -34.25 -0.81 41.15
CA GLU B 530 -34.75 -1.64 42.23
C GLU B 530 -34.58 -3.11 41.88
N GLY B 531 -34.82 -3.46 40.62
CA GLY B 531 -34.76 -4.85 40.21
C GLY B 531 -33.58 -5.20 39.33
N VAL B 532 -32.84 -4.19 38.86
CA VAL B 532 -31.69 -4.48 38.02
C VAL B 532 -30.72 -5.41 38.73
N SER B 533 -30.38 -5.10 39.98
CA SER B 533 -29.26 -5.78 40.62
C SER B 533 -29.60 -7.18 41.09
N ASN B 534 -30.70 -7.75 40.64
CA ASN B 534 -30.97 -9.14 40.98
C ASN B 534 -30.13 -10.07 40.11
N GLU B 535 -29.92 -11.29 40.62
CA GLU B 535 -29.10 -12.28 39.93
C GLU B 535 -29.71 -13.66 40.18
N MET B 536 -29.09 -14.67 39.58
CA MET B 536 -29.58 -16.04 39.57
C MET B 536 -28.51 -16.97 40.10
N TYR B 537 -28.86 -17.78 41.10
CA TYR B 537 -27.90 -18.64 41.78
C TYR B 537 -28.47 -20.05 41.91
N THR B 538 -27.61 -20.97 42.34
CA THR B 538 -28.00 -22.36 42.55
C THR B 538 -27.52 -22.84 43.91
N GLU B 539 -28.27 -23.78 44.49
CA GLU B 539 -27.90 -24.37 45.75
C GLU B 539 -28.71 -25.63 45.97
N TYR B 540 -28.17 -26.56 46.76
CA TYR B 540 -28.91 -27.75 47.12
C TYR B 540 -30.01 -27.40 48.13
N LEU B 541 -31.03 -28.25 48.17
CA LEU B 541 -32.17 -28.02 49.04
C LEU B 541 -31.88 -28.51 50.46
N SER B 542 -32.90 -28.50 51.29
CA SER B 542 -32.85 -29.06 52.63
C SER B 542 -33.60 -30.39 52.66
N SER B 543 -33.13 -31.29 53.53
CA SER B 543 -33.75 -32.61 53.62
C SER B 543 -35.19 -32.53 54.12
N ALA B 544 -35.55 -31.49 54.86
CA ALA B 544 -36.88 -31.40 55.43
C ALA B 544 -37.98 -31.18 54.40
N PHE B 545 -37.62 -30.82 53.16
CA PHE B 545 -38.61 -30.44 52.16
C PHE B 545 -38.88 -31.54 51.13
N VAL B 546 -38.44 -32.76 51.39
CA VAL B 546 -38.61 -33.83 50.40
C VAL B 546 -40.07 -34.23 50.28
N GLY B 547 -40.74 -34.46 51.41
CA GLY B 547 -42.08 -35.01 51.38
C GLY B 547 -43.16 -33.95 51.37
N LEU B 548 -43.09 -33.02 50.42
CA LEU B 548 -44.06 -31.94 50.33
C LEU B 548 -44.35 -31.64 48.86
N SER B 549 -45.16 -30.62 48.64
CA SER B 549 -45.65 -30.26 47.31
C SER B 549 -44.90 -29.05 46.76
N PHE B 550 -44.54 -29.13 45.47
CA PHE B 550 -43.82 -28.03 44.83
C PHE B 550 -44.54 -26.70 44.96
N PRO B 551 -45.84 -26.59 44.69
CA PRO B 551 -46.51 -25.31 44.98
C PRO B 551 -46.39 -24.90 46.42
N THR B 552 -46.59 -25.84 47.35
CA THR B 552 -46.52 -25.52 48.77
C THR B 552 -45.13 -25.05 49.15
N VAL B 553 -44.10 -25.74 48.65
CA VAL B 553 -42.74 -25.33 49.02
C VAL B 553 -42.38 -24.00 48.37
N CYS B 554 -42.89 -23.72 47.17
CA CYS B 554 -42.68 -22.41 46.57
C CYS B 554 -43.26 -21.31 47.45
N GLU B 555 -44.53 -21.50 47.87
CA GLU B 555 -45.16 -20.50 48.71
C GLU B 555 -44.42 -20.37 50.04
N LEU B 556 -43.99 -21.50 50.61
CA LEU B 556 -43.22 -21.47 51.84
C LEU B 556 -41.94 -20.67 51.67
N CYS B 557 -41.22 -20.93 50.57
CA CYS B 557 -39.98 -20.21 50.30
C CYS B 557 -40.23 -18.71 50.26
N PHE B 558 -41.26 -18.28 49.52
CA PHE B 558 -41.47 -16.85 49.39
C PHE B 558 -41.92 -16.24 50.71
N VAL B 559 -42.83 -16.89 51.43
CA VAL B 559 -43.41 -16.25 52.61
C VAL B 559 -42.42 -16.25 53.77
N LYS B 560 -41.69 -17.36 53.98
CA LYS B 560 -40.77 -17.47 55.10
C LYS B 560 -39.35 -17.07 54.74
N LEU B 561 -39.09 -16.71 53.49
CA LEU B 561 -37.73 -16.45 53.04
C LEU B 561 -37.57 -15.16 52.25
N LYS B 562 -38.64 -14.60 51.69
CA LYS B 562 -38.54 -13.48 50.76
C LYS B 562 -37.64 -13.83 49.59
N LEU B 563 -37.70 -15.09 49.15
CA LEU B 563 -36.84 -15.62 48.10
C LEU B 563 -37.65 -16.42 47.11
N LEU B 564 -37.23 -16.37 45.85
CA LEU B 564 -37.98 -16.95 44.75
C LEU B 564 -37.14 -18.01 44.04
N MET B 565 -37.82 -19.04 43.53
CA MET B 565 -37.18 -20.09 42.77
C MET B 565 -37.98 -20.40 41.51
N ILE B 566 -37.29 -20.89 40.50
CA ILE B 566 -37.83 -21.03 39.15
C ILE B 566 -38.03 -22.49 38.78
N ALA B 567 -37.00 -23.31 38.93
CA ALA B 567 -37.02 -24.63 38.34
C ALA B 567 -36.28 -25.62 39.22
N ILE B 568 -36.40 -26.90 38.87
CA ILE B 568 -35.79 -28.00 39.60
C ILE B 568 -34.88 -28.76 38.65
N GLU B 569 -33.82 -29.35 39.21
CA GLU B 569 -32.69 -29.78 38.41
C GLU B 569 -32.96 -31.06 37.62
N TYR B 570 -33.31 -32.15 38.30
CA TYR B 570 -33.49 -33.44 37.62
C TYR B 570 -34.08 -34.42 38.63
N LYS B 571 -34.93 -35.32 38.13
CA LYS B 571 -35.70 -36.19 39.02
C LYS B 571 -35.65 -37.67 38.68
N SER B 572 -35.42 -38.05 37.43
CA SER B 572 -35.52 -39.46 37.05
C SER B 572 -34.39 -40.29 37.68
N ALA B 573 -34.71 -41.53 38.01
CA ALA B 573 -33.73 -42.49 38.49
C ALA B 573 -33.06 -43.22 37.34
N ASN B 574 -32.54 -42.46 36.39
CA ASN B 574 -31.92 -42.99 35.18
C ASN B 574 -30.58 -42.31 34.97
N ARG B 575 -29.84 -42.78 33.98
CA ARG B 575 -28.49 -42.29 33.70
C ARG B 575 -28.48 -41.13 32.71
N GLU B 576 -29.64 -40.66 32.26
CA GLU B 576 -29.74 -39.48 31.42
C GLU B 576 -30.30 -38.33 32.24
N SER B 577 -29.62 -37.18 32.18
CA SER B 577 -30.01 -36.02 32.97
C SER B 577 -30.89 -35.09 32.13
N ARG B 578 -32.04 -34.72 32.68
CA ARG B 578 -32.96 -33.80 32.04
C ARG B 578 -33.33 -32.70 33.03
N ILE B 579 -33.64 -31.53 32.49
CA ILE B 579 -33.92 -30.34 33.29
C ILE B 579 -35.37 -29.93 33.07
N LEU B 580 -36.09 -29.70 34.17
CA LEU B 580 -37.48 -29.28 34.13
C LEU B 580 -37.60 -27.88 34.70
N ILE B 581 -38.45 -27.06 34.05
CA ILE B 581 -38.72 -25.70 34.50
C ILE B 581 -40.18 -25.62 34.94
N ASN B 582 -40.40 -25.04 36.11
CA ASN B 582 -41.73 -24.85 36.66
C ASN B 582 -42.51 -26.16 36.70
N PRO B 583 -42.16 -27.10 37.57
CA PRO B 583 -42.89 -28.36 37.63
C PRO B 583 -44.32 -28.15 38.09
N GLY B 584 -45.17 -29.10 37.71
CA GLY B 584 -46.58 -29.00 38.04
C GLY B 584 -46.90 -29.47 39.44
N ASN B 585 -47.92 -30.32 39.58
CA ASN B 585 -48.35 -30.79 40.89
C ASN B 585 -48.38 -32.31 40.97
N HIS B 586 -47.71 -33.00 40.04
CA HIS B 586 -47.60 -34.45 40.09
C HIS B 586 -46.20 -34.90 40.49
N LEU B 587 -45.43 -34.02 41.14
CA LEU B 587 -44.04 -34.30 41.49
C LEU B 587 -43.79 -33.92 42.95
N LYS B 588 -42.97 -34.72 43.62
CA LYS B 588 -42.57 -34.44 45.00
C LYS B 588 -41.06 -34.58 45.12
N ILE B 589 -40.49 -33.85 46.08
CA ILE B 589 -39.06 -33.68 46.17
C ILE B 589 -38.40 -34.95 46.69
N GLN B 590 -37.28 -35.34 46.07
CA GLN B 590 -36.46 -36.43 46.53
C GLN B 590 -35.29 -35.88 47.34
N GLU B 591 -34.62 -36.78 48.07
CA GLU B 591 -33.47 -36.38 48.87
C GLU B 591 -32.32 -35.95 47.97
N GLY B 592 -31.68 -34.85 48.31
CA GLY B 592 -30.54 -34.38 47.57
C GLY B 592 -30.87 -33.84 46.19
N THR B 593 -31.55 -32.70 46.13
CA THR B 593 -31.92 -32.08 44.88
C THR B 593 -31.47 -30.62 44.86
N LEU B 594 -30.90 -30.22 43.74
CA LEU B 594 -30.44 -28.84 43.52
C LEU B 594 -31.60 -28.00 42.98
N GLY B 595 -31.56 -26.70 43.29
CA GLY B 595 -32.62 -25.82 42.84
C GLY B 595 -32.19 -24.39 42.56
N PHE B 596 -32.61 -23.87 41.41
CA PHE B 596 -32.24 -22.52 41.02
C PHE B 596 -33.07 -21.49 41.78
N PHE B 597 -32.50 -20.31 41.98
CA PHE B 597 -33.14 -19.24 42.72
C PHE B 597 -32.74 -17.90 42.11
N ILE B 598 -33.54 -16.88 42.39
CA ILE B 598 -33.25 -15.51 41.97
C ILE B 598 -33.33 -14.61 43.19
N ALA B 599 -32.28 -13.82 43.42
CA ALA B 599 -32.21 -12.96 44.59
C ALA B 599 -31.06 -11.99 44.41
N SER B 600 -30.78 -11.19 45.44
CA SER B 600 -29.80 -10.09 45.28
C SER B 600 -28.36 -10.54 45.50
N ASP B 601 -28.14 -11.45 46.43
CA ASP B 601 -26.74 -11.86 46.76
C ASP B 601 -26.71 -13.34 47.11
N ALA B 602 -25.60 -14.00 46.82
CA ALA B 602 -25.53 -15.46 47.03
C ALA B 602 -25.73 -15.82 48.50
N LYS B 603 -25.21 -14.99 49.41
CA LYS B 603 -25.26 -15.40 50.84
C LYS B 603 -26.73 -15.62 51.20
N GLU B 604 -27.61 -14.76 50.73
CA GLU B 604 -29.02 -14.90 51.12
C GLU B 604 -29.56 -16.23 50.60
N VAL B 605 -29.14 -16.63 49.40
CA VAL B 605 -29.70 -17.87 48.80
C VAL B 605 -29.38 -19.05 49.69
N LYS B 606 -28.24 -18.99 50.37
CA LYS B 606 -27.78 -20.17 51.16
C LYS B 606 -28.72 -20.47 52.33
N ARG B 607 -29.67 -19.59 52.64
CA ARG B 607 -30.51 -19.81 53.85
C ARG B 607 -31.26 -21.12 53.65
N ALA B 608 -31.23 -21.66 52.43
CA ALA B 608 -31.94 -22.90 52.08
C ALA B 608 -31.40 -24.13 52.83
N PHE B 609 -30.26 -24.02 53.52
CA PHE B 609 -29.67 -25.25 54.11
C PHE B 609 -30.65 -25.95 55.06
N PHE B 610 -31.32 -25.23 55.96
CA PHE B 610 -32.33 -25.85 56.85
C PHE B 610 -33.24 -24.77 57.43
N TYR B 611 -34.52 -25.07 57.71
CA TYR B 611 -35.42 -23.99 58.19
C TYR B 611 -36.14 -24.34 59.51
N CYS B 612 -36.01 -25.58 60.01
CA CYS B 612 -36.81 -25.96 61.20
C CYS B 612 -36.39 -25.14 62.43
N LYS B 613 -37.35 -24.83 63.32
CA LYS B 613 -37.09 -24.02 64.55
C LYS B 613 -36.59 -22.62 64.17
N ALA B 614 -37.10 -22.06 63.06
CA ALA B 614 -36.76 -20.66 62.70
C ALA B 614 -38.06 -19.89 62.48
N CYS B 615 -38.20 -18.70 63.07
CA CYS B 615 -39.46 -17.91 62.94
C CYS B 615 -39.12 -16.41 63.04
N ASN B 740 -50.92 -41.84 9.93
CA ASN B 740 -51.95 -40.88 10.30
C ASN B 740 -51.54 -39.44 9.98
N VAL B 741 -51.03 -38.75 11.00
CA VAL B 741 -50.72 -37.33 10.91
C VAL B 741 -49.21 -37.13 11.00
N LYS B 742 -48.77 -36.01 10.44
CA LYS B 742 -47.37 -35.61 10.45
C LYS B 742 -47.17 -34.39 11.34
N LYS B 743 -47.86 -34.37 12.49
CA LYS B 743 -47.95 -33.15 13.29
C LYS B 743 -46.58 -32.73 13.81
N TYR B 744 -45.76 -33.68 14.23
CA TYR B 744 -44.51 -33.36 14.89
C TYR B 744 -43.38 -34.16 14.25
N ASP B 745 -42.18 -34.02 14.81
CA ASP B 745 -41.05 -34.78 14.32
C ASP B 745 -40.90 -36.10 15.09
N SER B 746 -39.76 -36.76 14.85
CA SER B 746 -39.44 -37.95 15.63
C SER B 746 -39.27 -37.62 17.10
N THR B 747 -38.57 -36.53 17.40
CA THR B 747 -38.30 -36.21 18.81
C THR B 747 -39.57 -35.73 19.51
N GLY B 748 -40.30 -34.82 18.90
CA GLY B 748 -41.49 -34.25 19.52
C GLY B 748 -41.35 -32.84 20.04
N MET B 749 -40.39 -32.06 19.56
CA MET B 749 -40.19 -30.71 20.04
C MET B 749 -40.66 -29.64 19.07
N PHE B 750 -40.62 -29.89 17.76
CA PHE B 750 -41.09 -28.93 16.78
C PHE B 750 -42.14 -29.57 15.88
N HIS B 751 -43.08 -28.75 15.43
CA HIS B 751 -44.07 -29.21 14.46
C HIS B 751 -43.40 -29.47 13.12
N TRP B 752 -44.00 -30.37 12.35
CA TRP B 752 -43.34 -30.90 11.15
C TRP B 752 -44.32 -30.97 9.99
N CYS B 753 -43.77 -30.97 8.79
CA CYS B 753 -44.56 -31.00 7.56
C CYS B 753 -43.67 -31.52 6.43
N ALA B 754 -44.14 -31.34 5.19
CA ALA B 754 -43.48 -31.79 4.00
C ALA B 754 -42.76 -30.64 3.31
N PRO B 755 -41.71 -30.92 2.54
CA PRO B 755 -40.95 -29.84 1.88
C PRO B 755 -41.81 -29.09 0.87
N LYS B 756 -41.37 -27.88 0.55
CA LYS B 756 -42.10 -26.98 -0.34
C LYS B 756 -41.17 -26.54 -1.47
N GLU B 757 -41.72 -25.73 -2.37
CA GLU B 757 -40.99 -25.23 -3.53
C GLU B 757 -41.10 -23.72 -3.62
N ILE B 758 -40.10 -23.11 -4.25
CA ILE B 758 -39.95 -21.66 -4.21
C ILE B 758 -41.05 -20.97 -5.03
N GLU B 759 -41.35 -21.47 -6.22
CA GLU B 759 -42.32 -20.80 -7.08
C GLU B 759 -43.70 -20.71 -6.44
N LYS B 760 -44.02 -21.65 -5.56
CA LYS B 760 -45.38 -21.73 -5.03
C LYS B 760 -45.56 -20.97 -3.71
N VAL B 761 -44.54 -20.27 -3.23
CA VAL B 761 -44.68 -19.54 -1.97
C VAL B 761 -44.34 -18.07 -2.18
N ILE B 762 -43.59 -17.77 -3.23
CA ILE B 762 -43.26 -16.37 -3.53
C ILE B 762 -44.53 -15.61 -3.83
N LEU B 763 -44.88 -14.67 -2.96
CA LEU B 763 -46.09 -13.89 -3.11
C LEU B 763 -45.83 -12.64 -3.95
N THR B 764 -46.91 -11.96 -4.32
CA THR B 764 -46.83 -10.70 -5.03
C THR B 764 -47.67 -9.66 -4.30
N ARG B 765 -47.38 -8.38 -4.56
CA ARG B 765 -48.08 -7.31 -3.88
C ARG B 765 -49.58 -7.39 -4.11
N SER B 766 -49.99 -7.86 -5.29
CA SER B 766 -51.41 -7.98 -5.58
C SER B 766 -52.09 -8.94 -4.61
N GLU B 767 -51.65 -10.20 -4.59
CA GLU B 767 -52.24 -11.16 -3.66
C GLU B 767 -51.99 -10.75 -2.22
N ALA B 768 -50.88 -10.07 -1.96
CA ALA B 768 -50.61 -9.56 -0.62
C ALA B 768 -51.72 -8.63 -0.17
N ALA B 769 -52.15 -7.72 -1.05
CA ALA B 769 -53.32 -6.90 -0.76
C ALA B 769 -54.56 -7.78 -0.64
N MET B 770 -54.70 -8.76 -1.54
CA MET B 770 -55.88 -9.61 -1.52
C MET B 770 -55.99 -10.40 -0.23
N THR B 771 -54.89 -10.98 0.24
CA THR B 771 -54.94 -11.79 1.44
C THR B 771 -55.06 -10.91 2.68
N VAL B 772 -55.39 -11.55 3.80
CA VAL B 772 -55.59 -10.87 5.07
C VAL B 772 -54.74 -11.58 6.12
N LEU B 773 -54.08 -10.79 6.97
CA LEU B 773 -53.27 -11.30 8.06
C LEU B 773 -53.57 -10.52 9.32
N SER B 774 -53.39 -11.15 10.48
CA SER B 774 -53.67 -10.50 11.75
C SER B 774 -52.79 -11.09 12.83
N GLY B 775 -52.30 -10.21 13.71
CA GLY B 775 -51.56 -10.64 14.88
C GLY B 775 -50.33 -11.46 14.53
N HIS B 776 -49.56 -11.00 13.57
CA HIS B 776 -48.41 -11.75 13.07
C HIS B 776 -47.12 -10.98 13.26
N VAL B 777 -46.04 -11.56 12.73
CA VAL B 777 -44.69 -11.02 12.90
C VAL B 777 -44.03 -10.90 11.53
N VAL B 778 -43.28 -9.83 11.35
CA VAL B 778 -42.60 -9.54 10.09
C VAL B 778 -41.11 -9.37 10.38
N VAL B 779 -40.29 -9.92 9.50
CA VAL B 779 -38.84 -9.86 9.65
C VAL B 779 -38.28 -9.22 8.38
N CYS B 780 -37.62 -8.09 8.54
CA CYS B 780 -37.03 -7.39 7.40
C CYS B 780 -35.55 -7.73 7.34
N ILE B 781 -35.09 -8.16 6.17
CA ILE B 781 -33.70 -8.59 6.01
C ILE B 781 -33.03 -7.75 4.95
N PHE B 782 -31.88 -7.18 5.30
CA PHE B 782 -31.07 -6.41 4.36
C PHE B 782 -30.02 -7.31 3.74
N GLY B 783 -29.06 -6.71 3.04
CA GLY B 783 -27.93 -7.43 2.51
C GLY B 783 -28.15 -7.92 1.10
N ASP B 784 -27.08 -8.47 0.53
CA ASP B 784 -27.10 -8.94 -0.85
C ASP B 784 -26.49 -10.33 -0.95
N VAL B 785 -26.28 -10.79 -2.18
CA VAL B 785 -25.68 -12.10 -2.41
C VAL B 785 -24.25 -12.16 -1.92
N SER B 786 -23.57 -11.01 -1.87
CA SER B 786 -22.16 -10.95 -1.53
C SER B 786 -21.91 -10.84 -0.03
N SER B 787 -22.84 -11.31 0.82
CA SER B 787 -22.69 -11.26 2.26
C SER B 787 -22.76 -12.67 2.83
N ALA B 788 -22.61 -12.77 4.15
CA ALA B 788 -22.56 -14.04 4.85
C ALA B 788 -23.95 -14.43 5.33
N LEU B 789 -24.05 -15.64 5.87
CA LEU B 789 -25.30 -16.15 6.39
C LEU B 789 -25.69 -15.41 7.66
N ILE B 790 -26.90 -15.70 8.15
CA ILE B 790 -27.37 -15.23 9.46
C ILE B 790 -27.70 -16.39 10.37
N GLY B 791 -28.39 -17.40 9.85
CA GLY B 791 -28.76 -18.54 10.66
C GLY B 791 -30.20 -18.47 11.09
N LEU B 792 -31.08 -18.05 10.18
CA LEU B 792 -32.49 -17.86 10.47
C LEU B 792 -33.14 -19.09 11.08
N ARG B 793 -32.47 -20.24 11.03
CA ARG B 793 -33.06 -21.47 11.53
C ARG B 793 -33.39 -21.35 13.01
N ASN B 794 -32.44 -20.85 13.80
CA ASN B 794 -32.69 -20.68 15.23
C ASN B 794 -33.85 -19.75 15.51
N LEU B 795 -33.96 -18.66 14.74
CA LEU B 795 -35.03 -17.69 14.96
C LEU B 795 -36.39 -18.35 14.88
N VAL B 796 -36.64 -19.06 13.77
CA VAL B 796 -37.94 -19.68 13.59
C VAL B 796 -38.13 -20.91 14.46
N MET B 797 -37.07 -21.45 15.08
CA MET B 797 -37.28 -22.64 15.90
C MET B 797 -38.31 -22.43 17.00
N PRO B 798 -38.08 -21.59 18.02
CA PRO B 798 -38.95 -21.63 19.20
C PRO B 798 -40.36 -21.19 18.92
N LEU B 799 -40.58 -20.41 17.86
CA LEU B 799 -41.93 -20.00 17.51
C LEU B 799 -42.79 -21.21 17.17
N ARG B 800 -42.21 -22.17 16.46
CA ARG B 800 -42.91 -23.39 16.05
C ARG B 800 -42.78 -24.52 17.07
N ALA B 801 -42.62 -24.19 18.34
CA ALA B 801 -42.48 -25.21 19.37
C ALA B 801 -43.70 -26.10 19.43
N SER B 802 -43.47 -27.39 19.68
CA SER B 802 -44.57 -28.35 19.69
C SER B 802 -45.54 -28.10 20.84
N ASN B 803 -45.17 -27.28 21.81
CA ASN B 803 -46.03 -27.02 22.96
C ASN B 803 -47.03 -25.89 22.71
N PHE B 804 -47.36 -25.61 21.44
CA PHE B 804 -48.32 -24.58 21.08
C PHE B 804 -49.45 -25.21 20.28
N HIS B 805 -50.68 -24.83 20.60
CA HIS B 805 -51.82 -25.31 19.84
C HIS B 805 -51.73 -24.87 18.39
N TYR B 806 -52.22 -25.72 17.49
CA TYR B 806 -52.23 -25.37 16.07
C TYR B 806 -53.25 -24.30 15.75
N HIS B 807 -54.23 -24.07 16.62
CA HIS B 807 -55.20 -23.00 16.42
C HIS B 807 -54.80 -21.73 17.15
N GLU B 808 -53.63 -21.70 17.76
CA GLU B 808 -53.10 -20.49 18.40
C GLU B 808 -51.69 -20.20 17.89
N LEU B 809 -51.42 -20.55 16.64
CA LEU B 809 -50.09 -20.40 16.07
C LEU B 809 -49.74 -18.92 15.93
N LYS B 810 -48.53 -18.67 15.44
CA LYS B 810 -48.08 -17.35 15.08
C LYS B 810 -47.60 -17.39 13.64
N HIS B 811 -48.12 -16.50 12.80
CA HIS B 811 -47.69 -16.45 11.42
C HIS B 811 -46.44 -15.58 11.29
N ILE B 812 -45.66 -15.87 10.26
CA ILE B 812 -44.41 -15.16 10.00
C ILE B 812 -44.39 -14.70 8.55
N VAL B 813 -43.85 -13.52 8.30
CA VAL B 813 -43.62 -13.06 6.94
C VAL B 813 -42.22 -12.46 6.85
N PHE B 814 -41.45 -12.91 5.86
CA PHE B 814 -40.14 -12.35 5.59
C PHE B 814 -40.23 -11.32 4.47
N VAL B 815 -39.46 -10.25 4.60
CA VAL B 815 -39.43 -9.19 3.60
C VAL B 815 -37.98 -8.94 3.20
N GLY B 816 -37.72 -8.88 1.90
CA GLY B 816 -36.37 -8.57 1.48
C GLY B 816 -36.17 -8.79 0.00
N SER B 817 -34.96 -9.20 -0.35
CA SER B 817 -34.60 -9.53 -1.73
C SER B 817 -34.44 -11.03 -1.88
N ILE B 818 -35.13 -11.61 -2.85
CA ILE B 818 -35.14 -13.06 -3.01
C ILE B 818 -33.76 -13.59 -3.33
N GLU B 819 -32.91 -12.77 -3.96
CA GLU B 819 -31.56 -13.19 -4.27
C GLU B 819 -30.83 -13.63 -3.01
N TYR B 820 -30.97 -12.86 -1.93
CA TYR B 820 -30.39 -13.27 -0.66
C TYR B 820 -31.18 -14.40 -0.01
N LEU B 821 -32.51 -14.37 -0.16
CA LEU B 821 -33.34 -15.34 0.54
C LEU B 821 -33.02 -16.77 0.12
N LYS B 822 -32.80 -16.98 -1.19
CA LYS B 822 -32.58 -18.33 -1.69
C LYS B 822 -31.38 -18.98 -1.05
N ARG B 823 -30.27 -18.24 -0.92
CA ARG B 823 -29.02 -18.81 -0.41
C ARG B 823 -29.18 -19.43 0.96
N GLU B 824 -30.27 -19.12 1.67
CA GLU B 824 -30.48 -19.61 3.01
C GLU B 824 -31.75 -20.42 3.20
N TRP B 825 -32.74 -20.26 2.32
CA TRP B 825 -34.03 -20.87 2.61
C TRP B 825 -33.92 -22.39 2.66
N GLU B 826 -32.89 -22.96 2.01
CA GLU B 826 -32.78 -24.41 1.89
C GLU B 826 -32.89 -25.10 3.24
N THR B 827 -32.41 -24.45 4.30
CA THR B 827 -32.55 -25.00 5.64
C THR B 827 -33.87 -24.67 6.28
N LEU B 828 -34.75 -23.91 5.62
CA LEU B 828 -36.01 -23.50 6.20
C LEU B 828 -37.24 -24.13 5.54
N HIS B 829 -37.05 -24.96 4.51
CA HIS B 829 -38.21 -25.42 3.74
C HIS B 829 -39.17 -26.22 4.59
N ASN B 830 -38.66 -27.04 5.49
CA ASN B 830 -39.50 -28.02 6.18
C ASN B 830 -40.49 -27.35 7.12
N PHE B 831 -40.22 -26.13 7.56
CA PHE B 831 -41.08 -25.49 8.53
C PHE B 831 -42.45 -25.16 7.94
N PRO B 832 -43.48 -25.05 8.77
CA PRO B 832 -44.81 -24.70 8.27
C PRO B 832 -45.11 -23.20 8.34
N LYS B 833 -46.02 -22.78 7.47
CA LYS B 833 -46.60 -21.44 7.51
C LYS B 833 -45.53 -20.36 7.39
N VAL B 834 -44.88 -20.31 6.23
CA VAL B 834 -43.82 -19.37 5.96
C VAL B 834 -44.09 -18.69 4.63
N SER B 835 -43.81 -17.39 4.54
CA SER B 835 -44.04 -16.65 3.31
C SER B 835 -42.98 -15.58 3.15
N ILE B 836 -42.67 -15.27 1.89
CA ILE B 836 -41.58 -14.36 1.53
C ILE B 836 -42.11 -13.31 0.58
N LEU B 837 -41.67 -12.07 0.75
CA LEU B 837 -42.11 -10.96 -0.09
C LEU B 837 -40.90 -10.20 -0.60
N PRO B 838 -40.72 -10.09 -1.92
CA PRO B 838 -39.55 -9.40 -2.46
C PRO B 838 -39.70 -7.89 -2.37
N GLY B 839 -38.55 -7.22 -2.33
CA GLY B 839 -38.53 -5.77 -2.29
C GLY B 839 -37.52 -5.24 -1.30
N THR B 840 -37.82 -4.09 -0.70
CA THR B 840 -36.96 -3.50 0.29
C THR B 840 -37.84 -2.79 1.31
N PRO B 841 -37.69 -3.07 2.59
CA PRO B 841 -38.60 -2.51 3.59
C PRO B 841 -38.49 -1.01 3.78
N LEU B 842 -37.69 -0.31 2.98
CA LEU B 842 -37.71 1.14 3.06
C LEU B 842 -38.92 1.73 2.35
N SER B 843 -39.44 1.04 1.34
CA SER B 843 -40.61 1.52 0.61
C SER B 843 -41.86 1.32 1.46
N ARG B 844 -42.45 2.41 1.92
CA ARG B 844 -43.61 2.33 2.78
C ARG B 844 -44.76 1.58 2.12
N ALA B 845 -44.87 1.69 0.80
CA ALA B 845 -45.98 1.06 0.09
C ALA B 845 -45.94 -0.46 0.26
N ASP B 846 -44.77 -1.05 0.14
CA ASP B 846 -44.67 -2.50 0.28
C ASP B 846 -45.05 -2.94 1.68
N LEU B 847 -44.55 -2.24 2.70
CA LEU B 847 -44.90 -2.61 4.06
C LEU B 847 -46.39 -2.42 4.31
N ARG B 848 -47.03 -1.48 3.62
CA ARG B 848 -48.47 -1.33 3.78
C ARG B 848 -49.21 -2.59 3.37
N ALA B 849 -48.60 -3.39 2.49
CA ALA B 849 -49.25 -4.63 2.06
C ALA B 849 -49.23 -5.67 3.17
N VAL B 850 -48.11 -5.81 3.86
CA VAL B 850 -47.99 -6.83 4.90
C VAL B 850 -48.79 -6.48 6.13
N ASN B 851 -49.35 -5.28 6.19
CA ASN B 851 -50.27 -4.87 7.25
C ASN B 851 -49.62 -4.89 8.62
N ILE B 852 -48.60 -4.05 8.82
CA ILE B 852 -47.93 -3.91 10.10
C ILE B 852 -48.91 -3.41 11.15
N ASN B 853 -50.01 -2.82 10.70
CA ASN B 853 -50.99 -2.18 11.56
C ASN B 853 -51.41 -3.03 12.75
N LEU B 854 -51.73 -4.30 12.51
CA LEU B 854 -52.14 -5.22 13.57
C LEU B 854 -51.18 -6.40 13.73
N CYS B 855 -49.88 -6.14 13.65
CA CYS B 855 -48.90 -7.18 13.92
C CYS B 855 -48.58 -7.19 15.40
N ASP B 856 -47.56 -7.92 15.79
CA ASP B 856 -47.06 -7.80 17.16
C ASP B 856 -45.61 -7.36 17.21
N MET B 857 -44.72 -8.05 16.51
CA MET B 857 -43.32 -7.70 16.49
C MET B 857 -42.95 -7.17 15.10
N CYS B 858 -41.70 -6.71 15.01
CA CYS B 858 -41.11 -6.32 13.73
C CYS B 858 -39.61 -6.41 13.96
N VAL B 859 -38.97 -7.38 13.32
CA VAL B 859 -37.59 -7.72 13.66
C VAL B 859 -36.67 -7.29 12.53
N ILE B 860 -35.64 -6.52 12.88
CA ILE B 860 -34.71 -5.94 11.92
C ILE B 860 -33.33 -6.49 12.19
N LEU B 861 -32.70 -7.08 11.17
CA LEU B 861 -31.37 -7.64 11.31
C LEU B 861 -30.50 -7.18 10.15
N SER B 862 -29.35 -6.63 10.46
CA SER B 862 -28.36 -6.30 9.45
C SER B 862 -27.47 -7.51 9.18
N ALA B 863 -26.89 -7.53 8.00
CA ALA B 863 -25.97 -8.60 7.68
C ALA B 863 -24.64 -8.08 7.15
N ASN B 864 -24.65 -7.02 6.35
CA ASN B 864 -23.43 -6.50 5.73
C ASN B 864 -22.53 -5.76 6.71
N GLN B 865 -23.02 -5.50 7.93
CA GLN B 865 -22.27 -4.69 8.90
C GLN B 865 -20.91 -5.29 9.23
N ASN B 866 -20.75 -6.60 9.08
CA ASN B 866 -19.50 -7.25 9.46
C ASN B 866 -18.41 -7.11 8.40
N ASN B 867 -18.74 -6.58 7.21
CA ASN B 867 -17.76 -6.41 6.15
C ASN B 867 -17.31 -4.97 5.99
N ILE B 868 -18.22 -4.01 6.08
CA ILE B 868 -17.86 -2.60 5.97
C ILE B 868 -16.97 -2.20 7.15
N ASP B 869 -16.12 -1.21 6.92
CA ASP B 869 -15.04 -0.88 7.85
C ASP B 869 -15.19 0.53 8.43
N ASP B 870 -16.41 1.03 8.50
CA ASP B 870 -16.67 2.34 9.09
C ASP B 870 -17.79 2.22 10.12
N THR B 871 -17.56 2.73 11.33
CA THR B 871 -18.54 2.60 12.40
C THR B 871 -19.85 3.26 12.02
N SER B 872 -19.79 4.49 11.51
CA SER B 872 -21.00 5.16 11.05
C SER B 872 -21.67 4.40 9.92
N LEU B 873 -20.88 3.70 9.11
CA LEU B 873 -21.46 2.88 8.05
C LEU B 873 -22.18 1.66 8.62
N GLN B 874 -21.66 1.06 9.68
CA GLN B 874 -22.43 0.02 10.35
C GLN B 874 -23.70 0.63 10.94
N ASP B 875 -24.82 -0.06 10.76
CA ASP B 875 -26.14 0.38 11.19
C ASP B 875 -26.58 1.66 10.50
N LYS B 876 -25.97 2.00 9.37
CA LYS B 876 -26.29 3.27 8.70
C LYS B 876 -27.71 3.30 8.15
N GLU B 877 -28.41 2.17 8.17
CA GLU B 877 -29.71 2.07 7.55
C GLU B 877 -30.82 1.61 8.50
N CYS B 878 -30.48 0.77 9.48
CA CYS B 878 -31.52 0.17 10.32
C CYS B 878 -32.32 1.22 11.05
N ILE B 879 -31.66 2.27 11.53
CA ILE B 879 -32.37 3.38 12.16
C ILE B 879 -33.37 4.00 11.20
N LEU B 880 -32.99 4.14 9.93
CA LEU B 880 -33.92 4.68 8.95
C LEU B 880 -35.17 3.83 8.87
N ALA B 881 -35.01 2.51 8.80
CA ALA B 881 -36.18 1.63 8.69
C ALA B 881 -37.05 1.74 9.93
N SER B 882 -36.44 1.65 11.11
CA SER B 882 -37.21 1.70 12.34
C SER B 882 -37.98 3.01 12.44
N LEU B 883 -37.30 4.13 12.19
CA LEU B 883 -37.96 5.42 12.32
C LEU B 883 -39.01 5.61 11.24
N ASN B 884 -38.78 5.06 10.05
CA ASN B 884 -39.78 5.12 8.99
C ASN B 884 -41.05 4.41 9.42
N ILE B 885 -40.90 3.24 10.05
CA ILE B 885 -42.06 2.61 10.67
C ILE B 885 -42.66 3.53 11.72
N LYS B 886 -41.82 4.18 12.50
CA LYS B 886 -42.30 5.03 13.59
C LYS B 886 -43.09 6.22 13.07
N SER B 887 -42.96 6.56 11.80
CA SER B 887 -43.46 7.83 11.29
C SER B 887 -44.70 7.70 10.42
N MET B 888 -45.03 6.51 9.92
CA MET B 888 -46.06 6.40 8.89
C MET B 888 -47.44 6.47 9.51
N GLN B 889 -48.21 7.49 9.14
CA GLN B 889 -49.62 7.56 9.49
C GLN B 889 -50.39 6.42 8.83
N PHE B 890 -51.40 5.92 9.53
CA PHE B 890 -52.20 4.80 9.05
C PHE B 890 -53.64 5.25 8.84
N ASP B 891 -54.20 4.92 7.67
CA ASP B 891 -55.49 5.45 7.29
C ASP B 891 -56.63 4.87 8.13
N ASP B 892 -56.64 3.56 8.30
CA ASP B 892 -57.79 2.84 8.87
C ASP B 892 -59.02 3.13 8.04
N SER B 927 -57.07 -0.59 15.52
CA SER B 927 -57.25 0.85 15.35
C SER B 927 -56.17 1.62 16.09
N ILE B 928 -55.07 1.92 15.38
CA ILE B 928 -53.96 2.64 16.00
C ILE B 928 -53.88 4.06 15.44
N THR B 929 -53.68 4.17 14.12
CA THR B 929 -53.59 5.46 13.43
C THR B 929 -52.52 6.35 14.05
N THR B 930 -51.39 5.76 14.42
CA THR B 930 -50.29 6.51 14.98
C THR B 930 -49.02 5.67 14.82
N GLY B 931 -47.88 6.35 14.78
CA GLY B 931 -46.61 5.69 14.55
C GLY B 931 -45.82 5.29 15.77
N VAL B 932 -46.43 5.29 16.97
CA VAL B 932 -45.70 4.91 18.17
C VAL B 932 -46.25 3.65 18.82
N ASN B 933 -47.44 3.22 18.45
CA ASN B 933 -48.03 2.02 19.00
C ASN B 933 -47.72 0.78 18.18
N ILE B 934 -46.58 0.76 17.50
CA ILE B 934 -46.16 -0.39 16.70
C ILE B 934 -44.90 -0.94 17.35
N PRO B 935 -44.99 -2.04 18.11
CA PRO B 935 -43.79 -2.58 18.76
C PRO B 935 -42.73 -2.94 17.74
N ILE B 936 -41.48 -2.63 18.06
CA ILE B 936 -40.35 -2.84 17.16
C ILE B 936 -39.15 -3.28 17.98
N ILE B 937 -38.46 -4.31 17.52
CA ILE B 937 -37.21 -4.77 18.12
C ILE B 937 -36.13 -4.70 17.05
N THR B 938 -35.04 -4.01 17.36
CA THR B 938 -33.96 -3.85 16.40
C THR B 938 -32.67 -4.41 16.97
N GLU B 939 -31.72 -4.64 16.07
CA GLU B 939 -30.38 -5.09 16.44
C GLU B 939 -29.38 -3.99 16.09
N LEU B 940 -28.36 -3.85 16.92
CA LEU B 940 -27.33 -2.87 16.70
C LEU B 940 -25.98 -3.52 16.97
N VAL B 941 -24.93 -3.00 16.34
CA VAL B 941 -23.61 -3.58 16.47
C VAL B 941 -22.61 -2.65 17.14
N ASN B 942 -22.84 -1.34 17.10
CA ASN B 942 -22.05 -0.38 17.86
C ASN B 942 -23.00 0.25 18.88
N ASP B 943 -22.99 -0.29 20.10
CA ASP B 943 -24.03 0.03 21.07
C ASP B 943 -24.18 1.51 21.32
N THR B 944 -23.12 2.29 21.17
CA THR B 944 -23.23 3.73 21.36
C THR B 944 -24.26 4.35 20.43
N ASN B 945 -24.55 3.71 19.31
CA ASN B 945 -25.56 4.25 18.41
C ASN B 945 -26.95 4.11 18.92
N VAL B 946 -27.16 3.63 20.14
CA VAL B 946 -28.51 3.44 20.65
C VAL B 946 -29.28 4.74 20.73
N GLN B 947 -28.57 5.87 20.86
CA GLN B 947 -29.20 7.14 21.19
C GLN B 947 -30.14 7.66 20.10
N PHE B 948 -30.03 7.15 18.87
CA PHE B 948 -30.87 7.65 17.80
C PHE B 948 -32.24 6.97 17.73
N LEU B 949 -32.48 5.93 18.53
CA LEU B 949 -33.72 5.19 18.38
C LEU B 949 -34.94 5.98 18.81
N ASP B 950 -34.78 6.93 19.74
CA ASP B 950 -35.93 7.64 20.27
C ASP B 950 -35.63 9.12 20.40
N GLN B 951 -36.69 9.92 20.39
CA GLN B 951 -36.58 11.37 20.44
C GLN B 951 -36.72 11.92 21.85
N ASP B 952 -37.81 11.57 22.54
CA ASP B 952 -38.08 12.10 23.87
C ASP B 952 -37.27 11.35 24.93
N ASP B 953 -35.96 11.32 24.71
CA ASP B 953 -35.00 10.70 25.61
C ASP B 953 -33.95 11.72 26.03
N ASP B 954 -32.93 11.26 26.73
CA ASP B 954 -31.82 12.12 27.17
C ASP B 954 -30.53 11.42 26.78
N ASP B 955 -30.09 11.66 25.55
CA ASP B 955 -28.91 10.96 25.03
C ASP B 955 -27.66 11.41 25.77
N ASP B 956 -26.70 10.49 25.86
CA ASP B 956 -25.43 10.70 26.55
C ASP B 956 -24.48 9.58 26.15
N PRO B 957 -23.28 9.89 25.68
CA PRO B 957 -22.36 8.81 25.28
C PRO B 957 -21.51 8.28 26.41
N ASP B 958 -21.89 8.57 27.65
CA ASP B 958 -21.13 8.09 28.80
C ASP B 958 -21.76 6.90 29.50
N THR B 959 -23.06 6.96 29.79
CA THR B 959 -23.72 5.87 30.50
C THR B 959 -23.64 4.59 29.69
N GLU B 960 -23.47 3.47 30.40
CA GLU B 960 -23.40 2.17 29.74
C GLU B 960 -24.78 1.78 29.21
N LEU B 961 -24.84 0.63 28.54
CA LEU B 961 -26.02 0.29 27.77
C LEU B 961 -27.23 0.02 28.65
N TYR B 962 -27.04 -0.42 29.89
CA TYR B 962 -28.17 -0.92 30.66
C TYR B 962 -28.93 0.20 31.37
N LEU B 963 -28.80 1.43 30.91
CA LEU B 963 -29.46 2.55 31.57
C LEU B 963 -30.25 3.44 30.63
N THR B 964 -30.06 3.35 29.32
CA THR B 964 -30.71 4.29 28.42
C THR B 964 -32.19 3.94 28.26
N GLN B 965 -32.92 4.87 27.69
CA GLN B 965 -34.37 4.72 27.49
C GLN B 965 -34.75 3.45 26.73
N PRO B 966 -34.14 3.09 25.61
CA PRO B 966 -34.66 1.97 24.83
C PRO B 966 -34.57 0.64 25.54
N PHE B 967 -33.38 0.33 26.06
CA PHE B 967 -33.11 -1.03 26.55
C PHE B 967 -34.13 -1.45 27.61
N ALA B 968 -34.31 -0.61 28.64
CA ALA B 968 -35.26 -0.96 29.69
C ALA B 968 -36.69 -0.95 29.19
N CYS B 969 -36.94 -0.34 28.04
CA CYS B 969 -38.25 -0.47 27.42
C CYS B 969 -38.38 -1.75 26.63
N GLY B 970 -37.32 -2.53 26.52
CA GLY B 970 -37.39 -3.74 25.71
C GLY B 970 -37.57 -3.46 24.24
N THR B 971 -36.81 -2.51 23.71
CA THR B 971 -36.86 -2.19 22.29
C THR B 971 -35.57 -2.51 21.57
N ALA B 972 -34.44 -1.98 22.06
CA ALA B 972 -33.16 -2.23 21.42
C ALA B 972 -32.58 -3.54 21.93
N PHE B 973 -31.42 -3.92 21.39
CA PHE B 973 -30.69 -5.11 21.78
C PHE B 973 -29.37 -5.13 21.04
N ALA B 974 -28.38 -5.79 21.62
CA ALA B 974 -27.09 -5.93 20.97
C ALA B 974 -26.40 -7.16 21.52
N VAL B 975 -25.37 -7.60 20.80
CA VAL B 975 -24.59 -8.75 21.24
C VAL B 975 -23.71 -8.42 22.43
N SER B 976 -23.43 -7.13 22.65
CA SER B 976 -22.43 -6.74 23.64
C SER B 976 -22.78 -7.22 25.04
N VAL B 977 -24.07 -7.36 25.34
CA VAL B 977 -24.48 -7.68 26.71
C VAL B 977 -24.29 -9.18 26.97
N LEU B 978 -23.77 -9.90 25.99
CA LEU B 978 -23.60 -11.34 26.16
C LEU B 978 -22.24 -11.75 26.68
N ASP B 979 -21.24 -10.86 26.63
CA ASP B 979 -19.90 -11.26 27.05
C ASP B 979 -19.85 -11.65 28.52
N SER B 980 -20.73 -11.07 29.33
CA SER B 980 -20.77 -11.45 30.74
C SER B 980 -21.12 -12.92 30.91
N LEU B 981 -21.70 -13.54 29.88
CA LEU B 981 -22.27 -14.88 30.02
C LEU B 981 -21.22 -15.91 30.43
N MET B 982 -19.97 -15.75 29.99
CA MET B 982 -18.93 -16.68 30.40
C MET B 982 -18.79 -16.72 31.92
N SER B 983 -18.87 -15.55 32.54
CA SER B 983 -18.57 -15.44 33.96
C SER B 983 -19.43 -16.40 34.79
N ALA B 984 -20.74 -16.20 34.77
CA ALA B 984 -21.61 -17.10 35.51
C ALA B 984 -21.59 -18.51 34.94
N THR B 985 -21.04 -18.70 33.74
CA THR B 985 -20.94 -20.03 33.18
C THR B 985 -20.02 -20.92 34.01
N TYR B 986 -18.83 -20.42 34.37
CA TYR B 986 -17.83 -21.32 34.94
C TYR B 986 -18.15 -21.69 36.37
N PHE B 987 -18.75 -20.80 37.16
CA PHE B 987 -19.04 -21.13 38.55
C PHE B 987 -20.12 -22.18 38.68
N ASN B 988 -21.05 -22.26 37.74
CA ASN B 988 -22.18 -23.16 37.86
C ASN B 988 -22.21 -24.10 36.67
N ASP B 989 -22.28 -25.40 36.95
CA ASP B 989 -22.04 -26.41 35.92
C ASP B 989 -23.13 -26.46 34.87
N ASN B 990 -24.33 -25.96 35.15
CA ASN B 990 -25.46 -26.29 34.29
C ASN B 990 -26.38 -25.10 33.99
N ILE B 991 -25.94 -23.87 34.26
CA ILE B 991 -26.78 -22.71 33.95
C ILE B 991 -27.06 -22.63 32.46
N LEU B 992 -26.04 -22.86 31.64
CA LEU B 992 -26.20 -22.73 30.20
C LEU B 992 -27.29 -23.67 29.69
N THR B 993 -27.35 -24.89 30.24
CA THR B 993 -28.38 -25.83 29.82
C THR B 993 -29.77 -25.31 30.15
N LEU B 994 -29.95 -24.74 31.34
CA LEU B 994 -31.25 -24.21 31.73
C LEU B 994 -31.65 -23.08 30.80
N ILE B 995 -30.72 -22.18 30.48
CA ILE B 995 -31.05 -21.07 29.60
C ILE B 995 -31.41 -21.56 28.21
N ARG B 996 -30.66 -22.54 27.70
CA ARG B 996 -31.02 -23.10 26.40
C ARG B 996 -32.42 -23.71 26.46
N THR B 997 -32.74 -24.40 27.54
CA THR B 997 -34.07 -24.99 27.67
C THR B 997 -35.15 -23.92 27.66
N LEU B 998 -34.95 -22.85 28.43
CA LEU B 998 -35.99 -21.83 28.53
C LEU B 998 -36.13 -21.02 27.25
N VAL B 999 -35.04 -20.77 26.54
CA VAL B 999 -35.08 -19.81 25.45
C VAL B 999 -35.39 -20.46 24.12
N THR B 1000 -34.53 -21.35 23.65
CA THR B 1000 -34.71 -21.90 22.31
C THR B 1000 -35.71 -23.05 22.27
N GLY B 1001 -36.25 -23.46 23.41
CA GLY B 1001 -37.32 -24.42 23.44
C GLY B 1001 -36.94 -25.84 23.07
N GLY B 1002 -36.15 -26.49 23.92
CA GLY B 1002 -35.87 -27.90 23.75
C GLY B 1002 -34.57 -28.19 23.04
N ALA B 1003 -33.57 -28.62 23.79
CA ALA B 1003 -32.29 -29.02 23.24
C ALA B 1003 -31.81 -30.29 23.91
N THR B 1004 -32.71 -31.25 24.08
CA THR B 1004 -32.36 -32.52 24.69
C THR B 1004 -31.28 -33.20 23.86
N PRO B 1005 -30.30 -33.93 24.46
CA PRO B 1005 -29.21 -34.48 23.68
C PRO B 1005 -29.71 -35.20 22.44
N GLU B 1006 -30.91 -35.78 22.52
CA GLU B 1006 -31.35 -36.61 21.38
C GLU B 1006 -31.39 -35.75 20.13
N LEU B 1007 -31.99 -34.56 20.24
CA LEU B 1007 -32.14 -33.72 19.03
C LEU B 1007 -30.73 -33.33 18.57
N GLU B 1008 -29.85 -33.06 19.53
CA GLU B 1008 -28.51 -32.57 19.13
C GLU B 1008 -27.90 -33.63 18.24
N ALA B 1009 -28.01 -34.88 18.65
CA ALA B 1009 -27.33 -35.93 17.86
C ALA B 1009 -27.94 -35.95 16.46
N LEU B 1010 -29.26 -35.94 16.38
CA LEU B 1010 -29.87 -36.07 15.03
C LEU B 1010 -29.46 -34.84 14.25
N ILE B 1011 -29.41 -33.69 14.92
CA ILE B 1011 -29.14 -32.44 14.18
C ILE B 1011 -27.78 -32.58 13.52
N ALA B 1012 -26.82 -33.07 14.27
CA ALA B 1012 -25.49 -33.12 13.66
C ALA B 1012 -25.49 -34.11 12.51
N GLU B 1013 -26.08 -35.28 12.71
CA GLU B 1013 -25.95 -36.34 11.68
C GLU B 1013 -26.63 -36.04 10.35
N GLU B 1014 -27.90 -35.60 10.33
CA GLU B 1014 -28.58 -35.48 9.01
C GLU B 1014 -28.47 -34.09 8.42
N ASN B 1015 -27.97 -33.12 9.20
CA ASN B 1015 -27.82 -31.72 8.72
C ASN B 1015 -29.21 -31.16 8.41
N ALA B 1016 -30.27 -31.84 8.85
CA ALA B 1016 -31.64 -31.33 8.68
C ALA B 1016 -32.54 -31.94 9.75
N LEU B 1017 -33.53 -31.19 10.26
CA LEU B 1017 -34.48 -31.80 11.20
C LEU B 1017 -35.33 -32.77 10.39
N ARG B 1018 -35.75 -33.86 10.99
CA ARG B 1018 -36.63 -34.82 10.27
C ARG B 1018 -37.71 -35.33 11.21
N GLY B 1019 -38.83 -35.76 10.64
CA GLY B 1019 -39.97 -36.21 11.47
C GLY B 1019 -40.52 -37.51 10.97
N GLY B 1020 -41.21 -38.25 11.85
CA GLY B 1020 -41.77 -39.55 11.48
C GLY B 1020 -43.15 -39.71 12.09
N TYR B 1021 -43.88 -40.74 11.69
CA TYR B 1021 -45.27 -40.89 12.18
C TYR B 1021 -45.24 -40.87 13.71
N SER B 1022 -46.21 -40.19 14.31
CA SER B 1022 -46.19 -40.02 15.78
C SER B 1022 -46.42 -41.34 16.51
N THR B 1023 -45.95 -41.43 17.74
CA THR B 1023 -46.09 -42.65 18.56
C THR B 1023 -46.64 -42.21 19.93
N PRO B 1024 -47.13 -43.10 20.81
CA PRO B 1024 -47.72 -42.65 22.07
C PRO B 1024 -46.73 -41.82 22.89
N GLN B 1025 -45.48 -42.25 22.95
CA GLN B 1025 -44.47 -41.52 23.76
C GLN B 1025 -44.27 -40.12 23.19
N THR B 1026 -44.20 -39.99 21.87
CA THR B 1026 -43.91 -38.66 21.25
C THR B 1026 -45.02 -37.70 21.61
N LEU B 1027 -46.27 -38.18 21.60
CA LEU B 1027 -47.42 -37.30 21.90
C LEU B 1027 -47.31 -36.76 23.32
N ALA B 1028 -46.94 -37.60 24.30
CA ALA B 1028 -46.87 -37.14 25.71
C ALA B 1028 -45.81 -36.06 25.85
N ASN B 1029 -44.70 -36.21 25.14
CA ASN B 1029 -43.56 -35.26 25.26
C ASN B 1029 -43.99 -33.81 25.46
N ARG B 1030 -44.99 -33.32 24.73
CA ARG B 1030 -45.28 -31.87 24.76
C ARG B 1030 -45.95 -31.44 26.06
N ASP B 1031 -45.30 -31.62 27.21
CA ASP B 1031 -45.87 -31.06 28.46
C ASP B 1031 -44.91 -29.94 28.89
N ARG B 1032 -43.96 -29.61 28.02
CA ARG B 1032 -43.00 -28.52 28.34
C ARG B 1032 -43.79 -27.23 28.52
N CYS B 1033 -43.50 -26.46 29.57
CA CYS B 1033 -44.30 -25.23 29.86
C CYS B 1033 -43.86 -24.07 28.95
N ARG B 1034 -44.60 -22.95 28.94
CA ARG B 1034 -44.26 -21.86 27.97
C ARG B 1034 -44.20 -20.49 28.62
N VAL B 1035 -43.50 -19.54 27.97
CA VAL B 1035 -43.39 -18.15 28.48
C VAL B 1035 -44.68 -17.43 28.10
N ALA B 1036 -45.28 -16.67 29.02
CA ALA B 1036 -46.59 -16.04 28.70
C ALA B 1036 -46.71 -14.65 29.31
N GLN B 1037 -47.54 -13.79 28.71
CA GLN B 1037 -47.80 -12.45 29.30
C GLN B 1037 -49.28 -12.37 29.63
N LEU B 1038 -49.64 -11.63 30.67
CA LEU B 1038 -51.03 -11.59 31.07
C LEU B 1038 -51.45 -10.18 31.39
N ALA B 1039 -52.61 -9.78 30.86
CA ALA B 1039 -53.16 -8.47 31.13
C ALA B 1039 -53.80 -8.42 32.51
N LEU B 1040 -54.31 -7.25 32.87
CA LEU B 1040 -54.80 -7.02 34.22
C LEU B 1040 -56.28 -6.69 34.28
N LEU B 1041 -56.75 -5.72 33.49
CA LEU B 1041 -58.07 -5.14 33.69
C LEU B 1041 -59.21 -6.10 33.41
N ASP B 1042 -58.95 -7.23 32.78
CA ASP B 1042 -59.96 -8.26 32.55
C ASP B 1042 -59.63 -9.50 33.37
N GLY B 1043 -60.49 -10.51 33.23
CA GLY B 1043 -60.25 -11.79 33.86
C GLY B 1043 -60.55 -11.78 35.35
N PRO B 1044 -60.56 -12.97 35.97
CA PRO B 1044 -60.82 -13.03 37.41
C PRO B 1044 -59.82 -12.26 38.24
N PHE B 1045 -58.54 -12.26 37.84
CA PHE B 1045 -57.51 -11.57 38.62
C PHE B 1045 -57.81 -10.09 38.78
N ALA B 1046 -58.59 -9.53 37.85
CA ALA B 1046 -58.94 -8.13 37.91
C ALA B 1046 -59.71 -7.77 39.16
N ASP B 1047 -60.25 -8.75 39.89
CA ASP B 1047 -60.85 -8.46 41.18
C ASP B 1047 -59.85 -7.76 42.09
N LEU B 1048 -58.60 -8.21 42.08
CA LEU B 1048 -57.54 -7.50 42.78
C LEU B 1048 -56.82 -6.54 41.83
N GLY B 1049 -57.60 -5.75 41.09
CA GLY B 1049 -57.00 -4.81 40.17
C GLY B 1049 -56.26 -3.69 40.88
N ASP B 1050 -56.89 -3.09 41.88
CA ASP B 1050 -56.28 -2.07 42.70
C ASP B 1050 -55.75 -2.64 44.01
N GLY B 1051 -55.48 -3.95 44.05
CA GLY B 1051 -55.00 -4.55 45.29
C GLY B 1051 -53.69 -3.97 45.75
N GLY B 1052 -52.83 -3.58 44.82
CA GLY B 1052 -51.57 -2.95 45.17
C GLY B 1052 -50.59 -3.83 45.90
N CYS B 1053 -50.84 -5.14 45.95
CA CYS B 1053 -49.96 -6.08 46.62
C CYS B 1053 -49.61 -7.18 45.62
N TYR B 1054 -48.40 -7.14 45.08
CA TYR B 1054 -47.95 -8.20 44.19
C TYR B 1054 -48.06 -9.56 44.85
N GLY B 1055 -47.90 -9.61 46.18
CA GLY B 1055 -48.01 -10.87 46.87
C GLY B 1055 -49.41 -11.44 46.84
N ASP B 1056 -50.43 -10.59 46.92
CA ASP B 1056 -51.80 -11.07 46.83
C ASP B 1056 -52.05 -11.76 45.49
N LEU B 1057 -51.54 -11.17 44.41
CA LEU B 1057 -51.62 -11.84 43.12
C LEU B 1057 -50.80 -13.12 43.12
N PHE B 1058 -49.61 -13.06 43.71
CA PHE B 1058 -48.67 -14.18 43.59
C PHE B 1058 -49.22 -15.42 44.28
N CYS B 1059 -49.79 -15.26 45.48
CA CYS B 1059 -50.25 -16.43 46.21
C CYS B 1059 -51.39 -17.13 45.49
N LYS B 1060 -52.41 -16.38 45.09
CA LYS B 1060 -53.57 -16.97 44.45
C LYS B 1060 -53.31 -17.37 43.00
N ALA B 1061 -52.27 -16.85 42.35
CA ALA B 1061 -52.04 -17.15 40.94
C ALA B 1061 -51.75 -18.64 40.74
N LEU B 1062 -50.65 -19.11 41.30
CA LEU B 1062 -50.23 -20.49 41.10
C LEU B 1062 -51.01 -21.48 41.95
N LYS B 1063 -51.64 -21.01 43.03
CA LYS B 1063 -52.32 -21.92 43.95
C LYS B 1063 -53.44 -22.68 43.25
N THR B 1064 -54.10 -22.07 42.28
CA THR B 1064 -55.20 -22.71 41.58
C THR B 1064 -55.03 -22.76 40.07
N TYR B 1065 -53.92 -22.26 39.53
CA TYR B 1065 -53.71 -22.29 38.10
C TYR B 1065 -52.29 -22.66 37.70
N ASN B 1066 -51.39 -22.87 38.66
CA ASN B 1066 -49.96 -22.99 38.37
C ASN B 1066 -49.49 -21.82 37.52
N MET B 1067 -49.93 -20.63 37.88
CA MET B 1067 -49.71 -19.42 37.10
C MET B 1067 -48.57 -18.69 37.82
N LEU B 1068 -47.34 -18.95 37.40
CA LEU B 1068 -46.16 -18.53 38.17
C LEU B 1068 -45.62 -17.20 37.64
N CYS B 1069 -45.80 -16.14 38.42
CA CYS B 1069 -45.52 -14.78 37.99
C CYS B 1069 -44.21 -14.30 38.59
N PHE B 1070 -43.41 -13.61 37.77
CA PHE B 1070 -42.17 -13.03 38.27
C PHE B 1070 -41.84 -11.65 37.74
N GLY B 1071 -42.51 -11.15 36.70
CA GLY B 1071 -42.17 -9.85 36.15
C GLY B 1071 -43.31 -8.86 36.00
N ILE B 1072 -43.05 -7.60 36.33
CA ILE B 1072 -44.05 -6.53 36.21
C ILE B 1072 -43.64 -5.60 35.09
N TYR B 1073 -44.63 -5.20 34.27
CA TYR B 1073 -44.39 -4.38 33.10
C TYR B 1073 -45.29 -3.15 33.20
N ARG B 1074 -44.69 -1.96 33.20
CA ARG B 1074 -45.36 -0.75 33.64
C ARG B 1074 -45.15 0.41 32.68
N LEU B 1075 -46.19 1.23 32.55
CA LEU B 1075 -46.14 2.41 31.69
C LEU B 1075 -45.08 3.39 32.18
N ARG B 1076 -44.43 4.07 31.23
CA ARG B 1076 -43.26 4.85 31.56
C ARG B 1076 -43.65 6.12 32.32
N ASP B 1077 -44.86 6.61 32.10
CA ASP B 1077 -45.36 7.77 32.81
C ASP B 1077 -46.50 7.42 33.76
N ALA B 1078 -46.47 6.22 34.32
CA ALA B 1078 -47.58 5.74 35.11
C ALA B 1078 -47.61 6.32 36.53
N HIS B 1079 -46.60 7.09 36.93
CA HIS B 1079 -46.55 7.57 38.31
C HIS B 1079 -46.84 9.06 38.45
N LEU B 1080 -46.64 9.85 37.40
CA LEU B 1080 -46.80 11.30 37.52
C LEU B 1080 -48.25 11.68 37.78
N SER B 1081 -48.43 12.83 38.43
CA SER B 1081 -49.77 13.34 38.68
C SER B 1081 -50.45 13.76 37.38
N THR B 1082 -49.74 14.54 36.56
CA THR B 1082 -50.31 15.00 35.30
C THR B 1082 -50.56 13.82 34.37
N PRO B 1083 -51.65 13.83 33.61
CA PRO B 1083 -51.91 12.76 32.65
C PRO B 1083 -51.24 13.03 31.31
N SER B 1084 -51.02 11.93 30.57
CA SER B 1084 -50.40 11.98 29.27
C SER B 1084 -50.82 10.73 28.50
N GLN B 1085 -50.16 10.48 27.37
CA GLN B 1085 -50.59 9.41 26.48
C GLN B 1085 -49.45 8.57 25.92
N CYS B 1086 -48.22 8.76 26.38
CA CYS B 1086 -47.13 7.93 25.88
C CYS B 1086 -47.37 6.48 26.25
N THR B 1087 -46.92 5.58 25.39
CA THR B 1087 -47.27 4.17 25.50
C THR B 1087 -46.02 3.31 25.35
N LYS B 1088 -44.97 3.65 26.09
CA LYS B 1088 -43.82 2.79 26.25
C LYS B 1088 -43.80 2.24 27.67
N ARG B 1089 -43.12 1.12 27.85
CA ARG B 1089 -43.21 0.40 29.11
C ARG B 1089 -41.87 -0.19 29.50
N TYR B 1090 -41.57 -0.14 30.80
CA TYR B 1090 -40.36 -0.70 31.36
C TYR B 1090 -40.67 -1.94 32.18
N VAL B 1091 -39.63 -2.64 32.61
CA VAL B 1091 -39.73 -3.94 33.24
C VAL B 1091 -39.08 -3.91 34.61
N ILE B 1092 -39.73 -4.52 35.59
CA ILE B 1092 -39.15 -4.73 36.92
C ILE B 1092 -39.28 -6.20 37.26
N THR B 1093 -38.18 -6.80 37.72
CA THR B 1093 -38.09 -8.24 37.93
C THR B 1093 -38.13 -8.55 39.42
N ASN B 1094 -38.98 -9.51 39.80
CA ASN B 1094 -39.08 -10.03 41.16
C ASN B 1094 -39.28 -8.92 42.17
N PRO B 1095 -40.47 -8.32 42.22
CA PRO B 1095 -40.71 -7.23 43.16
C PRO B 1095 -40.85 -7.78 44.57
N PRO B 1096 -40.64 -6.94 45.58
CA PRO B 1096 -40.92 -7.36 46.96
C PRO B 1096 -42.40 -7.60 47.20
N TYR B 1097 -42.75 -8.01 48.42
CA TYR B 1097 -44.13 -8.40 48.73
C TYR B 1097 -45.09 -7.23 48.78
N GLU B 1098 -44.60 -6.00 48.92
CA GLU B 1098 -45.49 -4.88 49.20
C GLU B 1098 -45.34 -3.75 48.20
N PHE B 1099 -45.36 -4.09 46.91
CA PHE B 1099 -45.21 -3.10 45.84
C PHE B 1099 -46.58 -2.79 45.25
N GLU B 1100 -46.88 -1.51 45.11
CA GLU B 1100 -48.18 -1.08 44.62
C GLU B 1100 -48.39 -1.50 43.18
N LEU B 1101 -49.67 -1.69 42.82
CA LEU B 1101 -50.05 -2.19 41.51
C LEU B 1101 -51.18 -1.32 40.97
N VAL B 1102 -50.88 -0.52 39.95
CA VAL B 1102 -51.89 0.33 39.31
C VAL B 1102 -52.82 -0.54 38.49
N PRO B 1103 -54.05 -0.10 38.21
CA PRO B 1103 -55.00 -0.96 37.48
C PRO B 1103 -54.58 -1.26 36.04
N THR B 1104 -53.48 -0.69 35.57
CA THR B 1104 -53.02 -0.90 34.20
C THR B 1104 -51.55 -1.36 34.21
N ASP B 1105 -51.35 -2.67 34.09
CA ASP B 1105 -50.01 -3.23 34.14
C ASP B 1105 -50.04 -4.60 33.47
N LEU B 1106 -48.85 -5.13 33.18
CA LEU B 1106 -48.71 -6.44 32.57
C LEU B 1106 -47.90 -7.36 33.46
N ILE B 1107 -48.21 -8.66 33.43
CA ILE B 1107 -47.56 -9.65 34.27
C ILE B 1107 -46.89 -10.69 33.37
N PHE B 1108 -45.56 -10.78 33.46
CA PHE B 1108 -44.87 -11.94 32.90
C PHE B 1108 -45.24 -13.18 33.71
N CYS B 1109 -45.35 -14.32 33.04
CA CYS B 1109 -45.71 -15.54 33.75
C CYS B 1109 -45.39 -16.77 32.93
N LEU B 1110 -45.47 -17.91 33.60
CA LEU B 1110 -45.29 -19.22 33.00
C LEU B 1110 -46.59 -19.99 33.10
N MET B 1111 -47.05 -20.51 31.97
CA MET B 1111 -48.31 -21.23 31.90
C MET B 1111 -48.06 -22.73 31.94
N GLN B 1112 -48.85 -23.44 32.74
CA GLN B 1112 -48.54 -24.81 33.11
C GLN B 1112 -48.54 -25.77 31.92
N PHE B 1113 -49.70 -25.97 31.29
CA PHE B 1113 -49.91 -27.19 30.51
C PHE B 1113 -50.46 -26.84 29.14
N ASP B 1114 -50.85 -27.88 28.41
CA ASP B 1114 -51.46 -27.75 27.10
C ASP B 1114 -52.91 -28.24 27.15
N GLY C 18 53.32 54.47 1.17
CA GLY C 18 53.17 55.62 2.04
C GLY C 18 51.78 55.74 2.64
N GLN C 19 50.80 55.13 1.98
CA GLN C 19 49.41 55.17 2.42
C GLN C 19 48.89 53.76 2.56
N ARG C 20 47.79 53.62 3.31
CA ARG C 20 47.16 52.31 3.44
C ARG C 20 46.72 51.79 2.09
N MET C 21 46.07 52.65 1.30
CA MET C 21 45.91 52.48 -0.14
C MET C 21 45.20 51.17 -0.49
N TRP C 22 44.39 50.65 0.43
CA TRP C 22 43.69 49.39 0.18
C TRP C 22 42.51 49.58 -0.76
N TRP C 23 41.91 50.78 -0.73
CA TRP C 23 40.61 50.99 -1.36
C TRP C 23 40.62 50.71 -2.86
N ALA C 24 41.64 51.21 -3.56
CA ALA C 24 41.59 51.27 -5.02
C ALA C 24 41.23 49.93 -5.63
N PHE C 25 41.81 48.84 -5.10
CA PHE C 25 41.58 47.53 -5.69
C PHE C 25 40.10 47.14 -5.62
N LEU C 26 39.51 47.21 -4.43
CA LEU C 26 38.09 46.88 -4.29
C LEU C 26 37.24 47.86 -5.10
N ALA C 27 37.67 49.12 -5.16
CA ALA C 27 36.91 50.12 -5.89
C ALA C 27 36.81 49.76 -7.36
N SER C 28 37.91 49.26 -7.95
CA SER C 28 37.87 48.89 -9.35
C SER C 28 36.80 47.84 -9.62
N SER C 29 36.76 46.79 -8.81
CA SER C 29 35.77 45.75 -9.02
C SER C 29 34.36 46.28 -8.81
N MET C 30 34.17 47.08 -7.77
CA MET C 30 32.83 47.60 -7.51
C MET C 30 32.34 48.45 -8.66
N VAL C 31 33.19 49.33 -9.17
CA VAL C 31 32.75 50.21 -10.25
C VAL C 31 32.48 49.41 -11.52
N THR C 32 33.35 48.45 -11.85
CA THR C 32 33.11 47.70 -13.08
C THR C 32 31.81 46.92 -13.00
N PHE C 33 31.56 46.27 -11.86
CA PHE C 33 30.37 45.45 -11.73
C PHE C 33 29.10 46.30 -11.77
N PHE C 34 29.05 47.37 -10.97
CA PHE C 34 27.84 48.18 -10.93
C PHE C 34 27.63 48.93 -12.24
N GLY C 35 28.71 49.40 -12.86
CA GLY C 35 28.57 50.04 -14.16
C GLY C 35 28.03 49.09 -15.21
N GLY C 36 28.48 47.83 -15.18
CA GLY C 36 27.93 46.85 -16.09
C GLY C 36 26.44 46.65 -15.88
N LEU C 37 26.03 46.47 -14.63
CA LEU C 37 24.60 46.28 -14.37
C LEU C 37 23.80 47.49 -14.83
N PHE C 38 24.30 48.69 -14.53
CA PHE C 38 23.60 49.92 -14.88
C PHE C 38 23.47 50.06 -16.39
N ILE C 39 24.56 49.79 -17.12
CA ILE C 39 24.51 49.98 -18.56
C ILE C 39 23.59 48.95 -19.20
N ILE C 40 23.56 47.73 -18.67
CA ILE C 40 22.65 46.73 -19.23
C ILE C 40 21.20 47.13 -19.01
N LEU C 41 20.87 47.59 -17.80
CA LEU C 41 19.49 48.01 -17.56
C LEU C 41 19.13 49.21 -18.44
N LEU C 42 20.06 50.15 -18.60
CA LEU C 42 19.78 51.32 -19.43
C LEU C 42 19.60 50.93 -20.89
N TRP C 43 20.38 49.98 -21.39
CA TRP C 43 20.19 49.51 -22.76
C TRP C 43 18.85 48.82 -22.91
N ARG C 44 18.45 48.02 -21.91
CA ARG C 44 17.16 47.34 -21.99
C ARG C 44 16.01 48.34 -22.05
N THR C 45 16.05 49.38 -21.22
CA THR C 45 14.97 50.34 -21.18
C THR C 45 15.18 51.53 -22.12
N LEU C 46 16.25 51.54 -22.90
CA LEU C 46 16.62 52.73 -23.65
C LEU C 46 15.95 52.81 -25.02
N LYS C 47 15.25 51.74 -25.43
CA LYS C 47 14.54 51.78 -26.70
C LYS C 47 13.49 52.89 -26.66
N TYR C 48 13.44 53.68 -27.73
CA TYR C 48 12.60 54.88 -27.73
C TYR C 48 11.12 54.51 -27.67
N LEU C 49 10.42 55.14 -26.72
CA LEU C 49 9.01 54.87 -26.47
C LEU C 49 8.78 53.41 -26.08
N TRP C 50 9.42 53.00 -24.98
CA TRP C 50 9.29 51.66 -24.44
C TRP C 50 9.41 51.71 -22.93
N THR C 51 9.05 50.58 -22.31
CA THR C 51 9.09 50.47 -20.85
C THR C 51 10.51 50.59 -20.32
N VAL C 91 19.74 33.97 -40.35
CA VAL C 91 20.85 34.26 -41.24
C VAL C 91 21.37 35.66 -40.94
N GLY C 92 22.16 35.76 -39.88
CA GLY C 92 22.77 37.02 -39.51
C GLY C 92 24.18 36.82 -38.99
N TRP C 93 25.07 37.71 -39.39
CA TRP C 93 26.48 37.56 -39.01
C TRP C 93 26.64 37.62 -37.50
N MET C 94 25.85 38.46 -36.83
CA MET C 94 25.83 38.44 -35.37
C MET C 94 25.44 37.06 -34.86
N THR C 95 24.38 36.47 -35.43
CA THR C 95 23.97 35.14 -35.00
C THR C 95 25.02 34.10 -35.35
N SER C 96 25.72 34.29 -36.46
CA SER C 96 26.80 33.37 -36.79
C SER C 96 27.90 33.41 -35.74
N VAL C 97 28.26 34.61 -35.30
CA VAL C 97 29.23 34.75 -34.22
C VAL C 97 28.70 34.06 -32.97
N LYS C 98 27.42 34.26 -32.67
CA LYS C 98 26.81 33.60 -31.52
C LYS C 98 27.00 32.09 -31.59
N ASP C 99 26.65 31.50 -32.72
CA ASP C 99 26.76 30.04 -32.86
C ASP C 99 28.21 29.59 -32.77
N TRP C 100 29.12 30.34 -33.40
CA TRP C 100 30.53 29.95 -33.36
C TRP C 100 31.05 29.95 -31.94
N ALA C 101 30.73 31.00 -31.17
CA ALA C 101 31.14 31.05 -29.78
C ALA C 101 30.52 29.91 -28.99
N GLY C 102 29.23 29.64 -29.21
CA GLY C 102 28.59 28.56 -28.49
C GLY C 102 29.25 27.22 -28.75
N VAL C 103 29.62 26.97 -30.01
CA VAL C 103 30.36 25.75 -30.33
C VAL C 103 31.69 25.74 -29.61
N MET C 104 32.40 26.87 -29.63
CA MET C 104 33.74 26.90 -29.04
C MET C 104 33.70 26.64 -27.55
N ILE C 105 32.70 27.17 -26.85
CA ILE C 105 32.64 27.00 -25.41
C ILE C 105 32.43 25.54 -25.04
N SER C 106 31.67 24.82 -25.84
CA SER C 106 31.31 23.46 -25.50
C SER C 106 32.20 22.46 -26.20
N ALA C 107 32.08 21.20 -25.81
CA ALA C 107 32.85 20.12 -26.41
C ALA C 107 32.20 19.76 -27.73
N GLN C 108 32.56 20.48 -28.78
CA GLN C 108 31.98 20.25 -30.10
C GLN C 108 33.01 20.17 -31.21
N THR C 109 34.22 20.64 -30.99
CA THR C 109 35.23 20.67 -32.04
C THR C 109 36.59 20.49 -31.39
N LEU C 110 37.54 19.94 -32.17
CA LEU C 110 38.88 19.72 -31.66
C LEU C 110 39.47 21.00 -31.08
N THR C 111 39.12 22.15 -31.67
CA THR C 111 39.63 23.41 -31.17
C THR C 111 39.22 23.65 -29.72
N GLY C 112 37.95 23.46 -29.40
CA GLY C 112 37.49 23.75 -28.06
C GLY C 112 37.80 22.64 -27.07
N ARG C 113 38.11 21.47 -27.60
CA ARG C 113 38.43 20.34 -26.73
C ARG C 113 39.66 20.65 -25.89
N VAL C 114 40.69 21.24 -26.51
CA VAL C 114 41.85 21.63 -25.73
C VAL C 114 41.50 22.81 -24.82
N LEU C 115 40.60 23.68 -25.27
CA LEU C 115 40.29 24.88 -24.49
C LEU C 115 39.68 24.53 -23.15
N VAL C 116 38.76 23.58 -23.14
CA VAL C 116 38.11 23.21 -21.88
C VAL C 116 39.13 22.64 -20.90
N VAL C 117 40.00 21.73 -21.37
CA VAL C 117 41.00 21.15 -20.50
C VAL C 117 41.96 22.22 -20.00
N LEU C 118 42.31 23.16 -20.87
CA LEU C 118 43.22 24.23 -20.47
C LEU C 118 42.62 25.07 -19.36
N VAL C 119 41.32 25.37 -19.46
CA VAL C 119 40.64 26.04 -18.35
C VAL C 119 40.70 25.19 -17.09
N PHE C 120 40.43 23.89 -17.23
CA PHE C 120 40.37 23.00 -16.08
C PHE C 120 41.69 22.98 -15.34
N ALA C 121 42.79 23.10 -16.06
CA ALA C 121 44.11 23.12 -15.44
C ALA C 121 44.47 24.50 -14.88
N LEU C 122 44.19 25.54 -15.66
CA LEU C 122 44.59 26.88 -15.24
C LEU C 122 43.84 27.32 -13.99
N SER C 123 42.65 26.76 -13.74
CA SER C 123 41.98 27.06 -12.49
C SER C 123 42.80 26.60 -11.29
N ILE C 124 43.26 25.36 -11.32
CA ILE C 124 44.11 24.86 -10.23
C ILE C 124 45.40 25.66 -10.16
N GLY C 125 45.93 26.06 -11.31
CA GLY C 125 47.12 26.91 -11.29
C GLY C 125 46.88 28.21 -10.56
N ALA C 126 45.74 28.84 -10.81
CA ALA C 126 45.40 30.07 -10.10
C ALA C 126 45.23 29.82 -8.62
N LEU C 127 44.77 28.63 -8.25
CA LEU C 127 44.72 28.31 -6.83
C LEU C 127 46.12 28.20 -6.23
N VAL C 128 47.05 27.57 -6.95
CA VAL C 128 48.38 27.34 -6.43
C VAL C 128 49.11 28.65 -6.23
N ILE C 129 49.00 29.57 -7.18
CA ILE C 129 49.70 30.84 -7.04
C ILE C 129 49.20 31.57 -5.79
N TYR C 130 47.89 31.48 -5.52
CA TYR C 130 47.33 32.09 -4.32
C TYR C 130 47.92 31.45 -3.06
N PHE C 131 48.00 30.13 -3.03
CA PHE C 131 48.57 29.48 -1.87
C PHE C 131 50.00 29.95 -1.63
N ILE C 132 50.78 30.12 -2.70
CA ILE C 132 52.14 30.64 -2.52
C ILE C 132 52.09 32.06 -1.97
N ASP C 133 51.24 32.91 -2.53
CA ASP C 133 51.20 34.31 -2.10
C ASP C 133 50.66 34.49 -0.69
N SER C 134 50.06 33.46 -0.10
CA SER C 134 49.46 33.61 1.22
C SER C 134 50.44 34.18 2.24
N SER C 135 51.64 33.63 2.32
CA SER C 135 52.49 33.89 3.48
C SER C 135 52.97 35.33 3.55
N ASN C 136 53.10 35.98 2.40
CA ASN C 136 53.65 37.34 2.35
C ASN C 136 52.87 38.31 3.22
N PRO C 137 53.45 39.44 3.61
CA PRO C 137 52.72 40.42 4.40
C PRO C 137 51.50 40.96 3.66
N ILE C 138 50.71 41.75 4.37
CA ILE C 138 49.40 42.16 3.86
C ILE C 138 49.54 42.99 2.60
N GLU C 139 50.47 43.94 2.59
CA GLU C 139 50.55 44.87 1.48
C GLU C 139 51.97 45.42 1.36
N SER C 140 52.61 45.17 0.23
CA SER C 140 53.95 45.68 -0.03
C SER C 140 54.10 45.91 -1.52
N CYS C 141 55.33 46.14 -1.95
CA CYS C 141 55.63 46.58 -3.32
C CYS C 141 56.42 45.51 -4.06
N GLN C 142 55.98 45.19 -5.27
CA GLN C 142 56.68 44.23 -6.12
C GLN C 142 56.87 44.83 -7.50
N ASN C 143 58.13 44.89 -7.95
CA ASN C 143 58.49 45.42 -9.25
C ASN C 143 58.10 44.41 -10.32
N PHE C 144 57.31 44.86 -11.29
CA PHE C 144 56.78 43.95 -12.30
C PHE C 144 57.84 43.54 -13.31
N TYR C 145 58.72 44.46 -13.69
CA TYR C 145 59.68 44.18 -14.75
C TYR C 145 60.86 43.36 -14.27
N LYS C 146 60.79 42.74 -13.10
CA LYS C 146 61.97 42.14 -12.50
C LYS C 146 61.77 40.72 -11.96
N ASP C 147 60.55 40.22 -11.87
CA ASP C 147 60.31 38.99 -11.14
C ASP C 147 59.36 38.08 -11.90
N PHE C 148 59.46 36.78 -11.62
CA PHE C 148 58.66 35.79 -12.35
C PHE C 148 57.27 35.64 -11.76
N THR C 149 57.17 35.41 -10.46
CA THR C 149 55.84 35.37 -9.86
C THR C 149 55.25 36.78 -9.93
N LEU C 150 53.91 36.84 -9.95
CA LEU C 150 53.11 38.00 -10.27
C LEU C 150 53.21 38.34 -11.75
N GLN C 151 54.04 37.64 -12.51
CA GLN C 151 54.01 37.74 -13.97
C GLN C 151 53.17 36.64 -14.60
N ILE C 152 53.25 35.43 -14.07
CA ILE C 152 52.40 34.34 -14.55
C ILE C 152 50.93 34.69 -14.32
N ASP C 153 50.65 35.35 -13.20
CA ASP C 153 49.27 35.76 -12.93
C ASP C 153 48.73 36.63 -14.04
N MET C 154 49.58 37.43 -14.68
CA MET C 154 49.15 38.22 -15.82
C MET C 154 48.61 37.34 -16.93
N ALA C 155 49.37 36.32 -17.32
CA ALA C 155 48.90 35.42 -18.37
C ALA C 155 47.62 34.71 -17.96
N PHE C 156 47.58 34.24 -16.71
CA PHE C 156 46.39 33.53 -16.26
C PHE C 156 45.16 34.43 -16.32
N ASN C 157 45.30 35.68 -15.92
CA ASN C 157 44.16 36.58 -15.92
C ASN C 157 43.75 36.97 -17.32
N VAL C 158 44.72 37.12 -18.22
CA VAL C 158 44.36 37.38 -19.62
C VAL C 158 43.55 36.21 -20.17
N PHE C 159 43.98 35.00 -19.87
CA PHE C 159 43.27 33.82 -20.35
C PHE C 159 41.85 33.78 -19.78
N PHE C 160 41.71 34.03 -18.48
CA PHE C 160 40.38 34.06 -17.89
C PHE C 160 39.53 35.16 -18.51
N LEU C 161 40.14 36.30 -18.85
CA LEU C 161 39.37 37.39 -19.45
C LEU C 161 38.81 36.98 -20.81
N LEU C 162 39.65 36.37 -21.64
CA LEU C 162 39.15 35.93 -22.94
C LEU C 162 38.08 34.86 -22.78
N TYR C 163 38.26 33.94 -21.83
CA TYR C 163 37.24 32.92 -21.61
C TYR C 163 35.91 33.56 -21.18
N PHE C 164 35.98 34.55 -20.28
CA PHE C 164 34.76 35.21 -19.83
C PHE C 164 34.08 35.95 -20.97
N GLY C 165 34.85 36.62 -21.82
CA GLY C 165 34.25 37.29 -22.96
C GLY C 165 33.56 36.32 -23.89
N LEU C 166 34.25 35.22 -24.21
CA LEU C 166 33.66 34.23 -25.10
C LEU C 166 32.37 33.68 -24.51
N ARG C 167 32.34 33.44 -23.20
CA ARG C 167 31.10 33.00 -22.58
C ARG C 167 30.01 34.05 -22.72
N PHE C 168 30.36 35.32 -22.50
CA PHE C 168 29.35 36.37 -22.50
C PHE C 168 28.76 36.56 -23.89
N ILE C 169 29.52 36.23 -24.94
CA ILE C 169 28.97 36.36 -26.28
C ILE C 169 27.76 35.46 -26.46
N ALA C 170 27.83 34.22 -25.99
CA ALA C 170 26.80 33.22 -26.25
C ALA C 170 26.00 32.99 -24.98
N ALA C 171 24.86 33.67 -24.86
CA ALA C 171 23.95 33.45 -23.75
C ALA C 171 22.57 33.94 -24.14
N ASN C 172 21.55 33.23 -23.62
CA ASN C 172 20.18 33.54 -24.01
C ASN C 172 19.78 34.93 -23.53
N ASP C 173 19.96 35.21 -22.24
CA ASP C 173 19.59 36.49 -21.66
C ASP C 173 20.80 37.07 -20.95
N LYS C 174 21.16 38.31 -21.30
CA LYS C 174 22.36 38.91 -20.75
C LYS C 174 22.27 39.04 -19.23
N LEU C 175 21.12 39.49 -18.75
CA LEU C 175 21.04 39.95 -17.36
C LEU C 175 21.32 38.83 -16.37
N TRP C 176 20.48 37.78 -16.36
CA TRP C 176 20.73 36.71 -15.41
C TRP C 176 22.08 36.03 -15.65
N PHE C 177 22.61 36.10 -16.86
CA PHE C 177 23.95 35.59 -17.05
C PHE C 177 24.95 36.41 -16.25
N TRP C 178 24.75 37.73 -16.23
CA TRP C 178 25.66 38.60 -15.49
C TRP C 178 25.61 38.31 -14.00
N LEU C 179 24.45 37.91 -13.50
CA LEU C 179 24.29 37.62 -12.07
C LEU C 179 24.44 36.12 -11.82
N GLU C 180 25.60 35.60 -12.21
CA GLU C 180 25.91 34.19 -11.98
C GLU C 180 27.26 34.07 -11.31
N VAL C 181 27.44 32.98 -10.56
CA VAL C 181 28.56 32.88 -9.63
C VAL C 181 29.89 32.97 -10.37
N ASN C 182 30.01 32.28 -11.49
CA ASN C 182 31.25 32.31 -12.25
C ASN C 182 31.56 33.73 -12.72
N SER C 183 30.54 34.45 -13.17
CA SER C 183 30.74 35.83 -13.58
C SER C 183 31.21 36.70 -12.42
N VAL C 184 30.61 36.51 -11.25
CA VAL C 184 30.98 37.33 -10.10
C VAL C 184 32.42 37.09 -9.69
N VAL C 185 32.84 35.81 -9.69
CA VAL C 185 34.21 35.54 -9.27
C VAL C 185 35.19 36.08 -10.31
N ASP C 186 34.83 36.00 -11.59
CA ASP C 186 35.69 36.64 -12.60
C ASP C 186 35.77 38.14 -12.35
N PHE C 187 34.66 38.76 -11.96
CA PHE C 187 34.64 40.20 -11.74
C PHE C 187 35.53 40.60 -10.56
N PHE C 188 35.47 39.86 -9.47
CA PHE C 188 36.32 40.17 -8.34
C PHE C 188 37.72 39.58 -8.45
N THR C 189 38.04 38.87 -9.53
CA THR C 189 39.40 38.40 -9.72
C THR C 189 40.19 39.17 -10.78
N VAL C 190 39.54 39.65 -11.83
CA VAL C 190 40.29 40.17 -12.98
C VAL C 190 40.89 41.55 -12.75
N PRO C 191 40.14 42.59 -12.39
CA PRO C 191 40.70 43.95 -12.35
C PRO C 191 41.90 44.10 -11.44
N PRO C 192 41.91 43.55 -10.21
CA PRO C 192 42.96 43.96 -9.26
C PRO C 192 44.35 43.70 -9.75
N VAL C 193 44.58 42.64 -10.54
CA VAL C 193 45.93 42.37 -11.03
C VAL C 193 46.37 43.45 -12.01
N PHE C 194 45.48 43.85 -12.91
CA PHE C 194 45.80 44.96 -13.81
C PHE C 194 46.10 46.23 -13.03
N VAL C 195 45.25 46.53 -12.03
CA VAL C 195 45.49 47.72 -11.22
C VAL C 195 46.83 47.64 -10.53
N SER C 196 47.18 46.44 -10.05
CA SER C 196 48.47 46.24 -9.40
C SER C 196 49.62 46.55 -10.35
N VAL C 197 49.57 46.00 -11.55
CA VAL C 197 50.64 46.24 -12.51
C VAL C 197 50.70 47.72 -12.87
N TYR C 198 49.56 48.39 -12.87
CA TYR C 198 49.57 49.83 -13.11
C TYR C 198 50.30 50.56 -11.99
N LEU C 199 49.99 50.22 -10.74
CA LEU C 199 50.55 50.93 -9.60
C LEU C 199 51.93 50.42 -9.18
N ASN C 200 52.40 49.32 -9.77
CA ASN C 200 53.65 48.69 -9.35
C ASN C 200 53.61 48.38 -7.85
N ARG C 201 52.47 47.84 -7.41
CA ARG C 201 52.22 47.53 -6.01
C ARG C 201 51.23 46.37 -6.00
N SER C 202 50.77 45.95 -4.82
CA SER C 202 49.86 44.81 -4.75
C SER C 202 49.16 44.81 -3.40
N TRP C 203 48.19 43.91 -3.27
CA TRP C 203 47.52 43.66 -2.00
C TRP C 203 46.91 42.28 -2.07
N LEU C 204 47.03 41.51 -0.98
CA LEU C 204 46.23 40.31 -0.84
C LEU C 204 44.81 40.78 -0.53
N GLY C 205 44.10 41.26 -1.54
CA GLY C 205 42.74 41.70 -1.35
C GLY C 205 41.80 40.52 -1.32
N LEU C 206 40.68 40.61 -2.02
CA LEU C 206 39.75 39.49 -2.02
C LEU C 206 40.19 38.44 -3.04
N ARG C 207 41.46 38.03 -2.97
CA ARG C 207 41.96 36.99 -3.86
C ARG C 207 41.55 35.60 -3.43
N PHE C 208 41.10 35.45 -2.18
CA PHE C 208 40.65 34.16 -1.69
C PHE C 208 39.46 33.62 -2.45
N LEU C 209 38.76 34.46 -3.21
CA LEU C 209 37.69 33.97 -4.07
C LEU C 209 38.19 32.99 -5.11
N ARG C 210 39.48 33.01 -5.44
CA ARG C 210 39.95 32.21 -6.57
C ARG C 210 39.70 30.73 -6.42
N ALA C 211 39.23 30.27 -5.27
CA ALA C 211 38.92 28.86 -5.11
C ALA C 211 37.59 28.49 -5.75
N LEU C 212 36.64 29.42 -5.76
CA LEU C 212 35.27 29.09 -6.16
C LEU C 212 35.23 28.48 -7.56
N ARG C 213 36.23 28.76 -8.39
CA ARG C 213 36.27 28.22 -9.73
C ARG C 213 36.19 26.70 -9.77
N LEU C 214 36.30 26.02 -8.63
CA LEU C 214 36.15 24.57 -8.68
C LEU C 214 34.73 24.14 -9.02
N ILE C 215 33.72 24.97 -8.73
CA ILE C 215 32.34 24.57 -8.98
C ILE C 215 32.14 24.14 -10.43
N GLN C 216 32.91 24.70 -11.35
CA GLN C 216 32.71 24.39 -12.76
C GLN C 216 33.06 22.95 -13.13
N PHE C 217 33.74 22.18 -12.27
CA PHE C 217 34.20 20.87 -12.71
C PHE C 217 33.04 19.99 -13.16
N SER C 218 32.03 19.83 -12.30
CA SER C 218 30.90 18.98 -12.63
C SER C 218 30.22 19.36 -13.92
N GLU C 219 30.56 20.51 -14.50
CA GLU C 219 30.09 20.85 -15.84
C GLU C 219 31.09 20.44 -16.92
N ILE C 220 32.34 20.87 -16.79
CA ILE C 220 33.29 20.68 -17.88
C ILE C 220 33.53 19.20 -18.14
N LEU C 221 33.69 18.41 -17.08
CA LEU C 221 33.83 16.98 -17.27
C LEU C 221 32.65 16.41 -18.05
N GLN C 222 31.44 16.92 -17.79
CA GLN C 222 30.27 16.43 -18.52
C GLN C 222 30.41 16.69 -20.01
N PHE C 223 30.97 17.83 -20.38
CA PHE C 223 31.13 18.13 -21.80
C PHE C 223 32.02 17.10 -22.48
N LEU C 224 33.11 16.74 -21.83
CA LEU C 224 34.12 15.90 -22.44
C LEU C 224 33.71 14.48 -22.58
N ASN C 225 32.46 14.16 -22.26
CA ASN C 225 31.94 12.81 -22.37
C ASN C 225 32.81 11.87 -21.52
N ILE C 226 32.75 12.09 -20.21
CA ILE C 226 33.47 11.28 -19.24
C ILE C 226 32.53 10.69 -18.20
N LEU C 227 31.65 11.51 -17.63
CA LEU C 227 30.66 11.04 -16.68
C LEU C 227 29.36 10.77 -17.42
N LYS C 228 28.95 9.52 -17.47
CA LYS C 228 27.72 9.12 -18.15
C LYS C 228 26.61 8.73 -17.19
N THR C 229 26.92 7.97 -16.16
CA THR C 229 25.89 7.39 -15.29
C THR C 229 25.38 8.44 -14.31
N SER C 230 24.60 8.00 -13.33
CA SER C 230 23.98 8.89 -12.36
C SER C 230 24.84 9.12 -11.12
N ASN C 231 25.24 8.04 -10.45
CA ASN C 231 25.94 8.18 -9.17
C ASN C 231 27.17 9.07 -9.30
N SER C 232 27.93 8.91 -10.39
CA SER C 232 29.17 9.66 -10.55
C SER C 232 28.90 11.17 -10.54
N ILE C 233 27.84 11.60 -11.20
CA ILE C 233 27.52 13.03 -11.22
C ILE C 233 27.29 13.53 -9.80
N LYS C 234 26.50 12.80 -9.02
CA LYS C 234 26.20 13.23 -7.66
C LYS C 234 27.47 13.32 -6.83
N LEU C 235 28.32 12.30 -6.92
CA LEU C 235 29.52 12.28 -6.10
C LEU C 235 30.45 13.43 -6.46
N VAL C 236 30.69 13.65 -7.75
CA VAL C 236 31.58 14.73 -8.15
C VAL C 236 31.02 16.07 -7.73
N ASN C 237 29.71 16.28 -7.91
CA ASN C 237 29.12 17.57 -7.57
C ASN C 237 29.28 17.85 -6.07
N LEU C 238 28.98 16.85 -5.23
CA LEU C 238 29.10 17.05 -3.79
C LEU C 238 30.53 17.35 -3.39
N LEU C 239 31.48 16.55 -3.86
CA LEU C 239 32.87 16.77 -3.47
C LEU C 239 33.33 18.16 -3.89
N SER C 240 32.97 18.58 -5.10
CA SER C 240 33.40 19.88 -5.58
C SER C 240 32.86 21.00 -4.69
N ILE C 241 31.55 21.01 -4.45
CA ILE C 241 30.98 22.10 -3.66
C ILE C 241 31.60 22.12 -2.28
N PHE C 242 31.79 20.95 -1.68
CA PHE C 242 32.32 20.89 -0.32
C PHE C 242 33.73 21.48 -0.25
N ILE C 243 34.63 20.99 -1.11
CA ILE C 243 36.00 21.50 -1.06
C ILE C 243 36.02 23.00 -1.31
N SER C 244 35.20 23.46 -2.26
CA SER C 244 35.23 24.87 -2.61
C SER C 244 34.80 25.74 -1.45
N THR C 245 33.66 25.44 -0.85
CA THR C 245 33.18 26.29 0.24
C THR C 245 34.13 26.25 1.43
N TRP C 246 34.72 25.09 1.70
CA TRP C 246 35.68 24.99 2.80
C TRP C 246 36.85 25.94 2.57
N LEU C 247 37.47 25.86 1.40
CA LEU C 247 38.61 26.73 1.15
C LEU C 247 38.23 28.20 1.16
N THR C 248 37.04 28.53 0.66
CA THR C 248 36.62 29.93 0.64
C THR C 248 36.48 30.48 2.06
N ALA C 249 35.83 29.72 2.93
CA ALA C 249 35.70 30.17 4.32
C ALA C 249 37.07 30.36 4.94
N ALA C 250 37.98 29.42 4.71
CA ALA C 250 39.34 29.57 5.22
C ALA C 250 39.92 30.89 4.77
N GLY C 251 39.83 31.19 3.47
CA GLY C 251 40.41 32.42 2.97
C GLY C 251 39.84 33.65 3.62
N PHE C 252 38.52 33.69 3.78
CA PHE C 252 37.92 34.88 4.38
C PHE C 252 38.40 35.09 5.81
N ILE C 253 38.44 34.00 6.60
CA ILE C 253 38.93 34.16 7.97
C ILE C 253 40.36 34.66 7.96
N HIS C 254 41.20 34.10 7.09
CA HIS C 254 42.58 34.54 7.02
C HIS C 254 42.68 36.02 6.77
N LEU C 255 41.97 36.52 5.75
CA LEU C 255 42.04 37.93 5.42
C LEU C 255 41.58 38.80 6.59
N VAL C 256 40.40 38.51 7.13
CA VAL C 256 39.83 39.39 8.14
C VAL C 256 40.73 39.42 9.38
N GLU C 257 41.18 38.25 9.83
CA GLU C 257 41.99 38.19 11.03
C GLU C 257 43.32 38.92 10.84
N ASN C 258 44.07 38.59 9.79
CA ASN C 258 45.36 39.23 9.63
C ASN C 258 45.22 40.73 9.47
N SER C 259 44.18 41.18 8.77
CA SER C 259 43.98 42.61 8.60
C SER C 259 43.61 43.28 9.92
N GLY C 260 42.64 42.73 10.62
CA GLY C 260 42.12 43.37 11.81
C GLY C 260 41.02 44.36 11.50
N ASP C 261 40.30 44.76 12.54
CA ASP C 261 39.15 45.64 12.38
C ASP C 261 39.57 46.99 11.82
N PRO C 262 38.72 47.62 11.01
CA PRO C 262 39.08 48.94 10.48
C PRO C 262 39.14 50.02 11.53
N TRP C 263 38.09 50.17 12.32
CA TRP C 263 38.12 51.18 13.38
C TRP C 263 39.05 50.72 14.49
N GLU C 264 39.35 51.65 15.40
CA GLU C 264 40.43 51.54 16.37
C GLU C 264 41.79 51.60 15.69
N ASN C 265 41.81 51.90 14.40
CA ASN C 265 43.04 52.16 13.65
C ASN C 265 43.98 50.96 13.69
N PHE C 266 43.45 49.79 13.30
CA PHE C 266 44.27 48.63 12.96
C PHE C 266 45.18 48.21 14.13
N GLN C 267 44.56 47.78 15.23
CA GLN C 267 45.32 47.34 16.40
C GLN C 267 44.78 46.05 17.00
N ASN C 268 44.30 45.12 16.18
CA ASN C 268 43.79 43.84 16.67
C ASN C 268 44.41 42.66 15.96
N ASN C 269 45.52 42.86 15.27
CA ASN C 269 46.06 41.80 14.42
C ASN C 269 46.45 40.58 15.24
N GLN C 270 46.02 39.41 14.79
CA GLN C 270 46.39 38.13 15.38
C GLN C 270 47.07 37.29 14.31
N ALA C 271 48.32 36.93 14.55
CA ALA C 271 49.13 36.26 13.54
C ALA C 271 48.63 34.84 13.32
N LEU C 272 48.23 34.53 12.10
CA LEU C 272 47.90 33.17 11.69
C LEU C 272 48.38 32.94 10.27
N THR C 273 48.53 31.68 9.92
CA THR C 273 48.83 31.27 8.55
C THR C 273 47.74 30.35 8.04
N TYR C 274 47.47 30.46 6.74
CA TYR C 274 46.30 29.88 6.09
C TYR C 274 45.96 28.48 6.60
N TRP C 275 47.00 27.68 6.83
CA TRP C 275 46.81 26.33 7.36
C TRP C 275 46.06 26.36 8.68
N GLU C 276 46.45 27.29 9.57
CA GLU C 276 45.76 27.40 10.84
C GLU C 276 44.29 27.70 10.64
N CYS C 277 43.96 28.59 9.71
CA CYS C 277 42.57 28.95 9.51
C CYS C 277 41.76 27.78 8.98
N VAL C 278 42.32 27.01 8.04
CA VAL C 278 41.55 25.88 7.55
C VAL C 278 41.36 24.86 8.67
N TYR C 279 42.36 24.70 9.53
CA TYR C 279 42.19 23.85 10.69
C TYR C 279 41.05 24.33 11.57
N LEU C 280 40.97 25.64 11.77
CA LEU C 280 39.92 26.19 12.63
C LEU C 280 38.54 25.95 12.03
N LEU C 281 38.41 26.15 10.72
CA LEU C 281 37.11 25.90 10.09
C LEU C 281 36.70 24.44 10.20
N MET C 282 37.60 23.50 9.91
CA MET C 282 37.20 22.09 10.02
C MET C 282 36.94 21.70 11.46
N VAL C 283 37.58 22.34 12.43
CA VAL C 283 37.21 22.10 13.81
C VAL C 283 35.79 22.59 14.07
N THR C 284 35.45 23.78 13.60
CA THR C 284 34.17 24.37 13.97
C THR C 284 33.00 23.67 13.28
N MET C 285 33.13 23.44 11.97
CA MET C 285 31.98 22.92 11.23
C MET C 285 31.48 21.61 11.81
N SER C 286 32.39 20.70 12.12
CA SER C 286 31.99 19.38 12.58
C SER C 286 31.56 19.36 14.03
N THR C 287 31.38 20.52 14.65
CA THR C 287 30.86 20.62 16.01
C THR C 287 31.77 19.93 17.02
N VAL C 288 33.06 20.26 16.99
CA VAL C 288 34.00 19.71 17.95
C VAL C 288 34.48 20.80 18.88
N GLY C 289 35.17 21.78 18.32
CA GLY C 289 35.54 22.97 19.06
C GLY C 289 36.54 22.80 20.19
N TYR C 290 37.77 22.45 19.89
CA TYR C 290 38.81 22.59 20.89
C TYR C 290 39.02 24.06 21.20
N GLY C 291 39.14 24.36 22.48
CA GLY C 291 39.39 25.74 22.87
C GLY C 291 40.85 26.13 22.70
N ASP C 292 41.40 25.88 21.51
CA ASP C 292 42.81 26.15 21.27
C ASP C 292 43.04 27.44 20.49
N VAL C 293 42.35 27.63 19.38
CA VAL C 293 42.44 28.84 18.58
C VAL C 293 41.04 29.30 18.21
N TYR C 294 40.80 30.59 18.39
CA TYR C 294 39.48 31.15 18.14
C TYR C 294 39.64 32.54 17.55
N ALA C 295 38.80 32.88 16.58
CA ALA C 295 38.83 34.22 16.01
C ALA C 295 38.61 35.24 17.11
N LYS C 296 39.51 36.21 17.19
CA LYS C 296 39.50 37.15 18.32
C LYS C 296 38.87 38.49 17.99
N THR C 297 38.77 38.86 16.73
CA THR C 297 38.32 40.20 16.39
C THR C 297 36.84 40.20 16.03
N THR C 298 36.28 41.41 15.97
CA THR C 298 34.82 41.55 15.85
C THR C 298 34.32 40.98 14.53
N LEU C 299 34.90 41.42 13.42
CA LEU C 299 34.43 40.97 12.12
C LEU C 299 34.46 39.46 12.03
N GLY C 300 35.54 38.84 12.48
CA GLY C 300 35.62 37.39 12.44
C GLY C 300 34.52 36.74 13.26
N ARG C 301 34.26 37.27 14.45
CA ARG C 301 33.22 36.69 15.28
C ARG C 301 31.86 36.78 14.59
N LEU C 302 31.55 37.94 14.01
CA LEU C 302 30.28 38.08 13.34
C LEU C 302 30.18 37.10 12.16
N PHE C 303 31.26 36.97 11.41
CA PHE C 303 31.26 36.01 10.32
C PHE C 303 31.01 34.61 10.82
N MET C 304 31.64 34.24 11.94
CA MET C 304 31.42 32.90 12.48
C MET C 304 29.97 32.72 12.91
N VAL C 305 29.40 33.73 13.56
CA VAL C 305 28.01 33.65 13.99
C VAL C 305 27.10 33.35 12.82
N PHE C 306 27.29 34.07 11.71
CA PHE C 306 26.45 33.80 10.55
C PHE C 306 26.78 32.44 9.93
N PHE C 307 28.06 32.16 9.72
CA PHE C 307 28.46 30.98 8.96
C PHE C 307 28.04 29.70 9.65
N ILE C 308 27.89 29.72 10.97
CA ILE C 308 27.43 28.54 11.68
C ILE C 308 26.11 28.07 11.10
N LEU C 309 25.19 29.01 10.90
CA LEU C 309 23.80 28.68 10.57
C LEU C 309 23.69 27.83 9.32
N GLY C 310 24.61 27.98 8.39
CA GLY C 310 24.57 27.16 7.19
C GLY C 310 25.52 25.99 7.28
N GLY C 311 26.72 26.24 7.81
CA GLY C 311 27.74 25.21 7.80
C GLY C 311 27.33 23.98 8.59
N LEU C 312 26.70 24.17 9.74
CA LEU C 312 26.34 23.01 10.54
C LEU C 312 25.40 22.08 9.78
N ALA C 313 24.34 22.64 9.20
CA ALA C 313 23.43 21.81 8.43
C ALA C 313 24.13 21.17 7.25
N MET C 314 24.97 21.94 6.57
CA MET C 314 25.61 21.42 5.37
C MET C 314 26.51 20.24 5.69
N PHE C 315 27.31 20.36 6.75
CA PHE C 315 28.22 19.28 7.08
C PHE C 315 27.50 18.10 7.72
N ALA C 316 26.40 18.34 8.43
CA ALA C 316 25.64 17.23 8.97
C ALA C 316 24.82 16.51 7.90
N SER C 317 24.64 17.12 6.74
CA SER C 317 23.90 16.44 5.68
C SER C 317 24.80 15.81 4.62
N TYR C 318 25.79 16.54 4.12
CA TYR C 318 26.52 16.07 2.95
C TYR C 318 27.39 14.86 3.25
N VAL C 319 28.16 14.92 4.33
CA VAL C 319 29.17 13.88 4.57
C VAL C 319 28.59 12.48 4.59
N PRO C 320 27.52 12.19 5.34
CA PRO C 320 27.01 10.81 5.33
C PRO C 320 26.60 10.33 3.95
N GLU C 321 26.03 11.18 3.10
CA GLU C 321 25.69 10.70 1.76
C GLU C 321 26.93 10.45 0.92
N ILE C 322 27.96 11.30 1.05
CA ILE C 322 29.19 11.02 0.33
C ILE C 322 29.78 9.69 0.76
N ILE C 323 29.76 9.41 2.06
CA ILE C 323 30.21 8.10 2.52
C ILE C 323 29.35 6.99 1.95
N GLU C 324 28.03 7.23 1.83
CA GLU C 324 27.14 6.19 1.33
C GLU C 324 27.39 5.86 -0.13
N LEU C 325 27.59 6.89 -0.97
CA LEU C 325 27.77 6.63 -2.41
C LEU C 325 29.02 5.80 -2.67
N ILE C 326 30.16 6.21 -2.12
CA ILE C 326 31.33 5.35 -2.14
C ILE C 326 31.03 4.10 -1.32
N GLY C 327 31.52 2.96 -1.76
CA GLY C 327 31.44 1.76 -0.95
C GLY C 327 30.39 0.74 -1.33
N ASN C 328 29.66 0.95 -2.44
CA ASN C 328 28.83 -0.12 -2.94
C ASN C 328 29.71 -1.16 -3.63
N ARG C 329 30.50 -1.86 -2.83
CA ARG C 329 31.43 -2.85 -3.35
C ARG C 329 30.71 -4.18 -3.53
N LYS C 330 30.61 -4.64 -4.78
CA LYS C 330 30.03 -5.95 -5.06
C LYS C 330 31.05 -7.00 -4.64
N LYS C 331 31.05 -7.30 -3.34
CA LYS C 331 32.13 -8.09 -2.76
C LYS C 331 32.18 -9.51 -3.33
N TYR C 332 31.11 -9.97 -3.95
CA TYR C 332 31.07 -11.30 -4.55
C TYR C 332 31.05 -11.24 -6.06
N GLY C 333 31.83 -10.33 -6.63
CA GLY C 333 32.11 -10.33 -8.06
C GLY C 333 33.16 -11.37 -8.38
N GLY C 334 33.85 -11.17 -9.49
CA GLY C 334 34.91 -12.07 -9.87
C GLY C 334 34.39 -13.27 -10.65
N SER C 335 35.24 -14.29 -10.72
CA SER C 335 34.95 -15.47 -11.51
C SER C 335 35.51 -16.70 -10.82
N TYR C 336 35.55 -17.81 -11.54
CA TYR C 336 35.96 -19.10 -11.01
C TYR C 336 37.11 -19.64 -11.86
N SER C 337 37.84 -20.58 -11.28
CA SER C 337 38.98 -21.19 -11.96
C SER C 337 38.78 -22.68 -12.06
N ALA C 338 39.05 -23.21 -13.23
CA ALA C 338 38.94 -24.64 -13.50
C ALA C 338 40.25 -25.32 -13.13
N VAL C 339 40.17 -26.35 -12.32
CA VAL C 339 41.34 -27.11 -11.88
C VAL C 339 41.27 -28.49 -12.50
N SER C 340 42.38 -28.93 -13.08
CA SER C 340 42.40 -30.20 -13.76
C SER C 340 42.23 -31.35 -12.77
N GLY C 341 41.68 -32.46 -13.27
CA GLY C 341 41.54 -33.66 -12.46
C GLY C 341 40.36 -33.69 -11.53
N ARG C 342 39.51 -32.67 -11.53
CA ARG C 342 38.32 -32.66 -10.69
C ARG C 342 37.13 -32.30 -11.56
N LYS C 343 35.95 -32.31 -10.95
CA LYS C 343 34.74 -31.90 -11.62
C LYS C 343 33.92 -31.01 -10.70
N HIS C 344 33.29 -30.00 -11.29
CA HIS C 344 32.50 -29.03 -10.55
C HIS C 344 31.11 -28.93 -11.17
N ILE C 345 30.09 -28.75 -10.33
CA ILE C 345 28.73 -28.58 -10.82
C ILE C 345 28.22 -27.23 -10.36
N VAL C 346 27.14 -26.79 -10.99
CA VAL C 346 26.56 -25.48 -10.77
C VAL C 346 25.09 -25.64 -10.42
N VAL C 347 24.60 -24.79 -9.53
CA VAL C 347 23.20 -24.82 -9.11
C VAL C 347 22.60 -23.44 -9.32
N CYS C 348 21.42 -23.38 -9.90
CA CYS C 348 20.74 -22.10 -10.11
C CYS C 348 19.28 -22.21 -9.74
N GLY C 349 18.77 -21.19 -9.09
CA GLY C 349 17.34 -21.16 -8.81
C GLY C 349 17.07 -20.59 -7.42
N HIS C 350 16.02 -21.14 -6.80
CA HIS C 350 15.48 -20.62 -5.54
C HIS C 350 16.44 -20.97 -4.41
N ILE C 351 17.27 -20.00 -4.04
CA ILE C 351 18.28 -20.18 -3.01
C ILE C 351 17.83 -19.48 -1.74
N THR C 352 17.48 -20.28 -0.72
CA THR C 352 17.16 -19.75 0.60
C THR C 352 17.77 -20.67 1.64
N LEU C 353 17.84 -20.15 2.87
CA LEU C 353 18.60 -20.82 3.93
C LEU C 353 18.15 -22.26 4.10
N GLU C 354 16.85 -22.49 4.28
CA GLU C 354 16.38 -23.85 4.55
C GLU C 354 16.67 -24.77 3.38
N SER C 355 16.42 -24.30 2.16
CA SER C 355 16.67 -25.13 0.99
C SER C 355 18.14 -25.49 0.86
N VAL C 356 19.03 -24.50 1.02
CA VAL C 356 20.45 -24.76 0.85
C VAL C 356 20.93 -25.72 1.91
N SER C 357 20.51 -25.53 3.16
CA SER C 357 20.92 -26.45 4.21
C SER C 357 20.43 -27.86 3.93
N ASN C 358 19.17 -27.99 3.52
CA ASN C 358 18.61 -29.31 3.29
C ASN C 358 19.32 -30.03 2.16
N PHE C 359 19.64 -29.31 1.09
CA PHE C 359 20.37 -29.94 -0.02
C PHE C 359 21.79 -30.28 0.41
N LEU C 360 22.49 -29.33 1.03
CA LEU C 360 23.90 -29.52 1.34
C LEU C 360 24.11 -30.66 2.32
N LYS C 361 23.14 -30.88 3.22
CA LYS C 361 23.27 -32.01 4.13
C LYS C 361 23.28 -33.33 3.37
N ASP C 362 22.43 -33.45 2.36
CA ASP C 362 22.35 -34.71 1.63
C ASP C 362 23.50 -34.90 0.67
N PHE C 363 24.02 -33.80 0.11
CA PHE C 363 24.99 -33.97 -0.97
C PHE C 363 26.34 -34.44 -0.47
N LEU C 364 26.80 -33.92 0.66
CA LEU C 364 28.15 -34.20 1.16
C LEU C 364 28.17 -35.25 2.26
N HIS C 365 27.05 -35.91 2.53
CA HIS C 365 26.96 -36.75 3.72
C HIS C 365 27.95 -37.89 3.68
N LYS C 366 28.60 -38.14 4.83
CA LYS C 366 29.73 -39.06 4.86
C LYS C 366 29.35 -40.49 4.56
N ASP C 367 28.06 -40.83 4.60
CA ASP C 367 27.68 -42.22 4.40
C ASP C 367 28.05 -42.70 3.00
N ARG C 368 27.89 -41.85 2.00
CA ARG C 368 28.10 -42.29 0.63
C ARG C 368 29.57 -42.61 0.41
N ASP C 369 29.87 -43.18 -0.76
CA ASP C 369 31.26 -43.33 -1.19
C ASP C 369 31.95 -41.98 -1.19
N ASP C 370 33.23 -41.98 -0.81
CA ASP C 370 34.00 -40.74 -0.71
C ASP C 370 33.86 -39.86 -1.94
N VAL C 371 33.29 -38.68 -1.72
CA VAL C 371 32.96 -37.74 -2.79
C VAL C 371 34.19 -36.90 -3.09
N ASN C 372 34.25 -36.36 -4.30
CA ASN C 372 35.34 -35.51 -4.70
C ASN C 372 34.92 -34.30 -5.52
N VAL C 373 33.63 -34.11 -5.76
CA VAL C 373 33.16 -33.03 -6.63
C VAL C 373 33.10 -31.72 -5.87
N GLU C 374 32.92 -30.62 -6.60
CA GLU C 374 32.90 -29.29 -6.03
C GLU C 374 31.64 -28.59 -6.51
N ILE C 375 31.16 -27.63 -5.71
CA ILE C 375 29.86 -27.02 -5.89
C ILE C 375 30.02 -25.53 -6.11
N VAL C 376 29.30 -24.97 -7.08
CA VAL C 376 29.20 -23.53 -7.24
C VAL C 376 27.74 -23.15 -7.38
N PHE C 377 27.33 -22.14 -6.62
CA PHE C 377 25.97 -21.63 -6.71
C PHE C 377 25.93 -20.53 -7.76
N LEU C 378 24.78 -19.85 -7.86
CA LEU C 378 24.62 -18.70 -8.76
C LEU C 378 23.28 -18.06 -8.44
N HIS C 379 23.23 -16.73 -8.46
CA HIS C 379 22.05 -16.04 -7.97
C HIS C 379 22.19 -14.56 -8.31
N ASN C 380 21.10 -13.81 -8.11
CA ASN C 380 21.12 -12.39 -8.38
C ASN C 380 20.68 -11.56 -7.18
N ILE C 381 20.64 -12.17 -5.99
CA ILE C 381 20.35 -11.46 -4.74
C ILE C 381 21.48 -11.75 -3.78
N SER C 382 22.11 -10.69 -3.27
CA SER C 382 23.21 -10.88 -2.34
C SER C 382 22.70 -11.60 -1.09
N PRO C 383 23.34 -12.68 -0.67
CA PRO C 383 22.84 -13.44 0.47
C PRO C 383 22.92 -12.63 1.76
N ASN C 384 22.06 -12.99 2.70
CA ASN C 384 22.05 -12.34 4.00
C ASN C 384 23.02 -13.04 4.94
N LEU C 385 23.05 -12.58 6.19
CA LEU C 385 24.17 -12.88 7.08
C LEU C 385 24.24 -14.37 7.44
N GLU C 386 23.12 -14.95 7.87
CA GLU C 386 23.18 -16.33 8.35
C GLU C 386 23.49 -17.29 7.22
N LEU C 387 22.92 -17.05 6.03
CA LEU C 387 23.30 -17.85 4.88
C LEU C 387 24.78 -17.66 4.56
N GLU C 388 25.28 -16.43 4.74
CA GLU C 388 26.71 -16.20 4.62
C GLU C 388 27.50 -17.07 5.56
N ALA C 389 27.06 -17.21 6.80
CA ALA C 389 27.77 -18.06 7.74
C ALA C 389 27.77 -19.51 7.26
N LEU C 390 26.62 -19.97 6.78
CA LEU C 390 26.55 -21.37 6.36
C LEU C 390 27.47 -21.62 5.17
N PHE C 391 27.54 -20.67 4.23
CA PHE C 391 28.53 -20.79 3.17
C PHE C 391 29.94 -20.80 3.74
N LYS C 392 30.19 -19.94 4.72
CA LYS C 392 31.54 -19.83 5.26
C LYS C 392 32.00 -21.14 5.88
N ARG C 393 31.08 -21.86 6.53
CA ARG C 393 31.46 -23.04 7.28
C ARG C 393 32.10 -24.10 6.38
N HIS C 394 31.61 -24.24 5.15
CA HIS C 394 32.22 -25.17 4.20
C HIS C 394 33.18 -24.41 3.29
N PHE C 395 34.23 -23.86 3.90
CA PHE C 395 35.15 -23.00 3.16
C PHE C 395 35.86 -23.74 2.04
N THR C 396 35.90 -25.06 2.08
CA THR C 396 36.68 -25.79 1.11
C THR C 396 35.85 -26.46 0.02
N GLN C 397 34.53 -26.49 0.15
CA GLN C 397 33.71 -27.24 -0.79
C GLN C 397 32.61 -26.42 -1.45
N VAL C 398 32.51 -25.14 -1.15
CA VAL C 398 31.48 -24.29 -1.73
C VAL C 398 32.09 -22.95 -2.10
N GLU C 399 31.80 -22.51 -3.32
CA GLU C 399 32.23 -21.19 -3.75
C GLU C 399 31.07 -20.52 -4.46
N PHE C 400 30.80 -19.28 -4.08
CA PHE C 400 29.58 -18.56 -4.42
C PHE C 400 29.91 -17.45 -5.40
N TYR C 401 28.88 -16.96 -6.09
CA TYR C 401 29.04 -15.84 -7.01
C TYR C 401 27.71 -15.11 -7.11
N GLN C 402 27.73 -13.98 -7.78
CA GLN C 402 26.53 -13.16 -7.96
C GLN C 402 26.35 -12.84 -9.44
N GLY C 403 25.13 -12.88 -9.90
CA GLY C 403 24.78 -12.59 -11.27
C GLY C 403 23.65 -13.51 -11.70
N SER C 404 22.71 -12.96 -12.46
CA SER C 404 21.56 -13.73 -12.89
C SER C 404 21.98 -14.85 -13.82
N VAL C 405 21.01 -15.69 -14.19
CA VAL C 405 21.26 -16.80 -15.09
C VAL C 405 20.82 -16.48 -16.52
N LEU C 406 20.06 -15.41 -16.72
CA LEU C 406 19.63 -15.05 -18.07
C LEU C 406 20.76 -14.47 -18.89
N ASN C 407 21.57 -13.59 -18.30
CA ASN C 407 22.64 -12.92 -19.03
C ASN C 407 23.68 -13.93 -19.50
N PRO C 408 23.95 -14.03 -20.79
CA PRO C 408 24.96 -14.99 -21.26
C PRO C 408 26.40 -14.55 -21.03
N HIS C 409 26.63 -13.49 -20.25
CA HIS C 409 27.97 -13.28 -19.73
C HIS C 409 28.16 -13.98 -18.38
N ASP C 410 27.16 -13.92 -17.50
CA ASP C 410 27.26 -14.63 -16.24
C ASP C 410 27.51 -16.12 -16.47
N LEU C 411 26.69 -16.73 -17.34
CA LEU C 411 26.90 -18.14 -17.63
C LEU C 411 28.17 -18.42 -18.41
N ALA C 412 28.96 -17.38 -18.69
CA ALA C 412 30.34 -17.57 -19.10
C ALA C 412 31.30 -17.40 -17.95
N ARG C 413 30.88 -16.73 -16.88
CA ARG C 413 31.72 -16.59 -15.71
C ARG C 413 31.86 -17.92 -14.98
N VAL C 414 30.75 -18.62 -14.78
CA VAL C 414 30.76 -19.87 -14.04
C VAL C 414 31.44 -21.00 -14.80
N LYS C 415 31.75 -20.80 -16.08
CA LYS C 415 32.45 -21.78 -16.91
C LYS C 415 31.65 -23.08 -17.01
N ILE C 416 30.48 -22.99 -17.64
CA ILE C 416 29.61 -24.16 -17.77
C ILE C 416 30.23 -25.19 -18.71
N GLU C 417 30.71 -24.75 -19.87
CA GLU C 417 31.11 -25.72 -20.89
C GLU C 417 32.22 -26.64 -20.45
N SER C 418 32.97 -26.27 -19.40
CA SER C 418 33.92 -27.19 -18.81
C SER C 418 33.33 -27.95 -17.62
N ALA C 419 32.08 -27.69 -17.26
CA ALA C 419 31.49 -28.32 -16.09
C ALA C 419 30.98 -29.71 -16.44
N ASP C 420 30.20 -30.30 -15.55
CA ASP C 420 29.69 -31.65 -15.72
C ASP C 420 28.18 -31.70 -15.80
N ALA C 421 27.48 -30.97 -14.95
CA ALA C 421 26.02 -30.94 -14.99
C ALA C 421 25.52 -29.74 -14.21
N CYS C 422 24.33 -29.29 -14.56
CA CYS C 422 23.70 -28.18 -13.87
C CYS C 422 22.50 -28.68 -13.07
N LEU C 423 22.10 -27.91 -12.07
CA LEU C 423 20.94 -28.26 -11.26
C LEU C 423 20.06 -27.05 -11.09
N ILE C 424 18.77 -27.32 -10.88
CA ILE C 424 17.77 -26.28 -10.66
C ILE C 424 16.94 -26.68 -9.45
N LEU C 425 16.61 -25.70 -8.60
CA LEU C 425 15.76 -25.93 -7.45
C LEU C 425 14.55 -25.01 -7.56
N ALA C 426 13.39 -25.60 -7.81
CA ALA C 426 12.16 -24.84 -7.94
C ALA C 426 11.52 -24.66 -6.58
N ASN C 427 10.81 -23.55 -6.42
CA ASN C 427 10.23 -23.20 -5.13
C ASN C 427 9.00 -24.06 -4.89
N LYS C 428 9.08 -24.95 -3.91
CA LYS C 428 7.98 -25.88 -3.63
C LYS C 428 6.72 -25.15 -3.20
N TYR C 429 6.81 -23.90 -2.78
CA TYR C 429 5.66 -23.14 -2.32
C TYR C 429 5.57 -21.86 -3.12
N CYS C 430 4.34 -21.42 -3.39
CA CYS C 430 4.11 -20.17 -4.12
C CYS C 430 2.63 -19.87 -4.09
N ALA C 431 2.28 -18.69 -4.60
CA ALA C 431 0.89 -18.35 -4.82
C ALA C 431 0.39 -18.93 -6.14
N ASP C 432 1.02 -18.52 -7.24
CA ASP C 432 0.69 -19.06 -8.55
C ASP C 432 1.74 -20.09 -8.94
N PRO C 433 1.40 -21.37 -9.05
CA PRO C 433 2.36 -22.33 -9.60
C PRO C 433 2.81 -21.98 -11.00
N ASP C 434 1.93 -21.37 -11.80
CA ASP C 434 2.25 -21.11 -13.20
C ASP C 434 3.43 -20.17 -13.34
N ALA C 435 3.55 -19.19 -12.45
CA ALA C 435 4.66 -18.24 -12.54
C ALA C 435 5.99 -18.94 -12.36
N GLU C 436 6.12 -19.76 -11.32
CA GLU C 436 7.35 -20.52 -11.11
C GLU C 436 7.58 -21.47 -12.27
N ASP C 437 6.52 -22.10 -12.77
CA ASP C 437 6.62 -22.92 -13.97
C ASP C 437 7.34 -22.17 -15.07
N ALA C 438 6.79 -21.01 -15.45
CA ALA C 438 7.34 -20.25 -16.56
C ALA C 438 8.77 -19.82 -16.29
N SER C 439 9.06 -19.40 -15.05
CA SER C 439 10.41 -18.95 -14.75
C SER C 439 11.42 -20.07 -14.93
N ASN C 440 11.10 -21.27 -14.43
CA ASN C 440 12.00 -22.39 -14.63
C ASN C 440 12.11 -22.77 -16.10
N ILE C 441 11.01 -22.61 -16.84
CA ILE C 441 11.06 -22.84 -18.28
C ILE C 441 12.08 -21.92 -18.93
N MET C 442 12.02 -20.63 -18.62
CA MET C 442 12.99 -19.69 -19.18
C MET C 442 14.40 -20.06 -18.77
N ARG C 443 14.60 -20.46 -17.51
CA ARG C 443 15.94 -20.79 -17.06
C ARG C 443 16.52 -21.95 -17.85
N VAL C 444 15.73 -23.00 -18.04
CA VAL C 444 16.23 -24.14 -18.80
C VAL C 444 16.45 -23.76 -20.25
N ILE C 445 15.58 -22.92 -20.80
CA ILE C 445 15.76 -22.47 -22.19
C ILE C 445 17.10 -21.76 -22.33
N SER C 446 17.39 -20.81 -21.45
CA SER C 446 18.62 -20.05 -21.57
C SER C 446 19.84 -20.94 -21.41
N ILE C 447 19.82 -21.81 -20.40
CA ILE C 447 20.99 -22.67 -20.17
C ILE C 447 21.22 -23.56 -21.37
N LYS C 448 20.15 -24.04 -22.00
CA LYS C 448 20.31 -24.76 -23.24
C LYS C 448 20.86 -23.85 -24.33
N ASN C 449 20.43 -22.59 -24.34
CA ASN C 449 20.83 -21.67 -25.39
C ASN C 449 22.34 -21.48 -25.41
N TYR C 450 22.95 -21.36 -24.24
CA TYR C 450 24.40 -21.19 -24.24
C TYR C 450 25.11 -22.45 -24.74
N HIS C 451 24.56 -23.63 -24.44
CA HIS C 451 25.27 -24.84 -24.80
C HIS C 451 24.32 -26.02 -24.92
N PRO C 452 24.43 -26.81 -25.97
CA PRO C 452 23.55 -27.98 -26.12
C PRO C 452 23.93 -29.19 -25.27
N LYS C 453 25.22 -29.50 -25.22
CA LYS C 453 25.67 -30.83 -24.78
C LYS C 453 25.51 -31.07 -23.30
N ILE C 454 25.18 -30.06 -22.51
CA ILE C 454 25.14 -30.23 -21.06
C ILE C 454 23.79 -30.81 -20.66
N ARG C 455 23.80 -31.59 -19.59
CA ARG C 455 22.56 -32.14 -19.05
C ARG C 455 21.99 -31.22 -17.98
N ILE C 456 20.72 -31.43 -17.67
CA ILE C 456 20.00 -30.61 -16.71
C ILE C 456 19.11 -31.51 -15.87
N ILE C 457 19.03 -31.23 -14.58
CA ILE C 457 18.10 -31.87 -13.67
C ILE C 457 17.32 -30.78 -12.96
N THR C 458 16.00 -30.81 -13.07
CA THR C 458 15.18 -29.71 -12.61
C THR C 458 13.93 -30.23 -11.93
N GLN C 459 13.03 -29.29 -11.62
CA GLN C 459 11.79 -29.60 -10.93
C GLN C 459 10.64 -28.89 -11.62
N MET C 460 9.42 -29.38 -11.38
CA MET C 460 8.22 -28.79 -11.93
C MET C 460 7.13 -28.85 -10.88
N LEU C 461 5.98 -28.26 -11.17
CA LEU C 461 4.87 -28.28 -10.24
C LEU C 461 3.67 -29.04 -10.75
N GLN C 462 3.13 -28.69 -11.91
CA GLN C 462 2.00 -29.40 -12.47
C GLN C 462 2.53 -30.62 -13.23
N TYR C 463 1.66 -31.28 -13.99
CA TYR C 463 2.11 -32.35 -14.86
C TYR C 463 2.16 -31.97 -16.32
N HIS C 464 1.17 -31.19 -16.80
CA HIS C 464 1.14 -30.86 -18.23
C HIS C 464 2.37 -30.09 -18.66
N ASN C 465 2.78 -29.12 -17.84
CA ASN C 465 3.92 -28.28 -18.22
C ASN C 465 5.18 -29.09 -18.48
N LYS C 466 5.33 -30.24 -17.82
CA LYS C 466 6.48 -31.10 -18.08
C LYS C 466 6.63 -31.39 -19.56
N ALA C 467 5.52 -31.60 -20.26
CA ALA C 467 5.59 -31.92 -21.68
C ALA C 467 6.35 -30.86 -22.46
N HIS C 468 6.23 -29.59 -22.05
CA HIS C 468 6.91 -28.52 -22.76
C HIS C 468 8.40 -28.74 -22.82
N LEU C 469 8.98 -29.35 -21.78
CA LEU C 469 10.41 -29.61 -21.74
C LEU C 469 10.82 -30.79 -22.60
N LEU C 470 9.93 -31.25 -23.47
CA LEU C 470 10.22 -32.31 -24.42
C LEU C 470 10.53 -31.77 -25.81
N ASN C 471 10.67 -30.45 -25.95
CA ASN C 471 10.67 -29.82 -27.27
C ASN C 471 11.96 -29.09 -27.61
N ILE C 472 12.79 -28.73 -26.64
CA ILE C 472 14.02 -28.03 -26.95
C ILE C 472 14.93 -28.94 -27.77
N PRO C 473 15.38 -28.53 -28.95
CA PRO C 473 15.93 -29.50 -29.91
C PRO C 473 17.17 -30.22 -29.46
N SER C 474 17.88 -29.71 -28.45
CA SER C 474 19.06 -30.42 -27.97
C SER C 474 18.74 -31.39 -26.84
N TRP C 475 17.61 -31.21 -26.17
CA TRP C 475 17.25 -32.06 -25.05
C TRP C 475 17.14 -33.52 -25.51
N ASN C 476 17.79 -34.42 -24.77
CA ASN C 476 17.78 -35.83 -25.14
C ASN C 476 18.09 -36.67 -23.91
N TRP C 477 17.07 -37.39 -23.41
CA TRP C 477 17.26 -38.15 -22.18
C TRP C 477 18.21 -39.32 -22.35
N LYS C 478 18.43 -39.79 -23.58
CA LYS C 478 19.29 -40.94 -23.77
C LYS C 478 20.70 -40.70 -23.27
N GLU C 479 21.14 -39.44 -23.18
CA GLU C 479 22.48 -39.13 -22.73
C GLU C 479 22.50 -38.38 -21.40
N GLY C 480 21.36 -38.25 -20.72
CA GLY C 480 21.40 -37.68 -19.39
C GLY C 480 20.27 -36.77 -18.97
N ASP C 481 19.47 -36.30 -19.92
CA ASP C 481 18.34 -35.45 -19.57
C ASP C 481 17.37 -36.21 -18.67
N ASP C 482 16.79 -35.51 -17.71
CA ASP C 482 15.78 -36.08 -16.83
C ASP C 482 14.87 -34.96 -16.34
N ALA C 483 13.92 -35.32 -15.49
CA ALA C 483 13.01 -34.33 -14.92
C ALA C 483 12.38 -34.90 -13.66
N ILE C 484 11.97 -34.01 -12.77
CA ILE C 484 11.34 -34.38 -11.51
C ILE C 484 10.04 -33.60 -11.40
N CYS C 485 8.93 -34.32 -11.33
CA CYS C 485 7.62 -33.70 -11.18
C CYS C 485 7.08 -34.03 -9.80
N LEU C 486 7.02 -33.02 -8.94
CA LEU C 486 6.58 -33.25 -7.57
C LEU C 486 5.15 -33.78 -7.51
N ALA C 487 4.25 -33.21 -8.30
CA ALA C 487 2.87 -33.69 -8.27
C ALA C 487 2.79 -35.14 -8.72
N GLU C 488 3.50 -35.48 -9.79
CA GLU C 488 3.48 -36.86 -10.28
C GLU C 488 3.94 -37.82 -9.21
N LEU C 489 5.11 -37.57 -8.62
CA LEU C 489 5.63 -38.51 -7.64
C LEU C 489 4.76 -38.55 -6.39
N LYS C 490 4.19 -37.40 -6.00
CA LYS C 490 3.35 -37.36 -4.81
C LYS C 490 2.12 -38.25 -4.98
N LEU C 491 1.32 -37.95 -5.99
CA LEU C 491 0.13 -38.75 -6.20
C LEU C 491 0.49 -40.18 -6.50
N GLY C 492 1.65 -40.42 -7.12
CA GLY C 492 2.06 -41.78 -7.41
C GLY C 492 2.35 -42.58 -6.16
N PHE C 493 3.14 -42.01 -5.24
CA PHE C 493 3.34 -42.67 -3.97
C PHE C 493 2.02 -43.00 -3.30
N ILE C 494 1.12 -42.02 -3.22
CA ILE C 494 -0.13 -42.27 -2.50
C ILE C 494 -0.90 -43.41 -3.17
N ALA C 495 -1.09 -43.32 -4.48
CA ALA C 495 -1.87 -44.33 -5.17
C ALA C 495 -1.21 -45.69 -5.07
N GLN C 496 0.10 -45.76 -5.24
CA GLN C 496 0.78 -47.04 -5.16
C GLN C 496 0.62 -47.65 -3.77
N SER C 497 0.67 -46.83 -2.73
CA SER C 497 0.47 -47.35 -1.40
C SER C 497 -0.99 -47.73 -1.14
N CYS C 498 -1.92 -47.25 -1.96
CA CYS C 498 -3.30 -47.67 -1.79
C CYS C 498 -3.45 -49.18 -1.80
N LEU C 499 -2.71 -49.87 -2.68
CA LEU C 499 -2.83 -51.32 -2.74
C LEU C 499 -2.35 -51.98 -1.46
N ALA C 500 -1.24 -51.51 -0.90
CA ALA C 500 -0.66 -52.10 0.30
C ALA C 500 -0.24 -50.99 1.23
N GLN C 501 -0.84 -50.95 2.42
CA GLN C 501 -0.69 -49.81 3.29
C GLN C 501 0.74 -49.67 3.78
N GLY C 502 1.24 -48.45 3.77
CA GLY C 502 2.53 -48.11 4.34
C GLY C 502 3.67 -48.05 3.35
N LEU C 503 3.50 -48.57 2.13
CA LEU C 503 4.60 -48.60 1.18
C LEU C 503 5.16 -47.20 0.93
N SER C 504 4.30 -46.19 0.99
CA SER C 504 4.73 -44.80 0.77
C SER C 504 5.92 -44.44 1.64
N THR C 505 5.72 -44.50 2.96
CA THR C 505 6.78 -44.11 3.86
C THR C 505 7.96 -45.06 3.80
N MET C 506 7.74 -46.30 3.33
CA MET C 506 8.87 -47.19 3.13
C MET C 506 9.80 -46.66 2.05
N LEU C 507 9.25 -46.35 0.87
CA LEU C 507 10.09 -45.84 -0.21
C LEU C 507 10.70 -44.50 0.16
N ALA C 508 9.90 -43.62 0.79
CA ALA C 508 10.36 -42.25 1.01
C ALA C 508 11.62 -42.21 1.87
N ASN C 509 11.87 -43.23 2.69
CA ASN C 509 13.06 -43.24 3.51
C ASN C 509 14.28 -43.77 2.78
N LEU C 510 14.09 -44.44 1.64
CA LEU C 510 15.24 -44.99 0.93
C LEU C 510 16.08 -43.93 0.25
N PHE C 511 15.59 -42.70 0.11
CA PHE C 511 16.32 -41.67 -0.63
C PHE C 511 16.74 -40.50 0.26
N SER C 512 16.82 -40.72 1.56
CA SER C 512 17.35 -39.72 2.50
C SER C 512 18.43 -40.42 3.30
N MET C 513 19.66 -40.35 2.80
CA MET C 513 20.76 -41.11 3.38
C MET C 513 20.98 -40.72 4.83
N ARG C 514 21.05 -41.73 5.70
CA ARG C 514 21.13 -41.51 7.13
C ARG C 514 22.08 -42.54 7.74
N SER C 515 22.56 -42.23 8.93
CA SER C 515 23.52 -43.07 9.63
C SER C 515 22.82 -43.85 10.73
N PHE C 516 23.12 -45.14 10.81
CA PHE C 516 22.59 -45.98 11.87
C PHE C 516 22.91 -45.42 13.24
N ILE C 517 21.95 -45.50 14.15
CA ILE C 517 22.09 -44.98 15.50
C ILE C 517 21.58 -46.03 16.49
N LYS C 518 21.59 -45.67 17.78
CA LYS C 518 21.27 -46.60 18.85
C LYS C 518 20.28 -45.99 19.83
N ILE C 519 19.35 -46.82 20.30
CA ILE C 519 18.41 -46.49 21.36
C ILE C 519 18.45 -47.65 22.35
N GLU C 520 18.13 -47.36 23.62
CA GLU C 520 18.24 -48.38 24.66
C GLU C 520 16.91 -48.82 25.25
N GLU C 521 15.90 -47.96 25.33
CA GLU C 521 14.62 -48.34 25.91
C GLU C 521 13.75 -49.01 24.86
N ASP C 522 13.04 -50.07 25.27
CA ASP C 522 12.32 -50.93 24.34
C ASP C 522 10.98 -50.31 23.93
N THR C 523 11.08 -49.19 23.23
CA THR C 523 9.95 -48.64 22.51
C THR C 523 9.93 -49.23 21.11
N TRP C 524 9.09 -48.67 20.23
CA TRP C 524 9.14 -49.09 18.84
C TRP C 524 10.28 -48.42 18.08
N GLN C 525 10.86 -47.36 18.63
CA GLN C 525 11.90 -46.63 17.92
C GLN C 525 13.14 -47.51 17.71
N LYS C 526 13.50 -48.31 18.70
CA LYS C 526 14.74 -49.08 18.61
C LYS C 526 14.74 -50.05 17.44
N TYR C 527 13.57 -50.40 16.93
CA TYR C 527 13.51 -51.33 15.81
C TYR C 527 13.28 -50.65 14.47
N TYR C 528 12.53 -49.54 14.46
CA TYR C 528 12.31 -48.80 13.22
C TYR C 528 13.54 -48.02 12.81
N LEU C 529 14.20 -47.36 13.77
CA LEU C 529 15.45 -46.68 13.49
C LEU C 529 16.51 -47.66 13.00
N GLU C 530 16.48 -48.90 13.50
CA GLU C 530 17.51 -49.86 13.14
C GLU C 530 17.50 -50.18 11.65
N GLY C 531 16.39 -49.92 10.96
CA GLY C 531 16.31 -50.23 9.56
C GLY C 531 16.12 -49.03 8.67
N VAL C 532 15.73 -47.89 9.26
CA VAL C 532 15.49 -46.71 8.43
C VAL C 532 16.75 -46.29 7.70
N SER C 533 17.92 -46.53 8.29
CA SER C 533 19.16 -45.99 7.75
C SER C 533 19.66 -46.74 6.55
N ASN C 534 18.87 -47.62 5.95
CA ASN C 534 19.30 -48.27 4.73
C ASN C 534 19.07 -47.36 3.53
N GLU C 535 19.77 -47.67 2.44
CA GLU C 535 19.74 -46.86 1.23
C GLU C 535 19.82 -47.79 0.03
N MET C 536 19.75 -47.19 -1.16
CA MET C 536 19.70 -47.91 -2.43
C MET C 536 20.88 -47.48 -3.28
N TYR C 537 21.70 -48.44 -3.69
CA TYR C 537 22.94 -48.16 -4.40
C TYR C 537 23.05 -49.05 -5.63
N THR C 538 23.92 -48.65 -6.55
CA THR C 538 24.17 -49.37 -7.79
C THR C 538 25.63 -49.72 -7.93
N GLU C 539 25.90 -50.86 -8.53
CA GLU C 539 27.27 -51.28 -8.81
C GLU C 539 27.23 -52.42 -9.82
N TYR C 540 28.25 -52.44 -10.69
CA TYR C 540 28.33 -53.47 -11.72
C TYR C 540 28.48 -54.85 -11.09
N LEU C 541 27.98 -55.86 -11.79
CA LEU C 541 28.01 -57.23 -11.30
C LEU C 541 29.41 -57.80 -11.36
N SER C 542 29.62 -58.89 -10.63
CA SER C 542 30.87 -59.63 -10.72
C SER C 542 30.86 -60.58 -11.92
N SER C 543 32.03 -61.10 -12.25
CA SER C 543 32.16 -62.01 -13.38
C SER C 543 31.84 -63.45 -13.03
N ALA C 544 31.81 -63.80 -11.74
CA ALA C 544 31.48 -65.18 -11.37
C ALA C 544 30.03 -65.50 -11.68
N PHE C 545 29.13 -64.55 -11.46
CA PHE C 545 27.70 -64.80 -11.57
C PHE C 545 27.16 -64.58 -12.96
N VAL C 546 28.01 -64.22 -13.92
CA VAL C 546 27.51 -63.98 -15.28
C VAL C 546 27.03 -65.29 -15.91
N GLY C 547 27.59 -66.42 -15.50
CA GLY C 547 27.25 -67.69 -16.11
C GLY C 547 26.33 -68.54 -15.27
N LEU C 548 25.34 -67.91 -14.61
CA LEU C 548 24.40 -68.66 -13.80
C LEU C 548 22.98 -68.12 -13.96
N SER C 549 22.06 -68.61 -13.13
CA SER C 549 20.64 -68.28 -13.22
C SER C 549 20.31 -67.23 -12.17
N PHE C 550 19.57 -66.21 -12.58
CA PHE C 550 19.32 -64.99 -11.81
C PHE C 550 18.84 -65.27 -10.38
N PRO C 551 17.74 -66.01 -10.17
CA PRO C 551 17.20 -66.08 -8.80
C PRO C 551 17.78 -67.23 -8.00
N THR C 552 18.33 -68.23 -8.68
CA THR C 552 18.60 -69.51 -8.04
C THR C 552 19.64 -69.41 -6.93
N VAL C 553 20.76 -68.74 -7.19
CA VAL C 553 21.84 -68.71 -6.22
C VAL C 553 22.18 -67.27 -5.86
N CYS C 554 22.27 -66.41 -6.88
CA CYS C 554 22.71 -65.03 -6.67
C CYS C 554 21.90 -64.34 -5.59
N GLU C 555 20.60 -64.60 -5.54
CA GLU C 555 19.77 -64.04 -4.47
C GLU C 555 20.19 -64.62 -3.12
N LEU C 556 20.27 -65.94 -3.04
CA LEU C 556 20.67 -66.58 -1.78
C LEU C 556 22.08 -66.18 -1.36
N CYS C 557 22.91 -65.74 -2.31
CA CYS C 557 24.29 -65.39 -2.04
C CYS C 557 24.42 -64.33 -0.96
N PHE C 558 23.31 -63.71 -0.54
CA PHE C 558 23.41 -62.73 0.52
C PHE C 558 23.84 -63.36 1.83
N VAL C 559 23.78 -64.68 1.94
CA VAL C 559 24.38 -65.35 3.10
C VAL C 559 25.84 -64.95 3.22
N LYS C 560 26.53 -64.85 2.10
CA LYS C 560 27.88 -64.28 2.07
C LYS C 560 27.87 -62.77 1.82
N LEU C 561 26.76 -62.22 1.32
CA LEU C 561 26.73 -60.83 0.92
C LEU C 561 26.04 -59.93 1.94
N LYS C 562 24.97 -60.41 2.57
CA LYS C 562 24.07 -59.57 3.36
C LYS C 562 23.54 -58.43 2.49
N LEU C 563 23.22 -58.75 1.24
CA LEU C 563 22.84 -57.76 0.26
C LEU C 563 21.56 -58.20 -0.43
N LEU C 564 20.64 -57.26 -0.61
CA LEU C 564 19.37 -57.53 -1.28
C LEU C 564 19.32 -56.80 -2.62
N MET C 565 18.84 -57.49 -3.64
CA MET C 565 18.71 -56.90 -4.97
C MET C 565 17.30 -57.15 -5.50
N ILE C 566 16.77 -56.17 -6.21
CA ILE C 566 15.34 -56.14 -6.51
C ILE C 566 15.08 -55.93 -7.99
N ALA C 567 16.11 -55.56 -8.75
CA ALA C 567 15.88 -55.26 -10.17
C ALA C 567 17.18 -55.32 -10.93
N ILE C 568 17.06 -55.39 -12.26
CA ILE C 568 18.19 -55.41 -13.17
C ILE C 568 17.92 -54.50 -14.36
N GLU C 569 18.99 -54.12 -15.05
CA GLU C 569 18.94 -53.26 -16.23
C GLU C 569 19.36 -54.08 -17.44
N TYR C 570 18.54 -54.06 -18.49
CA TYR C 570 18.75 -54.94 -19.63
C TYR C 570 18.71 -54.10 -20.90
N LYS C 571 19.71 -54.27 -21.76
CA LYS C 571 19.92 -53.38 -22.90
C LYS C 571 19.95 -54.09 -24.24
N SER C 572 20.60 -55.26 -24.33
CA SER C 572 21.07 -55.82 -25.59
C SER C 572 19.96 -56.38 -26.48
N ALA C 573 18.71 -56.43 -26.01
CA ALA C 573 17.64 -56.95 -26.85
C ALA C 573 17.44 -56.11 -28.10
N ASN C 574 17.67 -54.80 -27.99
CA ASN C 574 17.56 -53.88 -29.13
C ASN C 574 18.37 -52.64 -28.77
N ARG C 575 18.17 -51.56 -29.53
CA ARG C 575 18.84 -50.30 -29.22
C ARG C 575 18.11 -49.51 -28.15
N GLU C 576 17.00 -50.01 -27.62
CA GLU C 576 16.29 -49.39 -26.52
C GLU C 576 16.55 -50.17 -25.25
N SER C 577 16.71 -49.44 -24.14
CA SER C 577 17.03 -50.03 -22.85
C SER C 577 15.77 -50.20 -22.01
N ARG C 578 15.79 -51.20 -21.13
CA ARG C 578 14.64 -51.49 -20.28
C ARG C 578 15.13 -51.89 -18.90
N ILE C 579 14.20 -51.87 -17.94
CA ILE C 579 14.46 -52.23 -16.56
C ILE C 579 13.49 -53.33 -16.16
N LEU C 580 14.01 -54.42 -15.62
CA LEU C 580 13.19 -55.53 -15.18
C LEU C 580 13.30 -55.71 -13.67
N ILE C 581 12.26 -56.31 -13.10
CA ILE C 581 12.19 -56.53 -11.66
C ILE C 581 11.98 -58.02 -11.42
N ASN C 582 12.88 -58.61 -10.62
CA ASN C 582 12.93 -60.00 -10.15
C ASN C 582 12.29 -60.97 -11.13
N PRO C 583 12.85 -61.14 -12.32
CA PRO C 583 12.28 -62.08 -13.29
C PRO C 583 12.36 -63.52 -12.79
N GLY C 584 11.58 -64.38 -13.44
CA GLY C 584 11.54 -65.78 -13.05
C GLY C 584 12.81 -66.52 -13.40
N ASN C 585 12.91 -67.74 -12.88
CA ASN C 585 14.09 -68.57 -13.11
C ASN C 585 14.20 -69.07 -14.54
N HIS C 586 13.30 -68.64 -15.42
CA HIS C 586 13.46 -68.95 -16.84
C HIS C 586 14.71 -68.29 -17.41
N LEU C 587 15.01 -67.07 -16.98
CA LEU C 587 16.10 -66.27 -17.53
C LEU C 587 17.34 -66.38 -16.64
N LYS C 588 18.49 -66.47 -17.29
CA LYS C 588 19.77 -66.56 -16.61
C LYS C 588 20.58 -65.29 -16.86
N ILE C 589 21.59 -65.08 -16.02
CA ILE C 589 22.36 -63.84 -16.06
C ILE C 589 23.16 -63.76 -17.36
N GLN C 590 23.20 -62.57 -17.95
CA GLN C 590 24.08 -62.28 -19.07
C GLN C 590 25.47 -61.98 -18.53
N GLU C 591 26.35 -61.44 -19.36
CA GLU C 591 27.68 -61.03 -18.94
C GLU C 591 27.75 -59.51 -18.88
N GLY C 592 28.28 -58.98 -17.78
CA GLY C 592 28.47 -57.55 -17.65
C GLY C 592 27.21 -56.72 -17.69
N THR C 593 26.21 -57.11 -16.91
CA THR C 593 24.98 -56.34 -16.80
C THR C 593 24.92 -55.64 -15.44
N LEU C 594 23.88 -54.83 -15.27
CA LEU C 594 23.75 -53.96 -14.12
C LEU C 594 22.37 -54.13 -13.49
N GLY C 595 22.33 -54.01 -12.17
CA GLY C 595 21.08 -54.09 -11.41
C GLY C 595 21.05 -53.03 -10.33
N PHE C 596 20.49 -53.38 -9.18
CA PHE C 596 20.39 -52.47 -8.06
C PHE C 596 20.54 -53.25 -6.77
N PHE C 597 20.81 -52.53 -5.68
CA PHE C 597 20.98 -53.17 -4.38
C PHE C 597 20.50 -52.23 -3.29
N ILE C 598 20.16 -52.81 -2.13
CA ILE C 598 19.73 -52.07 -0.96
C ILE C 598 20.53 -52.56 0.24
N ALA C 599 21.13 -51.63 0.96
CA ALA C 599 21.98 -52.01 2.09
C ALA C 599 22.29 -50.78 2.92
N SER C 600 23.14 -50.94 3.94
CA SER C 600 23.36 -49.88 4.91
C SER C 600 24.34 -48.83 4.39
N ASP C 601 25.33 -49.25 3.61
CA ASP C 601 26.41 -48.35 3.24
C ASP C 601 26.97 -48.73 1.88
N ALA C 602 27.52 -47.72 1.19
CA ALA C 602 28.03 -47.93 -0.16
C ALA C 602 29.23 -48.87 -0.18
N LYS C 603 30.12 -48.75 0.81
CA LYS C 603 31.33 -49.57 0.80
C LYS C 603 31.00 -51.05 0.79
N GLU C 604 30.01 -51.46 1.58
CA GLU C 604 29.62 -52.86 1.61
C GLU C 604 29.06 -53.31 0.27
N VAL C 605 28.51 -52.38 -0.50
CA VAL C 605 27.89 -52.74 -1.78
C VAL C 605 28.93 -53.32 -2.73
N LYS C 606 30.09 -52.67 -2.83
CA LYS C 606 31.09 -53.06 -3.83
C LYS C 606 31.75 -54.37 -3.40
N ARG C 607 30.94 -55.43 -3.43
CA ARG C 607 31.45 -56.77 -3.23
C ARG C 607 31.35 -57.61 -4.50
N ALA C 608 30.99 -56.99 -5.63
CA ALA C 608 30.87 -57.72 -6.89
C ALA C 608 32.23 -57.81 -7.59
N PHE C 609 33.23 -58.22 -6.80
CA PHE C 609 34.54 -58.57 -7.32
C PHE C 609 34.80 -60.06 -7.16
N PHE C 610 33.76 -60.85 -6.87
CA PHE C 610 33.95 -62.18 -6.31
C PHE C 610 34.18 -63.21 -7.40
N TYR C 611 35.11 -64.13 -7.14
CA TYR C 611 35.28 -65.32 -7.97
C TYR C 611 35.41 -66.59 -7.14
N CYS C 612 34.63 -66.70 -6.06
CA CYS C 612 34.40 -67.89 -5.24
C CYS C 612 35.61 -68.27 -4.41
N LYS C 613 36.69 -67.48 -4.41
CA LYS C 613 37.87 -67.87 -3.64
C LYS C 613 37.63 -67.75 -2.14
N ALA C 614 37.00 -66.67 -1.69
CA ALA C 614 36.80 -66.46 -0.27
C ALA C 614 35.70 -67.36 0.26
N CYS C 615 35.99 -68.04 1.37
CA CYS C 615 35.05 -68.96 2.02
C CYS C 615 34.47 -69.98 1.04
N ASN C 740 -12.75 -55.41 -31.34
CA ASN C 740 -13.03 -56.63 -30.59
C ASN C 740 -13.03 -56.37 -29.09
N VAL C 741 -11.91 -56.72 -28.45
CA VAL C 741 -11.84 -56.63 -26.99
C VAL C 741 -11.81 -55.19 -26.52
N LYS C 742 -11.02 -54.34 -27.19
CA LYS C 742 -10.82 -52.92 -26.83
C LYS C 742 -10.70 -52.72 -25.32
N LYS C 743 -9.70 -53.35 -24.71
CA LYS C 743 -9.47 -53.20 -23.27
C LYS C 743 -8.05 -52.85 -22.89
N TYR C 744 -7.18 -52.49 -23.82
CA TYR C 744 -5.77 -52.32 -23.50
C TYR C 744 -5.08 -51.15 -24.20
N ASP C 745 -5.81 -50.07 -24.46
CA ASP C 745 -5.30 -48.74 -24.85
C ASP C 745 -4.07 -48.77 -25.76
N SER C 746 -4.02 -49.68 -26.72
CA SER C 746 -2.99 -49.80 -27.76
C SER C 746 -1.63 -50.23 -27.23
N THR C 747 -1.45 -50.32 -25.91
CA THR C 747 -0.19 -50.77 -25.33
C THR C 747 -0.51 -51.57 -24.08
N GLY C 748 0.35 -52.54 -23.78
CA GLY C 748 0.11 -53.37 -22.62
C GLY C 748 0.36 -52.65 -21.30
N MET C 749 -0.30 -51.52 -21.09
CA MET C 749 -0.05 -50.73 -19.90
C MET C 749 -1.29 -50.46 -19.04
N PHE C 750 -2.37 -49.98 -19.65
CA PHE C 750 -3.62 -49.71 -18.94
C PHE C 750 -4.80 -50.34 -19.66
N HIS C 751 -5.92 -50.41 -18.95
CA HIS C 751 -7.19 -50.79 -19.55
C HIS C 751 -7.91 -49.54 -20.07
N TRP C 752 -8.84 -49.75 -21.00
CA TRP C 752 -9.50 -48.63 -21.65
C TRP C 752 -10.90 -49.02 -22.11
N CYS C 753 -11.75 -48.01 -22.26
CA CYS C 753 -13.12 -48.18 -22.76
C CYS C 753 -13.54 -46.87 -23.41
N ALA C 754 -14.84 -46.78 -23.74
CA ALA C 754 -15.33 -45.62 -24.46
C ALA C 754 -15.62 -44.46 -23.52
N PRO C 755 -15.52 -43.23 -24.02
CA PRO C 755 -15.82 -42.05 -23.17
C PRO C 755 -17.30 -41.98 -22.82
N LYS C 756 -17.58 -41.24 -21.76
CA LYS C 756 -18.92 -41.14 -21.20
C LYS C 756 -19.24 -39.66 -20.96
N GLU C 757 -20.37 -39.43 -20.30
CA GLU C 757 -20.81 -38.09 -19.92
C GLU C 757 -21.12 -38.08 -18.43
N ILE C 758 -21.19 -36.87 -17.86
CA ILE C 758 -21.30 -36.75 -16.41
C ILE C 758 -22.61 -37.36 -15.91
N GLU C 759 -23.72 -37.16 -16.64
CA GLU C 759 -25.00 -37.70 -16.18
C GLU C 759 -24.95 -39.22 -16.04
N LYS C 760 -24.12 -39.88 -16.84
CA LYS C 760 -24.06 -41.33 -16.82
C LYS C 760 -23.36 -41.86 -15.57
N VAL C 761 -22.68 -41.00 -14.82
CA VAL C 761 -21.90 -41.45 -13.67
C VAL C 761 -22.32 -40.70 -12.42
N ILE C 762 -22.88 -39.51 -12.58
CA ILE C 762 -23.27 -38.71 -11.42
C ILE C 762 -24.37 -39.45 -10.66
N LEU C 763 -24.09 -39.82 -9.42
CA LEU C 763 -25.07 -40.45 -8.55
C LEU C 763 -25.59 -39.44 -7.53
N THR C 764 -26.63 -39.84 -6.81
CA THR C 764 -27.10 -39.08 -5.64
C THR C 764 -27.21 -40.02 -4.46
N ARG C 765 -27.61 -39.45 -3.32
CA ARG C 765 -27.60 -40.19 -2.06
C ARG C 765 -28.49 -41.41 -2.12
N SER C 766 -29.64 -41.30 -2.79
CA SER C 766 -30.58 -42.42 -2.85
C SER C 766 -29.95 -43.62 -3.53
N GLU C 767 -29.33 -43.42 -4.69
CA GLU C 767 -28.68 -44.54 -5.37
C GLU C 767 -27.54 -45.09 -4.54
N ALA C 768 -26.79 -44.22 -3.89
CA ALA C 768 -25.74 -44.68 -2.99
C ALA C 768 -26.30 -45.62 -1.93
N ALA C 769 -27.48 -45.29 -1.40
CA ALA C 769 -28.16 -46.21 -0.50
C ALA C 769 -28.52 -47.51 -1.22
N MET C 770 -29.04 -47.41 -2.44
CA MET C 770 -29.43 -48.61 -3.17
C MET C 770 -28.24 -49.49 -3.51
N THR C 771 -27.15 -48.90 -3.98
CA THR C 771 -26.02 -49.68 -4.43
C THR C 771 -25.24 -50.25 -3.24
N VAL C 772 -24.36 -51.20 -3.55
CA VAL C 772 -23.53 -51.86 -2.55
C VAL C 772 -22.09 -51.82 -3.04
N LEU C 773 -21.17 -51.51 -2.12
CA LEU C 773 -19.75 -51.44 -2.42
C LEU C 773 -19.01 -52.25 -1.36
N SER C 774 -17.77 -52.62 -1.68
CA SER C 774 -16.95 -53.37 -0.74
C SER C 774 -15.48 -53.23 -1.10
N GLY C 775 -14.66 -53.01 -0.08
CA GLY C 775 -13.22 -52.98 -0.24
C GLY C 775 -12.75 -52.00 -1.28
N HIS C 776 -13.29 -50.79 -1.25
CA HIS C 776 -13.00 -49.79 -2.26
C HIS C 776 -12.32 -48.58 -1.66
N VAL C 777 -12.05 -47.59 -2.52
CA VAL C 777 -11.30 -46.39 -2.16
C VAL C 777 -12.12 -45.16 -2.48
N VAL C 778 -12.18 -44.24 -1.54
CA VAL C 778 -12.84 -42.95 -1.70
C VAL C 778 -11.79 -41.87 -1.58
N VAL C 779 -11.86 -40.88 -2.46
CA VAL C 779 -10.97 -39.74 -2.43
C VAL C 779 -11.80 -38.50 -2.14
N CYS C 780 -11.42 -37.75 -1.12
CA CYS C 780 -12.15 -36.55 -0.73
C CYS C 780 -11.36 -35.32 -1.19
N ILE C 781 -11.97 -34.52 -2.06
CA ILE C 781 -11.27 -33.39 -2.66
C ILE C 781 -12.02 -32.12 -2.32
N PHE C 782 -11.36 -31.22 -1.57
CA PHE C 782 -11.91 -29.91 -1.31
C PHE C 782 -11.58 -28.96 -2.44
N GLY C 783 -12.09 -27.74 -2.35
CA GLY C 783 -11.78 -26.69 -3.29
C GLY C 783 -13.02 -26.12 -3.95
N ASP C 784 -12.81 -25.03 -4.68
CA ASP C 784 -13.85 -24.37 -5.43
C ASP C 784 -13.38 -24.14 -6.86
N VAL C 785 -14.24 -23.51 -7.66
CA VAL C 785 -13.91 -23.25 -9.05
C VAL C 785 -12.77 -22.25 -9.16
N SER C 786 -12.71 -21.28 -8.25
CA SER C 786 -11.63 -20.30 -8.26
C SER C 786 -10.29 -20.88 -7.88
N SER C 787 -10.25 -22.11 -7.37
CA SER C 787 -9.00 -22.72 -6.95
C SER C 787 -8.20 -23.20 -8.17
N ALA C 788 -6.93 -23.50 -7.92
CA ALA C 788 -6.04 -23.94 -8.98
C ALA C 788 -6.27 -25.40 -9.31
N LEU C 789 -5.79 -25.79 -10.49
CA LEU C 789 -5.92 -27.17 -10.93
C LEU C 789 -4.97 -28.07 -10.14
N ILE C 790 -5.37 -29.33 -9.98
CA ILE C 790 -4.52 -30.36 -9.38
C ILE C 790 -4.61 -31.61 -10.25
N GLY C 791 -3.48 -32.30 -10.39
CA GLY C 791 -3.34 -33.32 -11.40
C GLY C 791 -3.97 -34.67 -11.08
N LEU C 792 -5.29 -34.75 -11.18
CA LEU C 792 -5.97 -36.01 -10.91
C LEU C 792 -5.58 -37.10 -11.88
N ARG C 793 -4.99 -36.75 -13.02
CA ARG C 793 -4.67 -37.75 -14.03
C ARG C 793 -3.84 -38.88 -13.46
N ASN C 794 -2.79 -38.53 -12.71
CA ASN C 794 -1.78 -39.54 -12.39
C ASN C 794 -2.29 -40.50 -11.31
N LEU C 795 -3.16 -40.04 -10.41
CA LEU C 795 -3.57 -40.87 -9.28
C LEU C 795 -4.15 -42.19 -9.75
N VAL C 796 -5.28 -42.13 -10.47
CA VAL C 796 -5.99 -43.36 -10.83
C VAL C 796 -5.17 -44.23 -11.77
N MET C 797 -4.09 -43.71 -12.33
CA MET C 797 -3.39 -44.44 -13.38
C MET C 797 -2.83 -45.77 -12.88
N PRO C 798 -1.89 -45.81 -11.94
CA PRO C 798 -1.36 -47.11 -11.51
C PRO C 798 -2.41 -48.01 -10.91
N LEU C 799 -3.47 -47.44 -10.34
CA LEU C 799 -4.57 -48.25 -9.82
C LEU C 799 -5.19 -49.08 -10.93
N ARG C 800 -5.21 -48.56 -12.15
CA ARG C 800 -5.77 -49.26 -13.30
C ARG C 800 -4.70 -49.90 -14.17
N ALA C 801 -3.63 -50.40 -13.56
CA ALA C 801 -2.57 -51.04 -14.34
C ALA C 801 -3.09 -52.27 -15.06
N SER C 802 -2.43 -52.62 -16.15
CA SER C 802 -2.81 -53.82 -16.89
C SER C 802 -2.41 -55.10 -16.20
N ASN C 803 -1.80 -55.02 -15.01
CA ASN C 803 -1.49 -56.21 -14.22
C ASN C 803 -2.67 -56.63 -13.35
N PHE C 804 -3.85 -56.08 -13.60
CA PHE C 804 -5.01 -56.25 -12.76
C PHE C 804 -6.01 -57.15 -13.46
N HIS C 805 -6.30 -58.30 -12.86
CA HIS C 805 -7.42 -59.10 -13.32
C HIS C 805 -8.70 -58.28 -13.23
N TYR C 806 -9.54 -58.36 -14.26
CA TYR C 806 -10.77 -57.59 -14.27
C TYR C 806 -11.73 -58.05 -13.18
N HIS C 807 -11.51 -59.23 -12.60
CA HIS C 807 -12.33 -59.74 -11.51
C HIS C 807 -11.70 -59.51 -10.15
N GLU C 808 -10.57 -58.79 -10.09
CA GLU C 808 -9.97 -58.36 -8.84
C GLU C 808 -9.56 -56.91 -8.92
N LEU C 809 -10.41 -56.09 -9.54
CA LEU C 809 -10.13 -54.68 -9.73
C LEU C 809 -10.26 -53.93 -8.41
N LYS C 810 -10.15 -52.61 -8.49
CA LYS C 810 -10.46 -51.73 -7.37
C LYS C 810 -11.38 -50.63 -7.85
N HIS C 811 -12.47 -50.41 -7.12
CA HIS C 811 -13.41 -49.37 -7.46
C HIS C 811 -12.99 -48.05 -6.82
N ILE C 812 -13.36 -46.95 -7.44
CA ILE C 812 -12.98 -45.62 -6.99
C ILE C 812 -14.19 -44.72 -6.95
N VAL C 813 -14.33 -43.97 -5.85
CA VAL C 813 -15.40 -42.98 -5.74
C VAL C 813 -14.80 -41.66 -5.28
N PHE C 814 -15.19 -40.59 -5.95
CA PHE C 814 -14.77 -39.23 -5.63
C PHE C 814 -15.87 -38.56 -4.83
N VAL C 815 -15.47 -37.72 -3.87
CA VAL C 815 -16.43 -36.94 -3.09
C VAL C 815 -16.00 -35.49 -3.10
N GLY C 816 -16.89 -34.61 -3.51
CA GLY C 816 -16.56 -33.20 -3.49
C GLY C 816 -17.70 -32.35 -4.05
N SER C 817 -17.31 -31.27 -4.72
CA SER C 817 -18.26 -30.41 -5.41
C SER C 817 -18.19 -30.68 -6.91
N ILE C 818 -19.36 -30.83 -7.53
CA ILE C 818 -19.41 -31.25 -8.93
C ILE C 818 -18.85 -30.17 -9.84
N GLU C 819 -19.10 -28.91 -9.52
CA GLU C 819 -18.65 -27.83 -10.39
C GLU C 819 -17.12 -27.80 -10.46
N TYR C 820 -16.44 -28.07 -9.35
CA TYR C 820 -14.99 -28.19 -9.41
C TYR C 820 -14.58 -29.40 -10.25
N LEU C 821 -15.24 -30.54 -10.05
CA LEU C 821 -14.80 -31.76 -10.70
C LEU C 821 -14.95 -31.68 -12.21
N LYS C 822 -16.00 -31.01 -12.69
CA LYS C 822 -16.20 -30.89 -14.13
C LYS C 822 -14.98 -30.27 -14.81
N ARG C 823 -14.33 -29.31 -14.14
CA ARG C 823 -13.16 -28.67 -14.70
C ARG C 823 -12.03 -29.65 -14.96
N GLU C 824 -12.05 -30.82 -14.31
CA GLU C 824 -10.98 -31.78 -14.44
C GLU C 824 -11.38 -33.05 -15.17
N TRP C 825 -12.65 -33.44 -15.13
CA TRP C 825 -13.02 -34.78 -15.59
C TRP C 825 -12.76 -34.96 -17.08
N GLU C 826 -12.61 -33.87 -17.82
CA GLU C 826 -12.22 -33.97 -19.22
C GLU C 826 -10.89 -34.67 -19.40
N THR C 827 -10.07 -34.69 -18.35
CA THR C 827 -8.80 -35.40 -18.38
C THR C 827 -8.98 -36.91 -18.33
N LEU C 828 -9.67 -37.40 -17.30
CA LEU C 828 -9.68 -38.80 -16.93
C LEU C 828 -10.98 -39.52 -17.30
N HIS C 829 -11.59 -39.18 -18.43
CA HIS C 829 -12.91 -39.71 -18.74
C HIS C 829 -12.83 -40.99 -19.56
N ASN C 830 -11.82 -41.82 -19.32
CA ASN C 830 -11.70 -43.07 -20.06
C ASN C 830 -11.32 -44.26 -19.18
N PHE C 831 -11.76 -44.29 -17.93
CA PHE C 831 -11.30 -45.38 -17.10
C PHE C 831 -12.48 -46.19 -16.56
N PRO C 832 -12.30 -47.49 -16.37
CA PRO C 832 -13.41 -48.32 -15.90
C PRO C 832 -13.73 -48.07 -14.43
N LYS C 833 -15.04 -48.13 -14.13
CA LYS C 833 -15.53 -48.21 -12.76
C LYS C 833 -15.06 -47.04 -11.90
N VAL C 834 -15.52 -45.84 -12.27
CA VAL C 834 -15.27 -44.63 -11.50
C VAL C 834 -16.61 -43.99 -11.17
N SER C 835 -16.72 -43.41 -9.99
CA SER C 835 -17.97 -42.77 -9.58
C SER C 835 -17.70 -41.44 -8.92
N ILE C 836 -18.70 -40.56 -8.96
CA ILE C 836 -18.58 -39.19 -8.46
C ILE C 836 -19.77 -38.88 -7.57
N LEU C 837 -19.52 -38.15 -6.47
CA LEU C 837 -20.59 -37.79 -5.57
C LEU C 837 -20.47 -36.35 -5.08
N PRO C 838 -21.49 -35.54 -5.31
CA PRO C 838 -21.48 -34.17 -4.81
C PRO C 838 -21.62 -34.14 -3.30
N GLY C 839 -21.31 -32.97 -2.73
CA GLY C 839 -21.41 -32.78 -1.29
C GLY C 839 -20.15 -32.17 -0.71
N THR C 840 -19.82 -32.56 0.51
CA THR C 840 -18.64 -32.06 1.19
C THR C 840 -18.20 -33.12 2.18
N PRO C 841 -16.91 -33.46 2.23
CA PRO C 841 -16.47 -34.55 3.11
C PRO C 841 -16.78 -34.32 4.57
N LEU C 842 -17.20 -33.12 4.95
CA LEU C 842 -17.54 -32.85 6.34
C LEU C 842 -18.87 -33.46 6.75
N SER C 843 -19.75 -33.76 5.79
CA SER C 843 -21.07 -34.29 6.10
C SER C 843 -20.93 -35.70 6.65
N ARG C 844 -21.14 -35.86 7.95
CA ARG C 844 -21.14 -37.18 8.55
C ARG C 844 -22.17 -38.09 7.88
N ALA C 845 -23.27 -37.51 7.42
CA ALA C 845 -24.31 -38.32 6.80
C ALA C 845 -23.91 -38.78 5.41
N ASP C 846 -23.32 -37.89 4.61
CA ASP C 846 -23.01 -38.23 3.23
C ASP C 846 -22.03 -39.38 3.15
N LEU C 847 -20.97 -39.34 3.96
CA LEU C 847 -19.97 -40.40 3.90
C LEU C 847 -20.55 -41.73 4.33
N ARG C 848 -21.59 -41.73 5.15
CA ARG C 848 -22.24 -42.98 5.51
C ARG C 848 -22.81 -43.68 4.29
N ALA C 849 -23.19 -42.92 3.27
CA ALA C 849 -23.74 -43.53 2.06
C ALA C 849 -22.67 -44.32 1.32
N VAL C 850 -21.47 -43.77 1.20
CA VAL C 850 -20.41 -44.43 0.45
C VAL C 850 -19.90 -45.67 1.16
N ASN C 851 -20.32 -45.89 2.42
CA ASN C 851 -19.95 -47.07 3.19
C ASN C 851 -18.45 -47.11 3.46
N ILE C 852 -17.91 -45.99 3.94
CA ILE C 852 -16.51 -45.89 4.28
C ILE C 852 -16.09 -46.93 5.31
N ASN C 853 -17.07 -47.50 6.02
CA ASN C 853 -16.76 -48.48 7.06
C ASN C 853 -15.98 -49.67 6.51
N LEU C 854 -16.50 -50.30 5.46
CA LEU C 854 -15.92 -51.53 4.94
C LEU C 854 -15.02 -51.28 3.75
N CYS C 855 -14.42 -50.09 3.67
CA CYS C 855 -13.52 -49.79 2.57
C CYS C 855 -12.18 -50.47 2.79
N ASP C 856 -11.24 -50.19 1.91
CA ASP C 856 -9.89 -50.70 2.04
C ASP C 856 -8.84 -49.60 1.99
N MET C 857 -9.26 -48.34 1.95
CA MET C 857 -8.34 -47.24 1.69
C MET C 857 -9.12 -45.94 1.79
N CYS C 858 -8.39 -44.85 2.03
CA CYS C 858 -8.97 -43.53 2.00
C CYS C 858 -7.86 -42.52 1.77
N VAL C 859 -8.24 -41.34 1.27
CA VAL C 859 -7.25 -40.33 0.93
C VAL C 859 -7.94 -38.98 0.84
N ILE C 860 -7.25 -37.96 1.36
CA ILE C 860 -7.74 -36.59 1.46
C ILE C 860 -6.77 -35.70 0.70
N LEU C 861 -7.28 -34.84 -0.18
CA LEU C 861 -6.40 -33.90 -0.85
C LEU C 861 -6.92 -32.48 -0.71
N SER C 862 -6.00 -31.55 -0.55
CA SER C 862 -6.30 -30.13 -0.50
C SER C 862 -5.77 -29.46 -1.75
N ALA C 863 -6.42 -28.38 -2.14
CA ALA C 863 -5.99 -27.64 -3.33
C ALA C 863 -5.79 -26.16 -3.07
N ASN C 864 -6.60 -25.57 -2.20
CA ASN C 864 -6.56 -24.13 -1.94
C ASN C 864 -5.36 -23.70 -1.11
N GLN C 865 -4.54 -24.64 -0.65
CA GLN C 865 -3.44 -24.33 0.27
C GLN C 865 -2.44 -23.35 -0.33
N ASN C 866 -2.39 -23.22 -1.65
CA ASN C 866 -1.39 -22.40 -2.31
C ASN C 866 -1.81 -20.94 -2.44
N ASN C 867 -3.00 -20.56 -1.95
CA ASN C 867 -3.46 -19.18 -2.02
C ASN C 867 -3.52 -18.49 -0.68
N ILE C 868 -3.78 -19.21 0.41
CA ILE C 868 -3.88 -18.59 1.72
C ILE C 868 -2.49 -18.16 2.19
N ASP C 869 -2.44 -17.04 2.89
CA ASP C 869 -1.16 -16.46 3.33
C ASP C 869 -0.68 -17.07 4.64
N ASP C 870 -1.50 -17.01 5.69
CA ASP C 870 -1.09 -17.52 6.99
C ASP C 870 -0.94 -19.03 6.94
N THR C 871 0.21 -19.53 7.38
CA THR C 871 0.49 -20.97 7.32
C THR C 871 -0.38 -21.74 8.30
N SER C 872 -0.85 -21.08 9.36
CA SER C 872 -1.71 -21.75 10.33
C SER C 872 -3.14 -21.91 9.83
N LEU C 873 -3.48 -21.32 8.68
CA LEU C 873 -4.87 -21.33 8.23
C LEU C 873 -5.19 -22.59 7.44
N GLN C 874 -4.39 -22.91 6.43
CA GLN C 874 -4.66 -24.08 5.61
C GLN C 874 -4.45 -25.36 6.43
N ASP C 875 -4.80 -26.48 5.80
CA ASP C 875 -4.72 -27.81 6.40
C ASP C 875 -5.83 -27.97 7.45
N LYS C 876 -6.57 -26.89 7.69
CA LYS C 876 -7.66 -26.91 8.65
C LYS C 876 -8.71 -27.95 8.26
N GLU C 877 -9.20 -27.87 7.04
CA GLU C 877 -10.24 -28.80 6.59
C GLU C 877 -9.72 -30.22 6.60
N CYS C 878 -8.48 -30.43 6.15
CA CYS C 878 -7.94 -31.78 6.10
C CYS C 878 -7.89 -32.41 7.48
N ILE C 879 -7.33 -31.70 8.45
CA ILE C 879 -7.22 -32.22 9.81
C ILE C 879 -8.61 -32.47 10.39
N LEU C 880 -9.51 -31.50 10.23
CA LEU C 880 -10.81 -31.64 10.86
C LEU C 880 -11.58 -32.82 10.28
N ALA C 881 -11.50 -32.99 8.96
CA ALA C 881 -12.15 -34.13 8.32
C ALA C 881 -11.53 -35.44 8.78
N SER C 882 -10.20 -35.47 8.91
CA SER C 882 -9.54 -36.68 9.37
C SER C 882 -10.05 -37.09 10.74
N LEU C 883 -10.11 -36.14 11.68
CA LEU C 883 -10.63 -36.50 13.00
C LEU C 883 -12.11 -36.87 12.93
N ASN C 884 -12.86 -36.22 12.04
CA ASN C 884 -14.28 -36.55 11.90
C ASN C 884 -14.44 -38.01 11.50
N ILE C 885 -13.62 -38.47 10.55
CA ILE C 885 -13.63 -39.89 10.22
C ILE C 885 -13.20 -40.72 11.43
N LYS C 886 -12.13 -40.30 12.11
CA LYS C 886 -11.59 -41.11 13.19
C LYS C 886 -12.56 -41.28 14.34
N SER C 887 -13.56 -40.41 14.45
CA SER C 887 -14.45 -40.41 15.61
C SER C 887 -15.88 -40.82 15.26
N MET C 888 -16.17 -41.12 14.00
CA MET C 888 -17.53 -41.42 13.59
C MET C 888 -17.91 -42.82 14.05
N GLN C 889 -18.83 -42.90 15.00
CA GLN C 889 -19.28 -44.18 15.54
C GLN C 889 -20.08 -44.94 14.47
N PHE C 890 -20.06 -46.27 14.56
CA PHE C 890 -20.81 -47.13 13.65
C PHE C 890 -21.58 -48.20 14.40
N ASP C 891 -22.47 -48.85 13.66
CA ASP C 891 -23.24 -49.98 14.15
C ASP C 891 -23.27 -51.06 13.09
N ASP C 892 -23.94 -52.17 13.41
CA ASP C 892 -24.08 -53.26 12.46
C ASP C 892 -25.47 -53.87 12.53
N SER C 927 -17.72 -56.94 12.84
CA SER C 927 -16.70 -56.59 11.86
C SER C 927 -15.82 -55.46 12.38
N ILE C 928 -16.11 -54.24 11.93
CA ILE C 928 -15.36 -53.05 12.30
C ILE C 928 -16.34 -52.06 12.91
N THR C 929 -16.03 -51.57 14.11
CA THR C 929 -17.00 -50.81 14.90
C THR C 929 -16.51 -49.47 15.40
N THR C 930 -15.21 -49.18 15.34
CA THR C 930 -14.67 -47.98 15.96
C THR C 930 -13.89 -47.18 14.93
N GLY C 931 -13.97 -45.85 15.06
CA GLY C 931 -13.39 -44.99 14.05
C GLY C 931 -11.88 -45.05 13.97
N VAL C 932 -11.24 -45.70 14.95
CA VAL C 932 -9.79 -45.84 14.88
C VAL C 932 -9.40 -46.92 13.88
N ASN C 933 -10.26 -47.92 13.69
CA ASN C 933 -9.89 -49.07 12.89
C ASN C 933 -9.82 -48.72 11.41
N ILE C 934 -10.65 -47.79 10.96
CA ILE C 934 -10.64 -47.45 9.54
C ILE C 934 -9.32 -46.79 9.18
N PRO C 935 -8.59 -47.29 8.19
CA PRO C 935 -7.36 -46.62 7.77
C PRO C 935 -7.67 -45.30 7.09
N ILE C 936 -6.67 -44.44 7.03
CA ILE C 936 -6.78 -43.15 6.37
C ILE C 936 -5.38 -42.64 6.08
N ILE C 937 -5.19 -42.09 4.87
CA ILE C 937 -3.90 -41.54 4.46
C ILE C 937 -4.11 -40.10 4.06
N THR C 938 -3.79 -39.18 4.96
CA THR C 938 -4.02 -37.77 4.72
C THR C 938 -2.82 -37.17 3.99
N GLU C 939 -2.82 -35.85 3.90
CA GLU C 939 -1.74 -35.10 3.28
C GLU C 939 -1.82 -33.67 3.80
N LEU C 940 -0.67 -33.02 3.86
CA LEU C 940 -0.60 -31.70 4.49
C LEU C 940 0.69 -31.03 4.09
N VAL C 941 0.73 -29.71 4.25
CA VAL C 941 1.78 -28.88 3.68
C VAL C 941 2.81 -28.47 4.72
N ASN C 942 2.40 -27.75 5.74
CA ASN C 942 3.33 -27.35 6.79
C ASN C 942 3.60 -28.54 7.68
N ASP C 943 4.88 -28.89 7.82
CA ASP C 943 5.25 -30.15 8.46
C ASP C 943 4.73 -30.23 9.89
N THR C 944 4.90 -29.16 10.66
CA THR C 944 4.64 -29.22 12.10
C THR C 944 3.23 -29.70 12.41
N ASN C 945 2.25 -29.29 11.60
CA ASN C 945 0.85 -29.62 11.84
C ASN C 945 0.64 -31.12 12.01
N VAL C 946 1.64 -31.90 11.59
CA VAL C 946 1.57 -33.35 11.73
C VAL C 946 1.28 -33.77 13.16
N GLN C 947 1.51 -32.89 14.13
CA GLN C 947 1.29 -33.24 15.53
C GLN C 947 -0.18 -33.37 15.89
N PHE C 948 -1.10 -32.98 15.01
CA PHE C 948 -2.51 -33.05 15.33
C PHE C 948 -3.21 -34.31 14.83
N LEU C 949 -2.52 -35.19 14.10
CA LEU C 949 -3.22 -36.29 13.45
C LEU C 949 -3.70 -37.34 14.44
N ASP C 950 -3.02 -37.53 15.56
CA ASP C 950 -3.40 -38.55 16.52
C ASP C 950 -3.37 -37.99 17.93
N GLN C 951 -4.06 -38.68 18.83
CA GLN C 951 -4.21 -38.23 20.20
C GLN C 951 -3.09 -38.71 21.09
N ASP C 952 -2.82 -40.02 21.09
CA ASP C 952 -1.81 -40.60 21.97
C ASP C 952 -0.41 -40.51 21.34
N ASP C 953 -0.04 -39.30 20.97
CA ASP C 953 1.28 -39.01 20.40
C ASP C 953 2.06 -38.12 21.34
N ASP C 954 3.37 -38.38 21.43
CA ASP C 954 4.25 -37.55 22.24
C ASP C 954 4.75 -36.38 21.39
N ASP C 955 3.83 -35.46 21.11
CA ASP C 955 4.08 -34.41 20.14
C ASP C 955 5.22 -33.50 20.60
N ASP C 956 5.82 -32.83 19.63
CA ASP C 956 6.98 -31.96 19.84
C ASP C 956 7.26 -31.18 18.56
N PRO C 957 7.70 -29.93 18.65
CA PRO C 957 8.01 -29.18 17.43
C PRO C 957 9.45 -29.32 16.99
N ASP C 958 10.33 -29.73 17.90
CA ASP C 958 11.75 -29.79 17.55
C ASP C 958 12.07 -30.99 16.66
N THR C 959 11.46 -32.13 16.94
CA THR C 959 11.76 -33.34 16.18
C THR C 959 11.39 -33.14 14.71
N GLU C 960 12.33 -33.49 13.83
CA GLU C 960 12.04 -33.42 12.41
C GLU C 960 11.28 -34.66 11.95
N LEU C 961 10.73 -34.59 10.75
CA LEU C 961 9.52 -35.34 10.44
C LEU C 961 9.72 -36.85 10.45
N TYR C 962 10.89 -37.35 10.08
CA TYR C 962 10.97 -38.77 9.77
C TYR C 962 10.94 -39.65 11.00
N LEU C 963 10.66 -39.09 12.18
CA LEU C 963 10.69 -39.87 13.40
C LEU C 963 9.40 -39.77 14.22
N THR C 964 8.56 -38.78 13.96
CA THR C 964 7.29 -38.70 14.67
C THR C 964 6.40 -39.87 14.31
N GLN C 965 5.44 -40.15 15.20
CA GLN C 965 4.69 -41.40 15.10
C GLN C 965 3.90 -41.56 13.81
N PRO C 966 3.08 -40.59 13.37
CA PRO C 966 2.20 -40.88 12.23
C PRO C 966 2.94 -41.27 10.95
N PHE C 967 4.08 -40.64 10.67
CA PHE C 967 4.76 -40.91 9.41
C PHE C 967 5.28 -42.35 9.35
N ALA C 968 6.01 -42.76 10.38
CA ALA C 968 6.45 -44.15 10.42
C ALA C 968 5.29 -45.11 10.58
N CYS C 969 4.17 -44.65 11.12
CA CYS C 969 2.96 -45.45 11.05
C CYS C 969 2.42 -45.55 9.64
N GLY C 970 2.92 -44.73 8.73
CA GLY C 970 2.44 -44.76 7.36
C GLY C 970 1.01 -44.30 7.21
N THR C 971 0.62 -43.26 7.92
CA THR C 971 -0.69 -42.64 7.73
C THR C 971 -0.56 -41.14 7.54
N ALA C 972 0.53 -40.69 6.93
CA ALA C 972 0.76 -39.28 6.70
C ALA C 972 1.74 -39.14 5.55
N PHE C 973 1.87 -37.93 5.04
CA PHE C 973 2.76 -37.68 3.93
C PHE C 973 2.86 -36.18 3.70
N ALA C 974 3.95 -35.77 3.05
CA ALA C 974 4.14 -34.38 2.69
C ALA C 974 5.08 -34.31 1.51
N VAL C 975 5.11 -33.15 0.86
CA VAL C 975 5.95 -32.98 -0.31
C VAL C 975 7.41 -32.78 0.08
N SER C 976 7.70 -32.42 1.32
CA SER C 976 9.05 -32.05 1.69
C SER C 976 10.02 -33.22 1.54
N VAL C 977 9.60 -34.41 1.94
CA VAL C 977 10.52 -35.54 1.98
C VAL C 977 11.06 -35.88 0.60
N LEU C 978 10.36 -35.52 -0.47
CA LEU C 978 10.87 -35.79 -1.80
C LEU C 978 12.08 -34.95 -2.16
N ASP C 979 12.31 -33.84 -1.46
CA ASP C 979 13.33 -32.89 -1.90
C ASP C 979 14.72 -33.51 -1.94
N SER C 980 14.95 -34.60 -1.21
CA SER C 980 16.26 -35.21 -1.22
C SER C 980 16.58 -35.88 -2.55
N LEU C 981 15.56 -36.21 -3.36
CA LEU C 981 15.78 -36.99 -4.57
C LEU C 981 16.86 -36.39 -5.45
N MET C 982 16.84 -35.06 -5.62
CA MET C 982 17.85 -34.37 -6.41
C MET C 982 19.23 -34.98 -6.18
N SER C 983 19.62 -35.09 -4.91
CA SER C 983 20.93 -35.63 -4.60
C SER C 983 21.11 -37.00 -5.23
N ALA C 984 20.30 -37.96 -4.82
CA ALA C 984 20.45 -39.30 -5.37
C ALA C 984 20.18 -39.33 -6.85
N THR C 985 19.54 -38.29 -7.39
CA THR C 985 19.34 -38.22 -8.82
C THR C 985 20.67 -38.11 -9.55
N TYR C 986 21.57 -37.26 -9.06
CA TYR C 986 22.74 -36.90 -9.86
C TYR C 986 23.76 -38.03 -9.90
N PHE C 987 23.91 -38.79 -8.81
CA PHE C 987 25.01 -39.75 -8.77
C PHE C 987 24.73 -40.96 -9.64
N ASN C 988 23.47 -41.22 -9.99
CA ASN C 988 23.13 -42.33 -10.87
C ASN C 988 21.96 -41.92 -11.73
N ASP C 989 22.14 -41.96 -13.05
CA ASP C 989 21.08 -41.55 -13.96
C ASP C 989 19.87 -42.44 -13.83
N ASN C 990 20.07 -43.75 -13.89
CA ASN C 990 18.97 -44.69 -14.07
C ASN C 990 18.05 -44.81 -12.86
N ILE C 991 18.46 -44.36 -11.67
CA ILE C 991 17.62 -44.51 -10.49
C ILE C 991 16.25 -43.92 -10.72
N LEU C 992 16.20 -42.69 -11.23
CA LEU C 992 14.92 -42.03 -11.42
C LEU C 992 13.99 -42.85 -12.30
N THR C 993 14.54 -43.61 -13.25
CA THR C 993 13.69 -44.47 -14.06
C THR C 993 13.07 -45.57 -13.21
N LEU C 994 13.87 -46.25 -12.40
CA LEU C 994 13.39 -47.41 -11.66
C LEU C 994 12.19 -47.05 -10.80
N ILE C 995 12.25 -45.92 -10.10
CA ILE C 995 11.12 -45.51 -9.28
C ILE C 995 9.88 -45.32 -10.14
N ARG C 996 10.03 -44.62 -11.26
CA ARG C 996 8.87 -44.43 -12.14
C ARG C 996 8.31 -45.77 -12.59
N THR C 997 9.13 -46.83 -12.53
CA THR C 997 8.63 -48.17 -12.78
C THR C 997 7.66 -48.61 -11.68
N LEU C 998 8.12 -48.61 -10.42
CA LEU C 998 7.29 -49.15 -9.35
C LEU C 998 6.08 -48.26 -9.08
N VAL C 999 6.27 -46.95 -9.19
CA VAL C 999 5.26 -46.04 -8.67
C VAL C 999 4.15 -45.82 -9.67
N THR C 1000 4.49 -45.38 -10.89
CA THR C 1000 3.49 -45.11 -11.91
C THR C 1000 3.11 -46.37 -12.67
N GLY C 1001 3.85 -47.46 -12.47
CA GLY C 1001 3.59 -48.71 -13.15
C GLY C 1001 4.43 -48.92 -14.39
N GLY C 1002 4.99 -47.86 -14.94
CA GLY C 1002 5.84 -47.99 -16.11
C GLY C 1002 5.58 -46.93 -17.16
N ALA C 1003 6.63 -46.24 -17.58
CA ALA C 1003 6.54 -45.24 -18.63
C ALA C 1003 7.64 -45.54 -19.66
N THR C 1004 7.31 -46.42 -20.60
CA THR C 1004 8.20 -46.65 -21.72
C THR C 1004 8.19 -45.41 -22.62
N PRO C 1005 9.23 -45.22 -23.42
CA PRO C 1005 9.27 -44.04 -24.29
C PRO C 1005 8.05 -43.91 -25.19
N GLU C 1006 7.49 -45.03 -25.64
CA GLU C 1006 6.33 -44.97 -26.53
C GLU C 1006 5.16 -44.28 -25.84
N LEU C 1007 4.90 -44.62 -24.58
CA LEU C 1007 3.74 -44.07 -23.90
C LEU C 1007 3.88 -42.56 -23.72
N GLU C 1008 5.05 -42.10 -23.26
CA GLU C 1008 5.23 -40.67 -23.07
C GLU C 1008 5.22 -39.95 -24.41
N ALA C 1009 5.73 -40.60 -25.46
CA ALA C 1009 5.65 -40.01 -26.79
C ALA C 1009 4.21 -39.75 -27.19
N LEU C 1010 3.36 -40.77 -27.08
CA LEU C 1010 1.95 -40.58 -27.44
C LEU C 1010 1.28 -39.57 -26.52
N ILE C 1011 1.67 -39.57 -25.25
CA ILE C 1011 1.08 -38.63 -24.29
C ILE C 1011 1.36 -37.21 -24.71
N ALA C 1012 2.60 -36.92 -25.08
CA ALA C 1012 2.93 -35.60 -25.59
C ALA C 1012 2.22 -35.34 -26.91
N GLU C 1013 2.03 -36.39 -27.71
CA GLU C 1013 1.50 -36.20 -29.06
C GLU C 1013 0.03 -35.79 -29.04
N GLU C 1014 -0.84 -36.68 -28.56
CA GLU C 1014 -2.26 -36.44 -28.65
C GLU C 1014 -2.92 -35.92 -27.38
N ASN C 1015 -2.13 -35.56 -26.36
CA ASN C 1015 -2.64 -34.93 -25.14
C ASN C 1015 -3.68 -35.80 -24.43
N ALA C 1016 -3.96 -36.98 -24.96
CA ALA C 1016 -4.95 -37.87 -24.36
C ALA C 1016 -4.66 -39.28 -24.83
N LEU C 1017 -4.99 -40.25 -23.99
CA LEU C 1017 -4.70 -41.64 -24.29
C LEU C 1017 -5.62 -42.18 -25.37
N ARG C 1018 -5.11 -43.17 -26.10
CA ARG C 1018 -5.86 -43.79 -27.18
C ARG C 1018 -5.73 -45.30 -27.07
N GLY C 1019 -6.55 -46.00 -27.85
CA GLY C 1019 -6.55 -47.44 -27.76
C GLY C 1019 -6.86 -48.17 -29.05
N GLY C 1020 -5.97 -49.08 -29.43
CA GLY C 1020 -6.20 -49.95 -30.56
C GLY C 1020 -6.62 -51.34 -30.13
N TYR C 1021 -6.77 -52.22 -31.11
CA TYR C 1021 -7.19 -53.58 -30.83
C TYR C 1021 -6.02 -54.39 -30.29
N SER C 1022 -6.34 -55.53 -29.68
CA SER C 1022 -5.30 -56.38 -29.11
C SER C 1022 -4.43 -56.97 -30.21
N THR C 1023 -3.18 -57.22 -29.87
CA THR C 1023 -2.20 -57.84 -30.75
C THR C 1023 -1.51 -58.97 -30.00
N PRO C 1024 -0.93 -59.93 -30.73
CA PRO C 1024 -0.21 -61.02 -30.03
C PRO C 1024 0.91 -60.53 -29.13
N GLN C 1025 1.57 -59.43 -29.49
CA GLN C 1025 2.57 -58.85 -28.60
C GLN C 1025 1.93 -58.06 -27.46
N THR C 1026 0.78 -57.43 -27.71
CA THR C 1026 0.12 -56.66 -26.65
C THR C 1026 -0.31 -57.56 -25.51
N LEU C 1027 -0.79 -58.77 -25.83
CA LEU C 1027 -1.20 -59.70 -24.78
C LEU C 1027 -0.01 -60.07 -23.90
N ALA C 1028 1.14 -60.34 -24.50
CA ALA C 1028 2.34 -60.64 -23.72
C ALA C 1028 2.94 -59.42 -23.06
N ASN C 1029 2.53 -58.22 -23.48
CA ASN C 1029 3.10 -57.00 -22.91
C ASN C 1029 2.84 -56.91 -21.41
N ARG C 1030 1.59 -57.09 -21.00
CA ARG C 1030 1.22 -56.88 -19.59
C ARG C 1030 1.64 -58.07 -18.74
N ASP C 1031 2.96 -58.30 -18.70
CA ASP C 1031 3.56 -59.30 -17.83
C ASP C 1031 4.65 -58.59 -17.03
N ARG C 1032 4.24 -57.94 -15.94
CA ARG C 1032 5.14 -57.18 -15.09
C ARG C 1032 4.76 -57.42 -13.63
N CYS C 1033 5.78 -57.52 -12.78
CA CYS C 1033 5.56 -57.94 -11.40
C CYS C 1033 4.71 -56.94 -10.63
N ARG C 1034 4.28 -57.36 -9.44
CA ARG C 1034 3.24 -56.65 -8.68
C ARG C 1034 3.61 -56.57 -7.21
N VAL C 1035 3.40 -55.41 -6.60
CA VAL C 1035 3.60 -55.27 -5.17
C VAL C 1035 2.30 -55.60 -4.44
N ALA C 1036 2.40 -56.30 -3.32
CA ALA C 1036 1.21 -56.74 -2.59
C ALA C 1036 1.59 -57.09 -1.15
N GLN C 1037 0.62 -57.62 -0.40
CA GLN C 1037 0.79 -58.02 0.98
C GLN C 1037 0.29 -59.44 1.17
N LEU C 1038 0.83 -60.12 2.19
CA LEU C 1038 0.39 -61.45 2.55
C LEU C 1038 0.30 -61.59 4.06
N ALA C 1039 -0.78 -62.19 4.52
CA ALA C 1039 -1.00 -62.42 5.95
C ALA C 1039 -0.27 -63.69 6.39
N LEU C 1040 -0.49 -64.08 7.64
CA LEU C 1040 0.18 -65.25 8.19
C LEU C 1040 -0.78 -66.23 8.83
N LEU C 1041 -1.90 -65.73 9.35
CA LEU C 1041 -2.84 -66.55 10.11
C LEU C 1041 -3.49 -67.64 9.28
N ASP C 1042 -3.17 -67.72 7.99
CA ASP C 1042 -3.67 -68.78 7.12
C ASP C 1042 -2.62 -69.06 6.05
N GLY C 1043 -3.01 -69.78 5.02
CA GLY C 1043 -2.15 -70.01 3.88
C GLY C 1043 -1.07 -71.02 4.15
N PRO C 1044 -0.39 -71.46 3.09
CA PRO C 1044 0.68 -72.46 3.27
C PRO C 1044 1.85 -71.96 4.09
N PHE C 1045 2.03 -70.66 4.22
CA PHE C 1045 3.14 -70.10 4.99
C PHE C 1045 2.88 -70.09 6.48
N ALA C 1046 1.66 -70.46 6.90
CA ALA C 1046 1.31 -70.37 8.32
C ALA C 1046 2.17 -71.29 9.16
N ASP C 1047 2.57 -72.44 8.61
CA ASP C 1047 3.46 -73.34 9.34
C ASP C 1047 4.76 -72.66 9.71
N LEU C 1048 5.16 -71.65 8.93
CA LEU C 1048 6.33 -70.86 9.23
C LEU C 1048 6.04 -69.67 10.14
N GLY C 1049 4.77 -69.45 10.48
CA GLY C 1049 4.43 -68.33 11.35
C GLY C 1049 5.16 -68.40 12.68
N ASP C 1050 5.28 -69.60 13.23
CA ASP C 1050 6.12 -69.83 14.39
C ASP C 1050 7.56 -70.13 14.02
N GLY C 1051 7.90 -70.05 12.73
CA GLY C 1051 9.27 -70.33 12.32
C GLY C 1051 10.28 -69.40 12.98
N GLY C 1052 9.90 -68.13 13.15
CA GLY C 1052 10.71 -67.20 13.89
C GLY C 1052 11.87 -66.58 13.13
N CYS C 1053 12.38 -67.24 12.10
CA CYS C 1053 13.51 -66.74 11.32
C CYS C 1053 12.98 -66.15 10.03
N TYR C 1054 13.06 -64.82 9.91
CA TYR C 1054 12.66 -64.16 8.67
C TYR C 1054 13.43 -64.73 7.48
N GLY C 1055 14.68 -65.12 7.70
CA GLY C 1055 15.44 -65.72 6.61
C GLY C 1055 14.85 -67.02 6.14
N ASP C 1056 14.33 -67.82 7.07
CA ASP C 1056 13.64 -69.06 6.68
C ASP C 1056 12.46 -68.75 5.78
N LEU C 1057 11.67 -67.75 6.15
CA LEU C 1057 10.55 -67.34 5.31
C LEU C 1057 11.05 -66.90 3.93
N PHE C 1058 12.14 -66.13 3.91
CA PHE C 1058 12.65 -65.62 2.64
C PHE C 1058 13.05 -66.76 1.72
N CYS C 1059 13.87 -67.69 2.21
CA CYS C 1059 14.36 -68.76 1.35
C CYS C 1059 13.21 -69.68 0.95
N LYS C 1060 12.33 -70.01 1.90
CA LYS C 1060 11.22 -70.91 1.58
C LYS C 1060 10.31 -70.31 0.54
N ALA C 1061 10.01 -69.01 0.65
CA ALA C 1061 9.23 -68.34 -0.37
C ALA C 1061 9.93 -68.33 -1.72
N LEU C 1062 11.26 -68.16 -1.72
CA LEU C 1062 11.98 -68.12 -2.98
C LEU C 1062 11.83 -69.42 -3.77
N LYS C 1063 12.09 -70.56 -3.13
CA LYS C 1063 12.16 -71.81 -3.86
C LYS C 1063 10.81 -72.24 -4.43
N THR C 1064 9.71 -71.76 -3.88
CA THR C 1064 8.40 -72.17 -4.37
C THR C 1064 7.70 -71.12 -5.20
N TYR C 1065 7.90 -69.84 -4.93
CA TYR C 1065 7.28 -68.78 -5.71
C TYR C 1065 8.21 -67.64 -6.06
N ASN C 1066 9.45 -67.63 -5.57
CA ASN C 1066 10.41 -66.56 -5.79
C ASN C 1066 9.90 -65.22 -5.25
N MET C 1067 8.93 -65.26 -4.34
CA MET C 1067 8.32 -64.04 -3.83
C MET C 1067 9.34 -63.26 -3.01
N LEU C 1068 9.83 -62.15 -3.56
CA LEU C 1068 10.76 -61.32 -2.83
C LEU C 1068 10.07 -60.70 -1.61
N CYS C 1069 10.76 -60.74 -0.48
CA CYS C 1069 10.21 -60.27 0.78
C CYS C 1069 11.17 -59.22 1.34
N PHE C 1070 10.69 -57.98 1.44
CA PHE C 1070 11.59 -56.91 1.81
C PHE C 1070 10.96 -55.92 2.78
N GLY C 1071 10.01 -56.37 3.59
CA GLY C 1071 9.41 -55.45 4.56
C GLY C 1071 8.50 -56.11 5.58
N ILE C 1072 8.64 -55.72 6.84
CA ILE C 1072 7.81 -56.23 7.93
C ILE C 1072 6.97 -55.10 8.46
N TYR C 1073 5.65 -55.28 8.46
CA TYR C 1073 4.71 -54.27 8.93
C TYR C 1073 4.05 -54.88 10.16
N ARG C 1074 4.34 -54.33 11.32
CA ARG C 1074 4.04 -55.00 12.58
C ARG C 1074 3.32 -54.07 13.55
N LEU C 1075 2.57 -54.70 14.46
CA LEU C 1075 1.72 -53.97 15.40
C LEU C 1075 2.54 -53.11 16.33
N ARG C 1076 2.00 -51.94 16.68
CA ARG C 1076 2.76 -50.97 17.46
C ARG C 1076 3.12 -51.52 18.82
N ASP C 1077 2.17 -52.17 19.49
CA ASP C 1077 2.36 -52.57 20.87
C ASP C 1077 2.61 -54.08 21.00
N ALA C 1078 2.94 -54.74 19.91
CA ALA C 1078 3.15 -56.19 19.96
C ALA C 1078 4.39 -56.60 20.73
N HIS C 1079 5.24 -55.65 21.12
CA HIS C 1079 6.49 -56.00 21.78
C HIS C 1079 6.41 -55.93 23.30
N LEU C 1080 5.43 -55.23 23.86
CA LEU C 1080 5.32 -55.13 25.31
C LEU C 1080 4.86 -56.46 25.90
N SER C 1081 4.69 -56.46 27.22
CA SER C 1081 4.20 -57.62 27.95
C SER C 1081 2.70 -57.54 28.23
N THR C 1082 2.23 -56.42 28.75
CA THR C 1082 0.81 -56.26 29.03
C THR C 1082 0.01 -56.27 27.73
N PRO C 1083 -1.16 -56.88 27.72
CA PRO C 1083 -1.98 -56.88 26.51
C PRO C 1083 -2.77 -55.58 26.36
N SER C 1084 -3.11 -55.29 25.11
CA SER C 1084 -3.89 -54.10 24.77
C SER C 1084 -4.58 -54.37 23.44
N GLN C 1085 -5.15 -53.31 22.85
CA GLN C 1085 -5.96 -53.46 21.65
C GLN C 1085 -5.70 -52.41 20.58
N CYS C 1086 -4.81 -51.45 20.81
CA CYS C 1086 -4.53 -50.45 19.78
C CYS C 1086 -4.01 -51.14 18.52
N THR C 1087 -4.40 -50.62 17.36
CA THR C 1087 -4.19 -51.34 16.12
C THR C 1087 -3.59 -50.44 15.04
N LYS C 1088 -2.54 -49.69 15.39
CA LYS C 1088 -1.69 -49.08 14.39
C LYS C 1088 -0.49 -49.97 14.12
N ARG C 1089 0.25 -49.66 13.05
CA ARG C 1089 1.34 -50.51 12.63
C ARG C 1089 2.50 -49.67 12.12
N TYR C 1090 3.71 -50.21 12.24
CA TYR C 1090 4.93 -49.55 11.82
C TYR C 1090 5.75 -50.47 10.93
N VAL C 1091 6.71 -49.90 10.22
CA VAL C 1091 7.39 -50.57 9.13
C VAL C 1091 8.87 -50.75 9.43
N ILE C 1092 9.39 -51.92 9.10
CA ILE C 1092 10.82 -52.22 9.18
C ILE C 1092 11.26 -52.75 7.82
N THR C 1093 12.35 -52.18 7.29
CA THR C 1093 12.81 -52.48 5.94
C THR C 1093 14.10 -53.29 6.01
N ASN C 1094 14.10 -54.44 5.33
CA ASN C 1094 15.28 -55.27 5.15
C ASN C 1094 15.96 -55.59 6.49
N PRO C 1095 15.37 -56.43 7.32
CA PRO C 1095 15.99 -56.77 8.59
C PRO C 1095 17.06 -57.83 8.40
N PRO C 1096 17.92 -58.02 9.39
CA PRO C 1096 18.93 -59.09 9.30
C PRO C 1096 18.33 -60.48 9.27
N TYR C 1097 19.19 -61.50 9.14
CA TYR C 1097 18.74 -62.87 8.97
C TYR C 1097 17.97 -63.40 10.17
N GLU C 1098 18.23 -62.89 11.37
CA GLU C 1098 17.65 -63.43 12.59
C GLU C 1098 16.82 -62.33 13.27
N PHE C 1099 15.51 -62.39 13.06
CA PHE C 1099 14.58 -61.46 13.69
C PHE C 1099 13.31 -62.20 14.06
N GLU C 1100 12.96 -62.14 15.34
CA GLU C 1100 11.80 -62.88 15.84
C GLU C 1100 10.52 -62.34 15.23
N LEU C 1101 9.60 -63.25 14.90
CA LEU C 1101 8.32 -62.90 14.31
C LEU C 1101 7.20 -63.27 15.28
N VAL C 1102 6.34 -62.30 15.59
CA VAL C 1102 5.10 -62.58 16.30
C VAL C 1102 4.12 -63.18 15.30
N PRO C 1103 3.22 -64.07 15.73
CA PRO C 1103 2.31 -64.70 14.76
C PRO C 1103 1.45 -63.70 14.01
N THR C 1104 1.11 -62.58 14.61
CA THR C 1104 0.18 -61.61 14.03
C THR C 1104 0.95 -60.39 13.53
N ASP C 1105 1.23 -60.36 12.23
CA ASP C 1105 1.84 -59.21 11.56
C ASP C 1105 1.91 -59.52 10.06
N LEU C 1106 2.34 -58.52 9.30
CA LEU C 1106 2.28 -58.56 7.84
C LEU C 1106 3.67 -58.43 7.25
N ILE C 1107 3.85 -58.94 6.03
CA ILE C 1107 5.09 -58.79 5.28
C ILE C 1107 4.76 -58.33 3.87
N PHE C 1108 5.53 -57.36 3.37
CA PHE C 1108 5.42 -56.93 1.99
C PHE C 1108 5.90 -58.05 1.07
N CYS C 1109 5.29 -58.14 -0.12
CA CYS C 1109 5.63 -59.20 -1.05
C CYS C 1109 5.52 -58.66 -2.48
N LEU C 1110 6.08 -59.41 -3.41
CA LEU C 1110 6.19 -58.98 -4.80
C LEU C 1110 5.94 -60.20 -5.71
N MET C 1111 4.74 -60.27 -6.26
CA MET C 1111 4.32 -61.38 -7.10
C MET C 1111 4.75 -61.17 -8.54
N GLN C 1112 4.63 -62.23 -9.35
CA GLN C 1112 5.32 -62.32 -10.62
C GLN C 1112 4.48 -62.92 -11.75
N PHE C 1113 3.17 -63.04 -11.57
CA PHE C 1113 2.34 -63.74 -12.54
C PHE C 1113 1.07 -62.94 -12.83
N ASP C 1114 0.53 -63.16 -14.03
CA ASP C 1114 -0.79 -62.65 -14.38
C ASP C 1114 -1.63 -63.76 -15.01
N GLY D 18 21.44 57.60 46.00
CA GLY D 18 21.23 57.06 47.33
C GLY D 18 21.45 55.56 47.40
N GLN D 19 20.52 54.87 48.06
CA GLN D 19 20.63 53.42 48.21
C GLN D 19 20.16 52.73 46.94
N ARG D 20 20.48 51.44 46.84
CA ARG D 20 19.95 50.62 45.76
C ARG D 20 18.43 50.61 45.84
N MET D 21 17.79 50.84 44.68
CA MET D 21 16.34 51.02 44.67
C MET D 21 15.71 50.20 43.54
N TRP D 22 16.38 49.13 43.11
CA TRP D 22 15.91 48.29 42.02
C TRP D 22 14.53 47.70 42.32
N TRP D 23 14.28 47.38 43.58
CA TRP D 23 13.15 46.51 43.94
C TRP D 23 11.81 47.12 43.55
N ALA D 24 11.69 48.45 43.63
CA ALA D 24 10.40 49.09 43.38
C ALA D 24 9.88 48.79 41.98
N PHE D 25 10.78 48.78 40.99
CA PHE D 25 10.34 48.59 39.61
C PHE D 25 9.64 47.25 39.44
N LEU D 26 10.30 46.17 39.86
CA LEU D 26 9.70 44.85 39.74
C LEU D 26 8.46 44.75 40.61
N ALA D 27 8.47 45.40 41.78
CA ALA D 27 7.33 45.33 42.68
C ALA D 27 6.09 45.90 42.04
N SER D 28 6.24 47.03 41.33
CA SER D 28 5.07 47.65 40.70
C SER D 28 4.44 46.69 39.69
N SER D 29 5.25 46.03 38.88
CA SER D 29 4.70 45.12 37.88
C SER D 29 4.04 43.92 38.53
N MET D 30 4.66 43.38 39.59
CA MET D 30 4.01 42.31 40.34
C MET D 30 2.65 42.76 40.83
N VAL D 31 2.56 43.95 41.41
CA VAL D 31 1.28 44.46 41.90
C VAL D 31 0.28 44.49 40.77
N THR D 32 0.65 45.11 39.65
CA THR D 32 -0.30 45.24 38.55
C THR D 32 -0.83 43.88 38.11
N PHE D 33 0.08 42.97 37.80
CA PHE D 33 -0.32 41.68 37.23
C PHE D 33 -1.16 40.88 38.20
N PHE D 34 -0.67 40.69 39.42
CA PHE D 34 -1.37 39.83 40.36
C PHE D 34 -2.68 40.45 40.82
N GLY D 35 -2.70 41.76 41.07
CA GLY D 35 -3.93 42.42 41.43
C GLY D 35 -4.98 42.30 40.35
N GLY D 36 -4.56 42.46 39.09
CA GLY D 36 -5.51 42.29 38.00
C GLY D 36 -6.10 40.90 37.96
N LEU D 37 -5.24 39.87 38.04
CA LEU D 37 -5.77 38.51 38.02
C LEU D 37 -6.71 38.26 39.19
N PHE D 38 -6.33 38.73 40.38
CA PHE D 38 -7.14 38.52 41.57
C PHE D 38 -8.50 39.20 41.43
N ILE D 39 -8.52 40.45 40.97
CA ILE D 39 -9.79 41.17 40.90
C ILE D 39 -10.70 40.55 39.85
N ILE D 40 -10.12 40.10 38.72
CA ILE D 40 -10.95 39.48 37.70
C ILE D 40 -11.55 38.18 38.22
N LEU D 41 -10.74 37.34 38.85
CA LEU D 41 -11.28 36.08 39.36
C LEU D 41 -12.37 36.33 40.40
N LEU D 42 -12.12 37.26 41.33
CA LEU D 42 -13.11 37.52 42.37
C LEU D 42 -14.40 38.06 41.78
N TRP D 43 -14.31 39.04 40.87
CA TRP D 43 -15.51 39.61 40.28
C TRP D 43 -16.27 38.56 39.47
N ARG D 44 -15.55 37.58 38.90
CA ARG D 44 -16.24 36.45 38.30
C ARG D 44 -17.01 35.66 39.35
N THR D 45 -16.42 35.47 40.52
CA THR D 45 -17.08 34.74 41.60
C THR D 45 -17.80 35.64 42.59
N LEU D 46 -18.05 36.90 42.24
CA LEU D 46 -18.63 37.86 43.17
C LEU D 46 -20.14 37.99 43.03
N LYS D 47 -20.78 37.12 42.25
CA LYS D 47 -22.22 37.24 42.03
C LYS D 47 -22.99 36.93 43.32
N TYR D 48 -24.23 37.42 43.36
CA TYR D 48 -25.07 37.23 44.55
C TYR D 48 -25.31 35.75 44.83
N LEU D 49 -25.37 34.93 43.79
CA LEU D 49 -25.72 33.52 43.96
C LEU D 49 -24.62 32.76 44.70
N TRP D 50 -23.46 33.39 44.88
CA TRP D 50 -22.29 32.83 45.56
C TRP D 50 -21.72 31.62 44.84
N THR D 51 -21.94 31.50 43.54
CA THR D 51 -21.45 30.35 42.77
C THR D 51 -19.94 30.42 42.59
N VAL D 91 -28.35 44.12 20.60
CA VAL D 91 -28.41 45.56 20.49
C VAL D 91 -28.10 46.18 21.83
N GLY D 92 -26.81 46.44 22.07
CA GLY D 92 -26.38 47.07 23.29
C GLY D 92 -25.18 47.96 23.05
N TRP D 93 -25.18 49.12 23.72
CA TRP D 93 -24.10 50.07 23.55
C TRP D 93 -22.77 49.46 23.97
N MET D 94 -22.78 48.64 25.02
CA MET D 94 -21.57 47.89 25.39
C MET D 94 -21.12 47.01 24.23
N THR D 95 -22.06 46.27 23.64
CA THR D 95 -21.71 45.43 22.49
C THR D 95 -21.33 46.27 21.28
N SER D 96 -21.92 47.46 21.16
CA SER D 96 -21.51 48.37 20.09
C SER D 96 -20.05 48.74 20.23
N VAL D 97 -19.63 49.08 21.45
CA VAL D 97 -18.22 49.35 21.70
C VAL D 97 -17.38 48.13 21.37
N LYS D 98 -17.87 46.95 21.77
CA LYS D 98 -17.14 45.72 21.49
C LYS D 98 -16.89 45.56 20.00
N ASP D 99 -17.93 45.69 19.19
CA ASP D 99 -17.78 45.53 17.75
C ASP D 99 -16.89 46.61 17.16
N TRP D 100 -17.02 47.85 17.63
CA TRP D 100 -16.18 48.92 17.11
C TRP D 100 -14.71 48.63 17.37
N ALA D 101 -14.39 48.20 18.60
CA ALA D 101 -13.01 47.85 18.91
C ALA D 101 -12.54 46.68 18.08
N GLY D 102 -13.39 45.65 17.92
CA GLY D 102 -13.00 44.51 17.12
C GLY D 102 -12.67 44.88 15.70
N VAL D 103 -13.48 45.75 15.10
CA VAL D 103 -13.17 46.27 13.78
C VAL D 103 -11.84 47.01 13.81
N MET D 104 -11.64 47.84 14.83
CA MET D 104 -10.47 48.71 14.85
C MET D 104 -9.18 47.91 14.96
N ILE D 105 -9.20 46.80 15.70
CA ILE D 105 -7.97 46.05 15.93
C ILE D 105 -7.41 45.49 14.64
N SER D 106 -8.24 44.83 13.85
CA SER D 106 -7.77 44.24 12.61
C SER D 106 -7.96 45.23 11.47
N ALA D 107 -7.81 44.74 10.23
CA ALA D 107 -7.75 45.59 9.06
C ALA D 107 -9.08 45.69 8.33
N GLN D 108 -10.19 45.73 9.06
CA GLN D 108 -11.49 45.81 8.41
C GLN D 108 -11.64 47.09 7.60
N THR D 109 -11.26 48.23 8.16
CA THR D 109 -11.47 49.50 7.51
C THR D 109 -10.17 50.28 7.41
N LEU D 110 -10.26 51.46 6.79
CA LEU D 110 -9.06 52.25 6.51
C LEU D 110 -8.32 52.63 7.78
N THR D 111 -9.03 53.10 8.80
CA THR D 111 -8.37 53.67 9.96
C THR D 111 -7.56 52.63 10.72
N GLY D 112 -7.80 51.35 10.45
CA GLY D 112 -7.10 50.32 11.20
C GLY D 112 -5.75 49.97 10.61
N ARG D 113 -5.60 50.13 9.30
CA ARG D 113 -4.34 49.77 8.65
C ARG D 113 -3.20 50.63 9.19
N VAL D 114 -3.45 51.92 9.35
CA VAL D 114 -2.41 52.80 9.90
C VAL D 114 -2.07 52.36 11.32
N LEU D 115 -3.07 51.94 12.09
CA LEU D 115 -2.79 51.50 13.46
C LEU D 115 -1.88 50.28 13.47
N VAL D 116 -2.17 49.31 12.60
CA VAL D 116 -1.34 48.11 12.57
C VAL D 116 0.08 48.43 12.13
N VAL D 117 0.22 49.23 11.06
CA VAL D 117 1.56 49.58 10.59
C VAL D 117 2.31 50.34 11.67
N LEU D 118 1.63 51.23 12.39
CA LEU D 118 2.27 52.00 13.42
C LEU D 118 2.72 51.10 14.56
N VAL D 119 1.92 50.09 14.90
CA VAL D 119 2.33 49.11 15.91
C VAL D 119 3.62 48.42 15.48
N PHE D 120 3.66 47.97 14.23
CA PHE D 120 4.86 47.32 13.70
C PHE D 120 6.08 48.22 13.87
N ALA D 121 5.96 49.46 13.39
CA ALA D 121 7.09 50.38 13.40
C ALA D 121 7.55 50.70 14.81
N LEU D 122 6.61 50.98 15.71
CA LEU D 122 6.99 51.38 17.05
C LEU D 122 7.54 50.21 17.85
N SER D 123 7.12 48.99 17.53
CA SER D 123 7.78 47.83 18.14
C SER D 123 9.25 47.80 17.76
N ILE D 124 9.54 47.94 16.46
CA ILE D 124 10.95 48.00 16.05
C ILE D 124 11.66 49.14 16.76
N GLY D 125 10.99 50.29 16.89
CA GLY D 125 11.62 51.44 17.53
C GLY D 125 11.96 51.18 18.98
N ALA D 126 11.06 50.52 19.71
CA ALA D 126 11.35 50.18 21.09
C ALA D 126 12.55 49.26 21.18
N LEU D 127 12.64 48.29 20.26
CA LEU D 127 13.81 47.42 20.26
C LEU D 127 15.09 48.23 20.06
N VAL D 128 15.03 49.21 19.15
CA VAL D 128 16.21 50.06 18.92
C VAL D 128 16.58 50.83 20.18
N ILE D 129 15.58 51.37 20.87
CA ILE D 129 15.85 52.12 22.09
C ILE D 129 16.54 51.22 23.11
N TYR D 130 16.08 49.98 23.23
CA TYR D 130 16.71 49.05 24.16
C TYR D 130 18.17 48.83 23.80
N PHE D 131 18.45 48.62 22.51
CA PHE D 131 19.83 48.40 22.11
C PHE D 131 20.69 49.60 22.46
N ILE D 132 20.18 50.81 22.26
CA ILE D 132 20.95 51.99 22.63
C ILE D 132 21.19 52.02 24.13
N ASP D 133 20.16 51.74 24.93
CA ASP D 133 20.29 51.82 26.38
C ASP D 133 21.17 50.73 26.95
N SER D 134 21.49 49.69 26.18
CA SER D 134 22.27 48.57 26.71
C SER D 134 23.55 49.04 27.40
N SER D 135 24.34 49.89 26.74
CA SER D 135 25.69 50.15 27.22
C SER D 135 25.70 50.96 28.52
N ASN D 136 24.63 51.71 28.77
CA ASN D 136 24.53 52.59 29.92
C ASN D 136 24.72 51.76 31.19
N PRO D 137 25.42 52.26 32.21
CA PRO D 137 25.56 51.49 33.46
C PRO D 137 24.22 51.19 34.11
N ILE D 138 24.28 50.35 35.14
CA ILE D 138 23.07 49.71 35.65
C ILE D 138 22.10 50.71 36.25
N GLU D 139 22.60 51.65 37.07
CA GLU D 139 21.69 52.51 37.79
C GLU D 139 22.27 53.90 37.92
N SER D 140 21.55 54.90 37.39
CA SER D 140 21.93 56.29 37.55
C SER D 140 20.70 57.14 37.29
N CYS D 141 20.85 58.45 37.53
CA CYS D 141 19.73 59.37 37.43
C CYS D 141 19.68 60.01 36.05
N GLN D 142 18.47 60.15 35.51
CA GLN D 142 18.23 60.87 34.28
C GLN D 142 17.16 61.92 34.55
N ASN D 143 17.48 63.18 34.27
CA ASN D 143 16.53 64.27 34.46
C ASN D 143 15.57 64.27 33.28
N PHE D 144 14.31 63.98 33.55
CA PHE D 144 13.32 63.79 32.50
C PHE D 144 13.01 65.07 31.73
N TYR D 145 13.39 66.23 32.26
CA TYR D 145 13.05 67.49 31.63
C TYR D 145 14.17 68.02 30.73
N LYS D 146 15.21 67.23 30.49
CA LYS D 146 16.34 67.76 29.74
C LYS D 146 16.77 66.89 28.57
N ASP D 147 16.59 65.57 28.66
CA ASP D 147 17.13 64.65 27.68
C ASP D 147 16.05 64.19 26.71
N PHE D 148 16.43 64.00 25.45
CA PHE D 148 15.51 63.49 24.45
C PHE D 148 15.25 62.00 24.64
N THR D 149 16.31 61.23 24.91
CA THR D 149 16.11 59.84 25.27
C THR D 149 15.37 59.79 26.61
N LEU D 150 14.67 58.69 26.83
CA LEU D 150 13.70 58.52 27.92
C LEU D 150 12.51 59.44 27.75
N GLN D 151 12.35 60.06 26.59
CA GLN D 151 11.11 60.69 26.18
C GLN D 151 10.42 59.95 25.06
N ILE D 152 11.19 59.53 24.05
CA ILE D 152 10.61 58.73 22.98
C ILE D 152 10.02 57.44 23.54
N ASP D 153 10.69 56.83 24.52
CA ASP D 153 10.10 55.70 25.22
C ASP D 153 8.85 56.13 25.98
N MET D 154 8.88 57.33 26.56
CA MET D 154 7.73 57.80 27.33
C MET D 154 6.49 57.90 26.45
N ALA D 155 6.64 58.39 25.22
CA ALA D 155 5.51 58.43 24.32
C ALA D 155 5.18 57.04 23.78
N PHE D 156 6.20 56.26 23.44
CA PHE D 156 6.00 54.93 22.88
C PHE D 156 5.12 54.09 23.79
N ASN D 157 5.39 54.15 25.10
CA ASN D 157 4.63 53.33 26.03
C ASN D 157 3.19 53.78 26.15
N VAL D 158 2.89 55.06 25.96
CA VAL D 158 1.50 55.48 25.94
C VAL D 158 0.76 54.82 24.79
N PHE D 159 1.38 54.80 23.61
CA PHE D 159 0.77 54.16 22.45
C PHE D 159 0.58 52.68 22.68
N PHE D 160 1.58 52.02 23.26
CA PHE D 160 1.43 50.60 23.55
C PHE D 160 0.33 50.36 24.58
N LEU D 161 0.18 51.23 25.57
CA LEU D 161 -0.88 51.08 26.56
C LEU D 161 -2.25 51.18 25.90
N LEU D 162 -2.42 52.15 25.01
CA LEU D 162 -3.71 52.28 24.32
C LEU D 162 -4.00 51.06 23.45
N TYR D 163 -2.99 50.58 22.74
CA TYR D 163 -3.17 49.40 21.90
C TYR D 163 -3.47 48.17 22.73
N PHE D 164 -2.99 48.11 23.98
CA PHE D 164 -3.35 47.02 24.86
C PHE D 164 -4.78 47.15 25.36
N GLY D 165 -5.19 48.37 25.70
CA GLY D 165 -6.54 48.57 26.18
C GLY D 165 -7.59 48.22 25.14
N LEU D 166 -7.35 48.62 23.89
CA LEU D 166 -8.30 48.28 22.84
C LEU D 166 -8.44 46.78 22.71
N ARG D 167 -7.33 46.05 22.70
CA ARG D 167 -7.40 44.61 22.60
C ARG D 167 -8.15 44.01 23.77
N PHE D 168 -7.91 44.51 24.98
CA PHE D 168 -8.63 43.98 26.14
C PHE D 168 -10.12 44.21 26.01
N ILE D 169 -10.53 45.35 25.46
CA ILE D 169 -11.94 45.55 25.19
C ILE D 169 -12.45 44.52 24.19
N ALA D 170 -11.67 44.25 23.15
CA ALA D 170 -12.18 43.50 22.01
C ALA D 170 -12.14 41.98 22.21
N ALA D 171 -11.68 41.49 23.35
CA ALA D 171 -11.62 40.06 23.56
C ALA D 171 -12.92 39.54 24.14
N ASN D 172 -13.22 38.28 23.86
CA ASN D 172 -14.49 37.69 24.28
C ASN D 172 -14.46 37.24 25.74
N ASP D 173 -13.59 36.30 26.08
CA ASP D 173 -13.50 35.78 27.44
C ASP D 173 -12.20 36.29 28.08
N LYS D 174 -12.33 36.96 29.22
CA LYS D 174 -11.23 37.76 29.75
C LYS D 174 -10.05 36.90 30.18
N LEU D 175 -10.32 35.77 30.82
CA LEU D 175 -9.29 35.08 31.59
C LEU D 175 -8.11 34.69 30.70
N TRP D 176 -8.34 33.77 29.76
CA TRP D 176 -7.22 33.35 28.94
C TRP D 176 -6.63 34.46 28.08
N PHE D 177 -7.38 35.53 27.81
CA PHE D 177 -6.75 36.68 27.16
C PHE D 177 -5.69 37.29 28.08
N TRP D 178 -6.01 37.39 29.37
CA TRP D 178 -5.05 37.98 30.30
C TRP D 178 -3.78 37.17 30.40
N LEU D 179 -3.88 35.85 30.25
CA LEU D 179 -2.71 34.97 30.33
C LEU D 179 -2.22 34.62 28.92
N GLU D 180 -1.79 35.64 28.19
CA GLU D 180 -1.27 35.42 26.84
C GLU D 180 0.01 36.24 26.67
N VAL D 181 0.88 35.75 25.80
CA VAL D 181 2.27 36.23 25.79
C VAL D 181 2.34 37.72 25.53
N ASN D 182 1.57 38.21 24.56
CA ASN D 182 1.58 39.64 24.29
C ASN D 182 1.14 40.43 25.51
N SER D 183 0.10 39.96 26.19
CA SER D 183 -0.39 40.65 27.37
C SER D 183 0.67 40.71 28.46
N VAL D 184 1.35 39.60 28.73
CA VAL D 184 2.29 39.59 29.83
C VAL D 184 3.53 40.42 29.48
N VAL D 185 3.94 40.45 28.21
CA VAL D 185 5.11 41.27 27.89
C VAL D 185 4.75 42.75 28.01
N ASP D 186 3.55 43.14 27.58
CA ASP D 186 3.12 44.51 27.83
C ASP D 186 3.08 44.79 29.33
N PHE D 187 2.67 43.79 30.12
CA PHE D 187 2.62 43.97 31.56
C PHE D 187 3.99 44.25 32.14
N PHE D 188 5.00 43.52 31.70
CA PHE D 188 6.34 43.75 32.23
C PHE D 188 7.05 44.93 31.59
N THR D 189 6.51 45.52 30.52
CA THR D 189 7.20 46.65 29.91
C THR D 189 6.52 48.00 30.11
N VAL D 190 5.27 48.05 30.55
CA VAL D 190 4.62 49.35 30.74
C VAL D 190 5.02 50.05 32.04
N PRO D 191 4.89 49.44 33.22
CA PRO D 191 5.01 50.19 34.48
C PRO D 191 6.33 50.93 34.64
N PRO D 192 7.48 50.26 34.46
CA PRO D 192 8.73 50.91 34.90
C PRO D 192 8.99 52.25 34.24
N VAL D 193 8.64 52.41 32.96
CA VAL D 193 8.86 53.69 32.32
C VAL D 193 8.05 54.78 32.99
N PHE D 194 6.78 54.50 33.28
CA PHE D 194 5.98 55.46 34.04
C PHE D 194 6.60 55.76 35.39
N VAL D 195 7.05 54.71 36.08
CA VAL D 195 7.64 54.92 37.41
C VAL D 195 8.89 55.77 37.31
N SER D 196 9.57 55.71 36.16
CA SER D 196 10.83 56.43 36.00
C SER D 196 10.67 57.92 36.27
N VAL D 197 9.71 58.55 35.60
CA VAL D 197 9.55 59.99 35.78
C VAL D 197 9.12 60.32 37.21
N TYR D 198 8.56 59.36 37.94
CA TYR D 198 8.27 59.60 39.34
C TYR D 198 9.55 59.57 40.19
N LEU D 199 10.45 58.64 39.88
CA LEU D 199 11.66 58.49 40.67
C LEU D 199 12.89 59.14 40.04
N ASN D 200 12.83 59.52 38.77
CA ASN D 200 13.89 60.26 38.10
C ASN D 200 15.19 59.45 38.01
N ARG D 201 15.09 58.13 38.05
CA ARG D 201 16.25 57.27 37.82
C ARG D 201 15.76 55.89 37.40
N SER D 202 16.12 55.48 36.20
CA SER D 202 15.60 54.26 35.60
C SER D 202 16.45 53.06 36.02
N TRP D 203 16.19 51.92 35.38
CA TRP D 203 16.97 50.71 35.57
C TRP D 203 16.78 49.84 34.35
N LEU D 204 17.86 49.21 33.90
CA LEU D 204 17.76 48.18 32.87
C LEU D 204 17.20 46.91 33.51
N GLY D 205 16.00 47.04 34.03
CA GLY D 205 15.34 45.94 34.70
C GLY D 205 14.27 45.30 33.85
N LEU D 206 14.55 44.10 33.36
CA LEU D 206 13.64 43.26 32.60
C LEU D 206 13.33 43.81 31.21
N ARG D 207 13.87 44.98 30.85
CA ARG D 207 13.46 45.63 29.61
C ARG D 207 13.74 44.78 28.37
N PHE D 208 14.65 43.82 28.45
CA PHE D 208 14.92 42.95 27.31
C PHE D 208 13.67 42.24 26.79
N LEU D 209 12.69 41.96 27.66
CA LEU D 209 11.44 41.38 27.19
C LEU D 209 10.86 42.10 25.99
N ARG D 210 11.20 43.37 25.77
CA ARG D 210 10.65 44.08 24.62
C ARG D 210 10.87 43.32 23.33
N ALA D 211 12.02 42.67 23.17
CA ALA D 211 12.29 41.96 21.93
C ALA D 211 11.20 40.94 21.61
N LEU D 212 10.60 40.34 22.64
CA LEU D 212 9.61 39.31 22.43
C LEU D 212 8.47 39.79 21.55
N ARG D 213 8.21 41.09 21.53
CA ARG D 213 7.11 41.63 20.75
C ARG D 213 7.19 41.21 19.30
N LEU D 214 8.39 40.91 18.79
CA LEU D 214 8.52 40.51 17.40
C LEU D 214 7.59 39.36 17.03
N ILE D 215 7.30 38.47 17.98
CA ILE D 215 6.50 37.29 17.65
C ILE D 215 5.16 37.66 17.05
N GLN D 216 4.75 38.93 17.16
CA GLN D 216 3.44 39.32 16.65
C GLN D 216 3.39 39.49 15.14
N PHE D 217 4.51 39.50 14.41
CA PHE D 217 4.44 39.92 13.02
C PHE D 217 3.49 39.03 12.21
N SER D 218 3.60 37.72 12.37
CA SER D 218 2.80 36.80 11.57
C SER D 218 1.30 37.04 11.75
N GLU D 219 0.93 37.85 12.73
CA GLU D 219 -0.46 38.20 12.96
C GLU D 219 -0.79 39.60 12.46
N ILE D 220 0.13 40.55 12.59
CA ILE D 220 -0.15 41.92 12.14
C ILE D 220 0.22 42.04 10.68
N LEU D 221 0.59 40.93 10.07
CA LEU D 221 0.83 40.89 8.63
C LEU D 221 -0.30 40.23 7.86
N GLN D 222 -0.90 39.17 8.39
CA GLN D 222 -1.96 38.49 7.67
C GLN D 222 -3.16 39.40 7.47
N PHE D 223 -3.51 40.20 8.49
CA PHE D 223 -4.65 41.11 8.35
C PHE D 223 -4.51 41.98 7.12
N LEU D 224 -3.31 42.49 6.87
CA LEU D 224 -3.10 43.43 5.78
C LEU D 224 -3.16 42.77 4.41
N ASN D 225 -3.50 41.48 4.35
CA ASN D 225 -3.68 40.76 3.09
C ASN D 225 -2.38 40.84 2.28
N ILE D 226 -1.36 40.21 2.85
CA ILE D 226 -0.03 40.13 2.23
C ILE D 226 0.41 38.68 2.05
N LEU D 227 0.25 37.86 3.08
CA LEU D 227 0.60 36.45 3.00
C LEU D 227 -0.65 35.65 2.66
N LYS D 228 -0.62 34.94 1.55
CA LYS D 228 -1.76 34.16 1.12
C LYS D 228 -1.48 32.67 1.05
N THR D 229 -0.34 32.26 0.50
CA THR D 229 -0.09 30.86 0.21
C THR D 229 0.15 30.07 1.49
N SER D 230 0.41 28.78 1.32
CA SER D 230 0.63 27.87 2.43
C SER D 230 2.11 27.55 2.63
N ASN D 231 2.98 28.38 2.11
CA ASN D 231 4.39 28.23 2.42
C ASN D 231 4.97 29.45 3.11
N SER D 232 4.59 30.65 2.68
CA SER D 232 5.19 31.85 3.24
C SER D 232 4.92 31.97 4.73
N ILE D 233 3.71 31.62 5.17
CA ILE D 233 3.37 31.78 6.57
C ILE D 233 4.27 30.90 7.44
N LYS D 234 4.56 29.69 6.98
CA LYS D 234 5.45 28.82 7.74
C LYS D 234 6.81 29.48 7.94
N LEU D 235 7.37 30.02 6.86
CA LEU D 235 8.69 30.64 6.93
C LEU D 235 8.69 31.85 7.84
N VAL D 236 7.65 32.69 7.75
CA VAL D 236 7.62 33.88 8.58
C VAL D 236 7.49 33.50 10.05
N ASN D 237 6.63 32.54 10.37
CA ASN D 237 6.55 32.05 11.74
C ASN D 237 7.90 31.61 12.26
N LEU D 238 8.61 30.80 11.46
CA LEU D 238 9.86 30.24 11.93
C LEU D 238 10.90 31.33 12.17
N LEU D 239 11.08 32.23 11.18
CA LEU D 239 12.02 33.31 11.37
C LEU D 239 11.70 34.12 12.61
N SER D 240 10.43 34.46 12.80
CA SER D 240 10.04 35.31 13.92
C SER D 240 10.38 34.64 15.24
N ILE D 241 9.92 33.40 15.43
CA ILE D 241 10.15 32.75 16.73
C ILE D 241 11.64 32.60 16.99
N PHE D 242 12.40 32.25 15.96
CA PHE D 242 13.84 32.04 16.15
C PHE D 242 14.52 33.33 16.60
N ILE D 243 14.31 34.43 15.86
CA ILE D 243 14.97 35.68 16.23
C ILE D 243 14.54 36.12 17.62
N SER D 244 13.25 35.93 17.93
CA SER D 244 12.75 36.36 19.23
C SER D 244 13.46 35.61 20.36
N THR D 245 13.47 34.28 20.29
CA THR D 245 14.09 33.51 21.36
C THR D 245 15.55 33.88 21.51
N TRP D 246 16.26 34.00 20.38
CA TRP D 246 17.68 34.30 20.45
C TRP D 246 17.94 35.62 21.16
N LEU D 247 17.29 36.69 20.72
CA LEU D 247 17.55 37.98 21.33
C LEU D 247 17.13 38.01 22.78
N THR D 248 16.00 37.37 23.13
CA THR D 248 15.55 37.44 24.50
C THR D 248 16.49 36.71 25.44
N ALA D 249 16.98 35.54 25.02
CA ALA D 249 17.96 34.85 25.84
C ALA D 249 19.20 35.71 26.04
N ALA D 250 19.66 36.34 24.96
CA ALA D 250 20.79 37.25 25.11
C ALA D 250 20.50 38.30 26.17
N GLY D 251 19.32 38.90 26.11
CA GLY D 251 18.99 39.95 27.06
C GLY D 251 19.03 39.45 28.49
N PHE D 252 18.43 38.29 28.74
CA PHE D 252 18.40 37.80 30.12
C PHE D 252 19.79 37.51 30.64
N ILE D 253 20.64 36.89 29.81
CA ILE D 253 21.97 36.58 30.30
C ILE D 253 22.75 37.86 30.55
N HIS D 254 22.54 38.88 29.72
CA HIS D 254 23.23 40.14 29.93
C HIS D 254 22.83 40.76 31.26
N LEU D 255 21.53 40.77 31.54
CA LEU D 255 21.06 41.33 32.80
C LEU D 255 21.62 40.58 34.00
N VAL D 256 21.58 39.26 33.95
CA VAL D 256 22.04 38.50 35.10
C VAL D 256 23.55 38.71 35.30
N GLU D 257 24.31 38.70 34.21
CA GLU D 257 25.76 38.68 34.33
C GLU D 257 26.32 40.04 34.72
N ASN D 258 25.90 41.11 34.05
CA ASN D 258 26.45 42.42 34.38
C ASN D 258 26.17 42.77 35.83
N SER D 259 24.95 42.52 36.28
CA SER D 259 24.66 42.63 37.70
C SER D 259 25.40 41.54 38.47
N GLY D 260 25.60 41.79 39.75
CA GLY D 260 26.24 40.81 40.61
C GLY D 260 25.29 39.70 40.98
N ASP D 261 25.41 39.22 42.22
CA ASP D 261 24.51 38.22 42.75
C ASP D 261 24.03 38.66 44.12
N PRO D 262 22.77 38.44 44.43
CA PRO D 262 22.20 38.97 45.67
C PRO D 262 22.89 38.51 46.94
N TRP D 263 23.23 37.23 47.09
CA TRP D 263 23.67 36.80 48.41
C TRP D 263 25.17 36.90 48.59
N GLU D 264 25.85 37.78 47.87
CA GLU D 264 27.25 38.06 48.17
C GLU D 264 27.54 39.54 48.05
N ASN D 265 26.54 40.38 48.29
CA ASN D 265 26.68 41.84 48.21
C ASN D 265 27.21 42.29 46.85
N PHE D 266 26.88 41.54 45.81
CA PHE D 266 27.21 41.91 44.44
C PHE D 266 28.72 42.09 44.26
N GLN D 267 29.46 41.00 44.44
CA GLN D 267 30.92 41.07 44.41
C GLN D 267 31.55 40.06 43.47
N ASN D 268 30.81 39.56 42.49
CA ASN D 268 31.42 38.70 41.47
C ASN D 268 30.89 39.05 40.09
N ASN D 269 30.80 40.34 39.79
CA ASN D 269 30.33 40.78 38.49
C ASN D 269 31.39 40.57 37.43
N GLN D 270 30.95 40.19 36.23
CA GLN D 270 31.82 40.02 35.08
C GLN D 270 31.36 40.94 33.96
N ALA D 271 32.26 41.79 33.48
CA ALA D 271 31.92 42.83 32.53
C ALA D 271 31.73 42.24 31.14
N LEU D 272 30.56 42.43 30.56
CA LEU D 272 30.27 42.02 29.19
C LEU D 272 29.39 43.07 28.52
N THR D 273 29.42 43.07 27.19
CA THR D 273 28.49 43.89 26.43
C THR D 273 27.57 43.00 25.59
N TYR D 274 26.41 43.56 25.24
CA TYR D 274 25.32 42.76 24.68
C TYR D 274 25.79 41.89 23.53
N TRP D 275 26.66 42.43 22.69
CA TRP D 275 27.16 41.68 21.54
C TRP D 275 27.86 40.41 21.98
N GLU D 276 28.69 40.51 23.03
CA GLU D 276 29.33 39.32 23.56
C GLU D 276 28.30 38.28 23.97
N CYS D 277 27.22 38.72 24.61
CA CYS D 277 26.23 37.76 25.09
C CYS D 277 25.54 37.05 23.94
N VAL D 278 25.18 37.79 22.88
CA VAL D 278 24.50 37.12 21.78
C VAL D 278 25.45 36.14 21.10
N TYR D 279 26.73 36.51 21.01
CA TYR D 279 27.73 35.58 20.51
C TYR D 279 27.75 34.30 21.35
N LEU D 280 27.71 34.46 22.67
CA LEU D 280 27.76 33.29 23.54
C LEU D 280 26.54 32.41 23.36
N LEU D 281 25.36 33.02 23.23
CA LEU D 281 24.16 32.22 23.05
C LEU D 281 24.21 31.40 21.77
N MET D 282 24.61 31.99 20.64
CA MET D 282 24.71 31.15 19.45
C MET D 282 25.79 30.09 19.58
N VAL D 283 26.92 30.44 20.19
CA VAL D 283 27.97 29.44 20.35
C VAL D 283 27.45 28.24 21.12
N THR D 284 26.66 28.50 22.16
CA THR D 284 26.15 27.38 22.96
C THR D 284 25.03 26.64 22.24
N MET D 285 24.11 27.36 21.60
CA MET D 285 22.98 26.68 20.96
C MET D 285 23.46 25.77 19.84
N SER D 286 24.42 26.21 19.05
CA SER D 286 24.83 25.44 17.89
C SER D 286 25.71 24.25 18.26
N THR D 287 25.77 23.88 19.54
CA THR D 287 26.50 22.74 20.05
C THR D 287 28.00 22.85 19.81
N VAL D 288 28.51 24.02 19.44
CA VAL D 288 29.93 24.13 19.15
C VAL D 288 30.73 24.30 20.42
N GLY D 289 30.51 25.39 21.14
CA GLY D 289 31.14 25.57 22.43
C GLY D 289 32.64 25.77 22.38
N TYR D 290 33.09 26.91 21.87
CA TYR D 290 34.52 27.18 21.86
C TYR D 290 35.10 27.14 23.26
N GLY D 291 34.47 27.84 24.20
CA GLY D 291 35.05 27.98 25.50
C GLY D 291 35.92 29.20 25.67
N ASP D 292 35.82 30.18 24.79
CA ASP D 292 36.52 31.43 25.01
C ASP D 292 35.85 32.26 26.09
N VAL D 293 34.52 32.29 26.10
CA VAL D 293 33.73 33.08 27.03
C VAL D 293 32.63 32.22 27.61
N TYR D 294 32.48 32.24 28.93
CA TYR D 294 31.51 31.41 29.62
C TYR D 294 30.99 32.15 30.84
N ALA D 295 29.70 32.02 31.09
CA ALA D 295 29.09 32.69 32.24
C ALA D 295 29.72 32.20 33.53
N LYS D 296 29.95 33.12 34.47
CA LYS D 296 30.75 32.83 35.65
C LYS D 296 30.01 33.08 36.95
N THR D 297 28.70 32.89 36.97
CA THR D 297 27.94 33.14 38.20
C THR D 297 26.80 32.14 38.32
N THR D 298 26.28 32.02 39.54
CA THR D 298 25.34 30.96 39.85
C THR D 298 24.08 31.05 39.00
N LEU D 299 23.44 32.22 38.99
CA LEU D 299 22.23 32.37 38.20
C LEU D 299 22.51 32.10 36.73
N GLY D 300 23.65 32.56 36.23
CA GLY D 300 23.95 32.34 34.83
C GLY D 300 24.03 30.87 34.48
N ARG D 301 24.77 30.10 35.27
CA ARG D 301 24.87 28.68 35.00
C ARG D 301 23.52 27.99 35.15
N LEU D 302 22.75 28.38 36.17
CA LEU D 302 21.46 27.76 36.38
C LEU D 302 20.56 27.98 35.19
N PHE D 303 20.55 29.20 34.64
CA PHE D 303 19.77 29.45 33.43
C PHE D 303 20.32 28.66 32.26
N MET D 304 21.64 28.58 32.15
CA MET D 304 22.25 27.87 31.03
C MET D 304 21.83 26.41 31.02
N VAL D 305 21.66 25.81 32.19
CA VAL D 305 21.26 24.41 32.24
C VAL D 305 19.95 24.21 31.48
N PHE D 306 18.89 24.87 31.92
CA PHE D 306 17.59 24.67 31.28
C PHE D 306 17.60 25.13 29.82
N PHE D 307 18.31 26.23 29.54
CA PHE D 307 18.32 26.70 28.16
C PHE D 307 18.99 25.70 27.25
N ILE D 308 20.05 25.05 27.71
CA ILE D 308 20.63 23.97 26.94
C ILE D 308 19.64 22.83 26.82
N LEU D 309 18.86 22.60 27.87
CA LEU D 309 17.90 21.51 27.84
C LEU D 309 16.87 21.70 26.73
N GLY D 310 16.50 22.95 26.43
CA GLY D 310 15.49 23.16 25.40
C GLY D 310 15.95 23.64 24.03
N GLY D 311 16.84 24.64 24.03
CA GLY D 311 17.20 25.29 22.79
C GLY D 311 17.94 24.39 21.83
N LEU D 312 18.63 23.36 22.35
CA LEU D 312 19.28 22.43 21.44
C LEU D 312 18.26 21.77 20.53
N ALA D 313 17.19 21.24 21.11
CA ALA D 313 16.13 20.67 20.30
C ALA D 313 15.54 21.72 19.38
N MET D 314 15.32 22.94 19.92
CA MET D 314 14.75 23.99 19.09
C MET D 314 15.57 24.23 17.84
N PHE D 315 16.87 24.43 18.00
CA PHE D 315 17.73 24.74 16.86
C PHE D 315 17.82 23.56 15.91
N ALA D 316 18.12 22.38 16.44
CA ALA D 316 18.31 21.22 15.57
C ALA D 316 17.04 20.80 14.86
N SER D 317 15.87 21.25 15.31
CA SER D 317 14.66 20.94 14.59
C SER D 317 14.13 22.10 13.76
N TYR D 318 14.69 23.30 13.92
CA TYR D 318 14.24 24.41 13.10
C TYR D 318 15.16 24.72 11.92
N VAL D 319 16.48 24.69 12.11
CA VAL D 319 17.38 25.13 11.04
C VAL D 319 17.20 24.34 9.75
N PRO D 320 17.12 23.01 9.76
CA PRO D 320 16.91 22.31 8.49
C PRO D 320 15.67 22.77 7.75
N GLU D 321 14.55 23.02 8.43
CA GLU D 321 13.35 23.45 7.72
C GLU D 321 13.48 24.87 7.21
N ILE D 322 14.01 25.77 8.03
CA ILE D 322 14.17 27.16 7.58
C ILE D 322 15.06 27.21 6.36
N ILE D 323 16.01 26.26 6.25
CA ILE D 323 16.79 26.18 5.02
C ILE D 323 15.95 25.58 3.89
N GLU D 324 15.22 24.51 4.17
CA GLU D 324 14.54 23.77 3.10
C GLU D 324 13.47 24.60 2.41
N LEU D 325 12.73 25.41 3.17
CA LEU D 325 11.65 26.18 2.55
C LEU D 325 12.19 27.15 1.50
N ILE D 326 13.28 27.85 1.82
CA ILE D 326 14.01 28.58 0.79
C ILE D 326 14.69 27.55 -0.12
N GLY D 327 14.88 27.91 -1.38
CA GLY D 327 15.66 27.09 -2.28
C GLY D 327 14.86 26.28 -3.27
N ASN D 328 13.57 26.05 -3.04
CA ASN D 328 12.75 25.43 -4.07
C ASN D 328 12.46 26.46 -5.16
N ARG D 329 13.51 26.88 -5.85
CA ARG D 329 13.43 27.82 -6.97
C ARG D 329 13.69 27.04 -8.25
N LYS D 330 12.61 26.69 -8.95
CA LYS D 330 12.72 25.90 -10.16
C LYS D 330 13.66 26.57 -11.15
N LYS D 331 14.74 25.88 -11.50
CA LYS D 331 15.84 26.47 -12.25
C LYS D 331 15.63 26.41 -13.76
N TYR D 332 14.55 25.80 -14.22
CA TYR D 332 14.23 25.74 -15.65
C TYR D 332 12.95 26.50 -15.95
N GLY D 333 12.81 27.67 -15.36
CA GLY D 333 11.74 28.59 -15.73
C GLY D 333 12.15 29.42 -16.93
N GLY D 334 11.54 30.58 -17.05
CA GLY D 334 11.91 31.47 -18.13
C GLY D 334 11.19 31.10 -19.42
N SER D 335 11.69 31.66 -20.52
CA SER D 335 11.03 31.50 -21.81
C SER D 335 12.07 31.55 -22.92
N TYR D 336 11.69 31.00 -24.06
CA TYR D 336 12.52 30.98 -25.25
C TYR D 336 12.49 32.35 -25.94
N SER D 337 13.40 32.52 -26.88
CA SER D 337 13.42 33.72 -27.71
C SER D 337 13.62 33.33 -29.15
N ALA D 338 12.74 33.81 -30.02
CA ALA D 338 12.86 33.53 -31.44
C ALA D 338 14.03 34.31 -32.03
N VAL D 339 14.59 33.75 -33.09
CA VAL D 339 15.70 34.37 -33.81
C VAL D 339 15.38 34.31 -35.30
N SER D 340 15.63 35.42 -36.01
CA SER D 340 15.31 35.48 -37.41
C SER D 340 16.20 34.57 -38.23
N GLY D 341 15.69 34.14 -39.38
CA GLY D 341 16.48 33.39 -40.34
C GLY D 341 16.60 31.91 -40.07
N ARG D 342 15.95 31.39 -39.03
CA ARG D 342 15.99 29.96 -38.72
C ARG D 342 14.59 29.50 -38.35
N LYS D 343 14.46 28.23 -38.02
CA LYS D 343 13.19 27.67 -37.59
C LYS D 343 13.40 26.83 -36.35
N HIS D 344 12.39 26.79 -35.50
CA HIS D 344 12.40 26.02 -34.28
C HIS D 344 11.13 25.18 -34.20
N ILE D 345 11.23 23.98 -33.64
CA ILE D 345 10.10 23.11 -33.47
C ILE D 345 9.89 22.84 -31.99
N VAL D 346 8.87 22.05 -31.68
CA VAL D 346 8.54 21.73 -30.30
C VAL D 346 8.12 20.27 -30.21
N VAL D 347 8.34 19.68 -29.05
CA VAL D 347 8.07 18.27 -28.83
C VAL D 347 7.39 18.12 -27.48
N CYS D 348 6.38 17.25 -27.40
CA CYS D 348 5.72 17.03 -26.13
C CYS D 348 5.31 15.58 -26.00
N GLY D 349 5.14 15.14 -24.75
CA GLY D 349 4.69 13.78 -24.50
C GLY D 349 5.62 12.99 -23.60
N HIS D 350 5.67 11.69 -23.81
CA HIS D 350 6.48 10.79 -22.98
C HIS D 350 7.95 11.09 -23.21
N ILE D 351 8.59 11.73 -22.23
CA ILE D 351 9.98 12.14 -22.32
C ILE D 351 10.77 11.36 -21.30
N THR D 352 11.72 10.55 -21.78
CA THR D 352 12.57 9.76 -20.89
C THR D 352 13.86 9.44 -21.61
N LEU D 353 14.85 9.01 -20.82
CA LEU D 353 16.22 8.92 -21.31
C LEU D 353 16.31 8.13 -22.61
N GLU D 354 15.71 6.94 -22.63
CA GLU D 354 15.83 6.08 -23.80
C GLU D 354 15.23 6.74 -25.04
N SER D 355 13.99 7.20 -24.93
CA SER D 355 13.32 7.76 -26.09
C SER D 355 14.02 9.02 -26.57
N VAL D 356 14.41 9.90 -25.65
CA VAL D 356 15.05 11.14 -26.04
C VAL D 356 16.37 10.85 -26.73
N SER D 357 17.17 9.94 -26.17
CA SER D 357 18.45 9.62 -26.77
C SER D 357 18.26 9.05 -28.17
N ASN D 358 17.30 8.14 -28.33
CA ASN D 358 17.10 7.51 -29.62
C ASN D 358 16.67 8.53 -30.66
N PHE D 359 15.66 9.34 -30.34
CA PHE D 359 15.20 10.35 -31.27
C PHE D 359 16.31 11.34 -31.61
N LEU D 360 17.03 11.82 -30.60
CA LEU D 360 18.06 12.81 -30.84
C LEU D 360 19.18 12.25 -31.71
N LYS D 361 19.55 10.99 -31.49
CA LYS D 361 20.54 10.38 -32.36
C LYS D 361 20.03 10.30 -33.79
N ASP D 362 18.75 10.00 -33.95
CA ASP D 362 18.25 9.83 -35.30
C ASP D 362 17.95 11.16 -35.99
N PHE D 363 17.94 12.27 -35.26
CA PHE D 363 17.52 13.53 -35.88
C PHE D 363 18.70 14.33 -36.44
N LEU D 364 19.86 14.29 -35.80
CA LEU D 364 20.98 15.13 -36.16
C LEU D 364 22.06 14.38 -36.93
N HIS D 365 21.75 13.19 -37.44
CA HIS D 365 22.78 12.34 -38.00
C HIS D 365 23.41 12.96 -39.24
N LYS D 366 24.67 12.61 -39.48
CA LYS D 366 25.47 13.30 -40.48
C LYS D 366 24.91 13.14 -41.88
N ASP D 367 24.45 11.94 -42.23
CA ASP D 367 24.11 11.64 -43.61
C ASP D 367 23.06 12.59 -44.19
N ARG D 368 22.10 13.04 -43.39
CA ARG D 368 21.04 13.87 -43.91
C ARG D 368 21.61 15.22 -44.36
N ASP D 369 20.87 15.90 -45.23
CA ASP D 369 21.26 17.23 -45.69
C ASP D 369 21.50 18.15 -44.51
N ASP D 370 22.27 19.21 -44.74
CA ASP D 370 22.73 20.08 -43.67
C ASP D 370 21.56 20.58 -42.83
N VAL D 371 21.50 20.13 -41.60
CA VAL D 371 20.41 20.48 -40.69
C VAL D 371 20.53 21.95 -40.32
N ASN D 372 19.40 22.56 -40.00
CA ASN D 372 19.39 23.97 -39.67
C ASN D 372 18.54 24.32 -38.46
N VAL D 373 17.69 23.42 -38.00
CA VAL D 373 16.68 23.78 -37.01
C VAL D 373 17.16 23.48 -35.60
N GLU D 374 16.54 24.14 -34.63
CA GLU D 374 16.77 23.85 -33.22
C GLU D 374 15.66 22.95 -32.73
N ILE D 375 15.83 22.43 -31.52
CA ILE D 375 14.86 21.55 -30.91
C ILE D 375 14.50 22.09 -29.54
N VAL D 376 13.20 22.15 -29.24
CA VAL D 376 12.69 22.69 -27.99
C VAL D 376 11.77 21.66 -27.38
N PHE D 377 12.15 21.14 -26.21
CA PHE D 377 11.31 20.17 -25.53
C PHE D 377 10.26 20.89 -24.69
N LEU D 378 9.48 20.11 -23.95
CA LEU D 378 8.51 20.63 -23.00
C LEU D 378 7.96 19.46 -22.20
N HIS D 379 7.77 19.68 -20.90
CA HIS D 379 7.42 18.59 -20.00
C HIS D 379 7.17 19.17 -18.62
N ASN D 380 6.38 18.47 -17.82
CA ASN D 380 6.00 18.99 -16.51
C ASN D 380 6.58 18.19 -15.35
N ILE D 381 7.63 17.40 -15.59
CA ILE D 381 8.39 16.76 -14.53
C ILE D 381 9.84 17.17 -14.69
N SER D 382 10.43 17.68 -13.63
CA SER D 382 11.81 18.15 -13.69
C SER D 382 12.72 17.00 -14.10
N PRO D 383 13.49 17.15 -15.18
CA PRO D 383 14.35 16.05 -15.62
C PRO D 383 15.41 15.73 -14.59
N ASN D 384 15.83 14.47 -14.57
CA ASN D 384 16.80 14.00 -13.59
C ASN D 384 18.21 14.06 -14.15
N LEU D 385 19.18 13.69 -13.32
CA LEU D 385 20.58 13.94 -13.63
C LEU D 385 21.01 13.22 -14.90
N GLU D 386 20.64 11.95 -15.04
CA GLU D 386 21.10 11.17 -16.18
C GLU D 386 20.70 11.83 -17.48
N LEU D 387 19.42 12.20 -17.60
CA LEU D 387 18.97 12.93 -18.78
C LEU D 387 19.59 14.32 -18.85
N GLU D 388 19.83 14.93 -17.70
CA GLU D 388 20.49 16.24 -17.68
C GLU D 388 21.81 16.18 -18.40
N ALA D 389 22.53 15.07 -18.27
CA ALA D 389 23.81 14.94 -18.95
C ALA D 389 23.65 15.05 -20.45
N LEU D 390 22.74 14.25 -21.01
CA LEU D 390 22.58 14.25 -22.46
C LEU D 390 22.04 15.59 -22.95
N PHE D 391 21.19 16.23 -22.15
CA PHE D 391 20.73 17.56 -22.53
C PHE D 391 21.90 18.54 -22.57
N LYS D 392 22.80 18.45 -21.60
CA LYS D 392 23.94 19.35 -21.57
C LYS D 392 24.86 19.11 -22.75
N ARG D 393 25.08 17.84 -23.10
CA ARG D 393 26.09 17.51 -24.10
C ARG D 393 25.81 18.19 -25.43
N HIS D 394 24.54 18.32 -25.80
CA HIS D 394 24.17 19.04 -27.01
C HIS D 394 23.81 20.49 -26.68
N PHE D 395 24.75 21.20 -26.06
CA PHE D 395 24.45 22.52 -25.53
C PHE D 395 24.09 23.52 -26.63
N THR D 396 24.53 23.27 -27.87
CA THR D 396 24.32 24.25 -28.91
C THR D 396 22.89 24.26 -29.44
N GLN D 397 22.25 23.10 -29.56
CA GLN D 397 21.04 23.04 -30.36
C GLN D 397 19.88 22.33 -29.66
N VAL D 398 19.83 22.35 -28.34
CA VAL D 398 18.72 21.78 -27.59
C VAL D 398 18.46 22.64 -26.37
N GLU D 399 17.21 23.00 -26.13
CA GLU D 399 16.87 23.80 -24.97
C GLU D 399 15.60 23.27 -24.35
N PHE D 400 15.42 23.57 -23.06
CA PHE D 400 14.41 22.95 -22.22
C PHE D 400 13.60 24.04 -21.54
N TYR D 401 12.34 23.72 -21.23
CA TYR D 401 11.49 24.66 -20.51
C TYR D 401 10.44 23.87 -19.75
N GLN D 402 10.52 23.86 -18.43
CA GLN D 402 9.54 23.13 -17.62
C GLN D 402 8.16 23.74 -17.76
N GLY D 403 7.15 22.90 -17.72
CA GLY D 403 5.77 23.34 -17.78
C GLY D 403 4.91 22.30 -18.44
N SER D 404 3.60 22.44 -18.23
CA SER D 404 2.67 21.53 -18.87
C SER D 404 2.39 21.99 -20.29
N VAL D 405 1.54 21.25 -20.99
CA VAL D 405 1.09 21.64 -22.31
C VAL D 405 -0.39 21.96 -22.34
N LEU D 406 -1.14 21.64 -21.28
CA LEU D 406 -2.55 22.01 -21.24
C LEU D 406 -2.74 23.49 -20.99
N ASN D 407 -1.97 24.08 -20.09
CA ASN D 407 -2.09 25.49 -19.77
C ASN D 407 -1.74 26.35 -20.97
N PRO D 408 -2.64 27.20 -21.46
CA PRO D 408 -2.30 28.04 -22.61
C PRO D 408 -1.14 29.00 -22.36
N HIS D 409 -0.88 29.35 -21.10
CA HIS D 409 0.26 30.23 -20.83
C HIS D 409 1.57 29.55 -21.20
N ASP D 410 1.73 28.28 -20.84
CA ASP D 410 2.94 27.57 -21.22
C ASP D 410 3.12 27.56 -22.73
N LEU D 411 2.07 27.17 -23.46
CA LEU D 411 2.15 27.16 -24.91
C LEU D 411 2.35 28.56 -25.47
N ALA D 412 2.07 29.60 -24.68
CA ALA D 412 2.47 30.94 -25.07
C ALA D 412 3.95 31.17 -24.84
N ARG D 413 4.53 30.50 -23.84
CA ARG D 413 5.94 30.72 -23.54
C ARG D 413 6.82 30.25 -24.70
N VAL D 414 6.58 29.05 -25.21
CA VAL D 414 7.45 28.46 -26.22
C VAL D 414 7.38 29.18 -27.55
N LYS D 415 6.51 30.18 -27.68
CA LYS D 415 6.35 30.93 -28.92
C LYS D 415 5.98 29.99 -30.08
N ILE D 416 4.81 29.36 -29.92
CA ILE D 416 4.35 28.39 -30.90
C ILE D 416 3.73 29.03 -32.13
N GLU D 417 3.44 30.34 -32.08
CA GLU D 417 2.93 31.02 -33.27
C GLU D 417 3.94 30.97 -34.40
N SER D 418 5.19 31.30 -34.10
CA SER D 418 6.25 31.28 -35.10
C SER D 418 6.83 29.89 -35.30
N ALA D 419 6.36 28.90 -34.57
CA ALA D 419 6.87 27.55 -34.70
C ALA D 419 6.59 27.01 -36.10
N ASP D 420 7.31 25.97 -36.48
CA ASP D 420 7.14 25.38 -37.79
C ASP D 420 6.30 24.12 -37.72
N ALA D 421 6.52 23.30 -36.69
CA ALA D 421 5.75 22.07 -36.54
C ALA D 421 5.85 21.61 -35.10
N CYS D 422 4.99 20.67 -34.75
CA CYS D 422 4.98 20.09 -33.42
C CYS D 422 5.11 18.58 -33.52
N LEU D 423 5.65 17.97 -32.48
CA LEU D 423 5.75 16.52 -32.40
C LEU D 423 5.19 16.03 -31.08
N ILE D 424 4.65 14.82 -31.11
CA ILE D 424 4.13 14.17 -29.91
C ILE D 424 4.73 12.79 -29.82
N LEU D 425 5.21 12.43 -28.64
CA LEU D 425 5.76 11.10 -28.39
C LEU D 425 4.89 10.38 -27.38
N ALA D 426 4.47 9.16 -27.72
CA ALA D 426 3.53 8.42 -26.91
C ALA D 426 4.16 7.14 -26.38
N ASN D 427 3.69 6.70 -25.22
CA ASN D 427 4.25 5.54 -24.54
C ASN D 427 3.94 4.28 -25.34
N LYS D 428 4.97 3.70 -25.96
CA LYS D 428 4.77 2.46 -26.70
C LYS D 428 4.48 1.30 -25.75
N TYR D 429 5.26 1.18 -24.69
CA TYR D 429 5.06 0.10 -23.73
C TYR D 429 4.16 0.53 -22.57
N CYS D 430 2.99 1.06 -22.87
CA CYS D 430 2.08 1.45 -21.81
C CYS D 430 1.46 0.22 -21.14
N ALA D 431 0.64 0.47 -20.13
CA ALA D 431 -0.08 -0.60 -19.45
C ALA D 431 -1.52 -0.71 -19.97
N ASP D 432 -2.27 0.39 -19.86
CA ASP D 432 -3.61 0.44 -20.44
C ASP D 432 -3.55 1.30 -21.69
N PRO D 433 -3.69 0.73 -22.88
CA PRO D 433 -3.60 1.54 -24.09
C PRO D 433 -4.61 2.67 -24.16
N ASP D 434 -5.83 2.44 -23.65
CA ASP D 434 -6.90 3.43 -23.82
C ASP D 434 -6.55 4.76 -23.15
N ALA D 435 -5.99 4.69 -21.94
CA ALA D 435 -5.68 5.93 -21.22
C ALA D 435 -4.65 6.76 -21.97
N GLU D 436 -3.58 6.11 -22.43
CA GLU D 436 -2.57 6.82 -23.22
C GLU D 436 -3.19 7.40 -24.48
N ASP D 437 -4.05 6.61 -25.12
CA ASP D 437 -4.75 7.09 -26.32
C ASP D 437 -5.48 8.38 -26.03
N ALA D 438 -6.31 8.38 -24.99
CA ALA D 438 -7.12 9.56 -24.69
C ALA D 438 -6.25 10.75 -24.31
N SER D 439 -5.18 10.49 -23.56
CA SER D 439 -4.31 11.59 -23.17
C SER D 439 -3.68 12.26 -24.39
N ASN D 440 -3.19 11.46 -25.34
CA ASN D 440 -2.65 12.05 -26.55
C ASN D 440 -3.73 12.78 -27.34
N ILE D 441 -4.94 12.23 -27.35
CA ILE D 441 -6.05 12.90 -28.01
C ILE D 441 -6.23 14.30 -27.42
N MET D 442 -6.28 14.39 -26.09
CA MET D 442 -6.49 15.67 -25.45
C MET D 442 -5.34 16.62 -25.73
N ARG D 443 -4.12 16.11 -25.76
CA ARG D 443 -2.97 16.97 -26.07
C ARG D 443 -3.13 17.58 -27.45
N VAL D 444 -3.52 16.76 -28.42
CA VAL D 444 -3.78 17.28 -29.76
C VAL D 444 -4.87 18.32 -29.72
N ILE D 445 -5.94 18.04 -28.95
CA ILE D 445 -7.06 18.97 -28.86
C ILE D 445 -6.59 20.33 -28.37
N SER D 446 -5.81 20.35 -27.29
CA SER D 446 -5.38 21.62 -26.72
C SER D 446 -4.48 22.37 -27.68
N ILE D 447 -3.49 21.67 -28.26
CA ILE D 447 -2.58 22.35 -29.18
C ILE D 447 -3.34 22.95 -30.34
N LYS D 448 -4.34 22.23 -30.85
CA LYS D 448 -5.19 22.81 -31.87
C LYS D 448 -5.98 23.99 -31.33
N ASN D 449 -6.40 23.92 -30.06
CA ASN D 449 -7.19 24.98 -29.48
C ASN D 449 -6.43 26.29 -29.49
N TYR D 450 -5.14 26.26 -29.18
CA TYR D 450 -4.40 27.51 -29.20
C TYR D 450 -4.29 28.07 -30.62
N HIS D 451 -4.13 27.22 -31.63
CA HIS D 451 -3.89 27.72 -32.96
C HIS D 451 -4.32 26.70 -33.99
N PRO D 452 -4.97 27.13 -35.08
CA PRO D 452 -5.44 26.17 -36.08
C PRO D 452 -4.44 25.82 -37.17
N LYS D 453 -3.53 26.74 -37.51
CA LYS D 453 -2.68 26.57 -38.68
C LYS D 453 -1.43 25.75 -38.40
N ILE D 454 -1.24 25.30 -37.15
CA ILE D 454 -0.07 24.50 -36.82
C ILE D 454 -0.18 23.12 -37.48
N ARG D 455 0.97 22.47 -37.63
CA ARG D 455 1.03 21.10 -38.07
C ARG D 455 1.29 20.20 -36.87
N ILE D 456 0.73 18.99 -36.91
CA ILE D 456 0.90 18.02 -35.84
C ILE D 456 1.36 16.71 -36.46
N ILE D 457 2.29 16.04 -35.78
CA ILE D 457 2.70 14.69 -36.11
C ILE D 457 2.76 13.92 -34.82
N THR D 458 2.04 12.80 -34.74
CA THR D 458 1.86 12.14 -33.46
C THR D 458 1.86 10.62 -33.61
N GLN D 459 1.61 9.96 -32.50
CA GLN D 459 1.51 8.51 -32.41
C GLN D 459 0.11 8.15 -31.94
N MET D 460 -0.23 6.87 -32.10
CA MET D 460 -1.52 6.40 -31.63
C MET D 460 -1.31 4.92 -31.27
N LEU D 461 -2.34 4.26 -30.80
CA LEU D 461 -1.99 2.88 -30.49
C LEU D 461 -2.91 1.83 -31.09
N GLN D 462 -4.21 2.08 -31.16
CA GLN D 462 -5.13 1.19 -31.84
C GLN D 462 -5.71 1.88 -33.06
N TYR D 463 -6.00 1.09 -34.10
CA TYR D 463 -6.55 1.69 -35.30
C TYR D 463 -7.94 2.24 -35.08
N HIS D 464 -8.75 1.58 -34.24
CA HIS D 464 -10.13 2.02 -34.05
C HIS D 464 -10.17 3.39 -33.36
N ASN D 465 -9.29 3.62 -32.39
CA ASN D 465 -9.23 4.92 -31.75
C ASN D 465 -8.68 6.00 -32.67
N LYS D 466 -7.97 5.62 -33.73
CA LYS D 466 -7.41 6.59 -34.65
C LYS D 466 -8.50 7.43 -35.32
N ALA D 467 -9.71 6.89 -35.40
CA ALA D 467 -10.78 7.58 -36.11
C ALA D 467 -11.12 8.91 -35.45
N HIS D 468 -11.15 8.94 -34.12
CA HIS D 468 -11.61 10.13 -33.40
C HIS D 468 -10.85 11.37 -33.83
N LEU D 469 -9.58 11.24 -34.19
CA LEU D 469 -8.75 12.36 -34.58
C LEU D 469 -9.01 12.82 -36.00
N LEU D 470 -10.14 12.41 -36.59
CA LEU D 470 -10.53 12.86 -37.92
C LEU D 470 -11.60 13.93 -37.87
N ASN D 471 -11.83 14.48 -36.67
CA ASN D 471 -12.98 15.40 -36.49
C ASN D 471 -12.57 16.81 -36.04
N ILE D 472 -11.51 16.96 -35.24
CA ILE D 472 -11.19 18.32 -34.72
C ILE D 472 -11.11 19.19 -35.95
N PRO D 473 -11.62 20.43 -35.94
CA PRO D 473 -11.75 21.19 -37.17
C PRO D 473 -10.58 21.48 -38.10
N SER D 474 -9.35 21.46 -37.62
CA SER D 474 -8.29 21.85 -38.59
C SER D 474 -7.21 20.77 -38.86
N TRP D 475 -7.51 19.49 -38.68
CA TRP D 475 -6.55 18.41 -39.00
C TRP D 475 -6.64 18.21 -40.50
N ASN D 476 -6.05 19.11 -41.29
CA ASN D 476 -6.24 19.00 -42.76
C ASN D 476 -5.26 17.98 -43.35
N TRP D 477 -5.77 16.82 -43.81
CA TRP D 477 -4.91 15.74 -44.40
C TRP D 477 -4.24 16.25 -45.67
N LYS D 478 -4.95 17.06 -46.45
CA LYS D 478 -4.34 17.66 -47.67
C LYS D 478 -3.19 18.54 -47.22
N GLU D 479 -3.35 19.19 -46.07
CA GLU D 479 -2.24 20.00 -45.54
C GLU D 479 -1.27 19.10 -44.76
N GLY D 480 -0.36 19.66 -43.99
CA GLY D 480 0.70 18.85 -43.35
C GLY D 480 0.26 17.78 -42.38
N ASP D 481 -0.94 17.86 -41.80
CA ASP D 481 -1.30 16.91 -40.71
C ASP D 481 -1.15 15.46 -41.17
N ASP D 482 -0.71 14.58 -40.26
CA ASP D 482 -0.52 13.15 -40.58
C ASP D 482 -0.56 12.37 -39.28
N ALA D 483 -0.60 11.04 -39.34
CA ALA D 483 -0.53 10.25 -38.11
C ALA D 483 0.31 8.98 -38.32
N ILE D 484 0.94 8.45 -37.26
CA ILE D 484 1.75 7.22 -37.36
C ILE D 484 1.15 6.20 -36.41
N CYS D 485 0.22 5.38 -36.89
CA CYS D 485 -0.45 4.35 -36.11
C CYS D 485 0.48 3.16 -36.00
N LEU D 486 0.98 2.90 -34.80
CA LEU D 486 1.96 1.83 -34.61
C LEU D 486 1.38 0.48 -35.00
N ALA D 487 0.19 0.16 -34.49
CA ALA D 487 -0.38 -1.15 -34.77
C ALA D 487 -0.63 -1.35 -36.26
N GLU D 488 -1.15 -0.31 -36.93
CA GLU D 488 -1.43 -0.43 -38.35
C GLU D 488 -0.17 -0.75 -39.14
N LEU D 489 0.88 0.04 -38.94
CA LEU D 489 2.11 -0.21 -39.67
C LEU D 489 2.72 -1.55 -39.30
N LYS D 490 2.61 -1.95 -38.04
CA LYS D 490 3.15 -3.23 -37.61
C LYS D 490 2.51 -4.38 -38.37
N LEU D 491 1.20 -4.49 -38.26
CA LEU D 491 0.51 -5.58 -38.94
C LEU D 491 0.67 -5.47 -40.45
N GLY D 492 0.78 -4.24 -40.96
CA GLY D 492 0.98 -4.07 -42.38
C GLY D 492 2.31 -4.63 -42.85
N PHE D 493 3.38 -4.31 -42.13
CA PHE D 493 4.67 -4.92 -42.46
C PHE D 493 4.57 -6.44 -42.44
N ILE D 494 4.02 -7.00 -41.37
CA ILE D 494 3.99 -8.46 -41.27
C ILE D 494 3.23 -9.05 -42.45
N ALA D 495 2.05 -8.50 -42.73
CA ALA D 495 1.23 -9.04 -43.81
C ALA D 495 1.93 -8.91 -45.16
N GLN D 496 2.42 -7.70 -45.47
CA GLN D 496 3.06 -7.50 -46.75
C GLN D 496 4.27 -8.41 -46.92
N SER D 497 4.94 -8.75 -45.81
CA SER D 497 6.01 -9.74 -45.91
C SER D 497 5.49 -11.16 -46.04
N CYS D 498 4.26 -11.42 -45.62
CA CYS D 498 3.72 -12.76 -45.83
C CYS D 498 3.77 -13.17 -47.29
N LEU D 499 3.61 -12.21 -48.20
CA LEU D 499 3.69 -12.55 -49.62
C LEU D 499 5.09 -13.01 -50.02
N ALA D 500 6.11 -12.35 -49.48
CA ALA D 500 7.48 -12.67 -49.87
C ALA D 500 8.38 -12.49 -48.64
N GLN D 501 9.11 -13.55 -48.31
CA GLN D 501 9.86 -13.58 -47.06
C GLN D 501 10.91 -12.49 -47.01
N GLY D 502 11.00 -11.83 -45.86
CA GLY D 502 12.09 -10.92 -45.57
C GLY D 502 11.82 -9.46 -45.85
N LEU D 503 10.75 -9.15 -46.57
CA LEU D 503 10.51 -7.75 -46.94
C LEU D 503 10.43 -6.85 -45.72
N SER D 504 10.00 -7.41 -44.59
CA SER D 504 9.92 -6.65 -43.35
C SER D 504 11.22 -5.93 -43.04
N THR D 505 12.31 -6.69 -42.96
CA THR D 505 13.59 -6.08 -42.64
C THR D 505 14.03 -5.10 -43.73
N MET D 506 13.81 -5.46 -44.99
CA MET D 506 14.26 -4.58 -46.07
C MET D 506 13.64 -3.21 -45.94
N LEU D 507 12.34 -3.14 -45.69
CA LEU D 507 11.71 -1.84 -45.47
C LEU D 507 12.22 -1.21 -44.18
N ALA D 508 12.19 -1.95 -43.07
CA ALA D 508 12.46 -1.34 -41.77
C ALA D 508 13.87 -0.80 -41.66
N ASN D 509 14.80 -1.28 -42.46
CA ASN D 509 16.14 -0.72 -42.43
C ASN D 509 16.30 0.51 -43.31
N LEU D 510 15.32 0.83 -44.14
CA LEU D 510 15.43 2.00 -44.98
C LEU D 510 15.14 3.30 -44.25
N PHE D 511 14.65 3.24 -43.02
CA PHE D 511 14.19 4.43 -42.31
C PHE D 511 14.95 4.63 -41.00
N SER D 512 16.22 4.26 -40.97
CA SER D 512 17.10 4.52 -39.83
C SER D 512 18.45 4.96 -40.39
N MET D 513 18.82 6.20 -40.12
CA MET D 513 20.07 6.74 -40.67
C MET D 513 21.25 5.92 -40.16
N ARG D 514 22.11 5.49 -41.09
CA ARG D 514 23.25 4.66 -40.72
C ARG D 514 24.41 4.98 -41.64
N SER D 515 25.62 4.83 -41.10
CA SER D 515 26.85 5.12 -41.82
C SER D 515 27.49 3.81 -42.27
N PHE D 516 27.94 3.78 -43.51
CA PHE D 516 28.53 2.58 -44.08
C PHE D 516 29.77 2.18 -43.29
N ILE D 517 29.94 0.87 -43.09
CA ILE D 517 30.97 0.34 -42.21
C ILE D 517 31.83 -0.63 -42.99
N LYS D 518 33.03 -0.89 -42.49
CA LYS D 518 33.96 -1.85 -43.06
C LYS D 518 34.30 -2.92 -42.04
N ILE D 519 34.13 -4.19 -42.43
CA ILE D 519 34.63 -5.33 -41.68
C ILE D 519 35.19 -6.34 -42.67
N GLU D 520 36.26 -7.04 -42.27
CA GLU D 520 37.02 -7.89 -43.16
C GLU D 520 36.70 -9.37 -43.05
N GLU D 521 36.37 -9.85 -41.86
CA GLU D 521 36.19 -11.28 -41.65
C GLU D 521 35.02 -11.80 -42.48
N ASP D 522 35.32 -12.70 -43.41
CA ASP D 522 34.32 -13.14 -44.39
C ASP D 522 33.16 -13.83 -43.68
N THR D 523 31.96 -13.31 -43.91
CA THR D 523 30.72 -13.82 -43.33
C THR D 523 29.57 -13.00 -43.91
N TRP D 524 28.35 -13.39 -43.55
CA TRP D 524 27.18 -12.63 -43.97
C TRP D 524 27.21 -11.20 -43.46
N GLN D 525 27.87 -10.97 -42.32
CA GLN D 525 27.79 -9.66 -41.67
C GLN D 525 28.29 -8.54 -42.56
N LYS D 526 29.39 -8.78 -43.28
CA LYS D 526 29.97 -7.70 -44.08
C LYS D 526 29.01 -7.28 -45.19
N TYR D 527 28.50 -8.25 -45.94
CA TYR D 527 27.57 -7.91 -47.02
C TYR D 527 26.30 -7.27 -46.48
N TYR D 528 25.78 -7.80 -45.37
CA TYR D 528 24.54 -7.24 -44.82
C TYR D 528 24.74 -5.81 -44.35
N LEU D 529 25.87 -5.52 -43.71
CA LEU D 529 26.18 -4.14 -43.35
C LEU D 529 26.30 -3.27 -44.59
N GLU D 530 26.98 -3.76 -45.63
CA GLU D 530 27.06 -3.00 -46.86
C GLU D 530 25.68 -2.68 -47.40
N GLY D 531 24.72 -3.56 -47.15
CA GLY D 531 23.36 -3.30 -47.61
C GLY D 531 22.66 -2.24 -46.78
N VAL D 532 22.64 -2.43 -45.46
CA VAL D 532 21.83 -1.58 -44.60
C VAL D 532 22.24 -0.12 -44.63
N SER D 533 23.42 0.19 -45.17
CA SER D 533 23.89 1.57 -45.18
C SER D 533 22.96 2.48 -45.97
N ASN D 534 22.18 1.91 -46.88
CA ASN D 534 21.37 2.73 -47.77
C ASN D 534 20.22 3.37 -47.02
N GLU D 535 19.68 4.44 -47.61
CA GLU D 535 18.52 5.15 -47.10
C GLU D 535 17.70 5.62 -48.28
N MET D 536 16.58 6.28 -47.97
CA MET D 536 15.60 6.72 -48.96
C MET D 536 15.47 8.24 -48.90
N TYR D 537 15.48 8.88 -50.07
CA TYR D 537 15.43 10.34 -50.15
C TYR D 537 14.54 10.75 -51.30
N THR D 538 14.32 12.06 -51.41
CA THR D 538 13.41 12.62 -52.39
C THR D 538 14.04 13.86 -53.02
N GLU D 539 13.64 14.15 -54.25
CA GLU D 539 14.20 15.30 -54.95
C GLU D 539 13.40 15.57 -56.21
N TYR D 540 13.44 16.82 -56.66
CA TYR D 540 12.86 17.19 -57.94
C TYR D 540 13.69 16.61 -59.08
N LEU D 541 13.10 16.62 -60.27
CA LEU D 541 13.72 16.05 -61.45
C LEU D 541 14.22 17.16 -62.38
N SER D 542 15.40 16.94 -62.96
CA SER D 542 15.88 17.85 -64.00
C SER D 542 14.92 17.83 -65.19
N SER D 543 14.60 19.02 -65.69
CA SER D 543 13.62 19.13 -66.76
C SER D 543 14.10 18.56 -68.08
N ALA D 544 15.39 18.24 -68.20
CA ALA D 544 15.89 17.65 -69.44
C ALA D 544 15.27 16.28 -69.73
N PHE D 545 14.68 15.63 -68.72
CA PHE D 545 14.17 14.27 -68.87
C PHE D 545 12.67 14.22 -69.06
N VAL D 546 12.01 15.37 -69.26
CA VAL D 546 10.56 15.38 -69.33
C VAL D 546 10.07 14.73 -70.62
N GLY D 547 10.86 14.81 -71.69
CA GLY D 547 10.42 14.37 -72.99
C GLY D 547 10.57 12.89 -73.27
N LEU D 548 10.84 12.07 -72.26
CA LEU D 548 11.06 10.64 -72.45
C LEU D 548 10.06 9.84 -71.63
N SER D 549 10.29 8.53 -71.57
CA SER D 549 9.39 7.59 -70.94
C SER D 549 9.91 7.16 -69.58
N PHE D 550 8.98 6.81 -68.70
CA PHE D 550 9.35 6.24 -67.40
C PHE D 550 10.23 5.01 -67.51
N PRO D 551 9.94 4.01 -68.37
CA PRO D 551 10.88 2.91 -68.50
C PRO D 551 12.27 3.34 -68.91
N THR D 552 12.37 4.35 -69.79
CA THR D 552 13.69 4.83 -70.19
C THR D 552 14.41 5.48 -69.03
N VAL D 553 13.71 6.30 -68.24
CA VAL D 553 14.35 6.96 -67.11
C VAL D 553 14.58 5.99 -65.95
N CYS D 554 14.01 4.79 -66.01
CA CYS D 554 14.47 3.72 -65.13
C CYS D 554 15.93 3.43 -65.40
N GLU D 555 16.31 3.36 -66.68
CA GLU D 555 17.70 3.46 -67.07
C GLU D 555 18.09 4.93 -67.10
N LEU D 556 19.26 5.20 -67.69
CA LEU D 556 19.78 6.56 -67.86
C LEU D 556 20.14 7.18 -66.52
N CYS D 557 19.83 6.47 -65.43
CA CYS D 557 20.22 6.89 -64.09
C CYS D 557 21.13 5.86 -63.43
N PHE D 558 20.70 4.59 -63.39
CA PHE D 558 21.58 3.55 -62.85
C PHE D 558 22.81 3.39 -63.72
N VAL D 559 22.63 3.41 -65.04
CA VAL D 559 23.77 3.28 -65.94
C VAL D 559 24.65 4.53 -65.89
N LYS D 560 24.02 5.70 -65.72
CA LYS D 560 24.74 6.96 -65.82
C LYS D 560 25.13 7.56 -64.48
N LEU D 561 24.44 7.20 -63.39
CA LEU D 561 24.70 7.82 -62.10
C LEU D 561 24.80 6.85 -60.94
N LYS D 562 24.64 5.55 -61.18
CA LYS D 562 24.71 4.54 -60.11
C LYS D 562 23.66 4.82 -59.04
N LEU D 563 22.47 5.23 -59.46
CA LEU D 563 21.39 5.58 -58.55
C LEU D 563 20.10 4.91 -58.99
N LEU D 564 19.26 4.57 -58.01
CA LEU D 564 18.05 3.79 -58.22
C LEU D 564 16.83 4.57 -57.79
N MET D 565 15.69 4.26 -58.41
CA MET D 565 14.42 4.91 -58.10
C MET D 565 13.33 3.86 -57.93
N ILE D 566 12.26 4.29 -57.26
CA ILE D 566 11.17 3.40 -56.87
C ILE D 566 9.85 3.79 -57.52
N ALA D 567 9.48 5.06 -57.41
CA ALA D 567 8.17 5.50 -57.84
C ALA D 567 8.28 6.92 -58.38
N ILE D 568 7.15 7.60 -58.55
CA ILE D 568 7.12 8.92 -59.16
C ILE D 568 5.98 9.72 -58.51
N GLU D 569 5.99 11.04 -58.75
CA GLU D 569 5.17 11.96 -57.99
C GLU D 569 3.73 12.04 -58.51
N TYR D 570 3.57 12.34 -59.80
CA TYR D 570 2.26 12.65 -60.38
C TYR D 570 1.62 13.83 -59.65
N LYS D 571 2.30 14.98 -59.75
CA LYS D 571 1.98 16.15 -58.95
C LYS D 571 0.81 16.92 -59.56
N SER D 572 0.24 17.80 -58.73
CA SER D 572 -0.74 18.80 -59.17
C SER D 572 -1.90 18.17 -59.92
N ALA D 573 -2.40 17.06 -59.40
CA ALA D 573 -3.60 16.46 -59.98
C ALA D 573 -4.77 17.41 -59.84
N ASN D 574 -5.59 17.50 -60.89
CA ASN D 574 -6.67 18.47 -60.92
C ASN D 574 -7.67 18.24 -59.78
N ARG D 575 -8.00 16.98 -59.51
CA ARG D 575 -8.93 16.64 -58.45
C ARG D 575 -8.21 16.41 -57.12
N GLU D 576 -7.30 15.45 -57.09
CA GLU D 576 -6.57 15.15 -55.86
C GLU D 576 -5.32 14.37 -56.23
N SER D 577 -4.18 14.74 -55.62
CA SER D 577 -2.91 14.12 -55.95
C SER D 577 -2.86 12.67 -55.47
N ARG D 578 -2.10 11.85 -56.19
CA ARG D 578 -1.88 10.46 -55.84
C ARG D 578 -0.43 10.09 -56.16
N ILE D 579 -0.05 8.89 -55.76
CA ILE D 579 1.31 8.37 -55.96
C ILE D 579 1.22 7.06 -56.73
N LEU D 580 2.04 6.94 -57.76
CA LEU D 580 2.12 5.72 -58.56
C LEU D 580 3.43 5.01 -58.29
N ILE D 581 3.36 3.71 -58.02
CA ILE D 581 4.53 2.89 -57.75
C ILE D 581 4.88 2.13 -59.02
N ASN D 582 6.01 2.47 -59.63
CA ASN D 582 6.50 1.78 -60.81
C ASN D 582 5.45 1.74 -61.92
N PRO D 583 5.14 2.89 -62.53
CA PRO D 583 4.01 2.94 -63.46
C PRO D 583 4.16 2.05 -64.68
N GLY D 584 5.23 2.21 -65.44
CA GLY D 584 5.44 1.45 -66.65
C GLY D 584 5.50 2.36 -67.86
N ASN D 585 5.22 1.76 -69.03
CA ASN D 585 5.25 2.47 -70.29
C ASN D 585 3.94 3.17 -70.59
N HIS D 586 2.94 3.06 -69.71
CA HIS D 586 1.66 3.72 -69.95
C HIS D 586 1.79 5.24 -69.87
N LEU D 587 2.73 5.74 -69.07
CA LEU D 587 2.85 7.16 -68.77
C LEU D 587 4.25 7.66 -69.12
N LYS D 588 4.32 8.72 -69.91
CA LYS D 588 5.57 9.39 -70.18
C LYS D 588 5.89 10.38 -69.05
N ILE D 589 7.11 10.93 -69.08
CA ILE D 589 7.52 11.85 -68.03
C ILE D 589 6.76 13.17 -68.17
N GLN D 590 6.22 13.64 -67.05
CA GLN D 590 5.59 14.95 -67.00
C GLN D 590 6.67 16.03 -66.87
N GLU D 591 6.21 17.25 -66.61
CA GLU D 591 7.12 18.38 -66.50
C GLU D 591 7.45 18.69 -65.04
N GLY D 592 8.72 18.59 -64.69
CA GLY D 592 9.17 19.04 -63.38
C GLY D 592 8.53 18.35 -62.20
N THR D 593 8.47 17.02 -62.22
CA THR D 593 7.84 16.30 -61.13
C THR D 593 8.86 15.91 -60.06
N LEU D 594 8.34 15.61 -58.88
CA LEU D 594 9.13 15.12 -57.77
C LEU D 594 9.40 13.63 -57.94
N GLY D 595 10.35 13.11 -57.17
CA GLY D 595 10.63 11.69 -57.24
C GLY D 595 11.39 11.20 -56.03
N PHE D 596 11.43 9.87 -55.90
CA PHE D 596 12.07 9.20 -54.78
C PHE D 596 13.25 8.39 -55.29
N PHE D 597 14.22 8.18 -54.40
CA PHE D 597 15.43 7.44 -54.73
C PHE D 597 15.97 6.77 -53.48
N ILE D 598 16.84 5.78 -53.69
CA ILE D 598 17.50 5.06 -52.61
C ILE D 598 18.99 5.08 -52.87
N ALA D 599 19.77 5.48 -51.87
CA ALA D 599 21.21 5.57 -52.03
C ALA D 599 21.84 5.79 -50.66
N SER D 600 23.16 5.97 -50.65
CA SER D 600 23.90 6.04 -49.39
C SER D 600 23.71 7.39 -48.71
N ASP D 601 23.54 8.46 -49.47
CA ASP D 601 23.45 9.78 -48.89
C ASP D 601 22.68 10.70 -49.83
N ALA D 602 21.95 11.65 -49.23
CA ALA D 602 21.13 12.57 -50.02
C ALA D 602 21.98 13.49 -50.87
N LYS D 603 23.18 13.84 -50.41
CA LYS D 603 24.07 14.66 -51.22
C LYS D 603 24.38 13.98 -52.53
N GLU D 604 24.60 12.67 -52.50
CA GLU D 604 24.75 11.92 -53.74
C GLU D 604 23.45 11.89 -54.54
N VAL D 605 22.31 11.98 -53.84
CA VAL D 605 21.03 11.95 -54.55
C VAL D 605 20.86 13.20 -55.39
N LYS D 606 21.26 14.36 -54.86
CA LYS D 606 20.94 15.62 -55.50
C LYS D 606 21.56 15.79 -56.89
N ARG D 607 22.55 14.98 -57.26
CA ARG D 607 23.25 15.20 -58.52
C ARG D 607 22.31 15.14 -59.72
N ALA D 608 21.15 14.50 -59.59
CA ALA D 608 20.18 14.46 -60.66
C ALA D 608 19.44 15.78 -60.86
N PHE D 609 19.84 16.84 -60.14
CA PHE D 609 19.17 18.13 -60.30
C PHE D 609 19.41 18.70 -61.69
N PHE D 610 20.59 18.46 -62.25
CA PHE D 610 20.97 18.99 -63.55
C PHE D 610 21.89 18.00 -64.24
N TYR D 611 21.64 17.75 -65.52
CA TYR D 611 22.41 16.75 -66.28
C TYR D 611 22.43 17.12 -67.75
N CYS D 612 23.61 17.48 -68.24
CA CYS D 612 23.86 17.67 -69.67
C CYS D 612 25.36 17.85 -69.86
N LYS D 613 25.89 17.26 -70.93
CA LYS D 613 27.32 17.31 -71.23
C LYS D 613 28.15 16.81 -70.05
N ALA D 614 27.97 15.53 -69.72
CA ALA D 614 28.72 14.88 -68.66
C ALA D 614 29.21 13.52 -69.14
N CYS D 615 30.53 13.36 -69.18
CA CYS D 615 31.17 12.12 -69.63
C CYS D 615 30.66 11.68 -71.00
N ASN D 740 -23.56 -10.12 -62.76
CA ASN D 740 -22.31 -9.43 -62.43
C ASN D 740 -22.42 -8.71 -61.10
N VAL D 741 -22.09 -9.41 -60.00
CA VAL D 741 -22.30 -8.88 -58.66
C VAL D 741 -21.12 -9.24 -57.77
N LYS D 742 -20.81 -8.34 -56.83
CA LYS D 742 -20.01 -8.65 -55.64
C LYS D 742 -18.58 -9.11 -55.98
N LYS D 743 -18.04 -8.67 -57.11
CA LYS D 743 -16.64 -8.97 -57.39
C LYS D 743 -15.70 -8.21 -56.45
N TYR D 744 -16.03 -6.97 -56.12
CA TYR D 744 -15.16 -6.15 -55.31
C TYR D 744 -16.01 -5.25 -54.42
N ASP D 745 -15.37 -4.22 -53.86
CA ASP D 745 -16.08 -3.26 -53.03
C ASP D 745 -16.51 -2.05 -53.83
N SER D 746 -17.03 -1.05 -53.13
CA SER D 746 -17.37 0.22 -53.77
C SER D 746 -16.13 0.91 -54.31
N THR D 747 -15.05 0.95 -53.52
CA THR D 747 -13.88 1.71 -53.94
C THR D 747 -13.14 1.04 -55.08
N GLY D 748 -12.90 -0.26 -54.97
CA GLY D 748 -12.10 -0.97 -55.95
C GLY D 748 -10.77 -1.48 -55.46
N MET D 749 -10.50 -1.42 -54.16
CA MET D 749 -9.24 -1.89 -53.59
C MET D 749 -9.37 -3.20 -52.83
N PHE D 750 -10.56 -3.77 -52.72
CA PHE D 750 -10.76 -4.95 -51.89
C PHE D 750 -11.85 -5.84 -52.49
N HIS D 751 -11.64 -7.14 -52.43
CA HIS D 751 -12.68 -8.10 -52.79
C HIS D 751 -13.74 -8.14 -51.70
N TRP D 752 -14.96 -8.49 -52.10
CA TRP D 752 -16.10 -8.34 -51.20
C TRP D 752 -17.15 -9.41 -51.44
N CYS D 753 -17.91 -9.69 -50.40
CA CYS D 753 -19.02 -10.64 -50.45
C CYS D 753 -19.97 -10.34 -49.30
N ALA D 754 -20.89 -11.28 -49.05
CA ALA D 754 -21.90 -11.11 -48.03
C ALA D 754 -21.41 -11.60 -46.68
N PRO D 755 -21.98 -11.08 -45.58
CA PRO D 755 -21.56 -11.51 -44.25
C PRO D 755 -21.95 -12.96 -43.98
N LYS D 756 -21.49 -13.46 -42.83
CA LYS D 756 -21.63 -14.87 -42.47
C LYS D 756 -21.91 -14.96 -40.97
N GLU D 757 -21.82 -16.18 -40.45
CA GLU D 757 -22.06 -16.47 -39.03
C GLU D 757 -20.98 -17.41 -38.52
N ILE D 758 -20.88 -17.51 -37.20
CA ILE D 758 -19.80 -18.32 -36.60
C ILE D 758 -19.95 -19.78 -36.99
N GLU D 759 -21.17 -20.32 -36.92
CA GLU D 759 -21.37 -21.74 -37.23
C GLU D 759 -21.07 -22.06 -38.68
N LYS D 760 -21.18 -21.08 -39.58
CA LYS D 760 -20.88 -21.33 -40.98
C LYS D 760 -19.40 -21.52 -41.24
N VAL D 761 -18.54 -21.15 -40.28
CA VAL D 761 -17.10 -21.18 -40.49
C VAL D 761 -16.36 -21.97 -39.41
N ILE D 762 -16.96 -22.16 -38.23
CA ILE D 762 -16.28 -22.90 -37.17
C ILE D 762 -16.07 -24.34 -37.61
N LEU D 763 -14.82 -24.80 -37.54
CA LEU D 763 -14.46 -26.16 -37.92
C LEU D 763 -14.11 -26.97 -36.68
N THR D 764 -13.91 -28.27 -36.89
CA THR D 764 -13.45 -29.17 -35.84
C THR D 764 -12.29 -30.00 -36.36
N ARG D 765 -11.56 -30.62 -35.42
CA ARG D 765 -10.40 -31.41 -35.80
C ARG D 765 -10.78 -32.52 -36.76
N SER D 766 -11.85 -33.24 -36.47
CA SER D 766 -12.33 -34.26 -37.39
C SER D 766 -12.69 -33.64 -38.73
N GLU D 767 -13.39 -32.51 -38.71
CA GLU D 767 -13.67 -31.79 -39.96
C GLU D 767 -12.39 -31.32 -40.62
N ALA D 768 -11.42 -30.87 -39.83
CA ALA D 768 -10.12 -30.49 -40.39
C ALA D 768 -9.43 -31.66 -41.06
N ALA D 769 -9.76 -32.89 -40.67
CA ALA D 769 -9.12 -34.05 -41.27
C ALA D 769 -9.48 -34.16 -42.75
N MET D 770 -10.77 -34.09 -43.08
CA MET D 770 -11.18 -34.28 -44.47
C MET D 770 -10.64 -33.17 -45.36
N THR D 771 -10.71 -31.92 -44.91
CA THR D 771 -10.32 -30.80 -45.75
C THR D 771 -8.83 -30.83 -46.04
N VAL D 772 -8.45 -30.24 -47.17
CA VAL D 772 -7.08 -30.22 -47.63
C VAL D 772 -6.67 -28.78 -47.92
N LEU D 773 -5.46 -28.42 -47.52
CA LEU D 773 -4.93 -27.09 -47.73
C LEU D 773 -3.57 -27.20 -48.40
N SER D 774 -3.04 -26.06 -48.84
CA SER D 774 -1.74 -26.04 -49.49
C SER D 774 -1.26 -24.61 -49.64
N GLY D 775 0.01 -24.38 -49.33
CA GLY D 775 0.65 -23.10 -49.60
C GLY D 775 -0.06 -21.93 -48.97
N HIS D 776 -0.40 -22.04 -47.69
CA HIS D 776 -1.23 -21.06 -47.03
C HIS D 776 -0.54 -20.51 -45.79
N VAL D 777 -1.29 -19.73 -45.02
CA VAL D 777 -0.79 -19.02 -43.86
C VAL D 777 -1.68 -19.35 -42.67
N VAL D 778 -1.08 -19.39 -41.48
CA VAL D 778 -1.82 -19.64 -40.25
C VAL D 778 -1.43 -18.59 -39.22
N VAL D 779 -2.43 -18.13 -38.46
CA VAL D 779 -2.25 -17.09 -37.47
C VAL D 779 -2.58 -17.66 -36.10
N CYS D 780 -1.61 -17.68 -35.20
CA CYS D 780 -1.80 -18.19 -33.85
C CYS D 780 -1.86 -17.03 -32.88
N ILE D 781 -2.97 -16.93 -32.15
CA ILE D 781 -3.21 -15.80 -31.26
C ILE D 781 -3.58 -16.31 -29.89
N PHE D 782 -2.91 -15.80 -28.86
CA PHE D 782 -3.21 -16.19 -27.48
C PHE D 782 -4.19 -15.23 -26.82
N GLY D 783 -5.31 -14.99 -27.48
CA GLY D 783 -6.28 -14.04 -26.94
C GLY D 783 -6.95 -14.54 -25.69
N ASP D 784 -7.47 -13.59 -24.91
CA ASP D 784 -8.16 -13.89 -23.66
C ASP D 784 -9.37 -12.99 -23.54
N VAL D 785 -10.32 -13.43 -22.72
CA VAL D 785 -11.55 -12.65 -22.55
C VAL D 785 -11.28 -11.35 -21.81
N SER D 786 -10.20 -11.30 -21.03
CA SER D 786 -9.87 -10.12 -20.23
C SER D 786 -8.68 -9.35 -20.80
N SER D 787 -8.59 -9.25 -22.12
CA SER D 787 -7.49 -8.55 -22.77
C SER D 787 -8.04 -7.61 -23.83
N ALA D 788 -7.16 -6.76 -24.36
CA ALA D 788 -7.55 -5.76 -25.33
C ALA D 788 -7.47 -6.30 -26.74
N LEU D 789 -7.90 -5.47 -27.70
CA LEU D 789 -7.87 -5.84 -29.10
C LEU D 789 -6.44 -5.74 -29.64
N ILE D 790 -6.27 -6.17 -30.89
CA ILE D 790 -5.02 -5.96 -31.62
C ILE D 790 -5.35 -5.29 -32.95
N GLY D 791 -6.57 -5.47 -33.42
CA GLY D 791 -6.94 -4.87 -34.69
C GLY D 791 -6.69 -5.84 -35.82
N LEU D 792 -7.03 -7.11 -35.58
CA LEU D 792 -6.82 -8.17 -36.55
C LEU D 792 -7.29 -7.79 -37.95
N ARG D 793 -8.28 -6.91 -38.04
CA ARG D 793 -8.76 -6.47 -39.35
C ARG D 793 -7.61 -6.04 -40.24
N ASN D 794 -6.69 -5.27 -39.68
CA ASN D 794 -5.65 -4.70 -40.52
C ASN D 794 -4.61 -5.72 -40.96
N LEU D 795 -4.62 -6.94 -40.42
CA LEU D 795 -3.66 -7.94 -40.88
C LEU D 795 -4.07 -8.49 -42.24
N VAL D 796 -5.21 -9.16 -42.30
CA VAL D 796 -5.63 -9.81 -43.52
C VAL D 796 -6.04 -8.81 -44.58
N MET D 797 -6.34 -7.58 -44.17
CA MET D 797 -6.91 -6.61 -45.11
C MET D 797 -5.99 -6.34 -46.30
N PRO D 798 -4.70 -6.04 -46.12
CA PRO D 798 -3.84 -5.89 -47.29
C PRO D 798 -3.65 -7.16 -48.08
N LEU D 799 -3.79 -8.33 -47.44
CA LEU D 799 -3.62 -9.59 -48.15
C LEU D 799 -4.65 -9.72 -49.26
N ARG D 800 -5.92 -9.51 -48.94
CA ARG D 800 -6.97 -9.68 -49.93
C ARG D 800 -7.09 -8.45 -50.81
N ALA D 801 -5.98 -8.03 -51.39
CA ALA D 801 -5.99 -6.87 -52.27
C ALA D 801 -6.79 -7.18 -53.53
N SER D 802 -7.45 -6.15 -54.06
CA SER D 802 -8.25 -6.33 -55.27
C SER D 802 -7.40 -6.60 -56.50
N ASN D 803 -6.07 -6.43 -56.42
CA ASN D 803 -5.20 -6.58 -57.56
C ASN D 803 -4.58 -7.98 -57.66
N PHE D 804 -5.27 -8.99 -57.13
CA PHE D 804 -4.83 -10.38 -57.21
C PHE D 804 -5.93 -11.24 -57.78
N HIS D 805 -5.55 -12.15 -58.67
CA HIS D 805 -6.53 -13.05 -59.28
C HIS D 805 -7.21 -13.90 -58.23
N TYR D 806 -8.49 -14.19 -58.44
CA TYR D 806 -9.23 -15.03 -57.51
C TYR D 806 -8.76 -16.48 -57.55
N HIS D 807 -8.02 -16.88 -58.58
CA HIS D 807 -7.52 -18.24 -58.68
C HIS D 807 -6.07 -18.39 -58.25
N GLU D 808 -5.47 -17.32 -57.74
CA GLU D 808 -4.13 -17.36 -57.15
C GLU D 808 -4.14 -16.65 -55.80
N LEU D 809 -5.18 -16.89 -55.02
CA LEU D 809 -5.37 -16.27 -53.73
C LEU D 809 -4.45 -16.92 -52.71
N LYS D 810 -4.65 -16.58 -51.43
CA LYS D 810 -4.05 -17.32 -50.34
C LYS D 810 -5.08 -17.49 -49.24
N HIS D 811 -5.19 -18.71 -48.74
CA HIS D 811 -6.14 -19.00 -47.67
C HIS D 811 -5.55 -18.58 -46.33
N ILE D 812 -6.44 -18.38 -45.35
CA ILE D 812 -6.06 -18.00 -44.00
C ILE D 812 -6.84 -18.85 -43.02
N VAL D 813 -6.18 -19.24 -41.92
CA VAL D 813 -6.84 -19.92 -40.81
C VAL D 813 -6.32 -19.34 -39.51
N PHE D 814 -7.24 -19.11 -38.58
CA PHE D 814 -6.92 -18.60 -37.26
C PHE D 814 -6.98 -19.72 -36.23
N VAL D 815 -6.06 -19.68 -35.28
CA VAL D 815 -6.00 -20.64 -34.18
C VAL D 815 -5.92 -19.86 -32.88
N GLY D 816 -6.73 -20.25 -31.92
CA GLY D 816 -6.82 -19.58 -30.63
C GLY D 816 -8.04 -20.07 -29.87
N SER D 817 -8.58 -19.18 -29.04
CA SER D 817 -9.78 -19.48 -28.27
C SER D 817 -10.97 -18.75 -28.88
N ILE D 818 -12.09 -19.47 -29.02
CA ILE D 818 -13.20 -18.99 -29.82
C ILE D 818 -13.88 -17.78 -29.17
N GLU D 819 -14.04 -17.81 -27.84
CA GLU D 819 -14.76 -16.73 -27.20
C GLU D 819 -14.03 -15.41 -27.35
N TYR D 820 -12.70 -15.43 -27.34
CA TYR D 820 -11.94 -14.23 -27.65
C TYR D 820 -12.18 -13.78 -29.07
N LEU D 821 -12.13 -14.71 -30.03
CA LEU D 821 -12.26 -14.34 -31.44
C LEU D 821 -13.63 -13.75 -31.73
N LYS D 822 -14.65 -14.16 -30.99
CA LYS D 822 -15.97 -13.58 -31.17
C LYS D 822 -15.95 -12.08 -30.92
N ARG D 823 -15.27 -11.65 -29.84
CA ARG D 823 -15.24 -10.25 -29.47
C ARG D 823 -14.59 -9.37 -30.53
N GLU D 824 -13.95 -9.97 -31.52
CA GLU D 824 -13.31 -9.21 -32.59
C GLU D 824 -13.86 -9.48 -33.97
N TRP D 825 -14.56 -10.59 -34.19
CA TRP D 825 -14.89 -10.98 -35.57
C TRP D 825 -15.75 -9.93 -36.26
N GLU D 826 -16.59 -9.22 -35.50
CA GLU D 826 -17.60 -8.34 -36.10
C GLU D 826 -17.02 -7.34 -37.09
N THR D 827 -15.70 -7.13 -37.09
CA THR D 827 -15.05 -6.31 -38.09
C THR D 827 -14.38 -7.13 -39.19
N LEU D 828 -14.48 -8.46 -39.13
CA LEU D 828 -13.81 -9.32 -40.08
C LEU D 828 -14.76 -10.19 -40.91
N HIS D 829 -16.04 -10.26 -40.54
CA HIS D 829 -16.96 -11.17 -41.22
C HIS D 829 -17.02 -10.88 -42.71
N ASN D 830 -16.95 -9.61 -43.09
CA ASN D 830 -17.20 -9.23 -44.47
C ASN D 830 -16.18 -9.78 -45.45
N PHE D 831 -15.00 -10.14 -44.97
CA PHE D 831 -13.94 -10.60 -45.86
C PHE D 831 -14.23 -12.01 -46.38
N PRO D 832 -13.65 -12.38 -47.51
CA PRO D 832 -13.84 -13.73 -48.04
C PRO D 832 -12.74 -14.69 -47.62
N LYS D 833 -13.08 -15.98 -47.67
CA LYS D 833 -12.12 -17.07 -47.52
C LYS D 833 -11.39 -16.99 -46.17
N VAL D 834 -12.16 -17.17 -45.11
CA VAL D 834 -11.63 -17.12 -43.75
C VAL D 834 -12.08 -18.38 -43.01
N SER D 835 -11.24 -18.82 -42.07
CA SER D 835 -11.55 -20.03 -41.31
C SER D 835 -10.97 -19.91 -39.91
N ILE D 836 -11.66 -20.51 -38.95
CA ILE D 836 -11.29 -20.45 -37.55
C ILE D 836 -11.33 -21.86 -36.96
N LEU D 837 -10.34 -22.18 -36.13
CA LEU D 837 -10.28 -23.48 -35.47
C LEU D 837 -9.99 -23.29 -34.00
N PRO D 838 -10.87 -23.73 -33.11
CA PRO D 838 -10.61 -23.56 -31.67
C PRO D 838 -9.47 -24.45 -31.22
N GLY D 839 -8.88 -24.08 -30.09
CA GLY D 839 -7.79 -24.85 -29.52
C GLY D 839 -6.73 -23.98 -28.86
N THR D 840 -5.48 -24.46 -28.87
CA THR D 840 -4.38 -23.71 -28.31
C THR D 840 -3.14 -24.11 -29.08
N PRO D 841 -2.40 -23.14 -29.65
CA PRO D 841 -1.32 -23.48 -30.59
C PRO D 841 -0.16 -24.24 -29.96
N LEU D 842 -0.19 -24.52 -28.66
CA LEU D 842 0.87 -25.34 -28.08
C LEU D 842 0.70 -26.81 -28.40
N SER D 843 -0.54 -27.29 -28.51
CA SER D 843 -0.79 -28.71 -28.71
C SER D 843 -0.33 -29.12 -30.09
N ARG D 844 0.54 -30.14 -30.14
CA ARG D 844 1.07 -30.60 -31.41
C ARG D 844 -0.02 -31.09 -32.34
N ALA D 845 -1.05 -31.76 -31.81
CA ALA D 845 -2.06 -32.37 -32.65
C ALA D 845 -2.84 -31.33 -33.45
N ASP D 846 -3.24 -30.24 -32.79
CA ASP D 846 -4.03 -29.24 -33.49
C ASP D 846 -3.25 -28.61 -34.64
N LEU D 847 -1.98 -28.29 -34.41
CA LEU D 847 -1.16 -27.78 -35.50
C LEU D 847 -1.00 -28.80 -36.59
N ARG D 848 -0.76 -30.07 -36.22
CA ARG D 848 -0.66 -31.13 -37.23
C ARG D 848 -1.91 -31.22 -38.07
N ALA D 849 -3.07 -30.87 -37.50
CA ALA D 849 -4.31 -30.89 -38.27
C ALA D 849 -4.28 -29.87 -39.40
N VAL D 850 -3.79 -28.67 -39.12
CA VAL D 850 -3.82 -27.60 -40.11
C VAL D 850 -2.79 -27.79 -41.21
N ASN D 851 -1.89 -28.76 -41.06
CA ASN D 851 -0.89 -29.10 -42.06
C ASN D 851 0.08 -27.94 -42.30
N ILE D 852 0.79 -27.57 -41.24
CA ILE D 852 1.85 -26.57 -41.35
C ILE D 852 2.91 -26.99 -42.35
N ASN D 853 3.01 -28.29 -42.62
CA ASN D 853 4.06 -28.82 -43.49
C ASN D 853 4.11 -28.08 -44.82
N LEU D 854 2.96 -27.94 -45.47
CA LEU D 854 2.90 -27.40 -46.82
C LEU D 854 2.37 -25.98 -46.85
N CYS D 855 2.49 -25.26 -45.75
CA CYS D 855 2.02 -23.88 -45.68
C CYS D 855 3.01 -22.98 -46.41
N ASP D 856 2.81 -21.66 -46.35
CA ASP D 856 3.76 -20.74 -46.94
C ASP D 856 4.28 -19.71 -45.94
N MET D 857 3.60 -19.50 -44.83
CA MET D 857 3.96 -18.60 -43.73
C MET D 857 3.36 -19.16 -42.45
N CYS D 858 3.66 -18.48 -41.35
CA CYS D 858 3.11 -18.74 -40.04
C CYS D 858 3.39 -17.53 -39.17
N VAL D 859 2.39 -17.02 -38.46
CA VAL D 859 2.57 -15.80 -37.69
C VAL D 859 2.04 -16.00 -36.28
N ILE D 860 2.73 -15.42 -35.31
CA ILE D 860 2.43 -15.56 -33.89
C ILE D 860 2.19 -14.18 -33.33
N LEU D 861 1.05 -13.97 -32.67
CA LEU D 861 0.82 -12.67 -32.06
C LEU D 861 0.39 -12.81 -30.60
N SER D 862 1.00 -12.00 -29.75
CA SER D 862 0.64 -11.94 -28.35
C SER D 862 -0.38 -10.83 -28.11
N ALA D 863 -1.17 -11.00 -27.06
CA ALA D 863 -2.18 -10.03 -26.68
C ALA D 863 -1.97 -9.45 -25.29
N ASN D 864 -1.69 -10.30 -24.31
CA ASN D 864 -1.51 -9.88 -22.93
C ASN D 864 -0.16 -9.25 -22.66
N GLN D 865 0.71 -9.15 -23.68
CA GLN D 865 2.09 -8.73 -23.47
C GLN D 865 2.18 -7.34 -22.87
N ASN D 866 1.30 -6.42 -23.27
CA ASN D 866 1.38 -5.03 -22.87
C ASN D 866 0.44 -4.68 -21.73
N ASN D 867 -0.20 -5.68 -21.13
CA ASN D 867 -1.05 -5.46 -19.95
C ASN D 867 -0.33 -5.77 -18.65
N ILE D 868 0.62 -6.70 -18.67
CA ILE D 868 1.43 -7.05 -17.51
C ILE D 868 2.90 -6.83 -17.86
N ASP D 869 3.64 -6.19 -16.95
CA ASP D 869 4.85 -5.46 -17.32
C ASP D 869 6.16 -6.14 -16.97
N ASP D 870 6.18 -7.03 -15.96
CA ASP D 870 7.45 -7.64 -15.58
C ASP D 870 8.00 -8.52 -16.71
N THR D 871 9.32 -8.60 -16.77
CA THR D 871 9.96 -9.35 -17.86
C THR D 871 9.66 -10.84 -17.78
N SER D 872 9.28 -11.33 -16.60
CA SER D 872 8.89 -12.72 -16.42
C SER D 872 7.37 -12.88 -16.46
N LEU D 873 6.68 -11.97 -17.12
CA LEU D 873 5.24 -12.04 -17.30
C LEU D 873 4.80 -12.22 -18.74
N GLN D 874 5.68 -12.07 -19.71
CA GLN D 874 5.32 -12.20 -21.11
C GLN D 874 6.27 -13.18 -21.79
N ASP D 875 6.00 -13.40 -23.06
CA ASP D 875 6.86 -14.03 -24.05
C ASP D 875 6.97 -15.54 -23.90
N LYS D 876 6.44 -16.16 -22.84
CA LYS D 876 6.46 -17.62 -22.80
C LYS D 876 5.77 -18.19 -24.02
N GLU D 877 4.56 -17.71 -24.26
CA GLU D 877 3.77 -18.19 -25.40
C GLU D 877 4.56 -18.13 -26.69
N CYS D 878 5.20 -16.99 -26.97
CA CYS D 878 5.85 -16.81 -28.26
C CYS D 878 7.00 -17.78 -28.45
N ILE D 879 7.93 -17.83 -27.49
CA ILE D 879 9.13 -18.65 -27.67
C ILE D 879 8.80 -20.14 -27.60
N LEU D 880 7.97 -20.56 -26.64
CA LEU D 880 7.63 -21.98 -26.63
C LEU D 880 6.88 -22.39 -27.90
N ALA D 881 5.99 -21.53 -28.41
CA ALA D 881 5.33 -21.87 -29.66
C ALA D 881 6.32 -22.01 -30.79
N SER D 882 7.23 -21.05 -30.89
CA SER D 882 8.24 -21.08 -31.95
C SER D 882 9.07 -22.36 -31.88
N LEU D 883 9.59 -22.68 -30.70
CA LEU D 883 10.41 -23.87 -30.57
C LEU D 883 9.61 -25.14 -30.85
N ASN D 884 8.36 -25.20 -30.37
CA ASN D 884 7.55 -26.39 -30.58
C ASN D 884 7.33 -26.63 -32.07
N ILE D 885 7.05 -25.56 -32.82
CA ILE D 885 6.92 -25.73 -34.26
C ILE D 885 8.25 -26.11 -34.87
N LYS D 886 9.34 -25.51 -34.41
CA LYS D 886 10.64 -25.73 -35.04
C LYS D 886 11.17 -27.13 -34.78
N SER D 887 10.66 -27.82 -33.76
CA SER D 887 11.15 -29.14 -33.41
C SER D 887 10.17 -30.25 -33.75
N MET D 888 9.07 -29.93 -34.41
CA MET D 888 8.02 -30.92 -34.66
C MET D 888 8.45 -31.84 -35.79
N GLN D 889 8.68 -33.11 -35.48
CA GLN D 889 9.08 -34.06 -36.49
C GLN D 889 7.89 -34.41 -37.38
N PHE D 890 8.17 -34.64 -38.67
CA PHE D 890 7.14 -34.96 -39.66
C PHE D 890 7.52 -36.23 -40.39
N ASP D 891 6.52 -36.82 -41.07
CA ASP D 891 6.70 -38.09 -41.79
C ASP D 891 5.78 -38.13 -43.02
N ASP D 892 6.39 -38.03 -44.20
CA ASP D 892 5.66 -38.22 -45.45
C ASP D 892 6.43 -39.15 -46.39
N SER D 927 9.71 -33.87 -49.90
CA SER D 927 8.99 -32.70 -49.38
C SER D 927 9.79 -32.01 -48.30
N ILE D 928 9.18 -31.87 -47.12
CA ILE D 928 9.80 -31.25 -45.97
C ILE D 928 9.83 -32.28 -44.84
N THR D 929 11.01 -32.51 -44.28
CA THR D 929 11.21 -33.60 -43.33
C THR D 929 11.70 -33.16 -41.97
N THR D 930 11.91 -31.86 -41.75
CA THR D 930 12.45 -31.39 -40.49
C THR D 930 11.80 -30.07 -40.10
N GLY D 931 12.05 -29.66 -38.86
CA GLY D 931 11.34 -28.52 -38.30
C GLY D 931 11.95 -27.18 -38.63
N VAL D 932 13.16 -27.17 -39.21
CA VAL D 932 13.80 -25.89 -39.49
C VAL D 932 13.25 -25.29 -40.78
N ASN D 933 12.85 -26.12 -41.73
CA ASN D 933 12.46 -25.61 -43.04
C ASN D 933 11.14 -24.85 -42.98
N ILE D 934 10.39 -25.00 -41.89
CA ILE D 934 9.12 -24.29 -41.81
C ILE D 934 9.37 -22.81 -41.55
N PRO D 935 8.96 -21.91 -42.43
CA PRO D 935 9.17 -20.49 -42.15
C PRO D 935 8.30 -20.03 -41.00
N ILE D 936 8.83 -19.13 -40.18
CA ILE D 936 8.12 -18.57 -39.05
C ILE D 936 8.53 -17.11 -38.88
N ILE D 937 7.55 -16.23 -38.69
CA ILE D 937 7.80 -14.84 -38.37
C ILE D 937 7.00 -14.50 -37.12
N THR D 938 7.69 -14.09 -36.06
CA THR D 938 7.07 -13.85 -34.78
C THR D 938 7.16 -12.38 -34.40
N GLU D 939 6.64 -12.07 -33.23
CA GLU D 939 6.67 -10.74 -32.66
C GLU D 939 7.21 -10.82 -31.23
N LEU D 940 7.88 -9.75 -30.82
CA LEU D 940 8.46 -9.68 -29.48
C LEU D 940 8.18 -8.31 -28.91
N VAL D 941 8.58 -8.12 -27.64
CA VAL D 941 8.37 -6.86 -26.94
C VAL D 941 9.69 -6.33 -26.37
N ASN D 942 10.36 -7.11 -25.56
CA ASN D 942 11.67 -6.74 -25.04
C ASN D 942 12.73 -7.21 -26.03
N ASP D 943 13.47 -6.25 -26.59
CA ASP D 943 14.36 -6.54 -27.69
C ASP D 943 15.31 -7.68 -27.37
N THR D 944 15.94 -7.64 -26.19
CA THR D 944 16.95 -8.64 -25.84
C THR D 944 16.42 -10.05 -25.97
N ASN D 945 15.13 -10.25 -25.69
CA ASN D 945 14.54 -11.58 -25.71
C ASN D 945 14.71 -12.27 -27.07
N VAL D 946 15.21 -11.54 -28.07
CA VAL D 946 15.45 -12.15 -29.37
C VAL D 946 16.46 -13.28 -29.25
N GLN D 947 17.40 -13.18 -28.31
CA GLN D 947 18.55 -14.07 -28.31
C GLN D 947 18.15 -15.53 -28.16
N PHE D 948 17.09 -15.81 -27.41
CA PHE D 948 16.67 -17.19 -27.20
C PHE D 948 16.10 -17.84 -28.46
N LEU D 949 15.82 -17.08 -29.50
CA LEU D 949 14.92 -17.60 -30.52
C LEU D 949 15.57 -18.64 -31.41
N ASP D 950 16.90 -18.58 -31.59
CA ASP D 950 17.58 -19.59 -32.40
C ASP D 950 18.84 -20.07 -31.69
N GLN D 951 19.37 -21.18 -32.19
CA GLN D 951 20.50 -21.87 -31.59
C GLN D 951 21.83 -21.60 -32.28
N ASP D 952 21.83 -21.55 -33.62
CA ASP D 952 23.07 -21.32 -34.34
C ASP D 952 23.44 -19.85 -34.37
N ASP D 953 23.52 -19.23 -33.20
CA ASP D 953 23.76 -17.81 -33.09
C ASP D 953 24.75 -17.54 -31.96
N ASP D 954 25.42 -16.40 -32.03
CA ASP D 954 26.33 -15.96 -30.98
C ASP D 954 25.62 -14.88 -30.17
N ASP D 955 24.84 -15.32 -29.20
CA ASP D 955 24.01 -14.40 -28.42
C ASP D 955 24.87 -13.41 -27.66
N ASP D 956 24.31 -12.23 -27.42
CA ASP D 956 24.99 -11.16 -26.70
C ASP D 956 23.94 -10.11 -26.36
N PRO D 957 23.91 -9.63 -25.12
CA PRO D 957 22.93 -8.61 -24.74
C PRO D 957 23.35 -7.19 -25.05
N ASP D 958 24.57 -6.98 -25.51
CA ASP D 958 25.06 -5.62 -25.77
C ASP D 958 24.75 -5.20 -27.20
N THR D 959 24.90 -6.12 -28.16
CA THR D 959 24.68 -5.79 -29.56
C THR D 959 23.27 -5.25 -29.77
N GLU D 960 23.18 -4.17 -30.53
CA GLU D 960 21.91 -3.54 -30.81
C GLU D 960 21.13 -4.38 -31.82
N LEU D 961 19.82 -4.12 -31.91
CA LEU D 961 18.91 -5.08 -32.55
C LEU D 961 19.22 -5.32 -34.02
N TYR D 962 19.64 -4.30 -34.75
CA TYR D 962 19.65 -4.42 -36.20
C TYR D 962 20.83 -5.23 -36.73
N LEU D 963 21.51 -5.97 -35.87
CA LEU D 963 22.66 -6.75 -36.30
C LEU D 963 22.61 -8.21 -35.88
N THR D 964 21.74 -8.58 -34.93
CA THR D 964 21.64 -9.97 -34.55
C THR D 964 21.07 -10.81 -35.68
N GLN D 965 21.33 -12.11 -35.61
CA GLN D 965 20.99 -13.00 -36.72
C GLN D 965 19.51 -13.04 -37.05
N PRO D 966 18.59 -13.21 -36.10
CA PRO D 966 17.19 -13.43 -36.48
C PRO D 966 16.60 -12.30 -37.31
N PHE D 967 16.96 -11.05 -37.02
CA PHE D 967 16.39 -9.93 -37.75
C PHE D 967 16.74 -10.01 -39.23
N ALA D 968 18.03 -9.96 -39.54
CA ALA D 968 18.46 -10.06 -40.94
C ALA D 968 18.05 -11.38 -41.56
N CYS D 969 17.80 -12.40 -40.75
CA CYS D 969 17.22 -13.61 -41.29
C CYS D 969 15.80 -13.38 -41.80
N GLY D 970 15.13 -12.36 -41.30
CA GLY D 970 13.77 -12.11 -41.70
C GLY D 970 12.74 -12.93 -40.95
N THR D 971 13.02 -13.28 -39.70
CA THR D 971 12.08 -14.03 -38.90
C THR D 971 11.60 -13.31 -37.66
N ALA D 972 12.41 -12.43 -37.09
CA ALA D 972 12.01 -11.67 -35.92
C ALA D 972 11.44 -10.33 -36.34
N PHE D 973 10.86 -9.63 -35.36
CA PHE D 973 10.32 -8.30 -35.57
C PHE D 973 9.88 -7.74 -34.23
N ALA D 974 9.87 -6.42 -34.13
CA ALA D 974 9.40 -5.76 -32.92
C ALA D 974 8.93 -4.37 -33.29
N VAL D 975 8.18 -3.76 -32.37
CA VAL D 975 7.68 -2.43 -32.59
C VAL D 975 8.77 -1.38 -32.43
N SER D 976 9.89 -1.75 -31.81
CA SER D 976 10.90 -0.77 -31.46
C SER D 976 11.51 -0.09 -32.68
N VAL D 977 11.58 -0.79 -33.81
CA VAL D 977 12.35 -0.30 -34.94
C VAL D 977 11.49 0.65 -35.77
N LEU D 978 10.32 1.01 -35.26
CA LEU D 978 9.42 1.89 -36.01
C LEU D 978 9.54 3.35 -35.63
N ASP D 979 9.82 3.68 -34.38
CA ASP D 979 9.66 5.05 -33.92
C ASP D 979 10.64 5.99 -34.60
N SER D 980 11.61 5.43 -35.31
CA SER D 980 12.47 6.25 -36.14
C SER D 980 11.70 7.06 -37.17
N LEU D 981 10.51 6.58 -37.58
CA LEU D 981 9.75 7.22 -38.65
C LEU D 981 9.55 8.70 -38.37
N MET D 982 9.41 9.08 -37.09
CA MET D 982 9.31 10.48 -36.74
C MET D 982 10.24 11.34 -37.56
N SER D 983 11.55 11.03 -37.50
CA SER D 983 12.51 11.79 -38.28
C SER D 983 12.05 11.92 -39.72
N ALA D 984 11.92 10.79 -40.41
CA ALA D 984 11.63 10.84 -41.83
C ALA D 984 10.31 11.54 -42.11
N THR D 985 9.38 11.49 -41.16
CA THR D 985 8.09 12.12 -41.40
C THR D 985 8.24 13.63 -41.48
N TYR D 986 9.06 14.22 -40.60
CA TYR D 986 9.11 15.67 -40.54
C TYR D 986 9.74 16.26 -41.79
N PHE D 987 10.79 15.63 -42.30
CA PHE D 987 11.54 16.24 -43.39
C PHE D 987 10.84 16.09 -44.74
N ASN D 988 9.89 15.18 -44.86
CA ASN D 988 9.20 14.97 -46.12
C ASN D 988 7.78 14.53 -45.85
N ASP D 989 6.81 15.20 -46.49
CA ASP D 989 5.42 14.82 -46.30
C ASP D 989 5.08 13.52 -47.02
N ASN D 990 5.66 13.32 -48.20
CA ASN D 990 5.18 12.25 -49.08
C ASN D 990 5.53 10.86 -48.56
N ILE D 991 6.59 10.76 -47.74
CA ILE D 991 7.12 9.45 -47.38
C ILE D 991 6.06 8.59 -46.72
N LEU D 992 5.32 9.16 -45.79
CA LEU D 992 4.33 8.37 -45.07
C LEU D 992 3.26 7.84 -46.01
N THR D 993 2.77 8.69 -46.92
CA THR D 993 1.74 8.23 -47.86
C THR D 993 2.30 7.15 -48.79
N LEU D 994 3.55 7.32 -49.23
CA LEU D 994 4.14 6.31 -50.10
C LEU D 994 4.22 4.96 -49.40
N ILE D 995 4.65 4.96 -48.14
CA ILE D 995 4.73 3.70 -47.41
C ILE D 995 3.35 3.11 -47.18
N ARG D 996 2.36 3.95 -46.87
CA ARG D 996 1.00 3.45 -46.73
C ARG D 996 0.53 2.79 -48.01
N THR D 997 0.82 3.42 -49.16
CA THR D 997 0.42 2.83 -50.43
C THR D 997 1.12 1.50 -50.67
N LEU D 998 2.42 1.44 -50.39
CA LEU D 998 3.18 0.22 -50.69
C LEU D 998 2.82 -0.93 -49.77
N VAL D 999 2.45 -0.66 -48.51
CA VAL D 999 2.27 -1.71 -47.52
C VAL D 999 0.80 -2.07 -47.35
N THR D 1000 -0.03 -1.11 -46.94
CA THR D 1000 -1.44 -1.42 -46.69
C THR D 1000 -2.17 -1.77 -47.97
N GLY D 1001 -1.80 -1.13 -49.08
CA GLY D 1001 -2.40 -1.45 -50.35
C GLY D 1001 -3.64 -0.65 -50.66
N GLY D 1002 -3.52 0.67 -50.61
CA GLY D 1002 -4.63 1.54 -50.95
C GLY D 1002 -5.19 2.31 -49.77
N ALA D 1003 -4.84 3.57 -49.68
CA ALA D 1003 -5.36 4.46 -48.65
C ALA D 1003 -5.78 5.79 -49.27
N THR D 1004 -6.37 5.72 -50.46
CA THR D 1004 -6.84 6.91 -51.12
C THR D 1004 -7.92 7.57 -50.27
N PRO D 1005 -8.10 8.89 -50.39
CA PRO D 1005 -8.98 9.60 -49.45
C PRO D 1005 -10.40 9.12 -49.46
N GLU D 1006 -10.87 8.51 -50.54
CA GLU D 1006 -12.26 8.05 -50.59
C GLU D 1006 -12.54 7.02 -49.52
N LEU D 1007 -11.72 5.96 -49.47
CA LEU D 1007 -11.90 4.96 -48.43
C LEU D 1007 -11.57 5.55 -47.06
N GLU D 1008 -10.65 6.50 -46.99
CA GLU D 1008 -10.36 7.17 -45.74
C GLU D 1008 -11.62 7.83 -45.19
N ALA D 1009 -12.42 8.43 -46.06
CA ALA D 1009 -13.69 9.03 -45.62
C ALA D 1009 -14.70 7.94 -45.27
N LEU D 1010 -14.81 6.92 -46.11
CA LEU D 1010 -15.83 5.89 -45.90
C LEU D 1010 -15.64 5.17 -44.57
N ILE D 1011 -14.39 4.86 -44.23
CA ILE D 1011 -14.14 4.08 -43.02
C ILE D 1011 -14.59 4.84 -41.79
N ALA D 1012 -14.33 6.15 -41.75
CA ALA D 1012 -14.86 6.95 -40.66
C ALA D 1012 -16.38 7.07 -40.74
N GLU D 1013 -16.93 7.19 -41.96
CA GLU D 1013 -18.35 7.47 -42.10
C GLU D 1013 -19.21 6.31 -41.62
N GLU D 1014 -18.81 5.07 -41.93
CA GLU D 1014 -19.67 3.94 -41.65
C GLU D 1014 -19.00 2.87 -40.79
N ASN D 1015 -17.87 3.20 -40.16
CA ASN D 1015 -17.11 2.36 -39.22
C ASN D 1015 -17.17 0.88 -39.62
N ALA D 1016 -17.05 0.62 -40.91
CA ALA D 1016 -17.14 -0.70 -41.51
C ALA D 1016 -16.79 -0.53 -42.99
N LEU D 1017 -16.90 -1.60 -43.76
CA LEU D 1017 -16.67 -1.54 -45.19
C LEU D 1017 -17.88 -2.10 -45.93
N ARG D 1018 -18.27 -1.41 -46.99
CA ARG D 1018 -19.38 -1.84 -47.84
C ARG D 1018 -18.91 -1.88 -49.28
N GLY D 1019 -19.55 -2.74 -50.06
CA GLY D 1019 -19.22 -2.90 -51.47
C GLY D 1019 -20.40 -2.58 -52.35
N GLY D 1020 -20.12 -1.94 -53.47
CA GLY D 1020 -21.15 -1.64 -54.45
C GLY D 1020 -21.18 -2.66 -55.57
N TYR D 1021 -21.41 -2.19 -56.79
CA TYR D 1021 -21.42 -3.04 -57.97
C TYR D 1021 -20.29 -2.63 -58.90
N SER D 1022 -20.00 -3.49 -59.87
CA SER D 1022 -18.97 -3.20 -60.84
C SER D 1022 -19.40 -2.05 -61.75
N THR D 1023 -18.44 -1.24 -62.13
CA THR D 1023 -18.63 -0.11 -63.04
C THR D 1023 -17.52 -0.12 -64.07
N PRO D 1024 -17.72 0.51 -65.23
CA PRO D 1024 -16.68 0.52 -66.25
C PRO D 1024 -15.39 1.19 -65.80
N GLN D 1025 -15.42 1.98 -64.73
CA GLN D 1025 -14.21 2.59 -64.21
C GLN D 1025 -13.66 1.90 -62.97
N THR D 1026 -14.49 1.15 -62.25
CA THR D 1026 -13.98 0.37 -61.13
C THR D 1026 -12.99 -0.69 -61.60
N LEU D 1027 -13.23 -1.26 -62.78
CA LEU D 1027 -12.33 -2.26 -63.32
C LEU D 1027 -10.94 -1.70 -63.60
N ALA D 1028 -10.80 -0.39 -63.71
CA ALA D 1028 -9.49 0.22 -63.87
C ALA D 1028 -8.76 0.41 -62.56
N ASN D 1029 -9.45 0.24 -61.42
CA ASN D 1029 -8.81 0.43 -60.13
C ASN D 1029 -7.69 -0.58 -59.86
N ARG D 1030 -7.79 -1.78 -60.43
CA ARG D 1030 -6.82 -2.84 -60.15
C ARG D 1030 -5.50 -2.65 -60.87
N ASP D 1031 -5.24 -1.47 -61.44
CA ASP D 1031 -4.04 -1.27 -62.24
C ASP D 1031 -2.88 -0.79 -61.36
N ARG D 1032 -2.64 -1.56 -60.30
CA ARG D 1032 -1.63 -1.22 -59.30
C ARG D 1032 -0.71 -2.41 -59.10
N CYS D 1033 0.60 -2.14 -59.03
CA CYS D 1033 1.60 -3.18 -59.21
C CYS D 1033 1.70 -4.08 -57.99
N ARG D 1034 2.67 -4.99 -58.04
CA ARG D 1034 2.68 -6.19 -57.20
C ARG D 1034 4.04 -6.41 -56.56
N VAL D 1035 4.09 -7.16 -55.46
CA VAL D 1035 5.33 -7.50 -54.78
C VAL D 1035 5.57 -8.99 -54.95
N ALA D 1036 6.75 -9.37 -55.43
CA ALA D 1036 6.97 -10.77 -55.76
C ALA D 1036 8.44 -11.16 -55.59
N GLN D 1037 8.67 -12.47 -55.58
CA GLN D 1037 9.99 -13.07 -55.57
C GLN D 1037 10.23 -13.84 -56.87
N LEU D 1038 11.50 -13.97 -57.24
CA LEU D 1038 11.86 -14.71 -58.44
C LEU D 1038 12.81 -15.84 -58.08
N ALA D 1039 12.80 -16.87 -58.94
CA ALA D 1039 13.61 -18.07 -58.75
C ALA D 1039 14.59 -18.21 -59.89
N LEU D 1040 15.86 -18.45 -59.55
CA LEU D 1040 16.89 -18.57 -60.58
C LEU D 1040 16.80 -19.89 -61.32
N LEU D 1041 16.57 -20.99 -60.59
CA LEU D 1041 16.75 -22.32 -61.16
C LEU D 1041 15.84 -22.58 -62.35
N ASP D 1042 14.72 -21.87 -62.44
CA ASP D 1042 13.81 -21.98 -63.56
C ASP D 1042 13.58 -20.62 -64.17
N GLY D 1043 12.79 -20.58 -65.24
CA GLY D 1043 12.43 -19.34 -65.88
C GLY D 1043 13.42 -18.91 -66.94
N PRO D 1044 13.00 -18.01 -67.83
CA PRO D 1044 13.91 -17.54 -68.88
C PRO D 1044 15.13 -16.82 -68.35
N PHE D 1045 15.08 -16.30 -67.12
CA PHE D 1045 16.24 -15.62 -66.55
C PHE D 1045 17.37 -16.57 -66.20
N ALA D 1046 17.12 -17.87 -66.23
CA ALA D 1046 18.11 -18.84 -65.78
C ALA D 1046 19.36 -18.78 -66.65
N ASP D 1047 19.21 -18.45 -67.94
CA ASP D 1047 20.36 -18.33 -68.81
C ASP D 1047 21.36 -17.30 -68.28
N LEU D 1048 20.87 -16.31 -67.55
CA LEU D 1048 21.71 -15.34 -66.87
C LEU D 1048 22.02 -15.73 -65.43
N GLY D 1049 21.49 -16.86 -64.96
CA GLY D 1049 21.76 -17.27 -63.59
C GLY D 1049 23.23 -17.45 -63.32
N ASP D 1050 23.96 -17.99 -64.31
CA ASP D 1050 25.41 -18.03 -64.24
C ASP D 1050 26.05 -16.69 -64.59
N GLY D 1051 25.24 -15.71 -65.00
CA GLY D 1051 25.81 -14.44 -65.44
C GLY D 1051 26.62 -13.75 -64.35
N GLY D 1052 26.17 -13.86 -63.10
CA GLY D 1052 26.91 -13.30 -62.00
C GLY D 1052 27.01 -11.80 -61.98
N CYS D 1053 26.24 -11.11 -62.80
CA CYS D 1053 26.21 -9.65 -62.84
C CYS D 1053 24.78 -9.20 -62.59
N TYR D 1054 24.52 -8.68 -61.38
CA TYR D 1054 23.21 -8.14 -61.08
C TYR D 1054 22.82 -7.07 -62.08
N GLY D 1055 23.80 -6.36 -62.63
CA GLY D 1055 23.51 -5.37 -63.64
C GLY D 1055 22.90 -5.96 -64.88
N ASP D 1056 23.44 -7.11 -65.32
CA ASP D 1056 22.88 -7.77 -66.49
C ASP D 1056 21.44 -8.18 -66.26
N LEU D 1057 21.15 -8.75 -65.10
CA LEU D 1057 19.77 -9.11 -64.76
C LEU D 1057 18.88 -7.89 -64.74
N PHE D 1058 19.36 -6.81 -64.11
CA PHE D 1058 18.57 -5.59 -64.05
C PHE D 1058 18.24 -5.10 -65.45
N CYS D 1059 19.25 -5.04 -66.32
CA CYS D 1059 19.05 -4.53 -67.67
C CYS D 1059 18.06 -5.40 -68.45
N LYS D 1060 18.28 -6.72 -68.47
CA LYS D 1060 17.43 -7.57 -69.30
C LYS D 1060 16.02 -7.66 -68.75
N ALA D 1061 15.87 -7.76 -67.42
CA ALA D 1061 14.54 -7.77 -66.83
C ALA D 1061 13.80 -6.48 -67.13
N LEU D 1062 14.50 -5.35 -67.07
CA LEU D 1062 13.85 -4.07 -67.32
C LEU D 1062 13.49 -3.88 -68.79
N LYS D 1063 14.31 -4.38 -69.71
CA LYS D 1063 14.13 -4.04 -71.12
C LYS D 1063 12.81 -4.57 -71.66
N THR D 1064 12.53 -5.86 -71.46
CA THR D 1064 11.35 -6.49 -72.05
C THR D 1064 10.25 -6.81 -71.06
N TYR D 1065 10.59 -7.03 -69.79
CA TYR D 1065 9.57 -7.26 -68.78
C TYR D 1065 9.43 -6.11 -67.78
N ASN D 1066 10.45 -5.25 -67.68
CA ASN D 1066 10.44 -4.16 -66.71
C ASN D 1066 10.23 -4.69 -65.30
N MET D 1067 10.73 -5.90 -65.06
CA MET D 1067 10.49 -6.62 -63.82
C MET D 1067 11.46 -6.06 -62.77
N LEU D 1068 11.13 -4.86 -62.30
CA LEU D 1068 12.07 -4.05 -61.52
C LEU D 1068 12.54 -4.79 -60.28
N CYS D 1069 13.86 -4.80 -60.08
CA CYS D 1069 14.49 -5.59 -59.03
C CYS D 1069 15.19 -4.67 -58.04
N PHE D 1070 14.98 -4.91 -56.74
CA PHE D 1070 15.68 -4.12 -55.74
C PHE D 1070 16.10 -4.95 -54.52
N GLY D 1071 16.25 -6.26 -54.64
CA GLY D 1071 16.62 -7.07 -53.50
C GLY D 1071 17.23 -8.42 -53.82
N ILE D 1072 18.28 -8.79 -53.08
CA ILE D 1072 18.91 -10.10 -53.20
C ILE D 1072 18.72 -10.81 -51.87
N TYR D 1073 18.28 -12.06 -51.93
CA TYR D 1073 17.98 -12.82 -50.72
C TYR D 1073 18.79 -14.11 -50.77
N ARG D 1074 19.82 -14.20 -49.93
CA ARG D 1074 20.89 -15.17 -50.11
C ARG D 1074 21.02 -16.11 -48.93
N LEU D 1075 21.44 -17.35 -49.23
CA LEU D 1075 21.63 -18.37 -48.21
C LEU D 1075 22.71 -17.95 -47.24
N ARG D 1076 22.56 -18.34 -45.98
CA ARG D 1076 23.49 -17.91 -44.95
C ARG D 1076 24.89 -18.44 -45.19
N ASP D 1077 25.03 -19.70 -45.58
CA ASP D 1077 26.33 -20.32 -45.74
C ASP D 1077 26.74 -20.49 -47.20
N ALA D 1078 26.15 -19.70 -48.10
CA ALA D 1078 26.39 -19.86 -49.52
C ALA D 1078 27.72 -19.28 -49.98
N HIS D 1079 28.64 -18.95 -49.06
CA HIS D 1079 29.91 -18.37 -49.45
C HIS D 1079 31.12 -19.18 -49.01
N LEU D 1080 30.99 -19.99 -47.96
CA LEU D 1080 32.13 -20.76 -47.47
C LEU D 1080 32.55 -21.81 -48.49
N SER D 1081 33.62 -22.54 -48.15
CA SER D 1081 34.11 -23.63 -48.98
C SER D 1081 33.48 -24.95 -48.62
N THR D 1082 33.47 -25.30 -47.34
CA THR D 1082 32.87 -26.55 -46.91
C THR D 1082 31.36 -26.54 -47.19
N PRO D 1083 30.79 -27.65 -47.62
CA PRO D 1083 29.35 -27.70 -47.87
C PRO D 1083 28.57 -27.97 -46.60
N SER D 1084 27.32 -27.54 -46.61
CA SER D 1084 26.41 -27.72 -45.48
C SER D 1084 24.98 -27.66 -46.00
N GLN D 1085 24.02 -27.58 -45.09
CA GLN D 1085 22.62 -27.70 -45.48
C GLN D 1085 21.69 -26.72 -44.76
N CYS D 1086 22.21 -25.82 -43.93
CA CYS D 1086 21.35 -24.88 -43.25
C CYS D 1086 20.65 -23.97 -44.26
N THR D 1087 19.43 -23.56 -43.93
CA THR D 1087 18.61 -22.78 -44.86
C THR D 1087 18.00 -21.58 -44.18
N LYS D 1088 18.79 -20.86 -43.40
CA LYS D 1088 18.44 -19.49 -43.05
C LYS D 1088 19.03 -18.56 -44.11
N ARG D 1089 18.38 -17.41 -44.29
CA ARG D 1089 18.71 -16.57 -45.44
C ARG D 1089 18.55 -15.10 -45.10
N TYR D 1090 19.46 -14.28 -45.62
CA TYR D 1090 19.56 -12.86 -45.29
C TYR D 1090 19.30 -12.00 -46.53
N VAL D 1091 19.27 -10.69 -46.34
CA VAL D 1091 18.86 -9.74 -47.36
C VAL D 1091 19.98 -8.77 -47.67
N ILE D 1092 20.11 -8.42 -48.95
CA ILE D 1092 20.98 -7.36 -49.42
C ILE D 1092 20.15 -6.42 -50.28
N THR D 1093 20.21 -5.13 -49.97
CA THR D 1093 19.37 -4.12 -50.61
C THR D 1093 20.21 -3.27 -51.55
N ASN D 1094 19.74 -3.12 -52.79
CA ASN D 1094 20.34 -2.25 -53.78
C ASN D 1094 21.82 -2.55 -53.97
N PRO D 1095 22.17 -3.67 -54.61
CA PRO D 1095 23.56 -4.02 -54.78
C PRO D 1095 24.23 -3.12 -55.80
N PRO D 1096 25.55 -3.02 -55.77
CA PRO D 1096 26.27 -2.33 -56.84
C PRO D 1096 26.11 -3.02 -58.19
N TYR D 1097 26.63 -2.41 -59.25
CA TYR D 1097 26.43 -2.94 -60.59
C TYR D 1097 27.04 -4.33 -60.75
N GLU D 1098 28.24 -4.53 -60.23
CA GLU D 1098 28.93 -5.81 -60.33
C GLU D 1098 28.86 -6.52 -58.99
N PHE D 1099 28.34 -7.74 -58.98
CA PHE D 1099 28.23 -8.52 -57.76
C PHE D 1099 28.01 -9.97 -58.14
N GLU D 1100 28.91 -10.85 -57.70
CA GLU D 1100 28.84 -12.25 -58.07
C GLU D 1100 27.58 -12.89 -57.51
N LEU D 1101 26.98 -13.78 -58.29
CA LEU D 1101 25.80 -14.53 -57.87
C LEU D 1101 26.13 -16.02 -57.73
N VAL D 1102 25.22 -16.73 -57.10
CA VAL D 1102 25.22 -18.19 -57.11
C VAL D 1102 23.83 -18.63 -57.55
N PRO D 1103 23.69 -19.71 -58.31
CA PRO D 1103 22.38 -20.06 -58.88
C PRO D 1103 21.31 -20.31 -57.83
N THR D 1104 21.70 -20.55 -56.58
CA THR D 1104 20.76 -20.85 -55.51
C THR D 1104 20.39 -19.59 -54.72
N ASP D 1105 19.79 -18.63 -55.43
CA ASP D 1105 19.36 -17.38 -54.84
C ASP D 1105 18.00 -16.97 -55.37
N LEU D 1106 17.34 -16.09 -54.63
CA LEU D 1106 16.09 -15.47 -55.03
C LEU D 1106 16.22 -13.96 -54.90
N ILE D 1107 15.47 -13.24 -55.75
CA ILE D 1107 15.53 -11.79 -55.81
C ILE D 1107 14.13 -11.20 -55.73
N PHE D 1108 14.01 -10.08 -55.02
CA PHE D 1108 12.76 -9.34 -54.92
C PHE D 1108 12.51 -8.58 -56.21
N CYS D 1109 11.24 -8.48 -56.60
CA CYS D 1109 10.87 -7.71 -57.79
C CYS D 1109 9.44 -7.22 -57.67
N LEU D 1110 9.09 -6.29 -58.55
CA LEU D 1110 7.75 -5.78 -58.70
C LEU D 1110 7.19 -6.23 -60.05
N MET D 1111 5.92 -6.61 -60.05
CA MET D 1111 5.27 -7.14 -61.23
C MET D 1111 4.18 -6.19 -61.71
N GLN D 1112 4.20 -5.89 -63.00
CA GLN D 1112 3.19 -5.01 -63.59
C GLN D 1112 1.81 -5.64 -63.50
N PHE D 1113 0.80 -4.79 -63.36
CA PHE D 1113 -0.55 -5.24 -63.09
C PHE D 1113 -1.12 -6.01 -64.28
N ASP D 1114 -2.14 -6.82 -63.97
CA ASP D 1114 -3.00 -7.44 -64.98
C ASP D 1114 -4.22 -8.01 -64.30
#